data_6XRY
#
_entry.id   6XRY
#
_entity_poly.entity_id   1
_entity_poly.type   'polypeptide(L)'
_entity_poly.pdbx_seq_one_letter_code
;MSDQSQEPTMEEILASIRRIISEDDAPAEPAAEAAPPPPPEPEPEPVSFDDEVLELTDPIAPEPELPPLETVGDIDVYSP
PEPESEPAYTPPPAAPVFDRDEVAEQLVGVSAASAAASAFGSLSSALLMPKDGLEHHHHHH
;
_entity_poly.pdbx_strand_id   A
#
# COMPACT_ATOMS: atom_id res chain seq x y z
N MET A 1 -9.41 -8.03 6.37
CA MET A 1 -9.57 -8.85 5.14
C MET A 1 -8.68 -10.10 5.19
N SER A 2 -8.27 -10.49 6.41
CA SER A 2 -7.42 -11.67 6.59
C SER A 2 -8.13 -12.94 6.12
N ASP A 3 -9.41 -13.07 6.47
CA ASP A 3 -10.20 -14.24 6.09
C ASP A 3 -11.48 -13.83 5.37
N GLN A 4 -12.21 -12.90 5.98
CA GLN A 4 -13.47 -12.41 5.40
C GLN A 4 -14.00 -11.23 6.22
N SER A 5 -13.49 -10.04 5.93
CA SER A 5 -13.91 -8.82 6.62
C SER A 5 -15.31 -8.43 6.19
N GLN A 6 -16.11 -7.93 7.14
CA GLN A 6 -17.47 -7.49 6.83
C GLN A 6 -17.42 -6.18 6.06
N GLU A 7 -16.66 -5.24 6.61
CA GLU A 7 -16.50 -3.92 5.99
C GLU A 7 -15.07 -3.76 5.44
N PRO A 8 -14.87 -3.02 4.34
CA PRO A 8 -13.51 -2.84 3.76
C PRO A 8 -12.66 -1.88 4.59
N THR A 9 -11.52 -2.37 5.07
CA THR A 9 -10.62 -1.55 5.88
C THR A 9 -9.51 -0.98 4.99
N MET A 10 -9.19 0.29 5.21
CA MET A 10 -8.15 0.96 4.43
C MET A 10 -6.79 0.30 4.64
N GLU A 11 -6.51 -0.08 5.90
CA GLU A 11 -5.23 -0.70 6.21
C GLU A 11 -5.08 -2.00 5.41
N GLU A 12 -6.09 -2.87 5.51
CA GLU A 12 -6.05 -4.17 4.84
C GLU A 12 -5.87 -4.02 3.33
N ILE A 13 -6.58 -3.06 2.73
CA ILE A 13 -6.48 -2.85 1.28
C ILE A 13 -5.02 -2.53 0.90
N LEU A 14 -4.39 -1.62 1.66
CA LEU A 14 -3.01 -1.24 1.39
C LEU A 14 -2.10 -2.48 1.48
N ALA A 15 -2.36 -3.32 2.48
CA ALA A 15 -1.59 -4.55 2.67
C ALA A 15 -1.75 -5.48 1.48
N SER A 16 -2.97 -5.53 0.94
CA SER A 16 -3.27 -6.37 -0.21
C SER A 16 -2.44 -5.97 -1.42
N ILE A 17 -2.27 -4.66 -1.62
CA ILE A 17 -1.50 -4.14 -2.76
C ILE A 17 -0.03 -4.54 -2.63
N ARG A 18 0.54 -4.37 -1.42
CA ARG A 18 1.96 -4.72 -1.19
C ARG A 18 2.11 -5.49 0.11
N ARG A 19 2.96 -6.52 0.08
CA ARG A 19 3.22 -7.35 1.26
C ARG A 19 4.69 -7.24 1.69
N ILE A 20 5.35 -6.14 1.31
CA ILE A 20 6.77 -5.93 1.66
C ILE A 20 6.94 -4.65 2.48
N ILE A 21 8.06 -4.57 3.20
CA ILE A 21 8.35 -3.41 4.03
C ILE A 21 8.61 -2.16 3.17
N SER A 22 7.86 -1.10 3.47
CA SER A 22 7.99 0.16 2.73
C SER A 22 7.47 1.32 3.58
N GLU A 23 7.89 2.54 3.20
CA GLU A 23 7.47 3.74 3.93
C GLU A 23 6.04 4.11 3.54
N ASP A 24 5.23 4.47 4.54
CA ASP A 24 3.84 4.85 4.30
C ASP A 24 3.54 6.23 4.88
N ASP A 25 3.26 7.19 3.99
CA ASP A 25 2.95 8.55 4.42
C ASP A 25 1.46 8.87 4.22
N ALA A 26 0.63 7.82 4.14
CA ALA A 26 -0.81 7.99 3.95
C ALA A 26 -1.43 8.71 5.17
N PRO A 27 -2.49 9.50 4.98
CA PRO A 27 -3.14 10.23 6.12
C PRO A 27 -3.90 9.30 7.07
N ALA A 28 -4.06 9.74 8.31
CA ALA A 28 -4.77 8.95 9.32
C ALA A 28 -5.57 9.87 10.24
N GLU A 29 -6.62 9.33 10.84
CA GLU A 29 -7.47 10.10 11.75
C GLU A 29 -7.97 9.18 12.89
N PRO A 30 -7.07 8.52 13.62
CA PRO A 30 -7.47 7.60 14.72
C PRO A 30 -7.99 8.37 15.94
N ALA A 31 -8.80 7.70 16.75
CA ALA A 31 -9.36 8.33 17.94
C ALA A 31 -9.38 7.36 19.11
N ALA A 32 -9.06 7.87 20.30
CA ALA A 32 -9.03 7.05 21.51
C ALA A 32 -9.24 7.93 22.73
N GLU A 33 -9.74 7.34 23.82
CA GLU A 33 -9.98 8.07 25.05
C GLU A 33 -9.75 7.17 26.26
N ALA A 34 -8.87 7.61 27.16
CA ALA A 34 -8.56 6.85 28.37
C ALA A 34 -7.87 7.72 29.39
N ALA A 35 -8.11 7.43 30.68
CA ALA A 35 -7.50 8.19 31.76
C ALA A 35 -7.58 7.38 33.08
N PRO A 36 -6.99 6.18 33.13
CA PRO A 36 -7.01 5.33 34.36
C PRO A 36 -6.09 5.88 35.47
N PRO A 37 -6.44 5.74 36.76
CA PRO A 37 -5.57 6.24 37.88
C PRO A 37 -4.18 5.56 37.87
N PRO A 38 -3.12 6.24 38.29
CA PRO A 38 -1.75 5.63 38.31
C PRO A 38 -1.63 4.53 39.39
N PRO A 39 -0.78 3.52 39.21
CA PRO A 39 -0.62 2.43 40.22
C PRO A 39 0.07 2.91 41.50
N PRO A 40 -0.24 2.35 42.67
CA PRO A 40 0.40 2.78 43.96
C PRO A 40 1.90 2.46 44.00
N GLU A 41 2.30 1.40 43.28
CA GLU A 41 3.70 0.98 43.23
C GLU A 41 4.32 0.94 44.66
N PRO A 42 3.72 0.20 45.59
CA PRO A 42 4.25 0.11 47.00
C PRO A 42 5.60 -0.60 47.09
N GLU A 43 5.93 -1.39 46.06
CA GLU A 43 7.19 -2.12 46.04
C GLU A 43 8.39 -1.17 45.84
N PRO A 44 9.60 -1.55 46.28
CA PRO A 44 10.82 -0.68 46.13
C PRO A 44 11.33 -0.67 44.68
N GLU A 45 12.19 0.30 44.37
CA GLU A 45 12.76 0.42 43.03
C GLU A 45 14.30 0.50 43.09
N PRO A 46 14.98 -0.56 43.54
CA PRO A 46 16.48 -0.58 43.63
C PRO A 46 17.14 -0.64 42.25
N VAL A 47 16.39 -1.12 41.24
CA VAL A 47 16.90 -1.24 39.88
C VAL A 47 16.01 -0.43 38.93
N SER A 48 16.64 0.35 38.06
CA SER A 48 15.91 1.18 37.10
C SER A 48 15.18 0.30 36.09
N PHE A 49 14.16 0.88 35.44
CA PHE A 49 13.38 0.16 34.43
C PHE A 49 14.22 0.01 33.16
N ASP A 50 14.79 1.14 32.72
CA ASP A 50 15.61 1.16 31.50
C ASP A 50 17.07 1.43 31.83
N ASP A 51 17.91 0.42 31.63
CA ASP A 51 19.34 0.54 31.90
C ASP A 51 19.96 1.59 30.99
N GLU A 52 20.92 2.34 31.52
CA GLU A 52 21.60 3.39 30.76
C GLU A 52 23.08 3.48 31.15
N VAL A 53 23.59 2.42 31.81
CA VAL A 53 24.99 2.41 32.23
C VAL A 53 25.68 1.13 31.74
N LEU A 54 26.97 1.25 31.46
CA LEU A 54 27.77 0.11 30.98
C LEU A 54 29.18 0.17 31.56
N GLU A 55 29.68 -0.98 32.01
CA GLU A 55 31.03 -1.05 32.57
C GLU A 55 31.63 -2.42 32.32
N LEU A 56 32.71 -2.47 31.53
CA LEU A 56 33.39 -3.72 31.22
C LEU A 56 34.88 -3.61 31.56
N THR A 57 35.31 -4.37 32.57
CA THR A 57 36.71 -4.36 33.00
C THR A 57 37.60 -4.86 31.86
N ASP A 58 37.17 -5.96 31.24
CA ASP A 58 37.92 -6.55 30.13
C ASP A 58 37.44 -5.98 28.78
N PRO A 59 38.27 -5.24 28.03
CA PRO A 59 37.84 -4.68 26.71
C PRO A 59 37.71 -5.75 25.63
N ILE A 60 36.86 -5.50 24.64
CA ILE A 60 36.63 -6.46 23.55
C ILE A 60 36.79 -5.78 22.19
N ALA A 61 37.08 -6.58 21.17
CA ALA A 61 37.26 -6.07 19.81
C ALA A 61 36.43 -6.92 18.80
N PRO A 62 35.10 -6.78 18.78
CA PRO A 62 34.25 -7.56 17.84
C PRO A 62 34.25 -6.99 16.42
N GLU A 63 35.46 -6.86 15.86
CA GLU A 63 35.63 -6.32 14.50
C GLU A 63 35.05 -4.90 14.38
N PRO A 64 35.47 -4.12 13.38
CA PRO A 64 34.96 -2.72 13.20
C PRO A 64 33.59 -2.70 12.52
N GLU A 65 32.57 -3.18 13.24
CA GLU A 65 31.20 -3.23 12.71
C GLU A 65 30.20 -2.91 13.81
N LEU A 66 29.37 -1.88 13.55
CA LEU A 66 28.34 -1.47 14.50
C LEU A 66 27.01 -1.18 13.78
N PRO A 67 26.20 -2.20 13.48
CA PRO A 67 24.89 -2.00 12.75
C PRO A 67 23.96 -1.05 13.52
N PRO A 68 23.14 -0.23 12.84
CA PRO A 68 22.20 0.70 13.51
C PRO A 68 21.04 -0.03 14.16
N LEU A 69 20.43 0.59 15.18
CA LEU A 69 19.31 -0.01 15.89
C LEU A 69 17.99 0.45 15.28
N GLU A 70 17.23 -0.51 14.75
CA GLU A 70 15.94 -0.22 14.12
C GLU A 70 14.82 -1.01 14.79
N THR A 71 13.60 -0.48 14.73
CA THR A 71 12.44 -1.12 15.34
C THR A 71 11.33 -1.29 14.31
N VAL A 72 10.40 -2.20 14.59
CA VAL A 72 9.28 -2.46 13.68
C VAL A 72 7.96 -2.57 14.46
N GLY A 73 6.90 -2.03 13.87
CA GLY A 73 5.58 -2.05 14.48
C GLY A 73 4.55 -1.40 13.57
N ASP A 74 4.10 -2.15 12.57
CA ASP A 74 3.11 -1.65 11.61
C ASP A 74 2.58 -2.81 10.78
N ILE A 75 1.63 -2.50 9.90
CA ILE A 75 1.03 -3.52 9.05
C ILE A 75 2.06 -4.10 8.08
N ASP A 76 3.13 -3.35 7.82
CA ASP A 76 4.18 -3.80 6.92
C ASP A 76 4.81 -5.09 7.44
N VAL A 77 5.10 -6.02 6.53
CA VAL A 77 5.68 -7.31 6.91
C VAL A 77 6.86 -7.12 7.88
N TYR A 78 6.83 -7.91 8.97
CA TYR A 78 7.88 -7.84 10.00
C TYR A 78 9.11 -8.63 9.58
N SER A 79 10.26 -7.96 9.57
CA SER A 79 11.52 -8.59 9.19
C SER A 79 12.62 -8.22 10.20
N PRO A 80 13.71 -8.98 10.30
CA PRO A 80 14.81 -8.68 11.26
C PRO A 80 15.56 -7.39 10.88
N PRO A 81 16.15 -6.67 11.85
CA PRO A 81 16.88 -5.39 11.55
C PRO A 81 18.14 -5.60 10.70
N GLU A 82 18.70 -6.81 10.76
CA GLU A 82 19.92 -7.13 10.00
C GLU A 82 19.74 -8.40 9.15
N PRO A 83 18.93 -8.36 8.08
CA PRO A 83 18.71 -9.54 7.20
C PRO A 83 19.85 -9.72 6.21
N GLU A 84 21.06 -9.87 6.75
CA GLU A 84 22.26 -10.04 5.93
C GLU A 84 22.18 -11.34 5.11
N SER A 85 21.73 -12.43 5.76
CA SER A 85 21.62 -13.72 5.10
C SER A 85 20.16 -14.17 5.01
N GLU A 86 19.28 -13.23 4.62
CA GLU A 86 17.86 -13.53 4.48
C GLU A 86 17.37 -13.07 3.08
N PRO A 87 17.70 -13.80 2.02
CA PRO A 87 17.28 -13.43 0.62
C PRO A 87 15.79 -13.58 0.39
N ALA A 88 15.21 -12.65 -0.37
CA ALA A 88 13.78 -12.66 -0.69
C ALA A 88 13.42 -11.38 -1.43
N TYR A 89 13.82 -10.26 -0.85
CA TYR A 89 13.55 -8.95 -1.44
C TYR A 89 14.37 -8.71 -2.71
N THR A 90 15.56 -9.33 -2.77
CA THR A 90 16.43 -9.20 -3.93
C THR A 90 16.51 -10.54 -4.69
N PRO A 91 15.79 -10.70 -5.82
CA PRO A 91 15.84 -11.97 -6.61
C PRO A 91 17.13 -12.11 -7.43
N PRO A 92 17.48 -13.32 -7.89
CA PRO A 92 18.72 -13.54 -8.71
C PRO A 92 18.60 -12.91 -10.11
N PRO A 93 19.69 -12.74 -10.86
CA PRO A 93 19.63 -12.13 -12.22
C PRO A 93 18.78 -12.94 -13.19
N ALA A 94 18.02 -12.23 -14.03
CA ALA A 94 17.15 -12.88 -15.01
C ALA A 94 16.75 -11.88 -16.07
N ALA A 95 16.23 -12.37 -17.19
CA ALA A 95 15.80 -11.50 -18.28
C ALA A 95 14.45 -11.97 -18.88
N PRO A 96 13.40 -12.14 -18.07
CA PRO A 96 12.05 -12.55 -18.58
C PRO A 96 11.27 -11.36 -19.13
N VAL A 97 10.46 -11.60 -20.16
CA VAL A 97 9.67 -10.52 -20.77
C VAL A 97 8.77 -9.88 -19.71
N PHE A 98 8.84 -8.55 -19.62
CA PHE A 98 8.05 -7.79 -18.65
C PHE A 98 6.56 -7.88 -18.99
N ASP A 99 5.75 -8.12 -17.96
CA ASP A 99 4.30 -8.21 -18.13
C ASP A 99 3.64 -6.95 -17.59
N ARG A 100 2.44 -6.64 -18.08
CA ARG A 100 1.73 -5.45 -17.62
C ARG A 100 1.54 -5.49 -16.10
N ASP A 101 2.47 -4.83 -15.39
CA ASP A 101 2.44 -4.79 -13.93
C ASP A 101 2.35 -3.35 -13.43
N GLU A 102 1.21 -3.01 -12.82
CA GLU A 102 1.01 -1.67 -12.29
C GLU A 102 0.15 -1.71 -11.02
N VAL A 103 0.49 -0.85 -10.06
CA VAL A 103 -0.24 -0.77 -8.80
C VAL A 103 -0.15 0.63 -8.20
N ALA A 104 -1.16 1.01 -7.41
CA ALA A 104 -1.19 2.33 -6.78
C ALA A 104 -2.14 2.32 -5.57
N GLU A 105 -3.44 2.33 -5.84
CA GLU A 105 -4.45 2.33 -4.77
C GLU A 105 -4.27 3.56 -3.86
N GLN A 106 -3.42 3.44 -2.83
CA GLN A 106 -3.18 4.55 -1.89
C GLN A 106 -1.84 4.39 -1.16
N LEU A 107 -1.39 3.15 -0.98
CA LEU A 107 -0.12 2.90 -0.27
C LEU A 107 1.03 3.68 -0.93
N VAL A 108 1.46 3.23 -2.12
CA VAL A 108 2.55 3.88 -2.83
C VAL A 108 2.08 5.23 -3.39
N GLY A 109 2.84 6.29 -3.10
CA GLY A 109 2.52 7.63 -3.56
C GLY A 109 3.80 8.41 -3.88
N VAL A 110 4.52 7.96 -4.90
CA VAL A 110 5.77 8.61 -5.33
C VAL A 110 6.65 8.95 -4.10
N SER A 111 7.52 8.01 -3.74
CA SER A 111 8.41 8.20 -2.59
C SER A 111 9.67 7.36 -2.74
N ALA A 112 10.71 7.74 -1.99
CA ALA A 112 11.98 7.01 -2.03
C ALA A 112 12.86 7.42 -0.86
N ALA A 113 12.96 8.74 -0.63
CA ALA A 113 13.77 9.29 0.45
C ALA A 113 15.22 8.83 0.34
N SER A 114 16.10 9.50 1.09
CA SER A 114 17.53 9.17 1.09
C SER A 114 18.04 9.01 2.51
N ALA A 115 19.11 8.23 2.66
CA ALA A 115 19.70 7.98 3.96
C ALA A 115 21.20 7.80 3.81
N ALA A 116 21.94 8.13 4.87
CA ALA A 116 23.39 7.99 4.85
C ALA A 116 23.89 7.99 6.28
N ALA A 117 25.07 7.44 6.52
CA ALA A 117 25.63 7.39 7.87
C ALA A 117 27.13 7.64 7.83
N SER A 118 27.66 8.26 8.90
CA SER A 118 29.08 8.53 9.00
C SER A 118 29.41 8.95 10.42
N ALA A 119 30.20 8.13 11.11
CA ALA A 119 30.58 8.43 12.48
C ALA A 119 32.03 8.04 12.75
N PHE A 120 32.75 8.91 13.47
CA PHE A 120 34.15 8.66 13.81
C PHE A 120 34.37 8.82 15.31
N GLY A 121 35.28 8.01 15.86
CA GLY A 121 35.58 8.07 17.29
C GLY A 121 36.42 9.29 17.62
N SER A 122 36.09 9.94 18.73
CA SER A 122 36.82 11.13 19.17
C SER A 122 38.21 10.77 19.66
N LEU A 123 39.09 11.78 19.72
CA LEU A 123 40.46 11.57 20.18
C LEU A 123 40.98 12.83 20.89
N SER A 124 42.13 12.72 21.53
CA SER A 124 42.74 13.83 22.24
C SER A 124 44.21 13.54 22.44
N SER A 125 44.99 14.57 22.73
CA SER A 125 46.42 14.39 22.96
C SER A 125 46.87 15.28 24.12
N ALA A 126 46.20 15.11 25.25
CA ALA A 126 46.51 15.89 26.46
C ALA A 126 46.08 15.14 27.70
N LEU A 127 46.73 15.46 28.83
CA LEU A 127 46.40 14.83 30.10
C LEU A 127 46.82 15.72 31.27
N LEU A 128 46.21 15.48 32.43
CA LEU A 128 46.50 16.26 33.64
C LEU A 128 47.92 15.99 34.10
N MET A 129 48.61 17.05 34.53
CA MET A 129 49.99 16.93 35.01
C MET A 129 50.14 17.70 36.35
N PRO A 130 49.75 17.10 37.49
CA PRO A 130 49.85 17.78 38.83
C PRO A 130 51.30 18.00 39.26
N LYS A 131 52.22 17.18 38.75
CA LYS A 131 53.63 17.29 39.10
C LYS A 131 54.36 18.21 38.14
N ASP A 132 55.16 19.12 38.70
CA ASP A 132 55.93 20.07 37.88
C ASP A 132 57.43 19.87 38.10
N GLY A 133 57.81 19.70 39.38
CA GLY A 133 59.22 19.50 39.74
C GLY A 133 59.98 20.81 39.59
N LEU A 134 59.57 21.82 40.35
CA LEU A 134 60.22 23.13 40.31
C LEU A 134 61.68 23.02 40.75
N GLU A 135 61.92 22.20 41.78
CA GLU A 135 63.29 22.01 42.28
C GLU A 135 64.07 21.08 41.36
N HIS A 136 65.36 21.36 41.21
CA HIS A 136 66.22 20.54 40.36
C HIS A 136 67.66 20.53 40.90
N HIS A 137 68.24 19.34 40.99
CA HIS A 137 69.60 19.18 41.49
C HIS A 137 70.23 17.90 40.93
N HIS A 138 71.50 18.00 40.53
CA HIS A 138 72.21 16.84 39.98
C HIS A 138 73.69 16.91 40.35
N HIS A 139 74.35 17.99 39.91
CA HIS A 139 75.77 18.19 40.20
C HIS A 139 75.98 18.54 41.67
N HIS A 140 77.11 18.11 42.22
CA HIS A 140 77.45 18.37 43.61
C HIS A 140 77.80 19.85 43.80
N HIS A 141 77.46 20.38 44.98
CA HIS A 141 77.73 21.79 45.30
C HIS A 141 77.09 22.71 44.26
N MET A 1 -5.48 -6.50 8.72
CA MET A 1 -6.11 -5.68 9.79
C MET A 1 -7.45 -6.28 10.19
N SER A 2 -8.16 -6.87 9.22
CA SER A 2 -9.46 -7.49 9.49
C SER A 2 -9.73 -8.62 8.50
N ASP A 3 -10.35 -9.69 9.00
CA ASP A 3 -10.69 -10.84 8.17
C ASP A 3 -11.82 -10.48 7.21
N GLN A 4 -11.82 -11.08 6.03
CA GLN A 4 -12.86 -10.82 5.03
C GLN A 4 -14.25 -11.03 5.64
N SER A 5 -15.27 -10.46 4.98
CA SER A 5 -16.65 -10.58 5.47
C SER A 5 -16.76 -10.00 6.89
N GLN A 6 -16.52 -8.70 7.01
CA GLN A 6 -16.59 -8.02 8.30
C GLN A 6 -16.50 -6.50 8.08
N GLU A 7 -15.31 -6.02 7.71
CA GLU A 7 -15.10 -4.60 7.47
C GLU A 7 -13.78 -4.35 6.72
N PRO A 8 -13.78 -4.39 5.40
CA PRO A 8 -12.52 -4.17 4.60
C PRO A 8 -11.94 -2.77 4.85
N THR A 9 -11.14 -2.65 5.89
CA THR A 9 -10.50 -1.37 6.24
C THR A 9 -9.47 -1.00 5.18
N MET A 10 -9.25 0.31 5.01
CA MET A 10 -8.31 0.80 4.00
C MET A 10 -6.91 0.27 4.27
N GLU A 11 -6.50 0.27 5.54
CA GLU A 11 -5.18 -0.24 5.93
C GLU A 11 -5.01 -1.69 5.52
N GLU A 12 -6.11 -2.45 5.62
CA GLU A 12 -6.09 -3.86 5.21
C GLU A 12 -5.80 -3.94 3.73
N ILE A 13 -6.49 -3.10 2.96
CA ILE A 13 -6.34 -3.06 1.51
C ILE A 13 -4.90 -2.69 1.12
N LEU A 14 -4.34 -1.67 1.78
CA LEU A 14 -2.96 -1.25 1.49
C LEU A 14 -2.02 -2.45 1.56
N ALA A 15 -2.15 -3.24 2.63
CA ALA A 15 -1.29 -4.41 2.82
C ALA A 15 -1.43 -5.38 1.65
N SER A 16 -2.67 -5.69 1.25
CA SER A 16 -2.90 -6.62 0.15
C SER A 16 -2.26 -6.12 -1.15
N ILE A 17 -2.36 -4.80 -1.38
CA ILE A 17 -1.82 -4.18 -2.58
C ILE A 17 -0.30 -4.38 -2.68
N ARG A 18 0.40 -4.19 -1.55
CA ARG A 18 1.87 -4.32 -1.55
C ARG A 18 2.37 -5.19 -0.39
N ARG A 19 3.38 -6.01 -0.67
CA ARG A 19 3.95 -6.89 0.35
C ARG A 19 4.41 -6.06 1.55
N ILE A 20 3.99 -6.47 2.74
CA ILE A 20 4.34 -5.76 3.99
C ILE A 20 5.46 -6.46 4.76
N ILE A 21 5.87 -7.66 4.32
CA ILE A 21 6.93 -8.39 4.99
C ILE A 21 8.29 -7.91 4.48
N SER A 22 8.96 -7.09 5.29
CA SER A 22 10.27 -6.55 4.94
C SER A 22 11.18 -6.54 6.15
N GLU A 23 12.50 -6.54 5.90
CA GLU A 23 13.48 -6.53 6.98
C GLU A 23 14.73 -5.74 6.57
N ASP A 24 15.34 -5.06 7.54
CA ASP A 24 16.53 -4.27 7.26
C ASP A 24 17.45 -4.20 8.47
N ASP A 25 18.75 -4.15 8.19
CA ASP A 25 19.76 -4.06 9.25
C ASP A 25 20.37 -2.66 9.32
N ALA A 26 19.68 -1.67 8.74
CA ALA A 26 20.16 -0.28 8.73
C ALA A 26 20.19 0.28 10.16
N PRO A 27 21.10 1.20 10.48
CA PRO A 27 21.19 1.81 11.86
C PRO A 27 19.98 2.67 12.20
N ALA A 28 19.28 3.16 11.18
CA ALA A 28 18.11 4.01 11.38
C ALA A 28 18.49 5.24 12.20
N GLU A 29 19.14 6.19 11.55
CA GLU A 29 19.57 7.43 12.19
C GLU A 29 19.48 8.60 11.18
N PRO A 30 18.31 8.83 10.59
CA PRO A 30 18.14 9.92 9.58
C PRO A 30 18.20 11.31 10.22
N ALA A 31 18.60 12.29 9.42
CA ALA A 31 18.72 13.68 9.91
C ALA A 31 18.55 14.67 8.77
N ALA A 32 18.13 15.88 9.11
CA ALA A 32 17.94 16.95 8.12
C ALA A 32 18.23 18.30 8.74
N GLU A 33 18.66 19.25 7.91
CA GLU A 33 18.99 20.60 8.39
C GLU A 33 17.77 21.26 9.01
N ALA A 34 16.62 21.11 8.35
CA ALA A 34 15.37 21.71 8.84
C ALA A 34 15.50 23.23 8.92
N ALA A 35 14.78 23.89 8.02
CA ALA A 35 14.81 25.35 7.95
C ALA A 35 13.65 25.95 8.78
N PRO A 36 13.92 26.67 9.87
CA PRO A 36 12.84 27.28 10.71
C PRO A 36 11.86 28.17 9.90
N PRO A 37 12.32 29.03 8.99
CA PRO A 37 11.40 29.90 8.19
C PRO A 37 10.65 29.12 7.09
N PRO A 38 9.50 29.61 6.61
CA PRO A 38 8.72 28.91 5.54
C PRO A 38 9.42 28.96 4.17
N PRO A 39 9.13 28.02 3.27
CA PRO A 39 9.78 28.00 1.91
C PRO A 39 9.30 29.15 1.01
N PRO A 40 10.08 29.56 0.01
CA PRO A 40 9.68 30.68 -0.90
C PRO A 40 8.53 30.29 -1.83
N GLU A 41 7.74 31.28 -2.25
CA GLU A 41 6.61 31.04 -3.13
C GLU A 41 7.08 30.66 -4.55
N PRO A 42 6.30 29.88 -5.30
CA PRO A 42 6.70 29.46 -6.69
C PRO A 42 6.62 30.62 -7.68
N GLU A 43 7.40 30.52 -8.75
CA GLU A 43 7.43 31.56 -9.80
C GLU A 43 7.28 30.93 -11.19
N PRO A 44 6.80 31.68 -12.20
CA PRO A 44 6.64 31.13 -13.58
C PRO A 44 7.98 30.88 -14.27
N GLU A 45 8.00 29.88 -15.15
CA GLU A 45 9.21 29.52 -15.89
C GLU A 45 8.91 29.41 -17.41
N PRO A 46 8.66 30.53 -18.09
CA PRO A 46 8.36 30.51 -19.56
C PRO A 46 9.60 30.16 -20.39
N VAL A 47 9.36 29.60 -21.58
CA VAL A 47 10.46 29.22 -22.48
C VAL A 47 10.22 29.78 -23.88
N SER A 48 11.33 29.98 -24.61
CA SER A 48 11.26 30.51 -25.98
C SER A 48 11.60 29.44 -27.03
N PHE A 49 11.65 28.17 -26.61
CA PHE A 49 11.98 27.07 -27.53
C PHE A 49 10.72 26.35 -28.03
N ASP A 50 9.53 26.80 -27.58
CA ASP A 50 8.28 26.17 -28.00
C ASP A 50 7.74 26.84 -29.26
N ASP A 51 8.04 26.24 -30.43
CA ASP A 51 7.58 26.77 -31.71
C ASP A 51 6.67 25.77 -32.41
N GLU A 52 7.21 24.57 -32.68
CA GLU A 52 6.46 23.52 -33.35
C GLU A 52 7.13 22.20 -33.02
N VAL A 53 6.32 21.16 -32.80
CA VAL A 53 6.86 19.86 -32.46
C VAL A 53 6.77 18.94 -33.68
N LEU A 54 7.91 18.40 -34.09
CA LEU A 54 7.98 17.52 -35.26
C LEU A 54 7.19 16.24 -35.01
N GLU A 55 6.60 15.71 -36.09
CA GLU A 55 5.80 14.48 -36.01
C GLU A 55 6.68 13.25 -36.24
N LEU A 56 8.00 13.39 -35.99
CA LEU A 56 8.94 12.29 -36.18
C LEU A 56 9.62 11.94 -34.86
N THR A 57 9.92 10.64 -34.71
CA THR A 57 10.58 10.16 -33.49
C THR A 57 11.37 8.89 -33.76
N ASP A 58 12.58 8.82 -33.20
CA ASP A 58 13.44 7.65 -33.36
C ASP A 58 13.22 6.68 -32.19
N PRO A 59 13.42 5.37 -32.38
CA PRO A 59 13.23 4.38 -31.27
C PRO A 59 14.31 4.50 -30.20
N ILE A 60 13.93 4.29 -28.94
CA ILE A 60 14.88 4.38 -27.83
C ILE A 60 14.20 3.91 -26.53
N ALA A 61 13.49 2.79 -26.61
CA ALA A 61 12.79 2.22 -25.46
C ALA A 61 13.76 1.88 -24.31
N PRO A 62 14.84 1.12 -24.55
CA PRO A 62 15.81 0.76 -23.48
C PRO A 62 16.70 1.93 -23.06
N GLU A 63 17.05 1.97 -21.78
CA GLU A 63 17.91 3.03 -21.24
C GLU A 63 18.96 2.43 -20.29
N PRO A 64 20.15 3.02 -20.16
CA PRO A 64 21.20 2.51 -19.22
C PRO A 64 20.67 2.40 -17.79
N GLU A 65 19.85 3.38 -17.42
CA GLU A 65 19.24 3.43 -16.09
C GLU A 65 17.89 4.13 -16.16
N LEU A 66 17.06 3.93 -15.13
CA LEU A 66 15.73 4.55 -15.08
C LEU A 66 15.68 5.67 -14.02
N PRO A 67 14.88 6.72 -14.21
CA PRO A 67 14.78 7.83 -13.21
C PRO A 67 14.29 7.33 -11.84
N PRO A 68 14.73 7.90 -10.71
CA PRO A 68 14.29 7.44 -9.37
C PRO A 68 12.83 7.80 -9.09
N LEU A 69 12.12 6.90 -8.40
CA LEU A 69 10.71 7.11 -8.07
C LEU A 69 10.49 6.91 -6.57
N GLU A 70 9.92 7.91 -5.91
CA GLU A 70 9.65 7.85 -4.48
C GLU A 70 8.16 7.93 -4.19
N THR A 71 7.68 7.08 -3.30
CA THR A 71 6.27 7.06 -2.93
C THR A 71 6.13 6.93 -1.41
N VAL A 72 5.33 7.82 -0.81
CA VAL A 72 5.12 7.80 0.65
C VAL A 72 3.61 7.80 0.95
N GLY A 73 3.18 6.83 1.75
CA GLY A 73 1.77 6.73 2.13
C GLY A 73 1.53 7.47 3.44
N ASP A 74 0.26 7.53 3.87
CA ASP A 74 -0.09 8.20 5.13
C ASP A 74 -1.55 7.96 5.50
N ILE A 75 -1.83 6.80 6.10
CA ILE A 75 -3.19 6.44 6.48
C ILE A 75 -3.71 7.49 7.48
N ASP A 76 -2.86 7.82 8.45
CA ASP A 76 -3.22 8.82 9.47
C ASP A 76 -4.48 8.40 10.22
N VAL A 77 -4.30 7.61 11.28
CA VAL A 77 -5.42 7.13 12.10
C VAL A 77 -5.92 8.26 13.01
N TYR A 78 -7.24 8.42 13.09
CA TYR A 78 -7.85 9.45 13.95
C TYR A 78 -9.34 9.21 14.08
N SER A 79 -9.94 9.76 15.15
CA SER A 79 -11.37 9.61 15.39
C SER A 79 -12.04 11.01 15.44
N PRO A 80 -12.59 11.51 14.33
CA PRO A 80 -13.24 12.86 14.30
C PRO A 80 -14.37 13.03 15.35
N PRO A 81 -15.25 12.04 15.56
CA PRO A 81 -16.36 12.16 16.56
C PRO A 81 -15.84 12.48 17.96
N GLU A 82 -16.44 13.49 18.59
CA GLU A 82 -16.05 13.90 19.94
C GLU A 82 -16.34 12.79 20.96
N PRO A 83 -17.55 12.20 21.01
CA PRO A 83 -17.87 11.12 21.99
C PRO A 83 -17.21 9.79 21.62
N GLU A 84 -16.99 8.95 22.63
CA GLU A 84 -16.38 7.63 22.42
C GLU A 84 -15.04 7.77 21.67
N SER A 85 -14.12 8.54 22.27
CA SER A 85 -12.80 8.74 21.67
C SER A 85 -11.85 7.65 22.15
N GLU A 86 -11.08 7.07 21.21
CA GLU A 86 -10.13 6.01 21.55
C GLU A 86 -8.80 6.21 20.79
N PRO A 87 -7.96 7.16 21.20
CA PRO A 87 -6.65 7.41 20.51
C PRO A 87 -5.65 6.29 20.77
N ALA A 88 -4.80 6.01 19.77
CA ALA A 88 -3.80 4.96 19.92
C ALA A 88 -2.66 5.16 18.91
N TYR A 89 -1.46 4.71 19.28
CA TYR A 89 -0.30 4.82 18.41
C TYR A 89 0.76 3.79 18.79
N THR A 90 0.55 2.55 18.36
CA THR A 90 1.48 1.46 18.65
C THR A 90 2.66 1.48 17.67
N PRO A 91 3.81 0.89 18.03
CA PRO A 91 5.01 0.87 17.13
C PRO A 91 4.82 -0.11 15.94
N PRO A 92 5.49 0.11 14.81
CA PRO A 92 5.34 -0.79 13.62
C PRO A 92 6.00 -2.17 13.86
N PRO A 93 5.50 -3.25 13.25
CA PRO A 93 6.08 -4.62 13.44
C PRO A 93 7.45 -4.78 12.79
N ALA A 94 7.69 -4.02 11.73
CA ALA A 94 8.97 -4.09 11.00
C ALA A 94 9.21 -2.85 10.18
N ALA A 95 10.49 -2.57 9.91
CA ALA A 95 10.86 -1.43 9.08
C ALA A 95 10.23 -0.13 9.63
N PRO A 96 10.69 0.39 10.78
CA PRO A 96 10.13 1.65 11.38
C PRO A 96 10.12 2.80 10.38
N VAL A 97 11.18 2.87 9.56
CA VAL A 97 11.30 3.92 8.55
C VAL A 97 10.50 3.57 7.30
N PHE A 98 10.10 4.60 6.55
CA PHE A 98 9.32 4.40 5.33
C PHE A 98 8.04 3.63 5.61
N ASP A 99 7.12 3.64 4.63
CA ASP A 99 5.84 2.94 4.76
C ASP A 99 5.81 1.68 3.88
N ARG A 100 6.99 1.11 3.62
CA ARG A 100 7.11 -0.09 2.79
C ARG A 100 6.53 0.13 1.39
N ASP A 101 6.39 1.42 0.99
CA ASP A 101 5.86 1.76 -0.33
C ASP A 101 6.80 1.26 -1.41
N GLU A 102 6.28 1.04 -2.62
CA GLU A 102 7.10 0.56 -3.73
C GLU A 102 6.27 0.45 -5.01
N VAL A 103 5.04 -0.07 -4.88
CA VAL A 103 4.15 -0.23 -6.02
C VAL A 103 2.90 0.68 -5.91
N ALA A 104 3.09 1.86 -5.30
CA ALA A 104 2.00 2.83 -5.15
C ALA A 104 0.85 2.21 -4.33
N GLU A 105 -0.35 2.82 -4.39
CA GLU A 105 -1.52 2.32 -3.68
C GLU A 105 -2.79 2.80 -4.38
N GLN A 106 -3.88 2.08 -4.16
CA GLN A 106 -5.18 2.43 -4.76
C GLN A 106 -6.07 3.18 -3.77
N LEU A 107 -5.50 3.62 -2.64
CA LEU A 107 -6.27 4.33 -1.61
C LEU A 107 -5.61 5.68 -1.28
N VAL A 108 -4.38 5.63 -0.76
CA VAL A 108 -3.67 6.85 -0.38
C VAL A 108 -2.17 6.71 -0.68
N GLY A 109 -1.55 7.82 -1.08
CA GLY A 109 -0.12 7.84 -1.40
C GLY A 109 0.42 9.26 -1.47
N VAL A 110 0.65 9.86 -0.29
CA VAL A 110 1.19 11.21 -0.22
C VAL A 110 2.18 11.31 0.95
N SER A 111 3.15 12.23 0.85
CA SER A 111 4.13 12.41 1.91
C SER A 111 3.50 13.08 3.12
N ALA A 112 4.13 12.91 4.29
CA ALA A 112 3.62 13.49 5.53
C ALA A 112 4.72 13.62 6.57
N ALA A 113 4.54 14.50 7.54
CA ALA A 113 5.52 14.71 8.60
C ALA A 113 4.83 15.16 9.89
N SER A 114 5.41 14.76 11.03
CA SER A 114 4.85 15.12 12.33
C SER A 114 5.91 15.05 13.42
N ALA A 115 5.65 15.75 14.53
CA ALA A 115 6.57 15.77 15.65
C ALA A 115 5.83 16.21 16.91
N ALA A 116 6.34 15.82 18.08
CA ALA A 116 5.72 16.19 19.34
C ALA A 116 6.79 16.59 20.36
N ALA A 117 7.74 15.69 20.60
CA ALA A 117 8.81 15.94 21.55
C ALA A 117 10.06 15.15 21.19
N SER A 118 11.22 15.67 21.61
CA SER A 118 12.50 15.00 21.34
C SER A 118 13.13 14.47 22.64
N ALA A 119 12.38 14.51 23.75
CA ALA A 119 12.88 14.05 25.03
C ALA A 119 13.20 12.56 24.98
N PHE A 120 14.25 12.15 25.71
CA PHE A 120 14.66 10.75 25.76
C PHE A 120 13.63 9.91 26.51
N GLY A 121 13.47 8.67 26.08
CA GLY A 121 12.52 7.75 26.71
C GLY A 121 12.11 6.65 25.75
N SER A 122 11.08 5.89 26.14
CA SER A 122 10.57 4.79 25.32
C SER A 122 9.11 4.51 25.65
N LEU A 123 8.42 3.84 24.73
CA LEU A 123 7.01 3.50 24.93
C LEU A 123 6.84 1.99 25.08
N SER A 124 6.12 1.58 26.13
CA SER A 124 5.87 0.17 26.37
C SER A 124 4.77 0.06 27.42
N SER A 125 4.07 -1.07 27.42
CA SER A 125 3.00 -1.27 28.38
C SER A 125 2.86 -2.75 28.72
N ALA A 126 2.19 -3.02 29.84
CA ALA A 126 2.00 -4.40 30.29
C ALA A 126 0.51 -4.72 30.38
N LEU A 127 0.18 -6.00 30.22
CA LEU A 127 -1.21 -6.44 30.29
C LEU A 127 -1.28 -7.97 30.37
N LEU A 128 -1.85 -8.47 31.48
CA LEU A 128 -1.98 -9.91 31.68
C LEU A 128 -3.43 -10.35 31.42
N MET A 129 -3.57 -11.55 30.82
CA MET A 129 -4.89 -12.09 30.50
C MET A 129 -5.74 -11.05 29.72
N PRO A 130 -5.31 -10.65 28.51
CA PRO A 130 -6.06 -9.64 27.68
C PRO A 130 -7.52 -10.04 27.49
N LYS A 131 -7.76 -11.35 27.32
CA LYS A 131 -9.12 -11.86 27.13
C LYS A 131 -9.24 -13.29 27.65
N ASP A 132 -10.47 -13.71 27.93
CA ASP A 132 -10.74 -15.06 28.43
C ASP A 132 -11.94 -15.67 27.73
N GLY A 133 -13.08 -14.99 27.82
CA GLY A 133 -14.31 -15.45 27.18
C GLY A 133 -15.17 -14.27 26.74
N LEU A 134 -15.21 -14.04 25.43
CA LEU A 134 -16.00 -12.94 24.88
C LEU A 134 -17.08 -13.46 23.93
N GLU A 135 -18.26 -12.85 24.02
CA GLU A 135 -19.39 -13.23 23.16
C GLU A 135 -20.20 -12.00 22.79
N HIS A 136 -20.53 -11.89 21.50
CA HIS A 136 -21.31 -10.76 21.00
C HIS A 136 -22.11 -11.16 19.76
N HIS A 137 -23.36 -10.69 19.69
CA HIS A 137 -24.23 -11.00 18.56
C HIS A 137 -23.83 -10.17 17.34
N HIS A 138 -24.03 -10.74 16.16
CA HIS A 138 -23.69 -10.05 14.91
C HIS A 138 -24.49 -10.62 13.74
N HIS A 139 -24.53 -9.85 12.64
CA HIS A 139 -25.27 -10.28 11.45
C HIS A 139 -24.44 -10.03 10.19
N HIS A 140 -24.63 -10.88 9.19
CA HIS A 140 -23.90 -10.76 7.93
C HIS A 140 -24.30 -9.49 7.16
N HIS A 141 -25.48 -8.93 7.48
CA HIS A 141 -25.97 -7.73 6.83
C HIS A 141 -26.09 -6.59 7.84
N MET A 1 -10.77 -7.34 -2.23
CA MET A 1 -10.31 -6.75 -0.94
C MET A 1 -11.44 -5.94 -0.31
N SER A 2 -11.86 -6.35 0.88
CA SER A 2 -12.93 -5.67 1.61
C SER A 2 -14.20 -5.57 0.75
N ASP A 3 -14.43 -6.60 -0.08
CA ASP A 3 -15.61 -6.62 -0.95
C ASP A 3 -16.66 -7.58 -0.38
N GLN A 4 -17.79 -7.02 0.06
CA GLN A 4 -18.87 -7.82 0.64
C GLN A 4 -18.33 -8.74 1.75
N SER A 5 -17.32 -8.26 2.46
CA SER A 5 -16.70 -9.01 3.55
C SER A 5 -16.49 -8.13 4.78
N GLN A 6 -16.32 -8.76 5.93
CA GLN A 6 -16.08 -8.02 7.18
C GLN A 6 -14.71 -7.38 7.13
N GLU A 7 -14.34 -6.66 8.20
CA GLU A 7 -13.04 -6.01 8.27
C GLU A 7 -12.77 -5.16 7.00
N PRO A 8 -13.62 -4.18 6.69
CA PRO A 8 -13.44 -3.31 5.49
C PRO A 8 -12.50 -2.13 5.74
N THR A 9 -11.55 -2.33 6.65
CA THR A 9 -10.58 -1.29 7.01
C THR A 9 -9.67 -0.97 5.81
N MET A 10 -9.37 0.31 5.63
CA MET A 10 -8.51 0.77 4.53
C MET A 10 -7.07 0.24 4.70
N GLU A 11 -6.67 0.01 5.96
CA GLU A 11 -5.33 -0.48 6.25
C GLU A 11 -5.11 -1.79 5.51
N GLU A 12 -6.07 -2.70 5.66
CA GLU A 12 -6.01 -4.01 5.02
C GLU A 12 -5.86 -3.86 3.51
N ILE A 13 -6.56 -2.88 2.92
CA ILE A 13 -6.51 -2.67 1.48
C ILE A 13 -5.06 -2.38 1.04
N LEU A 14 -4.38 -1.49 1.75
CA LEU A 14 -2.99 -1.15 1.42
C LEU A 14 -2.10 -2.39 1.53
N ALA A 15 -2.36 -3.20 2.55
CA ALA A 15 -1.61 -4.44 2.77
C ALA A 15 -1.82 -5.39 1.59
N SER A 16 -3.06 -5.43 1.10
CA SER A 16 -3.43 -6.30 -0.02
C SER A 16 -2.66 -5.94 -1.28
N ILE A 17 -2.44 -4.64 -1.51
CA ILE A 17 -1.73 -4.17 -2.70
C ILE A 17 -0.25 -4.58 -2.64
N ARG A 18 0.40 -4.30 -1.50
CA ARG A 18 1.83 -4.63 -1.32
C ARG A 18 2.65 -4.30 -2.60
N ARG A 19 2.99 -5.32 -3.41
CA ARG A 19 3.75 -5.11 -4.64
C ARG A 19 3.15 -5.91 -5.80
N ILE A 20 3.15 -5.30 -6.98
CA ILE A 20 2.60 -5.94 -8.17
C ILE A 20 3.36 -7.24 -8.48
N ILE A 21 4.69 -7.17 -8.42
CA ILE A 21 5.54 -8.34 -8.71
C ILE A 21 6.49 -8.61 -7.55
N SER A 22 6.91 -9.87 -7.41
CA SER A 22 7.83 -10.26 -6.34
C SER A 22 8.92 -11.21 -6.85
N GLU A 23 9.09 -11.29 -8.18
CA GLU A 23 10.12 -12.17 -8.77
C GLU A 23 11.12 -11.37 -9.61
N ASP A 24 11.34 -10.10 -9.23
CA ASP A 24 12.27 -9.24 -9.95
C ASP A 24 13.70 -9.48 -9.48
N ASP A 25 14.44 -10.29 -10.23
CA ASP A 25 15.81 -10.61 -9.87
C ASP A 25 16.78 -9.58 -10.48
N ALA A 26 16.99 -8.49 -9.76
CA ALA A 26 17.88 -7.42 -10.22
C ALA A 26 19.31 -7.94 -10.37
N PRO A 27 20.13 -7.35 -11.25
CA PRO A 27 21.54 -7.81 -11.46
C PRO A 27 22.42 -7.65 -10.21
N ALA A 28 21.99 -6.80 -9.28
CA ALA A 28 22.74 -6.58 -8.04
C ALA A 28 22.45 -7.69 -7.02
N GLU A 29 22.60 -8.93 -7.48
CA GLU A 29 22.38 -10.10 -6.63
C GLU A 29 23.32 -11.22 -7.09
N PRO A 30 24.64 -11.02 -6.96
CA PRO A 30 25.64 -12.04 -7.38
C PRO A 30 25.68 -13.25 -6.45
N ALA A 31 26.23 -14.36 -6.94
CA ALA A 31 26.33 -15.58 -6.15
C ALA A 31 27.45 -16.46 -6.68
N ALA A 32 27.99 -17.32 -5.81
CA ALA A 32 29.08 -18.22 -6.20
C ALA A 32 28.93 -19.58 -5.54
N GLU A 33 29.20 -20.63 -6.32
CA GLU A 33 29.10 -22.01 -5.82
C GLU A 33 27.77 -22.26 -5.10
N ALA A 34 26.73 -21.53 -5.53
CA ALA A 34 25.40 -21.68 -4.93
C ALA A 34 24.81 -23.03 -5.28
N ALA A 35 24.19 -23.68 -4.28
CA ALA A 35 23.59 -24.99 -4.48
C ALA A 35 22.55 -25.28 -3.38
N PRO A 36 21.62 -26.21 -3.60
CA PRO A 36 20.58 -26.56 -2.59
C PRO A 36 21.19 -27.32 -1.38
N PRO A 37 20.57 -27.25 -0.20
CA PRO A 37 21.10 -27.95 1.01
C PRO A 37 20.98 -29.48 0.90
N PRO A 38 21.86 -30.25 1.54
CA PRO A 38 21.81 -31.75 1.48
C PRO A 38 20.64 -32.33 2.29
N PRO A 39 20.15 -33.53 1.97
CA PRO A 39 19.02 -34.16 2.73
C PRO A 39 19.34 -34.31 4.23
N PRO A 40 18.37 -34.16 5.13
CA PRO A 40 18.62 -34.29 6.60
C PRO A 40 18.92 -35.72 7.03
N GLU A 41 19.77 -35.87 8.04
CA GLU A 41 20.15 -37.19 8.56
C GLU A 41 20.14 -37.18 10.09
N PRO A 42 19.96 -38.32 10.75
CA PRO A 42 19.95 -38.40 12.25
C PRO A 42 21.33 -38.16 12.85
N GLU A 43 21.36 -37.57 14.04
CA GLU A 43 22.61 -37.29 14.72
C GLU A 43 23.26 -38.58 15.25
N PRO A 44 24.59 -38.66 15.32
CA PRO A 44 25.27 -39.91 15.83
C PRO A 44 25.11 -40.08 17.34
N GLU A 45 25.08 -41.33 17.78
CA GLU A 45 24.92 -41.64 19.21
C GLU A 45 25.99 -42.66 19.67
N PRO A 46 27.27 -42.27 19.75
CA PRO A 46 28.37 -43.19 20.19
C PRO A 46 28.21 -43.64 21.65
N VAL A 47 27.58 -42.78 22.45
CA VAL A 47 27.35 -43.08 23.86
C VAL A 47 26.04 -42.44 24.33
N SER A 48 25.30 -43.15 25.19
CA SER A 48 24.03 -42.65 25.70
C SER A 48 23.98 -42.73 27.22
N PHE A 49 23.78 -41.59 27.86
CA PHE A 49 23.71 -41.51 29.33
C PHE A 49 22.73 -40.41 29.73
N ASP A 50 21.73 -40.78 30.55
CA ASP A 50 20.73 -39.82 31.00
C ASP A 50 20.86 -39.56 32.50
N ASP A 51 20.08 -38.59 32.99
CA ASP A 51 20.08 -38.22 34.40
C ASP A 51 18.71 -37.72 34.82
N GLU A 52 18.24 -36.70 34.10
CA GLU A 52 16.91 -36.11 34.36
C GLU A 52 16.42 -35.32 33.15
N VAL A 53 17.00 -35.60 31.97
CA VAL A 53 16.61 -34.91 30.74
C VAL A 53 15.38 -35.55 30.09
N LEU A 54 15.04 -36.77 30.50
CA LEU A 54 13.88 -37.49 29.95
C LEU A 54 14.05 -37.74 28.46
N GLU A 55 13.56 -38.90 27.99
CA GLU A 55 13.64 -39.26 26.58
C GLU A 55 12.31 -39.80 26.09
N LEU A 56 11.91 -39.39 24.88
CA LEU A 56 10.64 -39.84 24.30
C LEU A 56 10.84 -40.21 22.82
N THR A 57 10.49 -41.45 22.48
CA THR A 57 10.61 -41.92 21.10
C THR A 57 9.51 -41.32 20.24
N ASP A 58 9.71 -41.35 18.92
CA ASP A 58 8.73 -40.80 18.00
C ASP A 58 7.59 -41.80 17.77
N PRO A 59 6.36 -41.35 17.55
CA PRO A 59 5.20 -42.27 17.32
C PRO A 59 5.22 -42.89 15.92
N ILE A 60 4.61 -44.05 15.78
CA ILE A 60 4.54 -44.73 14.50
C ILE A 60 3.80 -43.88 13.45
N ALA A 61 2.81 -43.12 13.92
CA ALA A 61 2.03 -42.25 13.05
C ALA A 61 2.87 -41.05 12.58
N PRO A 62 2.60 -40.48 11.41
CA PRO A 62 3.38 -39.30 10.90
C PRO A 62 3.38 -38.13 11.88
N GLU A 63 4.53 -37.45 11.98
CA GLU A 63 4.66 -36.31 12.88
C GLU A 63 5.29 -35.11 12.13
N PRO A 64 4.48 -34.28 11.46
CA PRO A 64 5.01 -33.10 10.71
C PRO A 64 5.79 -32.14 11.61
N GLU A 65 6.87 -31.57 11.06
CA GLU A 65 7.71 -30.64 11.81
C GLU A 65 7.26 -29.20 11.55
N LEU A 66 7.06 -28.43 12.62
CA LEU A 66 6.63 -27.04 12.50
C LEU A 66 7.73 -26.09 13.03
N PRO A 67 8.55 -25.50 12.15
CA PRO A 67 9.65 -24.55 12.60
C PRO A 67 9.09 -23.22 13.10
N PRO A 68 9.84 -22.45 13.90
CA PRO A 68 9.38 -21.13 14.42
C PRO A 68 9.29 -20.07 13.31
N LEU A 69 8.50 -19.03 13.58
CA LEU A 69 8.32 -17.95 12.59
C LEU A 69 8.23 -16.59 13.29
N GLU A 70 8.78 -15.58 12.63
CA GLU A 70 8.77 -14.22 13.17
C GLU A 70 8.04 -13.27 12.23
N THR A 71 7.38 -12.26 12.81
CA THR A 71 6.63 -11.28 12.03
C THR A 71 6.69 -9.90 12.68
N VAL A 72 6.61 -8.86 11.85
CA VAL A 72 6.65 -7.48 12.33
C VAL A 72 5.63 -6.63 11.57
N GLY A 73 4.97 -5.72 12.29
CA GLY A 73 3.97 -4.84 11.68
C GLY A 73 4.37 -3.37 11.84
N ASP A 74 3.99 -2.57 10.84
CA ASP A 74 4.30 -1.14 10.86
C ASP A 74 3.21 -0.34 10.13
N ILE A 75 1.97 -0.83 10.22
CA ILE A 75 0.85 -0.16 9.58
C ILE A 75 0.24 0.85 10.56
N ASP A 76 0.67 2.10 10.40
CA ASP A 76 0.18 3.17 11.26
C ASP A 76 -0.46 4.27 10.42
N VAL A 77 -1.75 4.53 10.65
CA VAL A 77 -2.46 5.57 9.90
C VAL A 77 -3.43 6.34 10.80
N TYR A 78 -3.34 7.67 10.72
CA TYR A 78 -4.19 8.55 11.51
C TYR A 78 -4.81 9.62 10.63
N SER A 79 -6.01 10.08 10.99
CA SER A 79 -6.70 11.11 10.21
C SER A 79 -5.92 12.43 10.28
N PRO A 80 -5.97 13.26 9.23
CA PRO A 80 -5.22 14.58 9.23
C PRO A 80 -5.83 15.60 10.20
N PRO A 81 -5.03 16.51 10.77
CA PRO A 81 -5.56 17.54 11.73
C PRO A 81 -6.67 18.37 11.11
N GLU A 82 -7.72 18.64 11.89
CA GLU A 82 -8.86 19.43 11.41
C GLU A 82 -8.67 20.93 11.68
N PRO A 83 -8.49 21.38 12.93
CA PRO A 83 -8.32 22.85 13.23
C PRO A 83 -7.01 23.43 12.74
N GLU A 84 -5.89 22.75 13.04
CA GLU A 84 -4.56 23.22 12.63
C GLU A 84 -3.47 22.27 13.13
N SER A 85 -2.24 22.49 12.67
CA SER A 85 -1.10 21.68 13.09
C SER A 85 0.21 22.31 12.64
N GLU A 86 1.30 21.99 13.33
CA GLU A 86 2.61 22.53 13.00
C GLU A 86 3.16 21.87 11.73
N PRO A 87 4.06 22.54 10.99
CA PRO A 87 4.64 21.97 9.73
C PRO A 87 5.32 20.63 9.97
N ALA A 88 5.23 19.74 8.97
CA ALA A 88 5.82 18.41 9.07
C ALA A 88 7.00 18.27 8.11
N TYR A 89 8.04 17.57 8.57
CA TYR A 89 9.24 17.36 7.76
C TYR A 89 9.35 15.89 7.35
N THR A 90 9.51 15.64 6.06
CA THR A 90 9.61 14.28 5.55
C THR A 90 10.76 14.17 4.52
N PRO A 91 11.29 12.98 4.26
CA PRO A 91 12.41 12.79 3.27
C PRO A 91 12.02 13.28 1.86
N PRO A 92 12.94 13.82 1.06
CA PRO A 92 12.63 14.31 -0.31
C PRO A 92 12.34 13.16 -1.29
N PRO A 93 11.56 13.39 -2.36
CA PRO A 93 11.23 12.32 -3.35
C PRO A 93 12.43 11.95 -4.21
N ALA A 94 12.39 10.73 -4.78
CA ALA A 94 13.47 10.23 -5.63
C ALA A 94 14.70 9.88 -4.79
N ALA A 95 15.65 9.18 -5.40
CA ALA A 95 16.86 8.78 -4.71
C ALA A 95 18.03 8.60 -5.70
N PRO A 96 19.28 8.69 -5.26
CA PRO A 96 20.47 8.54 -6.17
C PRO A 96 20.57 7.14 -6.77
N VAL A 97 20.06 6.14 -6.05
CA VAL A 97 20.10 4.75 -6.52
C VAL A 97 18.85 4.01 -6.08
N PHE A 98 18.70 3.83 -4.76
CA PHE A 98 17.55 3.13 -4.21
C PHE A 98 17.27 3.64 -2.80
N ASP A 99 15.99 3.87 -2.49
CA ASP A 99 15.59 4.40 -1.17
C ASP A 99 14.99 3.29 -0.28
N ARG A 100 15.39 2.05 -0.52
CA ARG A 100 14.90 0.91 0.26
C ARG A 100 13.36 0.85 0.22
N ASP A 101 12.81 1.12 -0.96
CA ASP A 101 11.35 1.10 -1.14
C ASP A 101 10.91 -0.26 -1.70
N GLU A 102 11.53 -1.34 -1.21
CA GLU A 102 11.20 -2.69 -1.65
C GLU A 102 9.73 -3.01 -1.35
N VAL A 103 9.29 -2.61 -0.15
CA VAL A 103 7.90 -2.83 0.26
C VAL A 103 7.38 -1.58 0.98
N ALA A 104 6.11 -1.25 0.72
CA ALA A 104 5.49 -0.08 1.35
C ALA A 104 3.98 -0.12 1.18
N GLU A 105 3.28 0.56 2.09
CA GLU A 105 1.81 0.63 2.05
C GLU A 105 1.37 2.07 1.85
N GLN A 106 1.27 2.47 0.58
CA GLN A 106 0.83 3.83 0.23
C GLN A 106 -0.44 3.82 -0.63
N LEU A 107 -0.99 2.63 -0.92
CA LEU A 107 -2.19 2.47 -1.74
C LEU A 107 -1.88 2.81 -3.21
N VAL A 108 -1.56 4.08 -3.48
CA VAL A 108 -1.23 4.52 -4.83
C VAL A 108 0.10 5.28 -4.83
N GLY A 109 0.76 5.32 -5.98
CA GLY A 109 2.04 6.02 -6.10
C GLY A 109 1.87 7.52 -6.19
N VAL A 110 2.66 8.26 -5.40
CA VAL A 110 2.58 9.72 -5.39
C VAL A 110 3.28 10.32 -6.62
N SER A 111 4.31 9.61 -7.12
CA SER A 111 5.06 10.06 -8.29
C SER A 111 5.62 8.88 -9.06
N ALA A 112 5.99 9.13 -10.32
CA ALA A 112 6.55 8.07 -11.18
C ALA A 112 8.03 8.31 -11.46
N ALA A 113 8.84 7.28 -11.21
CA ALA A 113 10.28 7.36 -11.44
C ALA A 113 10.85 5.98 -11.71
N SER A 114 11.95 5.93 -12.46
CA SER A 114 12.59 4.66 -12.79
C SER A 114 13.54 4.23 -11.65
N ALA A 115 13.80 2.93 -11.56
CA ALA A 115 14.68 2.40 -10.52
C ALA A 115 15.27 1.08 -10.99
N ALA A 116 16.43 0.74 -10.43
CA ALA A 116 17.11 -0.51 -10.81
C ALA A 116 17.58 -1.28 -9.57
N ALA A 117 17.74 -0.59 -8.44
CA ALA A 117 18.18 -1.21 -7.18
C ALA A 117 19.58 -1.82 -7.34
N SER A 118 20.52 -1.31 -6.54
CA SER A 118 21.89 -1.81 -6.57
C SER A 118 22.23 -2.44 -5.22
N ALA A 119 21.58 -3.58 -4.94
CA ALA A 119 21.79 -4.28 -3.69
C ALA A 119 23.22 -4.81 -3.59
N PHE A 120 23.74 -4.83 -2.36
CA PHE A 120 25.11 -5.30 -2.11
C PHE A 120 25.20 -5.90 -0.71
N GLY A 121 26.23 -6.72 -0.48
CA GLY A 121 26.42 -7.36 0.82
C GLY A 121 27.36 -6.55 1.71
N SER A 122 27.76 -7.14 2.83
CA SER A 122 28.66 -6.49 3.77
C SER A 122 29.57 -7.51 4.45
N LEU A 123 30.80 -7.09 4.73
CA LEU A 123 31.78 -7.98 5.38
C LEU A 123 31.38 -8.23 6.82
N SER A 124 31.27 -9.51 7.19
CA SER A 124 30.91 -9.90 8.54
C SER A 124 31.40 -11.32 8.78
N SER A 125 31.93 -11.58 9.98
CA SER A 125 32.42 -12.91 10.31
C SER A 125 31.48 -13.62 11.28
N ALA A 126 30.75 -12.84 12.08
CA ALA A 126 29.80 -13.38 13.04
C ALA A 126 28.72 -12.37 13.36
N LEU A 127 27.57 -12.87 13.80
CA LEU A 127 26.45 -12.01 14.17
C LEU A 127 25.81 -12.51 15.46
N LEU A 128 25.33 -11.58 16.29
CA LEU A 128 24.69 -11.93 17.55
C LEU A 128 23.19 -11.65 17.48
N MET A 129 22.40 -12.72 17.47
CA MET A 129 20.94 -12.60 17.40
C MET A 129 20.27 -13.55 18.41
N PRO A 130 19.06 -13.25 18.88
CA PRO A 130 18.34 -14.14 19.85
C PRO A 130 17.86 -15.43 19.19
N LYS A 131 17.70 -16.48 19.99
CA LYS A 131 17.24 -17.77 19.48
C LYS A 131 15.79 -18.02 19.89
N ASP A 132 15.00 -18.50 18.93
CA ASP A 132 13.58 -18.79 19.17
C ASP A 132 13.31 -20.29 19.09
N GLY A 133 12.49 -20.79 20.01
CA GLY A 133 12.14 -22.20 20.04
C GLY A 133 10.96 -22.45 20.97
N LEU A 134 10.36 -23.64 20.85
CA LEU A 134 9.22 -24.01 21.69
C LEU A 134 9.23 -25.50 21.98
N GLU A 135 9.31 -25.85 23.27
CA GLU A 135 9.33 -27.26 23.67
C GLU A 135 8.58 -27.43 25.00
N HIS A 136 7.66 -28.38 25.03
CA HIS A 136 6.88 -28.64 26.25
C HIS A 136 6.49 -30.12 26.31
N HIS A 137 6.80 -30.76 27.44
CA HIS A 137 6.47 -32.17 27.64
C HIS A 137 5.90 -32.40 29.03
N HIS A 138 4.94 -33.31 29.13
CA HIS A 138 4.30 -33.63 30.40
C HIS A 138 4.22 -35.14 30.59
N HIS A 139 5.17 -35.69 31.33
CA HIS A 139 5.22 -37.13 31.60
C HIS A 139 5.25 -37.45 33.11
N HIS A 140 4.89 -36.45 33.93
CA HIS A 140 4.88 -36.63 35.39
C HIS A 140 3.58 -36.13 35.99
N HIS A 141 3.11 -36.82 37.04
CA HIS A 141 1.87 -36.44 37.72
C HIS A 141 2.10 -36.30 39.22
N MET A 1 -12.41 -6.76 -0.61
CA MET A 1 -11.05 -7.31 -0.87
C MET A 1 -11.16 -8.82 -1.14
N SER A 2 -11.76 -9.16 -2.29
CA SER A 2 -11.94 -10.55 -2.69
C SER A 2 -12.67 -11.33 -1.58
N ASP A 3 -13.79 -10.74 -1.12
CA ASP A 3 -14.58 -11.37 -0.06
C ASP A 3 -16.06 -11.04 -0.24
N GLN A 4 -16.89 -11.72 0.55
CA GLN A 4 -18.35 -11.53 0.50
C GLN A 4 -18.84 -10.82 1.77
N SER A 5 -18.04 -9.85 2.23
CA SER A 5 -18.39 -9.09 3.43
C SER A 5 -17.77 -7.70 3.38
N GLN A 6 -18.47 -6.72 3.97
CA GLN A 6 -17.99 -5.34 4.00
C GLN A 6 -17.40 -5.04 5.38
N GLU A 7 -16.06 -5.15 5.47
CA GLU A 7 -15.35 -4.90 6.71
C GLU A 7 -13.90 -4.44 6.46
N PRO A 8 -13.06 -5.24 5.78
CA PRO A 8 -11.63 -4.86 5.51
C PRO A 8 -11.42 -3.37 5.29
N THR A 9 -11.03 -2.69 6.37
CA THR A 9 -10.79 -1.25 6.33
C THR A 9 -9.73 -0.93 5.28
N MET A 10 -9.59 0.37 4.95
CA MET A 10 -8.62 0.80 3.94
C MET A 10 -7.22 0.27 4.25
N GLU A 11 -6.93 0.06 5.53
CA GLU A 11 -5.61 -0.42 5.92
C GLU A 11 -5.34 -1.77 5.26
N GLU A 12 -6.29 -2.70 5.38
CA GLU A 12 -6.14 -4.03 4.81
C GLU A 12 -5.93 -3.98 3.29
N ILE A 13 -6.69 -3.11 2.60
CA ILE A 13 -6.56 -3.01 1.14
C ILE A 13 -5.13 -2.64 0.74
N LEU A 14 -4.54 -1.63 1.39
CA LEU A 14 -3.16 -1.25 1.08
C LEU A 14 -2.24 -2.46 1.29
N ALA A 15 -2.54 -3.23 2.35
CA ALA A 15 -1.79 -4.43 2.69
C ALA A 15 -1.89 -5.46 1.57
N SER A 16 -3.07 -5.56 0.96
CA SER A 16 -3.31 -6.51 -0.13
C SER A 16 -2.34 -6.23 -1.29
N ILE A 17 -2.16 -4.94 -1.61
CA ILE A 17 -1.27 -4.55 -2.70
C ILE A 17 0.14 -5.05 -2.38
N ARG A 18 0.57 -4.86 -1.12
CA ARG A 18 1.90 -5.31 -0.70
C ARG A 18 2.15 -6.75 -1.14
N ARG A 19 3.42 -7.12 -1.30
CA ARG A 19 3.78 -8.47 -1.73
C ARG A 19 5.12 -8.88 -1.11
N ILE A 20 5.42 -10.19 -1.15
CA ILE A 20 6.66 -10.71 -0.57
C ILE A 20 7.43 -11.56 -1.59
N ILE A 21 8.76 -11.45 -1.54
CA ILE A 21 9.63 -12.20 -2.44
C ILE A 21 9.72 -13.65 -1.95
N SER A 22 9.64 -14.59 -2.91
CA SER A 22 9.72 -16.02 -2.59
C SER A 22 11.02 -16.62 -3.12
N GLU A 23 11.84 -17.13 -2.20
CA GLU A 23 13.13 -17.73 -2.56
C GLU A 23 12.91 -18.95 -3.45
N ASP A 24 11.91 -19.77 -3.10
CA ASP A 24 11.62 -20.99 -3.86
C ASP A 24 10.11 -21.20 -3.96
N ASP A 25 9.59 -21.17 -5.18
CA ASP A 25 8.16 -21.38 -5.38
C ASP A 25 7.88 -22.86 -5.66
N ALA A 26 8.80 -23.52 -6.37
CA ALA A 26 8.67 -24.93 -6.70
C ALA A 26 8.87 -25.81 -5.45
N PRO A 27 8.32 -27.02 -5.40
CA PRO A 27 8.47 -27.93 -4.21
C PRO A 27 9.94 -28.22 -3.91
N ALA A 28 10.27 -28.31 -2.62
CA ALA A 28 11.63 -28.59 -2.19
C ALA A 28 12.08 -29.96 -2.69
N GLU A 29 13.37 -30.07 -3.02
CA GLU A 29 13.93 -31.33 -3.50
C GLU A 29 15.29 -31.55 -2.82
N PRO A 30 15.35 -31.56 -1.49
CA PRO A 30 16.62 -31.75 -0.75
C PRO A 30 17.09 -33.21 -0.76
N ALA A 31 18.40 -33.41 -0.58
CA ALA A 31 18.96 -34.76 -0.56
C ALA A 31 18.85 -35.34 0.83
N ALA A 32 19.26 -34.56 1.81
CA ALA A 32 19.22 -34.99 3.20
C ALA A 32 19.36 -33.80 4.15
N GLU A 33 18.57 -33.81 5.21
CA GLU A 33 18.59 -32.72 6.19
C GLU A 33 18.11 -33.22 7.56
N ALA A 34 18.67 -32.63 8.62
CA ALA A 34 18.28 -32.99 9.98
C ALA A 34 17.91 -31.74 10.76
N ALA A 35 16.65 -31.70 11.21
CA ALA A 35 16.15 -30.54 11.94
C ALA A 35 14.79 -30.87 12.61
N PRO A 36 14.30 -30.03 13.52
CA PRO A 36 12.98 -30.28 14.20
C PRO A 36 11.80 -30.10 13.22
N PRO A 37 10.62 -30.64 13.51
CA PRO A 37 9.43 -30.52 12.60
C PRO A 37 8.95 -29.06 12.49
N PRO A 38 8.41 -28.64 11.33
CA PRO A 38 7.93 -27.23 11.15
C PRO A 38 6.62 -26.95 11.92
N PRO A 39 6.37 -25.71 12.37
CA PRO A 39 5.12 -25.38 13.11
C PRO A 39 3.86 -25.62 12.25
N PRO A 40 2.71 -25.97 12.85
CA PRO A 40 1.45 -26.22 12.07
C PRO A 40 0.92 -24.96 11.37
N GLU A 41 1.38 -23.80 11.83
CA GLU A 41 0.96 -22.51 11.25
C GLU A 41 2.19 -21.71 10.74
N PRO A 42 2.86 -22.16 9.68
CA PRO A 42 4.05 -21.46 9.12
C PRO A 42 3.68 -20.13 8.45
N GLU A 43 4.65 -19.22 8.41
CA GLU A 43 4.45 -17.91 7.78
C GLU A 43 5.59 -17.60 6.80
N PRO A 44 5.38 -16.74 5.80
CA PRO A 44 6.44 -16.40 4.80
C PRO A 44 7.71 -15.88 5.47
N GLU A 45 8.86 -16.29 4.92
CA GLU A 45 10.15 -15.88 5.47
C GLU A 45 10.43 -14.40 5.18
N PRO A 46 11.21 -13.70 6.01
CA PRO A 46 11.51 -12.25 5.80
C PRO A 46 12.48 -12.04 4.63
N VAL A 47 12.52 -10.80 4.11
CA VAL A 47 13.39 -10.47 2.99
C VAL A 47 14.27 -9.27 3.35
N SER A 48 15.40 -9.14 2.63
CA SER A 48 16.33 -8.04 2.88
C SER A 48 15.67 -6.69 2.63
N PHE A 49 14.93 -6.59 1.53
CA PHE A 49 14.24 -5.35 1.17
C PHE A 49 12.73 -5.55 1.15
N ASP A 50 12.02 -4.70 1.91
CA ASP A 50 10.56 -4.76 1.98
C ASP A 50 9.94 -3.55 1.29
N ASP A 51 9.92 -3.60 -0.05
CA ASP A 51 9.37 -2.50 -0.84
C ASP A 51 9.17 -2.93 -2.30
N GLU A 52 8.50 -2.09 -3.08
CA GLU A 52 8.25 -2.37 -4.49
C GLU A 52 8.14 -1.04 -5.22
N VAL A 53 9.19 -0.65 -5.93
CA VAL A 53 9.19 0.62 -6.66
C VAL A 53 8.98 0.36 -8.15
N LEU A 54 7.82 -0.24 -8.48
CA LEU A 54 7.48 -0.58 -9.86
C LEU A 54 8.53 -1.53 -10.44
N GLU A 55 8.52 -2.76 -9.93
CA GLU A 55 9.46 -3.79 -10.38
C GLU A 55 8.74 -4.85 -11.21
N LEU A 56 7.83 -4.40 -12.08
CA LEU A 56 7.08 -5.31 -12.94
C LEU A 56 8.01 -6.00 -13.95
N THR A 57 7.81 -7.30 -14.13
CA THR A 57 8.63 -8.09 -15.06
C THR A 57 7.80 -8.70 -16.20
N ASP A 58 6.57 -8.19 -16.38
CA ASP A 58 5.69 -8.69 -17.43
C ASP A 58 6.23 -8.25 -18.81
N PRO A 59 6.27 -9.14 -19.82
CA PRO A 59 6.80 -8.77 -21.16
C PRO A 59 5.91 -7.78 -21.92
N ILE A 60 4.62 -7.74 -21.55
CA ILE A 60 3.67 -6.84 -22.20
C ILE A 60 2.69 -6.24 -21.18
N ALA A 61 2.35 -4.96 -21.39
CA ALA A 61 1.43 -4.26 -20.50
C ALA A 61 0.32 -3.57 -21.34
N PRO A 62 -0.67 -4.32 -21.84
CA PRO A 62 -1.77 -3.73 -22.69
C PRO A 62 -2.53 -2.62 -21.98
N GLU A 63 -2.92 -1.60 -22.74
CA GLU A 63 -3.67 -0.47 -22.20
C GLU A 63 -4.85 -0.11 -23.13
N PRO A 64 -5.90 0.53 -22.63
CA PRO A 64 -7.08 0.89 -23.48
C PRO A 64 -6.76 2.01 -24.48
N GLU A 65 -7.36 1.89 -25.67
CA GLU A 65 -7.13 2.87 -26.73
C GLU A 65 -7.62 4.25 -26.29
N LEU A 66 -8.77 4.29 -25.63
CA LEU A 66 -9.35 5.55 -25.15
C LEU A 66 -8.85 5.85 -23.72
N PRO A 67 -8.82 7.12 -23.30
CA PRO A 67 -8.35 7.49 -21.92
C PRO A 67 -9.17 6.76 -20.83
N PRO A 68 -8.56 6.31 -19.73
CA PRO A 68 -9.30 5.57 -18.66
C PRO A 68 -10.17 6.51 -17.80
N LEU A 69 -11.47 6.26 -17.81
CA LEU A 69 -12.42 7.06 -17.03
C LEU A 69 -12.15 6.90 -15.53
N GLU A 70 -11.78 5.69 -15.13
CA GLU A 70 -11.49 5.37 -13.73
C GLU A 70 -10.54 6.42 -13.14
N THR A 71 -10.59 6.57 -11.82
CA THR A 71 -9.73 7.52 -11.11
C THR A 71 -8.48 6.80 -10.62
N VAL A 72 -7.31 7.34 -10.96
CA VAL A 72 -6.04 6.74 -10.55
C VAL A 72 -6.03 6.43 -9.05
N GLY A 73 -5.39 5.31 -8.70
CA GLY A 73 -5.32 4.89 -7.30
C GLY A 73 -4.51 5.88 -6.49
N ASP A 74 -4.95 6.11 -5.24
CA ASP A 74 -4.27 7.05 -4.35
C ASP A 74 -4.69 6.79 -2.91
N ILE A 75 -3.90 7.34 -1.97
CA ILE A 75 -4.18 7.18 -0.55
C ILE A 75 -4.66 8.51 0.06
N ASP A 76 -4.15 9.63 -0.46
CA ASP A 76 -4.54 10.96 0.04
C ASP A 76 -4.47 12.00 -1.08
N VAL A 77 -5.57 12.13 -1.82
CA VAL A 77 -5.63 13.10 -2.92
C VAL A 77 -7.04 13.71 -3.05
N TYR A 78 -7.07 15.01 -3.31
CA TYR A 78 -8.34 15.75 -3.48
C TYR A 78 -8.39 16.39 -4.87
N SER A 79 -9.54 16.25 -5.52
CA SER A 79 -9.71 16.82 -6.87
C SER A 79 -11.04 17.59 -6.98
N PRO A 80 -11.14 18.58 -7.87
CA PRO A 80 -12.40 19.38 -8.05
C PRO A 80 -13.49 18.58 -8.79
N PRO A 81 -14.75 19.01 -8.76
CA PRO A 81 -15.87 18.29 -9.45
C PRO A 81 -15.73 18.36 -10.97
N GLU A 82 -16.32 17.38 -11.66
CA GLU A 82 -16.28 17.33 -13.12
C GLU A 82 -17.66 17.00 -13.69
N PRO A 83 -18.54 17.98 -13.87
CA PRO A 83 -19.91 17.74 -14.43
C PRO A 83 -19.88 17.39 -15.92
N GLU A 84 -20.83 16.57 -16.34
CA GLU A 84 -20.92 16.17 -17.75
C GLU A 84 -21.58 17.27 -18.57
N SER A 85 -22.66 17.84 -18.01
CA SER A 85 -23.40 18.92 -18.65
C SER A 85 -24.44 19.48 -17.68
N GLU A 86 -24.90 20.70 -17.94
CA GLU A 86 -25.91 21.32 -17.08
C GLU A 86 -27.02 21.99 -17.93
N PRO A 87 -27.77 21.22 -18.72
CA PRO A 87 -28.88 21.77 -19.56
C PRO A 87 -30.14 22.08 -18.75
N ALA A 88 -30.96 23.00 -19.27
CA ALA A 88 -32.20 23.39 -18.60
C ALA A 88 -33.16 22.20 -18.49
N TYR A 89 -33.21 21.38 -19.53
CA TYR A 89 -34.10 20.22 -19.57
C TYR A 89 -33.80 19.25 -18.43
N THR A 90 -32.52 19.06 -18.12
CA THR A 90 -32.13 18.15 -17.05
C THR A 90 -32.40 18.81 -15.68
N PRO A 91 -32.76 18.06 -14.64
CA PRO A 91 -33.05 18.64 -13.28
C PRO A 91 -31.87 19.45 -12.72
N PRO A 92 -32.12 20.41 -11.83
CA PRO A 92 -31.02 21.26 -11.24
C PRO A 92 -29.84 20.40 -10.73
N PRO A 93 -28.72 21.02 -10.35
CA PRO A 93 -27.52 20.25 -9.87
C PRO A 93 -27.88 19.22 -8.79
N ALA A 94 -27.32 18.02 -8.94
CA ALA A 94 -27.55 16.93 -8.00
C ALA A 94 -26.98 17.25 -6.63
N ALA A 95 -25.92 18.05 -6.59
CA ALA A 95 -25.31 18.45 -5.32
C ALA A 95 -25.00 17.20 -4.44
N PRO A 96 -24.29 16.20 -4.96
CA PRO A 96 -23.95 14.96 -4.17
C PRO A 96 -22.92 15.25 -3.08
N VAL A 97 -22.10 16.28 -3.31
CA VAL A 97 -21.06 16.65 -2.34
C VAL A 97 -20.81 18.17 -2.39
N PHE A 98 -20.69 18.77 -1.20
CA PHE A 98 -20.43 20.21 -1.10
C PHE A 98 -19.76 20.52 0.24
N ASP A 99 -18.44 20.33 0.29
CA ASP A 99 -17.66 20.58 1.51
C ASP A 99 -18.19 19.71 2.65
N ARG A 100 -17.42 19.63 3.74
CA ARG A 100 -17.83 18.82 4.89
C ARG A 100 -18.15 17.39 4.44
N ASP A 101 -17.24 16.81 3.66
CA ASP A 101 -17.42 15.46 3.15
C ASP A 101 -16.11 14.69 3.23
N GLU A 102 -16.00 13.79 4.22
CA GLU A 102 -14.79 13.00 4.40
C GLU A 102 -14.63 11.97 3.28
N VAL A 103 -13.43 11.93 2.70
CA VAL A 103 -13.12 10.99 1.62
C VAL A 103 -12.78 9.61 2.18
N ALA A 104 -12.62 8.65 1.27
CA ALA A 104 -12.28 7.28 1.66
C ALA A 104 -11.38 6.64 0.61
N GLU A 105 -10.55 5.69 1.05
CA GLU A 105 -9.60 5.01 0.16
C GLU A 105 -10.30 4.52 -1.12
N GLN A 106 -9.75 4.92 -2.25
CA GLN A 106 -10.28 4.52 -3.55
C GLN A 106 -10.03 3.04 -3.80
N LEU A 107 -8.84 2.57 -3.40
CA LEU A 107 -8.47 1.16 -3.59
C LEU A 107 -9.50 0.24 -2.96
N VAL A 108 -10.00 -0.72 -3.75
CA VAL A 108 -10.99 -1.69 -3.27
C VAL A 108 -11.99 -1.06 -2.28
N GLY A 109 -13.07 -0.49 -2.81
CA GLY A 109 -14.10 0.14 -1.99
C GLY A 109 -15.07 0.95 -2.83
N VAL A 110 -16.02 1.61 -2.16
CA VAL A 110 -17.02 2.44 -2.84
C VAL A 110 -17.75 1.60 -3.92
N SER A 111 -18.78 0.89 -3.50
CA SER A 111 -19.56 0.05 -4.42
C SER A 111 -20.26 0.92 -5.46
N ALA A 112 -20.30 0.43 -6.70
CA ALA A 112 -20.95 1.15 -7.80
C ALA A 112 -21.40 0.18 -8.88
N ALA A 113 -22.48 0.53 -9.57
CA ALA A 113 -23.01 -0.31 -10.65
C ALA A 113 -23.77 0.53 -11.66
N SER A 114 -23.79 0.06 -12.92
CA SER A 114 -24.48 0.75 -14.01
C SER A 114 -23.91 2.14 -14.24
N ALA A 115 -23.86 2.54 -15.51
CA ALA A 115 -23.35 3.85 -15.89
C ALA A 115 -23.95 4.27 -17.23
N ALA A 116 -24.08 5.59 -17.43
CA ALA A 116 -24.65 6.10 -18.68
C ALA A 116 -23.98 7.41 -19.10
N ALA A 117 -22.82 7.72 -18.50
CA ALA A 117 -22.09 8.95 -18.82
C ALA A 117 -20.75 8.63 -19.52
N SER A 118 -20.73 7.53 -20.26
CA SER A 118 -19.53 7.12 -20.99
C SER A 118 -19.93 6.60 -22.35
N ALA A 119 -19.20 7.00 -23.38
CA ALA A 119 -19.50 6.55 -24.72
C ALA A 119 -19.29 5.04 -24.84
N PHE A 120 -18.21 4.55 -24.22
CA PHE A 120 -17.88 3.13 -24.24
C PHE A 120 -17.58 2.64 -22.82
N GLY A 121 -17.99 1.40 -22.54
CA GLY A 121 -17.76 0.81 -21.22
C GLY A 121 -16.35 0.26 -21.10
N SER A 122 -15.94 -0.05 -19.88
CA SER A 122 -14.60 -0.59 -19.62
C SER A 122 -14.69 -1.84 -18.75
N LEU A 123 -13.78 -2.80 -18.98
CA LEU A 123 -13.77 -4.04 -18.21
C LEU A 123 -12.33 -4.42 -17.83
N SER A 124 -11.74 -3.62 -16.93
CA SER A 124 -10.40 -3.86 -16.46
C SER A 124 -10.30 -3.42 -15.01
N SER A 125 -9.64 -4.22 -14.19
CA SER A 125 -9.49 -3.89 -12.78
C SER A 125 -8.04 -3.55 -12.42
N ALA A 126 -7.10 -4.10 -13.20
CA ALA A 126 -5.69 -3.83 -12.97
C ALA A 126 -5.38 -2.36 -13.25
N LEU A 127 -5.87 -1.90 -14.40
CA LEU A 127 -5.70 -0.52 -14.88
C LEU A 127 -4.49 0.20 -14.29
N LEU A 128 -3.37 0.14 -15.01
CA LEU A 128 -2.13 0.77 -14.58
C LEU A 128 -1.60 1.73 -15.62
N MET A 129 -1.25 2.95 -15.20
CA MET A 129 -0.73 3.96 -16.10
C MET A 129 0.27 4.88 -15.36
N PRO A 130 1.42 4.36 -14.93
CA PRO A 130 2.45 5.19 -14.21
C PRO A 130 3.19 6.16 -15.13
N LYS A 131 3.60 7.30 -14.58
CA LYS A 131 4.32 8.30 -15.36
C LYS A 131 5.41 8.94 -14.50
N ASP A 132 6.63 8.38 -14.59
CA ASP A 132 7.77 8.89 -13.83
C ASP A 132 7.44 8.93 -12.33
N GLY A 133 8.42 9.31 -11.52
CA GLY A 133 8.20 9.43 -10.08
C GLY A 133 7.24 10.57 -9.77
N LEU A 134 7.48 11.71 -10.43
CA LEU A 134 6.65 12.90 -10.25
C LEU A 134 6.23 13.48 -11.59
N GLU A 135 5.16 14.27 -11.57
CA GLU A 135 4.64 14.90 -12.78
C GLU A 135 5.68 15.83 -13.39
N HIS A 136 6.41 16.55 -12.53
CA HIS A 136 7.44 17.49 -12.99
C HIS A 136 6.83 18.57 -13.90
N HIS A 137 5.62 19.01 -13.53
CA HIS A 137 4.93 20.04 -14.31
C HIS A 137 5.73 21.35 -14.29
N HIS A 138 5.77 22.02 -15.44
CA HIS A 138 6.51 23.28 -15.56
C HIS A 138 5.55 24.47 -15.57
N HIS A 139 5.99 25.57 -14.98
CA HIS A 139 5.17 26.79 -14.91
C HIS A 139 5.93 27.97 -15.51
N HIS A 140 5.21 28.78 -16.30
CA HIS A 140 5.81 29.95 -16.95
C HIS A 140 4.73 30.97 -17.31
N HIS A 141 5.17 32.20 -17.60
CA HIS A 141 4.26 33.28 -17.97
C HIS A 141 4.12 33.37 -19.48
N MET A 1 -10.48 -8.70 3.98
CA MET A 1 -9.36 -9.67 3.77
C MET A 1 -9.66 -10.96 4.54
N SER A 2 -10.92 -11.38 4.51
CA SER A 2 -11.35 -12.61 5.19
C SER A 2 -12.28 -13.43 4.29
N ASP A 3 -12.13 -14.77 4.37
CA ASP A 3 -12.94 -15.67 3.56
C ASP A 3 -14.43 -15.61 3.89
N GLN A 4 -14.76 -15.50 5.19
CA GLN A 4 -16.16 -15.44 5.62
C GLN A 4 -16.49 -14.08 6.25
N SER A 5 -15.79 -13.75 7.33
CA SER A 5 -16.03 -12.51 8.06
C SER A 5 -16.07 -11.31 7.13
N GLN A 6 -15.23 -11.33 6.08
CA GLN A 6 -15.19 -10.23 5.12
C GLN A 6 -14.80 -8.93 5.82
N GLU A 7 -13.51 -8.60 5.73
CA GLU A 7 -12.98 -7.39 6.35
C GLU A 7 -12.15 -6.57 5.34
N PRO A 8 -12.78 -5.92 4.37
CA PRO A 8 -12.05 -5.09 3.35
C PRO A 8 -11.80 -3.67 3.86
N THR A 9 -10.96 -3.57 4.90
CA THR A 9 -10.64 -2.27 5.49
C THR A 9 -9.57 -1.56 4.68
N MET A 10 -9.51 -0.24 4.85
CA MET A 10 -8.58 0.60 4.12
C MET A 10 -7.12 0.17 4.36
N GLU A 11 -6.78 -0.14 5.61
CA GLU A 11 -5.42 -0.59 5.91
C GLU A 11 -5.13 -1.91 5.22
N GLU A 12 -6.05 -2.87 5.42
CA GLU A 12 -5.88 -4.21 4.86
C GLU A 12 -5.72 -4.14 3.35
N ILE A 13 -6.60 -3.42 2.66
CA ILE A 13 -6.53 -3.31 1.20
C ILE A 13 -5.16 -2.72 0.80
N LEU A 14 -4.73 -1.68 1.51
CA LEU A 14 -3.44 -1.05 1.23
C LEU A 14 -2.32 -2.10 1.35
N ALA A 15 -2.39 -2.90 2.41
CA ALA A 15 -1.40 -3.94 2.66
C ALA A 15 -1.41 -4.97 1.52
N SER A 16 -2.62 -5.31 1.06
CA SER A 16 -2.77 -6.29 -0.01
C SER A 16 -2.09 -5.82 -1.29
N ILE A 17 -2.35 -4.57 -1.68
CA ILE A 17 -1.77 -4.01 -2.90
C ILE A 17 -0.26 -3.77 -2.76
N ARG A 18 0.21 -3.64 -1.51
CA ARG A 18 1.64 -3.41 -1.26
C ARG A 18 2.37 -4.75 -1.09
N ARG A 19 2.04 -5.70 -1.97
CA ARG A 19 2.65 -7.02 -1.95
C ARG A 19 2.91 -7.50 -3.38
N ILE A 20 4.04 -8.19 -3.57
CA ILE A 20 4.43 -8.70 -4.90
C ILE A 20 4.78 -7.53 -5.82
N ILE A 21 6.00 -7.54 -6.35
CA ILE A 21 6.46 -6.49 -7.25
C ILE A 21 7.28 -7.09 -8.39
N SER A 22 7.28 -6.42 -9.54
CA SER A 22 8.02 -6.89 -10.70
C SER A 22 8.47 -5.71 -11.58
N GLU A 23 9.48 -5.97 -12.42
CA GLU A 23 10.01 -4.95 -13.31
C GLU A 23 10.60 -5.61 -14.56
N ASP A 24 10.33 -5.02 -15.73
CA ASP A 24 10.82 -5.54 -16.99
C ASP A 24 10.37 -7.00 -17.17
N ASP A 25 9.29 -7.19 -17.90
CA ASP A 25 8.77 -8.54 -18.12
C ASP A 25 9.20 -9.07 -19.49
N ALA A 26 9.16 -8.18 -20.50
CA ALA A 26 9.54 -8.54 -21.86
C ALA A 26 11.06 -8.37 -22.07
N PRO A 27 11.83 -9.42 -22.35
CA PRO A 27 13.31 -9.28 -22.57
C PRO A 27 13.63 -8.50 -23.86
N ALA A 28 12.68 -8.51 -24.80
CA ALA A 28 12.85 -7.82 -26.07
C ALA A 28 12.80 -6.31 -25.88
N GLU A 29 13.37 -5.57 -26.84
CA GLU A 29 13.39 -4.11 -26.79
C GLU A 29 13.22 -3.57 -28.22
N PRO A 30 12.08 -3.80 -28.86
CA PRO A 30 11.84 -3.33 -30.26
C PRO A 30 12.01 -1.83 -30.41
N ALA A 31 11.73 -1.09 -29.33
CA ALA A 31 11.84 0.36 -29.33
C ALA A 31 12.92 0.80 -28.36
N ALA A 32 13.69 1.82 -28.74
CA ALA A 32 14.77 2.32 -27.91
C ALA A 32 14.94 3.82 -28.12
N GLU A 33 15.64 4.46 -27.18
CA GLU A 33 15.89 5.91 -27.27
C GLU A 33 17.38 6.21 -27.15
N ALA A 34 18.05 6.29 -28.30
CA ALA A 34 19.48 6.59 -28.34
C ALA A 34 19.89 6.87 -29.77
N ALA A 35 20.89 7.74 -29.96
CA ALA A 35 21.34 8.09 -31.31
C ALA A 35 22.76 8.68 -31.29
N PRO A 36 23.50 8.64 -32.42
CA PRO A 36 24.88 9.20 -32.50
C PRO A 36 24.90 10.71 -32.19
N PRO A 37 26.00 11.26 -31.68
CA PRO A 37 26.07 12.73 -31.36
C PRO A 37 26.01 13.60 -32.62
N PRO A 38 25.50 14.83 -32.54
CA PRO A 38 25.38 15.74 -33.73
C PRO A 38 26.75 16.25 -34.22
N PRO A 39 26.89 16.59 -35.51
CA PRO A 39 28.19 17.09 -36.06
C PRO A 39 28.67 18.36 -35.33
N PRO A 40 29.99 18.58 -35.17
CA PRO A 40 30.51 19.81 -34.48
C PRO A 40 30.31 21.08 -35.29
N GLU A 41 30.19 22.20 -34.59
CA GLU A 41 29.99 23.50 -35.24
C GLU A 41 31.00 24.53 -34.71
N PRO A 42 32.27 24.48 -35.15
CA PRO A 42 33.32 25.44 -34.67
C PRO A 42 33.01 26.89 -35.05
N GLU A 43 32.23 27.07 -36.12
CA GLU A 43 31.86 28.41 -36.58
C GLU A 43 31.05 29.14 -35.49
N PRO A 44 31.35 30.39 -35.16
CA PRO A 44 30.59 31.14 -34.10
C PRO A 44 29.16 31.49 -34.55
N GLU A 45 28.25 31.53 -33.59
CA GLU A 45 26.85 31.85 -33.87
C GLU A 45 26.68 33.35 -34.15
N PRO A 46 25.62 33.77 -34.85
CA PRO A 46 25.38 35.22 -35.16
C PRO A 46 24.96 35.99 -33.91
N VAL A 47 25.24 37.30 -33.92
CA VAL A 47 24.88 38.16 -32.78
C VAL A 47 24.27 39.48 -33.28
N SER A 48 23.16 39.88 -32.64
CA SER A 48 22.47 41.11 -33.00
C SER A 48 23.32 42.32 -32.64
N PHE A 49 23.30 43.34 -33.51
CA PHE A 49 24.06 44.56 -33.26
C PHE A 49 23.54 45.28 -32.02
N ASP A 50 22.21 45.34 -31.90
CA ASP A 50 21.57 45.97 -30.75
C ASP A 50 21.26 44.93 -29.67
N ASP A 51 20.65 45.37 -28.58
CA ASP A 51 20.30 44.47 -27.49
C ASP A 51 21.52 43.67 -27.02
N GLU A 52 22.55 44.38 -26.56
CA GLU A 52 23.77 43.76 -26.08
C GLU A 52 24.16 44.41 -24.77
N VAL A 53 24.17 43.62 -23.71
CA VAL A 53 24.51 44.14 -22.39
C VAL A 53 25.59 43.27 -21.74
N LEU A 54 26.26 43.81 -20.73
CA LEU A 54 27.32 43.06 -20.03
C LEU A 54 26.75 42.41 -18.78
N GLU A 55 26.96 41.09 -18.67
CA GLU A 55 26.46 40.33 -17.52
C GLU A 55 27.51 39.33 -17.06
N LEU A 56 28.02 39.54 -15.85
CA LEU A 56 29.04 38.66 -15.28
C LEU A 56 28.65 38.24 -13.87
N THR A 57 28.86 36.96 -13.56
CA THR A 57 28.53 36.41 -12.25
C THR A 57 29.45 35.25 -11.88
N ASP A 58 29.58 34.99 -10.58
CA ASP A 58 30.41 33.91 -10.08
C ASP A 58 29.71 32.57 -10.33
N PRO A 59 30.44 31.46 -10.38
CA PRO A 59 29.81 30.12 -10.63
C PRO A 59 28.76 29.78 -9.58
N ILE A 60 27.70 29.09 -10.02
CA ILE A 60 26.60 28.70 -9.13
C ILE A 60 26.58 27.17 -9.01
N ALA A 61 26.59 26.70 -7.75
CA ALA A 61 26.56 25.26 -7.48
C ALA A 61 25.39 24.90 -6.55
N PRO A 62 24.84 23.69 -6.64
CA PRO A 62 23.69 23.26 -5.77
C PRO A 62 24.11 23.02 -4.33
N GLU A 63 23.14 23.12 -3.42
CA GLU A 63 23.39 22.90 -1.99
C GLU A 63 22.40 21.86 -1.44
N PRO A 64 22.76 21.10 -0.40
CA PRO A 64 21.83 20.07 0.18
C PRO A 64 20.66 20.69 0.94
N GLU A 65 19.49 20.10 0.76
CA GLU A 65 18.28 20.57 1.44
C GLU A 65 17.15 19.56 1.27
N LEU A 66 16.28 19.46 2.27
CA LEU A 66 15.17 18.51 2.23
C LEU A 66 13.86 19.29 1.91
N PRO A 67 13.14 18.98 0.82
CA PRO A 67 11.88 19.72 0.47
C PRO A 67 10.75 19.44 1.47
N PRO A 68 9.80 20.36 1.66
CA PRO A 68 8.67 20.16 2.63
C PRO A 68 7.73 19.05 2.19
N LEU A 69 7.74 17.95 2.94
CA LEU A 69 6.86 16.81 2.65
C LEU A 69 6.44 16.15 3.96
N GLU A 70 5.15 15.80 4.06
CA GLU A 70 4.64 15.17 5.27
C GLU A 70 5.30 13.81 5.51
N THR A 71 5.62 13.11 4.40
CA THR A 71 6.26 11.80 4.47
C THR A 71 5.63 10.90 5.56
N VAL A 72 4.47 10.34 5.25
CA VAL A 72 3.75 9.47 6.20
C VAL A 72 3.33 8.16 5.54
N GLY A 73 3.13 7.14 6.36
CA GLY A 73 2.72 5.82 5.87
C GLY A 73 1.87 5.08 6.90
N ASP A 74 1.04 5.83 7.62
CA ASP A 74 0.17 5.26 8.64
C ASP A 74 -1.23 5.85 8.55
N ILE A 75 -2.16 5.06 8.00
CA ILE A 75 -3.54 5.50 7.87
C ILE A 75 -4.15 5.71 9.26
N ASP A 76 -3.88 4.76 10.17
CA ASP A 76 -4.40 4.81 11.54
C ASP A 76 -5.92 4.62 11.50
N VAL A 77 -6.45 3.86 12.46
CA VAL A 77 -7.90 3.60 12.50
C VAL A 77 -8.60 4.70 13.30
N TYR A 78 -8.26 4.81 14.60
CA TYR A 78 -8.87 5.84 15.45
C TYR A 78 -8.19 5.97 16.82
N SER A 79 -6.99 5.40 16.98
CA SER A 79 -6.30 5.47 18.27
C SER A 79 -4.82 5.04 18.15
N PRO A 80 -4.51 3.80 17.76
CA PRO A 80 -3.09 3.33 17.65
C PRO A 80 -2.31 4.08 16.54
N PRO A 81 -1.25 4.84 16.87
CA PRO A 81 -0.46 5.57 15.82
C PRO A 81 0.36 4.62 14.94
N GLU A 82 0.83 3.53 15.53
CA GLU A 82 1.64 2.56 14.80
C GLU A 82 0.76 1.76 13.80
N PRO A 83 1.31 1.33 12.66
CA PRO A 83 0.53 0.55 11.64
C PRO A 83 0.25 -0.87 12.10
N GLU A 84 -0.82 -1.46 11.57
CA GLU A 84 -1.20 -2.83 11.91
C GLU A 84 -1.25 -3.69 10.65
N SER A 85 -0.47 -4.78 10.66
CA SER A 85 -0.42 -5.68 9.50
C SER A 85 -0.21 -7.12 9.96
N GLU A 86 -0.46 -8.06 9.05
CA GLU A 86 -0.31 -9.49 9.34
C GLU A 86 0.60 -10.18 8.31
N PRO A 87 1.92 -9.95 8.35
CA PRO A 87 2.87 -10.57 7.39
C PRO A 87 2.99 -12.08 7.59
N ALA A 88 3.34 -12.79 6.52
CA ALA A 88 3.48 -14.24 6.58
C ALA A 88 4.39 -14.73 5.46
N TYR A 89 4.94 -15.94 5.63
CA TYR A 89 5.83 -16.53 4.63
C TYR A 89 5.09 -16.77 3.32
N THR A 90 3.83 -17.20 3.43
CA THR A 90 3.00 -17.47 2.26
C THR A 90 1.69 -16.66 2.34
N PRO A 91 1.27 -15.94 1.28
CA PRO A 91 0.01 -15.13 1.33
C PRO A 91 -1.25 -16.01 1.40
N PRO A 92 -2.34 -15.54 2.03
CA PRO A 92 -3.60 -16.35 2.14
C PRO A 92 -4.37 -16.41 0.81
N PRO A 93 -5.25 -17.40 0.61
CA PRO A 93 -6.03 -17.53 -0.66
C PRO A 93 -7.09 -16.43 -0.79
N ALA A 94 -7.47 -16.14 -2.04
CA ALA A 94 -8.47 -15.11 -2.30
C ALA A 94 -9.74 -15.72 -2.84
N ALA A 95 -10.88 -15.29 -2.28
CA ALA A 95 -12.17 -15.80 -2.69
C ALA A 95 -13.24 -14.69 -2.63
N PRO A 96 -13.22 -13.71 -3.54
CA PRO A 96 -14.20 -12.58 -3.54
C PRO A 96 -15.65 -13.09 -3.60
N VAL A 97 -16.51 -12.48 -2.79
CA VAL A 97 -17.93 -12.86 -2.73
C VAL A 97 -18.82 -11.64 -3.01
N PHE A 98 -18.34 -10.45 -2.64
CA PHE A 98 -19.10 -9.22 -2.84
C PHE A 98 -19.37 -8.98 -4.32
N ASP A 99 -20.55 -8.45 -4.62
CA ASP A 99 -20.94 -8.16 -5.99
C ASP A 99 -20.55 -6.73 -6.36
N ARG A 100 -19.24 -6.50 -6.54
CA ARG A 100 -18.71 -5.19 -6.91
C ARG A 100 -19.19 -4.09 -5.93
N ASP A 101 -19.71 -4.49 -4.76
CA ASP A 101 -20.17 -3.52 -3.77
C ASP A 101 -19.00 -2.77 -3.16
N GLU A 102 -18.01 -3.53 -2.67
CA GLU A 102 -16.83 -2.95 -2.05
C GLU A 102 -15.57 -3.20 -2.87
N VAL A 103 -15.27 -2.25 -3.77
CA VAL A 103 -14.08 -2.33 -4.61
C VAL A 103 -13.48 -0.94 -4.81
N ALA A 104 -12.17 -0.88 -5.04
CA ALA A 104 -11.48 0.40 -5.26
C ALA A 104 -11.83 1.40 -4.14
N GLU A 105 -11.42 1.06 -2.90
CA GLU A 105 -11.72 1.91 -1.75
C GLU A 105 -11.16 3.32 -1.96
N GLN A 106 -9.92 3.42 -2.47
CA GLN A 106 -9.28 4.72 -2.71
C GLN A 106 -7.89 4.55 -3.34
N LEU A 107 -7.19 3.49 -2.91
CA LEU A 107 -5.86 3.20 -3.43
C LEU A 107 -5.94 2.64 -4.84
N VAL A 108 -6.85 1.68 -5.01
CA VAL A 108 -7.05 1.01 -6.29
C VAL A 108 -8.38 1.45 -6.91
N GLY A 109 -8.49 1.26 -8.24
CA GLY A 109 -9.70 1.64 -8.96
C GLY A 109 -9.37 2.32 -10.30
N VAL A 110 -8.18 2.05 -10.84
CA VAL A 110 -7.75 2.63 -12.11
C VAL A 110 -7.60 1.52 -13.15
N SER A 111 -8.13 1.75 -14.34
CA SER A 111 -8.05 0.76 -15.42
C SER A 111 -6.59 0.54 -15.83
N ALA A 112 -5.85 1.66 -15.94
CA ALA A 112 -4.44 1.61 -16.32
C ALA A 112 -3.77 2.95 -16.07
N ALA A 113 -2.44 2.94 -15.95
CA ALA A 113 -1.68 4.16 -15.71
C ALA A 113 -0.30 4.07 -16.35
N SER A 114 0.19 5.21 -16.85
CA SER A 114 1.50 5.25 -17.50
C SER A 114 2.05 6.67 -17.51
N ALA A 115 3.35 6.79 -17.76
CA ALA A 115 4.01 8.09 -17.80
C ALA A 115 5.21 8.03 -18.75
N ALA A 116 5.57 9.19 -19.30
CA ALA A 116 6.70 9.25 -20.23
C ALA A 116 7.52 10.54 -20.01
N ALA A 117 7.50 11.05 -18.77
CA ALA A 117 8.22 12.29 -18.43
C ALA A 117 9.68 12.21 -18.87
N SER A 118 10.12 13.23 -19.59
CA SER A 118 11.50 13.29 -20.08
C SER A 118 11.85 14.73 -20.44
N ALA A 119 13.10 15.10 -20.21
CA ALA A 119 13.57 16.44 -20.51
C ALA A 119 14.29 16.47 -21.85
N PHE A 120 14.05 17.52 -22.63
CA PHE A 120 14.70 17.67 -23.94
C PHE A 120 14.63 19.12 -24.44
N GLY A 121 15.53 19.46 -25.36
CA GLY A 121 15.57 20.80 -25.92
C GLY A 121 16.12 20.78 -27.34
N SER A 122 15.78 21.80 -28.12
CA SER A 122 16.26 21.89 -29.51
C SER A 122 16.13 23.31 -30.03
N LEU A 123 17.27 24.00 -30.16
CA LEU A 123 17.28 25.37 -30.66
C LEU A 123 16.77 25.41 -32.10
N SER A 124 17.25 24.48 -32.93
CA SER A 124 16.84 24.41 -34.33
C SER A 124 16.12 23.09 -34.64
N SER A 125 16.37 22.06 -33.83
CA SER A 125 15.78 20.74 -34.02
C SER A 125 16.23 20.17 -35.36
N ALA A 126 17.51 20.41 -35.68
CA ALA A 126 18.08 19.93 -36.92
C ALA A 126 19.15 18.87 -36.66
N LEU A 127 19.10 17.79 -37.43
CA LEU A 127 20.08 16.72 -37.30
C LEU A 127 20.43 16.15 -38.67
N LEU A 128 21.71 15.82 -38.87
CA LEU A 128 22.17 15.26 -40.13
C LEU A 128 22.57 13.80 -39.96
N MET A 129 22.21 12.97 -40.95
CA MET A 129 22.53 11.54 -40.90
C MET A 129 23.68 11.20 -41.86
N PRO A 130 24.50 10.19 -41.57
CA PRO A 130 25.63 9.80 -42.46
C PRO A 130 25.17 8.93 -43.63
N LYS A 131 24.53 9.57 -44.62
CA LYS A 131 24.04 8.87 -45.80
C LYS A 131 25.18 8.21 -46.57
N ASP A 132 26.30 8.93 -46.67
CA ASP A 132 27.47 8.41 -47.38
C ASP A 132 28.73 8.54 -46.53
N GLY A 133 29.35 7.41 -46.22
CA GLY A 133 30.57 7.40 -45.42
C GLY A 133 31.46 6.21 -45.77
N LEU A 134 32.77 6.46 -45.83
CA LEU A 134 33.74 5.42 -46.15
C LEU A 134 35.16 5.98 -46.09
N GLU A 135 35.92 5.59 -45.06
CA GLU A 135 37.29 6.07 -44.89
C GLU A 135 38.10 5.10 -44.03
N HIS A 136 39.42 5.18 -44.15
CA HIS A 136 40.32 4.30 -43.39
C HIS A 136 41.70 4.94 -43.25
N HIS A 137 42.48 4.44 -42.29
CA HIS A 137 43.83 4.95 -42.05
C HIS A 137 44.69 3.87 -41.39
N HIS A 138 45.97 3.81 -41.81
CA HIS A 138 46.91 2.83 -41.27
C HIS A 138 48.23 3.51 -40.93
N HIS A 139 48.90 2.98 -39.89
CA HIS A 139 50.18 3.53 -39.46
C HIS A 139 51.09 2.40 -38.96
N HIS A 140 52.33 2.38 -39.46
CA HIS A 140 53.28 1.35 -39.07
C HIS A 140 53.65 1.51 -37.59
N HIS A 141 53.75 0.37 -36.90
CA HIS A 141 54.09 0.38 -35.47
C HIS A 141 54.85 -0.90 -35.11
N MET A 1 -12.12 -2.33 -1.56
CA MET A 1 -12.87 -3.58 -1.25
C MET A 1 -14.35 -3.22 -1.11
N SER A 2 -15.17 -4.22 -0.75
CA SER A 2 -16.62 -4.01 -0.59
C SER A 2 -16.90 -3.16 0.66
N ASP A 3 -18.13 -2.64 0.73
CA ASP A 3 -18.54 -1.82 1.87
C ASP A 3 -18.88 -2.68 3.08
N GLN A 4 -19.22 -2.02 4.19
CA GLN A 4 -19.56 -2.74 5.43
C GLN A 4 -18.47 -3.74 5.81
N SER A 5 -17.22 -3.42 5.44
CA SER A 5 -16.08 -4.29 5.71
C SER A 5 -15.62 -4.15 7.16
N GLN A 6 -15.73 -5.25 7.92
CA GLN A 6 -15.30 -5.26 9.31
C GLN A 6 -13.80 -5.51 9.40
N GLU A 7 -13.32 -6.48 8.62
CA GLU A 7 -11.90 -6.83 8.60
C GLU A 7 -11.17 -6.16 7.42
N PRO A 8 -11.66 -6.26 6.17
CA PRO A 8 -10.98 -5.62 5.01
C PRO A 8 -11.24 -4.11 4.97
N THR A 9 -10.50 -3.39 5.82
CA THR A 9 -10.63 -1.93 5.92
C THR A 9 -9.66 -1.26 4.95
N MET A 10 -9.69 0.07 4.93
CA MET A 10 -8.84 0.84 4.02
C MET A 10 -7.37 0.50 4.26
N GLU A 11 -6.99 0.34 5.53
CA GLU A 11 -5.61 -0.04 5.86
C GLU A 11 -5.33 -1.41 5.25
N GLU A 12 -6.25 -2.34 5.55
CA GLU A 12 -6.13 -3.73 5.10
C GLU A 12 -5.92 -3.78 3.58
N ILE A 13 -6.72 -3.02 2.83
CA ILE A 13 -6.61 -3.00 1.37
C ILE A 13 -5.19 -2.57 0.96
N LEU A 14 -4.66 -1.52 1.61
CA LEU A 14 -3.31 -1.04 1.29
C LEU A 14 -2.30 -2.16 1.53
N ALA A 15 -2.44 -2.85 2.67
CA ALA A 15 -1.53 -3.93 3.04
C ALA A 15 -1.60 -5.06 2.00
N SER A 16 -2.81 -5.34 1.52
CA SER A 16 -3.02 -6.40 0.53
C SER A 16 -2.22 -6.10 -0.74
N ILE A 17 -2.33 -4.86 -1.22
CA ILE A 17 -1.63 -4.43 -2.42
C ILE A 17 -0.12 -4.53 -2.19
N ARG A 18 0.33 -4.03 -1.03
CA ARG A 18 1.76 -4.05 -0.68
C ARG A 18 2.58 -3.41 -1.81
N ARG A 19 2.49 -2.08 -1.91
CA ARG A 19 3.22 -1.34 -2.94
C ARG A 19 4.41 -0.60 -2.30
N ILE A 20 5.59 -0.75 -2.90
CA ILE A 20 6.79 -0.10 -2.40
C ILE A 20 6.57 1.41 -2.29
N ILE A 21 7.13 2.00 -1.22
CA ILE A 21 6.99 3.44 -0.98
C ILE A 21 8.37 4.08 -0.85
N SER A 22 8.56 5.20 -1.55
CA SER A 22 9.84 5.92 -1.50
C SER A 22 9.64 7.28 -0.84
N GLU A 23 10.25 7.46 0.33
CA GLU A 23 10.13 8.71 1.08
C GLU A 23 11.50 9.12 1.63
N ASP A 24 11.79 10.42 1.56
CA ASP A 24 13.05 10.95 2.07
C ASP A 24 12.90 11.48 3.50
N ASP A 25 11.71 11.95 3.83
CA ASP A 25 11.43 12.49 5.16
C ASP A 25 10.78 11.45 6.09
N ALA A 26 11.00 10.17 5.80
CA ALA A 26 10.45 9.09 6.60
C ALA A 26 11.28 8.90 7.89
N PRO A 27 10.71 9.09 9.09
CA PRO A 27 11.48 8.92 10.37
C PRO A 27 11.72 7.45 10.75
N ALA A 28 11.00 6.54 10.10
CA ALA A 28 11.12 5.12 10.39
C ALA A 28 12.53 4.61 10.14
N GLU A 29 13.16 5.07 9.05
CA GLU A 29 14.51 4.65 8.70
C GLU A 29 15.11 5.64 7.68
N PRO A 30 15.25 6.91 8.04
CA PRO A 30 15.80 7.93 7.09
C PRO A 30 17.24 7.62 6.66
N ALA A 31 17.98 6.92 7.52
CA ALA A 31 19.36 6.56 7.21
C ALA A 31 19.41 5.17 6.60
N ALA A 32 18.90 4.19 7.35
CA ALA A 32 18.87 2.80 6.88
C ALA A 32 20.23 2.33 6.36
N GLU A 33 21.30 3.03 6.76
CA GLU A 33 22.66 2.69 6.33
C GLU A 33 23.67 3.62 7.01
N ALA A 34 24.96 3.36 6.77
CA ALA A 34 26.03 4.16 7.34
C ALA A 34 27.28 4.04 6.49
N ALA A 35 28.07 5.11 6.45
CA ALA A 35 29.30 5.14 5.67
C ALA A 35 30.51 5.47 6.57
N PRO A 36 31.15 4.47 7.19
CA PRO A 36 32.34 4.69 8.08
C PRO A 36 33.50 5.38 7.33
N PRO A 37 34.33 6.17 8.00
CA PRO A 37 35.49 6.87 7.34
C PRO A 37 36.43 5.89 6.63
N PRO A 38 37.12 6.29 5.56
CA PRO A 38 38.05 5.37 4.83
C PRO A 38 39.13 4.77 5.75
N PRO A 39 39.63 3.55 5.48
CA PRO A 39 40.66 2.89 6.34
C PRO A 39 42.02 3.60 6.24
N PRO A 40 42.87 3.51 7.27
CA PRO A 40 44.21 4.19 7.26
C PRO A 40 45.06 3.77 6.05
N GLU A 41 45.77 4.74 5.47
CA GLU A 41 46.62 4.48 4.32
C GLU A 41 48.01 5.17 4.51
N PRO A 42 48.78 4.77 5.53
CA PRO A 42 50.12 5.38 5.80
C PRO A 42 51.15 4.98 4.74
N GLU A 43 52.11 5.87 4.50
CA GLU A 43 53.18 5.64 3.52
C GLU A 43 52.59 5.46 2.10
N PRO A 44 53.33 5.77 1.04
CA PRO A 44 52.83 5.62 -0.37
C PRO A 44 52.43 4.19 -0.68
N GLU A 45 51.41 4.04 -1.53
CA GLU A 45 50.91 2.71 -1.92
C GLU A 45 50.83 2.61 -3.46
N PRO A 46 51.97 2.58 -4.16
CA PRO A 46 51.99 2.48 -5.66
C PRO A 46 51.53 1.11 -6.18
N VAL A 47 51.51 0.11 -5.30
CA VAL A 47 51.09 -1.24 -5.67
C VAL A 47 50.01 -1.75 -4.72
N SER A 48 49.12 -2.61 -5.25
CA SER A 48 48.02 -3.18 -4.47
C SER A 48 47.09 -2.08 -3.93
N PHE A 49 46.97 -0.99 -4.70
CA PHE A 49 46.11 0.13 -4.30
C PHE A 49 44.67 -0.36 -4.17
N ASP A 50 44.21 -1.11 -5.18
CA ASP A 50 42.84 -1.63 -5.18
C ASP A 50 42.57 -2.47 -3.94
N ASP A 51 41.33 -2.38 -3.45
CA ASP A 51 40.92 -3.12 -2.25
C ASP A 51 39.41 -3.37 -2.27
N GLU A 52 38.99 -4.37 -1.49
CA GLU A 52 37.58 -4.72 -1.39
C GLU A 52 37.35 -5.34 -0.03
N VAL A 53 36.32 -4.85 0.67
CA VAL A 53 36.02 -5.35 2.00
C VAL A 53 34.56 -5.78 2.11
N LEU A 54 34.25 -6.55 3.16
CA LEU A 54 32.89 -7.02 3.40
C LEU A 54 32.37 -6.42 4.71
N GLU A 55 31.05 -6.48 4.92
CA GLU A 55 30.45 -5.92 6.13
C GLU A 55 29.24 -6.74 6.57
N LEU A 56 29.06 -6.85 7.89
CA LEU A 56 27.95 -7.59 8.47
C LEU A 56 27.62 -7.05 9.85
N THR A 57 26.35 -6.70 10.08
CA THR A 57 25.92 -6.17 11.38
C THR A 57 24.68 -6.90 11.89
N ASP A 58 24.48 -6.84 13.20
CA ASP A 58 23.32 -7.48 13.83
C ASP A 58 22.15 -6.48 13.91
N PRO A 59 20.96 -6.78 13.36
CA PRO A 59 19.79 -5.84 13.41
C PRO A 59 19.25 -5.67 14.83
N ILE A 60 18.76 -4.45 15.11
CA ILE A 60 18.21 -4.14 16.44
C ILE A 60 16.75 -3.68 16.30
N ALA A 61 15.88 -4.25 17.13
CA ALA A 61 14.46 -3.90 17.11
C ALA A 61 13.89 -3.91 15.67
N PRO A 62 13.93 -5.06 14.98
CA PRO A 62 13.41 -5.15 13.58
C PRO A 62 11.89 -5.02 13.51
N GLU A 63 11.40 -4.41 12.44
CA GLU A 63 9.97 -4.22 12.24
C GLU A 63 9.29 -5.54 11.87
N PRO A 64 8.00 -5.72 12.16
CA PRO A 64 7.27 -6.98 11.82
C PRO A 64 7.09 -7.14 10.31
N GLU A 65 7.00 -8.38 9.84
CA GLU A 65 6.84 -8.66 8.42
C GLU A 65 5.55 -8.03 7.90
N LEU A 66 4.46 -8.20 8.64
CA LEU A 66 3.16 -7.65 8.26
C LEU A 66 2.20 -7.61 9.47
N PRO A 67 1.41 -6.55 9.67
CA PRO A 67 0.44 -6.49 10.81
C PRO A 67 -0.57 -7.63 10.76
N PRO A 68 -1.09 -8.11 11.89
CA PRO A 68 -2.09 -9.24 11.89
C PRO A 68 -3.25 -8.97 10.95
N LEU A 69 -3.72 -7.72 10.93
CA LEU A 69 -4.82 -7.33 10.07
C LEU A 69 -5.00 -5.80 10.08
N GLU A 70 -5.52 -5.27 11.20
CA GLU A 70 -5.74 -3.82 11.31
C GLU A 70 -5.21 -3.31 12.66
N THR A 71 -4.45 -2.22 12.61
CA THR A 71 -3.89 -1.62 13.82
C THR A 71 -4.29 -0.14 13.92
N VAL A 72 -4.13 0.61 12.83
CA VAL A 72 -4.48 2.03 12.81
C VAL A 72 -5.42 2.32 11.64
N GLY A 73 -6.54 2.98 11.93
CA GLY A 73 -7.52 3.32 10.91
C GLY A 73 -7.27 4.73 10.38
N ASP A 74 -7.57 4.93 9.08
CA ASP A 74 -7.36 6.24 8.45
C ASP A 74 -5.89 6.61 8.54
N ILE A 75 -5.08 5.93 7.72
CA ILE A 75 -3.64 6.13 7.74
C ILE A 75 -3.35 7.61 7.46
N ASP A 76 -3.94 8.12 6.37
CA ASP A 76 -3.75 9.52 6.01
C ASP A 76 -4.68 9.92 4.86
N VAL A 77 -4.90 11.22 4.72
CA VAL A 77 -5.75 11.74 3.64
C VAL A 77 -5.15 13.05 3.12
N TYR A 78 -5.47 13.40 1.87
CA TYR A 78 -4.96 14.64 1.27
C TYR A 78 -6.13 15.56 0.88
N SER A 79 -6.61 15.45 -0.38
CA SER A 79 -7.74 16.28 -0.86
C SER A 79 -7.62 17.74 -0.34
N PRO A 80 -6.62 18.50 -0.77
CA PRO A 80 -6.43 19.92 -0.30
C PRO A 80 -7.71 20.76 -0.46
N PRO A 81 -8.41 21.10 0.62
CA PRO A 81 -9.66 21.93 0.55
C PRO A 81 -9.35 23.41 0.72
N GLU A 82 -9.78 24.22 -0.26
CA GLU A 82 -9.52 25.66 -0.23
C GLU A 82 -9.88 26.30 1.13
N PRO A 83 -11.02 25.98 1.75
CA PRO A 83 -11.38 26.60 3.08
C PRO A 83 -10.23 26.54 4.08
N GLU A 84 -9.58 25.38 4.16
CA GLU A 84 -8.44 25.20 5.08
C GLU A 84 -7.24 24.66 4.31
N SER A 85 -6.15 25.43 4.31
CA SER A 85 -4.94 25.04 3.59
C SER A 85 -3.71 25.76 4.14
N GLU A 86 -2.55 25.39 3.61
CA GLU A 86 -1.28 25.99 4.02
C GLU A 86 -1.23 27.47 3.61
N PRO A 87 -0.34 28.27 4.18
CA PRO A 87 -0.25 29.74 3.84
C PRO A 87 -0.21 29.98 2.33
N ALA A 88 -0.73 31.13 1.93
CA ALA A 88 -0.79 31.50 0.51
C ALA A 88 0.61 31.56 -0.10
N TYR A 89 1.56 32.10 0.67
CA TYR A 89 2.94 32.22 0.19
C TYR A 89 3.67 30.88 0.30
N THR A 90 3.36 29.98 -0.64
CA THR A 90 3.98 28.66 -0.67
C THR A 90 4.01 28.10 -2.11
N PRO A 91 5.07 27.42 -2.54
CA PRO A 91 5.14 26.85 -3.93
C PRO A 91 4.20 25.65 -4.09
N PRO A 92 3.64 25.41 -5.29
CA PRO A 92 2.70 24.26 -5.52
C PRO A 92 3.44 22.91 -5.50
N PRO A 93 2.82 21.82 -5.03
CA PRO A 93 3.48 20.48 -5.00
C PRO A 93 3.71 19.89 -6.39
N ALA A 94 2.80 20.23 -7.33
CA ALA A 94 2.90 19.74 -8.70
C ALA A 94 1.82 20.38 -9.59
N ALA A 95 1.52 21.65 -9.31
CA ALA A 95 0.53 22.40 -10.09
C ALA A 95 -0.75 21.56 -10.32
N PRO A 96 -1.40 21.06 -9.26
CA PRO A 96 -2.65 20.22 -9.41
C PRO A 96 -3.84 21.06 -9.87
N VAL A 97 -4.62 20.50 -10.79
CA VAL A 97 -5.81 21.20 -11.33
C VAL A 97 -7.10 20.41 -11.08
N PHE A 98 -6.98 19.14 -10.64
CA PHE A 98 -8.16 18.30 -10.39
C PHE A 98 -9.00 18.19 -11.65
N ASP A 99 -8.87 17.06 -12.35
CA ASP A 99 -9.65 16.84 -13.58
C ASP A 99 -9.88 15.34 -13.80
N ARG A 100 -11.08 14.88 -13.38
CA ARG A 100 -11.44 13.47 -13.56
C ARG A 100 -10.39 12.56 -12.93
N ASP A 101 -10.09 12.80 -11.65
CA ASP A 101 -9.10 12.00 -10.93
C ASP A 101 -9.53 10.53 -10.89
N GLU A 102 -10.70 10.27 -10.31
CA GLU A 102 -11.24 8.91 -10.19
C GLU A 102 -10.16 7.92 -9.75
N VAL A 103 -10.06 7.71 -8.44
CA VAL A 103 -9.06 6.79 -7.88
C VAL A 103 -9.69 5.86 -6.84
N ALA A 104 -9.34 4.57 -6.92
CA ALA A 104 -9.86 3.58 -5.98
C ALA A 104 -9.37 3.86 -4.57
N GLU A 105 -8.08 4.22 -4.45
CA GLU A 105 -7.48 4.50 -3.16
C GLU A 105 -6.12 5.19 -3.34
N GLN A 106 -5.77 6.07 -2.40
CA GLN A 106 -4.49 6.78 -2.46
C GLN A 106 -3.88 6.90 -1.05
N LEU A 107 -3.79 5.77 -0.35
CA LEU A 107 -3.23 5.74 0.99
C LEU A 107 -1.71 5.93 0.95
N VAL A 108 -1.17 6.54 2.00
CA VAL A 108 0.27 6.78 2.09
C VAL A 108 0.81 6.31 3.45
N GLY A 109 2.05 5.83 3.43
CA GLY A 109 2.70 5.34 4.66
C GLY A 109 4.22 5.30 4.47
N VAL A 110 4.92 4.80 5.50
CA VAL A 110 6.39 4.72 5.45
C VAL A 110 6.82 3.26 5.48
N SER A 111 7.58 2.85 4.45
CA SER A 111 8.07 1.48 4.36
C SER A 111 9.60 1.45 4.24
N ALA A 112 10.15 2.45 3.55
CA ALA A 112 11.61 2.54 3.36
C ALA A 112 12.01 3.99 3.11
N ALA A 113 13.26 4.31 3.43
CA ALA A 113 13.78 5.67 3.24
C ALA A 113 15.30 5.66 3.10
N SER A 114 15.85 6.73 2.50
CA SER A 114 17.30 6.84 2.31
C SER A 114 17.71 8.31 2.15
N ALA A 115 17.40 9.11 3.17
CA ALA A 115 17.73 10.53 3.16
C ALA A 115 17.82 11.06 4.59
N ALA A 116 18.54 12.16 4.75
CA ALA A 116 18.72 12.77 6.07
C ALA A 116 18.57 14.29 5.98
N ALA A 117 17.62 14.74 5.17
CA ALA A 117 17.37 16.17 4.98
C ALA A 117 16.29 16.69 5.95
N SER A 118 15.90 15.86 6.94
CA SER A 118 14.90 16.24 7.91
C SER A 118 15.00 15.39 9.16
N ALA A 119 14.47 15.91 10.26
CA ALA A 119 14.52 15.18 11.53
C ALA A 119 13.18 14.50 11.79
N PHE A 120 13.11 13.73 12.88
CA PHE A 120 11.89 13.01 13.24
C PHE A 120 10.76 14.00 13.52
N GLY A 121 9.54 13.48 13.63
CA GLY A 121 8.37 14.32 13.89
C GLY A 121 7.09 13.48 13.87
N SER A 122 5.95 14.13 14.11
CA SER A 122 4.66 13.45 14.12
C SER A 122 3.69 14.08 13.12
N LEU A 123 2.88 13.24 12.49
CA LEU A 123 1.90 13.71 11.51
C LEU A 123 0.67 12.81 11.52
N SER A 124 -0.51 13.42 11.66
CA SER A 124 -1.76 12.69 11.67
C SER A 124 -2.79 13.46 10.87
N SER A 125 -3.32 12.85 9.82
CA SER A 125 -4.31 13.51 8.98
C SER A 125 -5.74 13.04 9.30
N ALA A 126 -5.89 12.24 10.36
CA ALA A 126 -7.20 11.73 10.75
C ALA A 126 -8.12 12.87 11.17
N LEU A 127 -9.42 12.66 10.97
CA LEU A 127 -10.42 13.66 11.34
C LEU A 127 -11.75 13.00 11.65
N LEU A 128 -12.10 11.98 10.86
CA LEU A 128 -13.36 11.24 11.05
C LEU A 128 -14.58 12.17 10.95
N MET A 129 -14.39 13.36 10.38
CA MET A 129 -15.49 14.32 10.22
C MET A 129 -15.45 14.96 8.82
N PRO A 130 -16.58 15.39 8.27
CA PRO A 130 -16.62 16.02 6.91
C PRO A 130 -15.99 17.42 6.93
N LYS A 131 -15.31 17.77 5.83
CA LYS A 131 -14.67 19.08 5.73
C LYS A 131 -15.63 20.10 5.13
N ASP A 132 -16.18 19.78 3.96
CA ASP A 132 -17.10 20.68 3.27
C ASP A 132 -18.36 19.94 2.86
N GLY A 133 -19.45 20.69 2.65
CA GLY A 133 -20.73 20.11 2.24
C GLY A 133 -21.02 20.45 0.79
N LEU A 134 -22.24 20.93 0.54
CA LEU A 134 -22.66 21.29 -0.81
C LEU A 134 -21.71 22.35 -1.40
N GLU A 135 -21.38 22.19 -2.67
CA GLU A 135 -20.49 23.11 -3.36
C GLU A 135 -21.14 23.61 -4.65
N HIS A 136 -21.16 24.94 -4.82
CA HIS A 136 -21.75 25.54 -6.01
C HIS A 136 -21.00 25.07 -7.26
N HIS A 137 -19.68 25.05 -7.18
CA HIS A 137 -18.83 24.62 -8.30
C HIS A 137 -19.08 25.48 -9.53
N HIS A 138 -18.97 26.81 -9.36
CA HIS A 138 -19.18 27.76 -10.44
C HIS A 138 -18.38 29.04 -10.19
N HIS A 139 -17.83 29.60 -11.28
CA HIS A 139 -17.04 30.83 -11.18
C HIS A 139 -17.50 31.83 -12.23
N HIS A 140 -17.49 33.12 -11.87
CA HIS A 140 -17.91 34.18 -12.78
C HIS A 140 -17.01 34.17 -14.02
N HIS A 141 -15.70 34.09 -13.79
CA HIS A 141 -14.73 34.09 -14.89
C HIS A 141 -14.19 32.68 -15.11
N MET A 1 -7.53 -8.16 -1.35
CA MET A 1 -7.67 -8.78 0.00
C MET A 1 -8.52 -10.05 -0.12
N SER A 2 -9.69 -9.91 -0.72
CA SER A 2 -10.61 -11.04 -0.90
C SER A 2 -11.60 -10.76 -2.02
N ASP A 3 -12.27 -11.83 -2.48
CA ASP A 3 -13.25 -11.70 -3.56
C ASP A 3 -14.39 -10.77 -3.15
N GLN A 4 -14.80 -10.88 -1.88
CA GLN A 4 -15.87 -10.04 -1.35
C GLN A 4 -15.32 -9.15 -0.24
N SER A 5 -15.56 -7.84 -0.35
CA SER A 5 -15.08 -6.89 0.65
C SER A 5 -16.15 -5.85 0.99
N GLN A 6 -16.43 -5.73 2.29
CA GLN A 6 -17.42 -4.77 2.77
C GLN A 6 -17.00 -4.24 4.15
N GLU A 7 -16.45 -5.13 4.97
CA GLU A 7 -16.00 -4.77 6.32
C GLU A 7 -14.51 -4.36 6.35
N PRO A 8 -13.60 -5.06 5.65
CA PRO A 8 -12.14 -4.73 5.70
C PRO A 8 -11.85 -3.24 5.55
N THR A 9 -11.04 -2.75 6.47
CA THR A 9 -10.63 -1.34 6.51
C THR A 9 -9.63 -1.03 5.41
N MET A 10 -9.29 0.25 5.28
CA MET A 10 -8.33 0.71 4.28
C MET A 10 -6.95 0.09 4.53
N GLU A 11 -6.59 -0.06 5.81
CA GLU A 11 -5.28 -0.62 6.19
C GLU A 11 -5.07 -1.95 5.45
N GLU A 12 -5.99 -2.89 5.65
CA GLU A 12 -5.89 -4.21 5.02
C GLU A 12 -5.78 -4.08 3.50
N ILE A 13 -6.55 -3.16 2.92
CA ILE A 13 -6.52 -2.93 1.48
C ILE A 13 -5.10 -2.49 1.06
N LEU A 14 -4.50 -1.62 1.88
CA LEU A 14 -3.15 -1.12 1.62
C LEU A 14 -2.15 -2.28 1.59
N ALA A 15 -2.36 -3.26 2.48
CA ALA A 15 -1.50 -4.44 2.53
C ALA A 15 -1.63 -5.22 1.21
N SER A 16 -2.87 -5.38 0.77
CA SER A 16 -3.17 -6.13 -0.45
C SER A 16 -2.47 -5.51 -1.65
N ILE A 17 -2.48 -4.18 -1.74
CA ILE A 17 -1.82 -3.47 -2.83
C ILE A 17 -0.30 -3.52 -2.64
N ARG A 18 0.13 -3.38 -1.37
CA ARG A 18 1.55 -3.36 -0.99
C ARG A 18 2.41 -4.28 -1.85
N ARG A 19 3.02 -3.69 -2.87
CA ARG A 19 3.88 -4.43 -3.81
C ARG A 19 5.34 -4.34 -3.36
N ILE A 20 6.03 -5.49 -3.33
CA ILE A 20 7.43 -5.56 -2.91
C ILE A 20 7.56 -5.01 -1.48
N ILE A 21 7.64 -5.93 -0.51
CA ILE A 21 7.75 -5.56 0.90
C ILE A 21 9.22 -5.65 1.35
N SER A 22 9.80 -6.85 1.17
CA SER A 22 11.19 -7.09 1.56
C SER A 22 12.01 -7.61 0.39
N GLU A 23 11.67 -8.80 -0.11
CA GLU A 23 12.40 -9.41 -1.23
C GLU A 23 13.89 -9.57 -0.88
N ASP A 24 14.16 -9.83 0.41
CA ASP A 24 15.53 -10.01 0.88
C ASP A 24 15.62 -11.27 1.75
N ASP A 25 15.01 -12.35 1.26
CA ASP A 25 15.03 -13.62 1.98
C ASP A 25 15.85 -14.67 1.22
N ALA A 26 17.16 -14.68 1.46
CA ALA A 26 18.04 -15.62 0.78
C ALA A 26 17.70 -17.08 1.19
N PRO A 27 17.86 -18.06 0.31
CA PRO A 27 17.53 -19.49 0.64
C PRO A 27 18.53 -20.10 1.63
N ALA A 28 18.04 -21.04 2.44
CA ALA A 28 18.88 -21.72 3.43
C ALA A 28 19.12 -23.18 3.03
N GLU A 29 19.03 -23.48 1.74
CA GLU A 29 19.23 -24.83 1.22
C GLU A 29 19.94 -24.75 -0.14
N PRO A 30 21.17 -24.22 -0.19
CA PRO A 30 21.92 -24.11 -1.47
C PRO A 30 22.01 -25.43 -2.22
N ALA A 31 21.92 -25.36 -3.55
CA ALA A 31 21.99 -26.56 -4.38
C ALA A 31 22.54 -26.21 -5.75
N ALA A 32 23.06 -27.23 -6.45
CA ALA A 32 23.61 -27.04 -7.79
C ALA A 32 23.32 -28.25 -8.66
N GLU A 33 23.21 -28.00 -9.97
CA GLU A 33 22.92 -29.07 -10.92
C GLU A 33 23.74 -28.90 -12.20
N ALA A 34 23.83 -29.97 -12.99
CA ALA A 34 24.59 -29.93 -14.24
C ALA A 34 23.76 -30.54 -15.36
N ALA A 35 23.78 -29.88 -16.52
CA ALA A 35 23.00 -30.32 -17.68
C ALA A 35 23.83 -30.27 -18.96
N PRO A 36 23.43 -30.96 -20.04
CA PRO A 36 24.19 -30.97 -21.33
C PRO A 36 24.38 -29.54 -21.89
N PRO A 37 25.42 -29.28 -22.67
CA PRO A 37 25.69 -27.91 -23.24
C PRO A 37 24.47 -27.34 -24.00
N PRO A 38 24.21 -26.04 -23.95
CA PRO A 38 23.04 -25.42 -24.66
C PRO A 38 23.22 -25.41 -26.19
N PRO A 39 22.14 -25.27 -26.97
CA PRO A 39 22.22 -25.26 -28.46
C PRO A 39 23.17 -24.17 -28.98
N PRO A 40 23.90 -24.39 -30.07
CA PRO A 40 24.86 -23.36 -30.61
C PRO A 40 24.18 -22.03 -30.90
N GLU A 41 24.88 -20.94 -30.60
CA GLU A 41 24.36 -19.59 -30.82
C GLU A 41 25.34 -18.79 -31.71
N PRO A 42 25.16 -18.78 -33.04
CA PRO A 42 26.08 -18.04 -33.96
C PRO A 42 25.95 -16.53 -33.80
N GLU A 43 27.05 -15.83 -34.05
CA GLU A 43 27.08 -14.37 -33.94
C GLU A 43 27.95 -13.76 -35.06
N PRO A 44 27.75 -12.48 -35.42
CA PRO A 44 28.57 -11.83 -36.50
C PRO A 44 30.00 -11.59 -36.05
N GLU A 45 30.91 -11.44 -37.03
CA GLU A 45 32.32 -11.21 -36.74
C GLU A 45 32.49 -9.94 -35.89
N PRO A 46 33.32 -9.95 -34.84
CA PRO A 46 33.52 -8.75 -33.97
C PRO A 46 34.26 -7.62 -34.69
N VAL A 47 33.98 -6.39 -34.27
CA VAL A 47 34.61 -5.20 -34.87
C VAL A 47 35.58 -4.52 -33.89
N SER A 48 35.91 -5.20 -32.79
CA SER A 48 36.81 -4.64 -31.78
C SER A 48 36.25 -3.34 -31.22
N PHE A 49 35.00 -3.40 -30.75
CA PHE A 49 34.33 -2.23 -30.19
C PHE A 49 33.56 -2.64 -28.93
N ASP A 50 33.85 -1.97 -27.82
CA ASP A 50 33.20 -2.25 -26.55
C ASP A 50 31.92 -1.43 -26.41
N ASP A 51 31.25 -1.58 -25.26
CA ASP A 51 30.01 -0.83 -25.02
C ASP A 51 30.31 0.67 -24.95
N GLU A 52 31.10 1.06 -23.95
CA GLU A 52 31.46 2.46 -23.77
C GLU A 52 32.92 2.56 -23.32
N VAL A 53 33.21 2.02 -22.14
CA VAL A 53 34.57 2.04 -21.60
C VAL A 53 34.74 0.97 -20.52
N LEU A 54 35.93 0.36 -20.51
CA LEU A 54 36.26 -0.67 -19.52
C LEU A 54 37.47 -0.24 -18.70
N GLU A 55 37.53 -0.67 -17.44
CA GLU A 55 38.65 -0.33 -16.54
C GLU A 55 38.40 -0.94 -15.16
N LEU A 56 37.38 -0.42 -14.47
CA LEU A 56 37.02 -0.91 -13.14
C LEU A 56 35.50 -1.17 -13.05
N THR A 57 34.89 -1.48 -14.19
CA THR A 57 33.44 -1.74 -14.24
C THR A 57 33.13 -3.22 -14.52
N ASP A 58 34.16 -4.07 -14.61
CA ASP A 58 33.96 -5.49 -14.86
C ASP A 58 33.38 -6.17 -13.61
N PRO A 59 32.49 -7.15 -13.74
CA PRO A 59 31.89 -7.85 -12.57
C PRO A 59 32.88 -8.79 -11.88
N ILE A 60 32.70 -9.00 -10.57
CA ILE A 60 33.57 -9.89 -9.80
C ILE A 60 32.76 -11.01 -9.15
N ALA A 61 32.64 -12.13 -9.85
CA ALA A 61 31.88 -13.28 -9.35
C ALA A 61 30.47 -12.86 -8.83
N PRO A 62 29.60 -12.32 -9.69
CA PRO A 62 28.23 -11.88 -9.27
C PRO A 62 27.40 -13.03 -8.70
N GLU A 63 26.49 -12.70 -7.78
CA GLU A 63 25.62 -13.71 -7.16
C GLU A 63 24.15 -13.27 -7.30
N PRO A 64 23.50 -13.56 -8.42
CA PRO A 64 22.07 -13.18 -8.66
C PRO A 64 21.11 -13.75 -7.61
N GLU A 65 20.09 -12.97 -7.26
CA GLU A 65 19.10 -13.38 -6.27
C GLU A 65 18.15 -14.41 -6.88
N LEU A 66 17.57 -15.25 -6.03
CA LEU A 66 16.64 -16.28 -6.48
C LEU A 66 15.18 -15.84 -6.24
N PRO A 67 14.21 -16.41 -6.96
CA PRO A 67 12.76 -16.02 -6.79
C PRO A 67 12.27 -16.21 -5.34
N PRO A 68 11.32 -15.39 -4.86
CA PRO A 68 10.80 -15.51 -3.46
C PRO A 68 9.95 -16.76 -3.25
N LEU A 69 9.76 -17.14 -1.99
CA LEU A 69 8.97 -18.33 -1.65
C LEU A 69 7.76 -17.93 -0.82
N GLU A 70 6.65 -18.65 -1.00
CA GLU A 70 5.42 -18.39 -0.27
C GLU A 70 5.01 -16.93 -0.43
N THR A 71 3.88 -16.55 0.19
CA THR A 71 3.38 -15.18 0.12
C THR A 71 3.11 -14.65 1.53
N VAL A 72 3.69 -13.48 1.84
CA VAL A 72 3.50 -12.86 3.16
C VAL A 72 3.18 -11.38 3.02
N GLY A 73 2.56 -10.81 4.04
CA GLY A 73 2.20 -9.38 4.02
C GLY A 73 2.18 -8.80 5.43
N ASP A 74 3.20 -7.99 5.75
CA ASP A 74 3.29 -7.36 7.06
C ASP A 74 3.11 -5.85 6.91
N ILE A 75 1.93 -5.37 7.28
CA ILE A 75 1.63 -3.95 7.18
C ILE A 75 2.02 -3.24 8.48
N ASP A 76 3.29 -2.88 8.57
CA ASP A 76 3.81 -2.19 9.74
C ASP A 76 3.45 -0.70 9.68
N VAL A 77 3.66 0.02 10.78
CA VAL A 77 3.33 1.45 10.83
C VAL A 77 4.62 2.30 10.90
N TYR A 78 4.94 2.93 9.76
CA TYR A 78 6.11 3.81 9.68
C TYR A 78 5.79 5.05 8.84
N SER A 79 6.08 6.23 9.39
CA SER A 79 5.82 7.48 8.69
C SER A 79 4.35 7.54 8.20
N PRO A 80 3.39 7.80 9.10
CA PRO A 80 1.94 7.86 8.72
C PRO A 80 1.61 9.11 7.86
N PRO A 81 0.53 9.08 7.08
CA PRO A 81 0.15 10.24 6.21
C PRO A 81 -0.03 11.53 7.03
N GLU A 82 0.30 12.66 6.40
CA GLU A 82 0.15 13.97 7.04
C GLU A 82 -0.09 15.06 5.98
N PRO A 83 0.84 15.32 5.06
CA PRO A 83 0.65 16.36 4.00
C PRO A 83 -0.33 15.90 2.92
N GLU A 84 -0.92 16.86 2.20
CA GLU A 84 -1.87 16.53 1.13
C GLU A 84 -1.17 16.40 -0.21
N SER A 85 -1.45 15.31 -0.93
CA SER A 85 -0.85 15.07 -2.24
C SER A 85 -1.64 14.01 -2.99
N GLU A 86 -1.80 14.20 -4.31
CA GLU A 86 -2.54 13.24 -5.13
C GLU A 86 -1.85 13.06 -6.50
N PRO A 87 -0.71 12.38 -6.58
CA PRO A 87 0.00 12.15 -7.88
C PRO A 87 -0.73 11.15 -8.75
N ALA A 88 -0.60 11.30 -10.07
CA ALA A 88 -1.25 10.39 -11.02
C ALA A 88 -0.54 10.38 -12.36
N TYR A 89 -0.51 9.21 -12.99
CA TYR A 89 0.12 9.05 -14.30
C TYR A 89 -0.78 8.25 -15.23
N THR A 90 -0.74 8.56 -16.53
CA THR A 90 -1.58 7.87 -17.51
C THR A 90 -0.70 6.98 -18.43
N PRO A 91 -0.67 5.66 -18.24
CA PRO A 91 0.15 4.74 -19.10
C PRO A 91 -0.27 4.82 -20.58
N PRO A 92 0.63 4.61 -21.54
CA PRO A 92 0.28 4.67 -22.99
C PRO A 92 -0.60 3.48 -23.42
N PRO A 93 -1.43 3.63 -24.47
CA PRO A 93 -2.33 2.52 -24.93
C PRO A 93 -1.55 1.37 -25.55
N ALA A 94 -2.07 0.15 -25.39
CA ALA A 94 -1.43 -1.04 -25.94
C ALA A 94 -2.46 -1.95 -26.57
N ALA A 95 -3.54 -2.20 -25.83
CA ALA A 95 -4.60 -3.08 -26.34
C ALA A 95 -5.84 -3.01 -25.45
N PRO A 96 -7.02 -3.41 -25.95
CA PRO A 96 -8.29 -3.37 -25.15
C PRO A 96 -8.35 -4.49 -24.11
N VAL A 97 -7.57 -4.34 -23.03
CA VAL A 97 -7.54 -5.34 -21.96
C VAL A 97 -8.07 -4.73 -20.67
N PHE A 98 -9.11 -5.36 -20.11
CA PHE A 98 -9.72 -4.89 -18.86
C PHE A 98 -10.20 -6.09 -18.05
N ASP A 99 -9.77 -6.14 -16.78
CA ASP A 99 -10.17 -7.24 -15.90
C ASP A 99 -11.26 -6.78 -14.94
N ARG A 100 -11.93 -7.75 -14.31
CA ARG A 100 -12.99 -7.45 -13.37
C ARG A 100 -12.39 -6.72 -12.17
N ASP A 101 -12.48 -5.39 -12.19
CA ASP A 101 -11.92 -4.56 -11.13
C ASP A 101 -12.97 -3.61 -10.56
N GLU A 102 -13.49 -3.96 -9.38
CA GLU A 102 -14.51 -3.14 -8.72
C GLU A 102 -13.85 -2.21 -7.70
N VAL A 103 -12.96 -2.79 -6.88
CA VAL A 103 -12.25 -2.02 -5.85
C VAL A 103 -11.30 -1.04 -6.51
N ALA A 104 -11.34 0.22 -6.05
CA ALA A 104 -10.47 1.26 -6.60
C ALA A 104 -9.48 1.75 -5.54
N GLU A 105 -8.30 1.12 -5.52
CA GLU A 105 -7.24 1.48 -4.58
C GLU A 105 -5.89 1.08 -5.16
N GLN A 106 -4.89 1.94 -4.98
CA GLN A 106 -3.55 1.67 -5.50
C GLN A 106 -2.47 2.23 -4.54
N LEU A 107 -2.66 1.96 -3.25
CA LEU A 107 -1.73 2.44 -2.23
C LEU A 107 -0.36 1.76 -2.39
N VAL A 108 0.67 2.55 -2.65
CA VAL A 108 2.02 2.01 -2.82
C VAL A 108 2.58 1.50 -1.48
N GLY A 109 2.21 2.16 -0.39
CA GLY A 109 2.67 1.78 0.94
C GLY A 109 3.71 2.76 1.46
N VAL A 110 4.85 2.23 1.89
CA VAL A 110 5.94 3.06 2.41
C VAL A 110 7.23 2.83 1.63
N SER A 111 8.21 3.71 1.83
CA SER A 111 9.49 3.60 1.15
C SER A 111 10.55 4.37 1.94
N ALA A 112 11.82 4.07 1.68
CA ALA A 112 12.92 4.75 2.38
C ALA A 112 12.99 6.21 1.95
N ALA A 113 13.28 6.44 0.67
CA ALA A 113 13.39 7.80 0.13
C ALA A 113 14.24 8.70 1.04
N SER A 114 15.22 8.08 1.73
CA SER A 114 16.10 8.80 2.63
C SER A 114 17.30 7.91 2.98
N ALA A 115 18.20 8.45 3.82
CA ALA A 115 19.38 7.69 4.23
C ALA A 115 19.60 7.86 5.73
N ALA A 116 19.96 6.76 6.39
CA ALA A 116 20.20 6.79 7.83
C ALA A 116 21.42 5.96 8.19
N ALA A 117 21.66 4.87 7.43
CA ALA A 117 22.79 3.98 7.68
C ALA A 117 22.67 3.31 9.05
N SER A 118 21.64 2.45 9.18
CA SER A 118 21.39 1.73 10.41
C SER A 118 20.57 0.50 10.10
N ALA A 119 20.62 -0.49 10.99
CA ALA A 119 19.87 -1.73 10.78
C ALA A 119 18.38 -1.51 10.98
N PHE A 120 17.57 -2.19 10.17
CA PHE A 120 16.12 -2.08 10.24
C PHE A 120 15.53 -3.37 10.82
N GLY A 121 14.63 -3.23 11.80
CA GLY A 121 13.99 -4.38 12.42
C GLY A 121 12.82 -3.93 13.29
N SER A 122 11.96 -4.89 13.66
CA SER A 122 10.80 -4.59 14.48
C SER A 122 10.34 -5.83 15.25
N LEU A 123 9.49 -5.62 16.25
CA LEU A 123 8.97 -6.72 17.06
C LEU A 123 8.15 -7.67 16.21
N SER A 124 8.19 -8.96 16.55
CA SER A 124 7.45 -9.97 15.83
C SER A 124 6.96 -11.01 16.83
N SER A 125 5.82 -11.63 16.55
CA SER A 125 5.27 -12.63 17.44
C SER A 125 5.01 -13.92 16.67
N ALA A 126 5.64 -15.01 17.11
CA ALA A 126 5.45 -16.30 16.46
C ALA A 126 4.02 -16.78 16.63
N LEU A 127 3.48 -16.59 17.84
CA LEU A 127 2.13 -17.02 18.16
C LEU A 127 1.09 -16.29 17.30
N LEU A 128 0.30 -17.07 16.58
CA LEU A 128 -0.73 -16.53 15.69
C LEU A 128 -2.11 -17.05 16.10
N MET A 129 -3.14 -16.25 15.82
CA MET A 129 -4.51 -16.61 16.16
C MET A 129 -5.41 -16.53 14.90
N PRO A 130 -5.46 -17.57 14.07
CA PRO A 130 -6.30 -17.57 12.82
C PRO A 130 -7.79 -17.71 13.13
N LYS A 131 -8.61 -17.32 12.15
CA LYS A 131 -10.07 -17.41 12.30
C LYS A 131 -10.49 -18.86 12.53
N ASP A 132 -9.85 -19.77 11.78
CA ASP A 132 -10.14 -21.20 11.90
C ASP A 132 -8.84 -21.96 12.12
N GLY A 133 -8.59 -22.37 13.37
CA GLY A 133 -7.37 -23.10 13.71
C GLY A 133 -7.37 -24.50 13.11
N LEU A 134 -6.22 -24.88 12.55
CA LEU A 134 -6.07 -26.20 11.93
C LEU A 134 -4.65 -26.72 12.14
N GLU A 135 -3.66 -25.87 11.87
CA GLU A 135 -2.26 -26.25 12.03
C GLU A 135 -1.96 -27.53 11.24
N HIS A 136 -1.49 -27.34 10.00
CA HIS A 136 -1.16 -28.48 9.14
C HIS A 136 0.35 -28.55 8.94
N HIS A 137 0.95 -29.67 9.37
CA HIS A 137 2.39 -29.87 9.25
C HIS A 137 2.78 -30.11 7.79
N HIS A 138 3.98 -29.65 7.42
CA HIS A 138 4.47 -29.81 6.05
C HIS A 138 4.69 -31.30 5.70
N HIS A 139 4.85 -32.14 6.73
CA HIS A 139 5.07 -33.56 6.52
C HIS A 139 3.84 -34.21 5.89
N HIS A 140 4.06 -35.11 4.92
CA HIS A 140 2.96 -35.79 4.24
C HIS A 140 3.43 -37.10 3.64
N HIS A 141 2.47 -37.96 3.28
CA HIS A 141 2.78 -39.26 2.69
C HIS A 141 2.50 -39.26 1.19
N MET A 1 -7.98 -7.80 2.98
CA MET A 1 -6.87 -8.75 3.26
C MET A 1 -7.26 -9.69 4.40
N SER A 2 -7.89 -9.12 5.43
CA SER A 2 -8.35 -9.91 6.58
C SER A 2 -9.76 -9.50 6.97
N ASP A 3 -10.55 -10.47 7.44
CA ASP A 3 -11.93 -10.19 7.85
C ASP A 3 -12.02 -10.03 9.36
N GLN A 4 -12.06 -8.77 9.82
CA GLN A 4 -12.14 -8.48 11.25
C GLN A 4 -13.13 -7.32 11.53
N SER A 5 -13.93 -6.96 10.52
CA SER A 5 -14.91 -5.88 10.67
C SER A 5 -16.02 -6.02 9.62
N GLN A 6 -17.18 -5.44 9.91
CA GLN A 6 -18.31 -5.50 8.99
C GLN A 6 -17.98 -4.79 7.67
N GLU A 7 -17.30 -3.65 7.78
CA GLU A 7 -16.93 -2.87 6.60
C GLU A 7 -15.47 -3.16 6.20
N PRO A 8 -15.11 -3.12 4.92
CA PRO A 8 -13.71 -3.37 4.49
C PRO A 8 -12.74 -2.38 5.11
N THR A 9 -11.73 -2.90 5.80
CA THR A 9 -10.72 -2.06 6.45
C THR A 9 -9.85 -1.40 5.38
N MET A 10 -9.53 -0.12 5.58
CA MET A 10 -8.70 0.62 4.62
C MET A 10 -7.25 0.13 4.66
N GLU A 11 -6.77 -0.16 5.88
CA GLU A 11 -5.40 -0.62 6.06
C GLU A 11 -5.17 -1.93 5.33
N GLU A 12 -6.15 -2.84 5.40
CA GLU A 12 -6.04 -4.14 4.76
C GLU A 12 -5.89 -3.99 3.25
N ILE A 13 -6.62 -3.06 2.66
CA ILE A 13 -6.56 -2.85 1.21
C ILE A 13 -5.14 -2.43 0.79
N LEU A 14 -4.57 -1.46 1.51
CA LEU A 14 -3.20 -1.00 1.21
C LEU A 14 -2.21 -2.15 1.36
N ALA A 15 -2.34 -2.88 2.47
CA ALA A 15 -1.46 -4.02 2.75
C ALA A 15 -1.61 -5.11 1.67
N SER A 16 -2.85 -5.31 1.23
CA SER A 16 -3.17 -6.33 0.23
C SER A 16 -2.43 -6.08 -1.09
N ILE A 17 -2.31 -4.82 -1.49
CA ILE A 17 -1.62 -4.47 -2.73
C ILE A 17 -0.14 -4.11 -2.47
N ARG A 18 0.20 -3.82 -1.21
CA ARG A 18 1.56 -3.46 -0.83
C ARG A 18 1.83 -3.85 0.63
N ARG A 19 2.21 -5.12 0.82
CA ARG A 19 2.48 -5.65 2.16
C ARG A 19 3.60 -4.87 2.86
N ILE A 20 4.72 -4.65 2.14
CA ILE A 20 5.85 -3.92 2.73
C ILE A 20 6.77 -3.35 1.65
N ILE A 21 7.48 -2.27 2.00
CA ILE A 21 8.40 -1.60 1.09
C ILE A 21 9.57 -2.52 0.66
N SER A 22 9.71 -3.67 1.32
CA SER A 22 10.78 -4.61 0.99
C SER A 22 10.60 -5.17 -0.42
N GLU A 23 11.73 -5.36 -1.11
CA GLU A 23 11.72 -5.89 -2.48
C GLU A 23 10.79 -7.10 -2.61
N ASP A 24 10.13 -7.21 -3.77
CA ASP A 24 9.20 -8.31 -4.01
C ASP A 24 9.96 -9.59 -4.38
N ASP A 25 10.91 -9.98 -3.54
CA ASP A 25 11.72 -11.16 -3.78
C ASP A 25 10.86 -12.42 -3.69
N ALA A 26 9.95 -12.45 -2.70
CA ALA A 26 9.07 -13.61 -2.51
C ALA A 26 8.09 -13.71 -3.69
N PRO A 27 7.66 -14.92 -4.08
CA PRO A 27 6.71 -15.08 -5.23
C PRO A 27 5.40 -14.31 -5.02
N ALA A 28 4.91 -13.69 -6.10
CA ALA A 28 3.68 -12.91 -6.03
C ALA A 28 2.48 -13.84 -5.86
N GLU A 29 1.47 -13.37 -5.13
CA GLU A 29 0.27 -14.16 -4.89
C GLU A 29 -0.89 -13.19 -4.59
N PRO A 30 -0.80 -12.37 -3.53
CA PRO A 30 -1.89 -11.40 -3.21
C PRO A 30 -1.87 -10.19 -4.14
N ALA A 31 -3.06 -9.66 -4.42
CA ALA A 31 -3.18 -8.49 -5.30
C ALA A 31 -4.53 -7.80 -5.08
N ALA A 32 -4.56 -6.49 -5.32
CA ALA A 32 -5.79 -5.70 -5.15
C ALA A 32 -5.79 -4.51 -6.10
N GLU A 33 -5.99 -4.79 -7.38
CA GLU A 33 -6.02 -3.75 -8.40
C GLU A 33 -6.94 -4.14 -9.55
N ALA A 34 -7.68 -3.16 -10.07
CA ALA A 34 -8.60 -3.40 -11.18
C ALA A 34 -8.55 -2.25 -12.18
N ALA A 35 -8.49 -2.61 -13.46
CA ALA A 35 -8.41 -1.62 -14.53
C ALA A 35 -9.34 -2.01 -15.71
N PRO A 36 -9.73 -1.06 -16.55
CA PRO A 36 -10.63 -1.35 -17.72
C PRO A 36 -10.01 -2.40 -18.67
N PRO A 37 -10.82 -3.21 -19.37
CA PRO A 37 -10.28 -4.26 -20.29
C PRO A 37 -9.60 -3.65 -21.53
N PRO A 38 -8.62 -4.33 -22.14
CA PRO A 38 -7.91 -3.79 -23.35
C PRO A 38 -8.80 -3.81 -24.61
N PRO A 39 -8.54 -2.94 -25.60
CA PRO A 39 -9.36 -2.91 -26.85
C PRO A 39 -9.10 -4.12 -27.74
N PRO A 40 -10.03 -4.48 -28.63
CA PRO A 40 -9.85 -5.68 -29.54
C PRO A 40 -8.76 -5.45 -30.58
N GLU A 41 -8.10 -6.54 -30.98
CA GLU A 41 -7.03 -6.46 -31.97
C GLU A 41 -7.61 -6.04 -33.34
N PRO A 42 -7.08 -4.99 -34.00
CA PRO A 42 -7.61 -4.54 -35.33
C PRO A 42 -7.54 -5.65 -36.37
N GLU A 43 -8.56 -5.71 -37.23
CA GLU A 43 -8.63 -6.72 -38.29
C GLU A 43 -9.19 -6.12 -39.58
N PRO A 44 -8.90 -6.69 -40.75
CA PRO A 44 -9.43 -6.16 -42.05
C PRO A 44 -10.96 -6.23 -42.13
N GLU A 45 -11.54 -7.20 -41.42
CA GLU A 45 -12.99 -7.39 -41.40
C GLU A 45 -13.66 -6.27 -40.57
N PRO A 46 -14.90 -5.88 -40.88
CA PRO A 46 -15.59 -4.80 -40.10
C PRO A 46 -15.99 -5.28 -38.71
N VAL A 47 -15.98 -4.34 -37.75
CA VAL A 47 -16.34 -4.67 -36.36
C VAL A 47 -17.81 -4.34 -36.12
N SER A 48 -18.23 -3.15 -36.57
CA SER A 48 -19.61 -2.71 -36.39
C SER A 48 -19.98 -1.68 -37.46
N PHE A 49 -21.28 -1.43 -37.61
CA PHE A 49 -21.77 -0.46 -38.59
C PHE A 49 -22.74 0.54 -37.94
N ASP A 50 -23.52 0.04 -36.97
CA ASP A 50 -24.50 0.88 -36.27
C ASP A 50 -23.83 2.11 -35.67
N ASP A 51 -24.66 3.05 -35.18
CA ASP A 51 -24.16 4.27 -34.58
C ASP A 51 -23.92 4.07 -33.09
N GLU A 52 -24.88 3.42 -32.41
CA GLU A 52 -24.79 3.16 -30.99
C GLU A 52 -25.49 1.86 -30.69
N VAL A 53 -25.03 1.16 -29.66
CA VAL A 53 -25.64 -0.11 -29.28
C VAL A 53 -25.94 -0.12 -27.78
N LEU A 54 -27.04 -0.77 -27.39
CA LEU A 54 -27.42 -0.84 -25.98
C LEU A 54 -27.96 -2.22 -25.62
N GLU A 55 -27.03 -3.14 -25.32
CA GLU A 55 -27.39 -4.51 -24.96
C GLU A 55 -28.19 -4.53 -23.65
N LEU A 56 -27.78 -3.68 -22.70
CA LEU A 56 -28.45 -3.61 -21.40
C LEU A 56 -29.42 -2.42 -21.37
N THR A 57 -30.60 -2.66 -20.81
CA THR A 57 -31.64 -1.61 -20.70
C THR A 57 -31.81 -1.13 -19.26
N ASP A 58 -30.81 -1.38 -18.40
CA ASP A 58 -30.87 -0.97 -17.01
C ASP A 58 -30.81 0.56 -16.92
N PRO A 59 -31.44 1.18 -15.92
CA PRO A 59 -31.43 2.67 -15.80
C PRO A 59 -30.05 3.23 -15.44
N ILE A 60 -29.22 2.39 -14.80
CA ILE A 60 -27.87 2.83 -14.40
C ILE A 60 -26.81 1.81 -14.83
N ALA A 61 -25.57 2.29 -14.98
CA ALA A 61 -24.47 1.43 -15.39
C ALA A 61 -23.13 2.19 -15.34
N PRO A 62 -22.98 3.29 -16.09
CA PRO A 62 -21.70 4.08 -16.10
C PRO A 62 -21.47 4.85 -14.80
N GLU A 63 -20.20 5.06 -14.46
CA GLU A 63 -19.85 5.78 -13.24
C GLU A 63 -20.13 7.29 -13.42
N PRO A 64 -20.46 8.03 -12.36
CA PRO A 64 -20.76 9.49 -12.47
C PRO A 64 -19.57 10.29 -13.05
N GLU A 65 -19.51 10.35 -14.37
CA GLU A 65 -18.44 11.06 -15.08
C GLU A 65 -18.51 12.57 -14.86
N LEU A 66 -19.72 13.12 -14.83
CA LEU A 66 -19.91 14.57 -14.66
C LEU A 66 -19.27 15.11 -13.36
N PRO A 67 -19.58 14.57 -12.18
CA PRO A 67 -18.98 15.06 -10.89
C PRO A 67 -17.50 14.65 -10.76
N PRO A 68 -16.71 15.34 -9.94
CA PRO A 68 -15.25 15.02 -9.76
C PRO A 68 -15.06 13.71 -9.01
N LEU A 69 -13.91 13.07 -9.20
CA LEU A 69 -13.61 11.81 -8.52
C LEU A 69 -12.78 12.06 -7.27
N GLU A 70 -13.43 11.89 -6.11
CA GLU A 70 -12.76 12.10 -4.82
C GLU A 70 -11.83 10.93 -4.51
N THR A 71 -10.66 11.23 -3.93
CA THR A 71 -9.66 10.22 -3.59
C THR A 71 -9.01 9.64 -4.83
N VAL A 72 -7.85 10.20 -5.18
CA VAL A 72 -7.10 9.77 -6.36
C VAL A 72 -6.69 8.29 -6.21
N GLY A 73 -6.28 7.91 -5.00
CA GLY A 73 -5.85 6.54 -4.72
C GLY A 73 -6.96 5.55 -5.04
N ASP A 74 -8.20 5.91 -4.68
CA ASP A 74 -9.35 5.04 -4.92
C ASP A 74 -9.14 3.71 -4.22
N ILE A 75 -9.05 3.79 -2.89
CA ILE A 75 -8.84 2.61 -2.08
C ILE A 75 -9.95 1.59 -2.32
N ASP A 76 -11.17 2.09 -2.53
CA ASP A 76 -12.31 1.24 -2.80
C ASP A 76 -13.40 2.05 -3.51
N VAL A 77 -14.37 1.35 -4.10
CA VAL A 77 -15.45 2.00 -4.83
C VAL A 77 -16.38 2.77 -3.89
N TYR A 78 -16.64 4.03 -4.24
CA TYR A 78 -17.55 4.88 -3.46
C TYR A 78 -18.32 5.79 -4.40
N SER A 79 -19.66 5.65 -4.43
CA SER A 79 -20.49 6.47 -5.30
C SER A 79 -21.63 7.14 -4.51
N PRO A 80 -22.13 8.29 -4.96
CA PRO A 80 -23.25 9.01 -4.26
C PRO A 80 -24.60 8.30 -4.44
N PRO A 81 -25.63 8.64 -3.66
CA PRO A 81 -26.98 7.99 -3.79
C PRO A 81 -27.47 7.99 -5.23
N GLU A 82 -27.17 9.06 -5.96
CA GLU A 82 -27.57 9.18 -7.35
C GLU A 82 -29.09 8.91 -7.53
N PRO A 83 -29.96 9.73 -6.92
CA PRO A 83 -31.45 9.54 -7.03
C PRO A 83 -31.98 9.81 -8.43
N GLU A 84 -31.21 10.58 -9.22
CA GLU A 84 -31.62 10.91 -10.59
C GLU A 84 -30.43 10.83 -11.55
N SER A 85 -30.64 10.21 -12.71
CA SER A 85 -29.60 10.08 -13.72
C SER A 85 -30.20 10.00 -15.12
N GLU A 86 -29.64 10.77 -16.05
CA GLU A 86 -30.12 10.78 -17.43
C GLU A 86 -29.77 9.45 -18.12
N PRO A 87 -30.57 8.99 -19.09
CA PRO A 87 -30.28 7.69 -19.81
C PRO A 87 -28.90 7.69 -20.45
N ALA A 88 -28.22 6.54 -20.36
CA ALA A 88 -26.89 6.40 -20.94
C ALA A 88 -27.00 6.02 -22.42
N TYR A 89 -26.09 6.56 -23.23
CA TYR A 89 -26.10 6.28 -24.67
C TYR A 89 -25.84 4.79 -24.92
N THR A 90 -24.87 4.24 -24.18
CA THR A 90 -24.53 2.82 -24.32
C THR A 90 -23.94 2.27 -23.01
N PRO A 91 -24.09 0.97 -22.72
CA PRO A 91 -23.53 0.37 -21.46
C PRO A 91 -22.00 0.20 -21.54
N PRO A 92 -21.27 0.30 -20.42
CA PRO A 92 -19.78 0.12 -20.43
C PRO A 92 -19.38 -1.36 -20.59
N PRO A 93 -18.32 -1.69 -21.34
CA PRO A 93 -17.87 -3.11 -21.52
C PRO A 93 -17.15 -3.64 -20.28
N ALA A 94 -17.42 -4.90 -19.94
CA ALA A 94 -16.78 -5.54 -18.78
C ALA A 94 -16.98 -7.05 -18.80
N ALA A 95 -16.00 -7.76 -18.25
CA ALA A 95 -16.06 -9.22 -18.20
C ALA A 95 -15.00 -9.82 -17.26
N PRO A 96 -13.71 -9.52 -17.43
CA PRO A 96 -12.64 -10.09 -16.54
C PRO A 96 -12.89 -9.77 -15.07
N VAL A 97 -12.91 -10.81 -14.23
CA VAL A 97 -13.12 -10.63 -12.80
C VAL A 97 -11.91 -9.90 -12.19
N PHE A 98 -10.71 -10.36 -12.56
CA PHE A 98 -9.47 -9.77 -12.06
C PHE A 98 -8.34 -9.99 -13.06
N ASP A 99 -7.70 -8.89 -13.48
CA ASP A 99 -6.59 -8.98 -14.43
C ASP A 99 -5.26 -9.01 -13.68
N ARG A 100 -4.20 -9.45 -14.37
CA ARG A 100 -2.88 -9.52 -13.76
C ARG A 100 -2.21 -8.14 -13.79
N ASP A 101 -2.92 -7.15 -13.23
CA ASP A 101 -2.44 -5.77 -13.17
C ASP A 101 -2.15 -5.37 -11.72
N GLU A 102 -1.04 -4.67 -11.51
CA GLU A 102 -0.67 -4.20 -10.18
C GLU A 102 -0.07 -2.80 -10.26
N VAL A 103 -0.29 -2.00 -9.23
CA VAL A 103 0.25 -0.63 -9.19
C VAL A 103 0.74 -0.30 -7.77
N ALA A 104 1.63 0.69 -7.67
CA ALA A 104 2.16 1.09 -6.36
C ALA A 104 1.17 1.99 -5.65
N GLU A 105 0.41 1.40 -4.71
CA GLU A 105 -0.61 2.14 -3.96
C GLU A 105 -0.07 3.45 -3.40
N GLN A 106 -0.91 4.48 -3.41
CA GLN A 106 -0.54 5.81 -2.92
C GLN A 106 -1.50 6.29 -1.81
N LEU A 107 -1.98 5.34 -1.00
CA LEU A 107 -2.91 5.66 0.08
C LEU A 107 -2.16 6.16 1.32
N VAL A 108 -2.89 6.41 2.41
CA VAL A 108 -2.29 6.88 3.66
C VAL A 108 -2.85 6.12 4.85
N GLY A 109 -2.09 6.08 5.94
CA GLY A 109 -2.52 5.38 7.16
C GLY A 109 -3.41 6.28 8.02
N VAL A 110 -4.05 5.67 9.02
CA VAL A 110 -4.94 6.41 9.92
C VAL A 110 -6.04 7.10 9.11
N SER A 111 -7.22 6.48 9.08
CA SER A 111 -8.37 7.01 8.35
C SER A 111 -8.94 8.24 9.03
N ALA A 112 -9.97 8.82 8.42
CA ALA A 112 -10.63 10.00 8.96
C ALA A 112 -12.15 9.92 8.73
N ALA A 113 -12.58 10.14 7.48
CA ALA A 113 -14.01 10.10 7.12
C ALA A 113 -14.78 11.18 7.90
N SER A 114 -14.31 12.42 7.76
CA SER A 114 -14.93 13.55 8.43
C SER A 114 -16.29 13.86 7.83
N ALA A 115 -17.10 14.62 8.56
CA ALA A 115 -18.44 15.00 8.12
C ALA A 115 -18.81 16.34 8.75
N ALA A 116 -19.73 17.05 8.10
CA ALA A 116 -20.15 18.35 8.62
C ALA A 116 -21.44 18.82 7.92
N ALA A 117 -22.51 18.03 8.06
CA ALA A 117 -23.79 18.37 7.45
C ALA A 117 -24.52 19.41 8.29
N SER A 118 -24.95 19.01 9.49
CA SER A 118 -25.66 19.93 10.40
C SER A 118 -25.88 19.26 11.76
N ALA A 119 -26.62 18.15 11.77
CA ALA A 119 -26.90 17.43 13.00
C ALA A 119 -27.52 18.37 14.04
N PHE A 120 -27.81 17.83 15.23
CA PHE A 120 -28.41 18.62 16.32
C PHE A 120 -29.79 19.14 15.90
N GLY A 121 -30.80 18.29 16.05
CA GLY A 121 -32.17 18.65 15.69
C GLY A 121 -32.78 19.59 16.73
N SER A 122 -34.00 20.04 16.46
CA SER A 122 -34.70 20.96 17.37
C SER A 122 -36.21 20.75 17.29
N LEU A 123 -36.89 21.00 18.42
CA LEU A 123 -38.34 20.84 18.50
C LEU A 123 -38.76 19.41 18.19
N SER A 124 -39.27 18.72 19.23
CA SER A 124 -39.71 17.34 19.08
C SER A 124 -41.18 17.21 19.47
N SER A 125 -41.48 17.52 20.74
CA SER A 125 -42.85 17.44 21.23
C SER A 125 -43.01 18.32 22.46
N ALA A 126 -44.22 18.85 22.65
CA ALA A 126 -44.51 19.71 23.79
C ALA A 126 -44.39 18.94 25.10
N LEU A 127 -44.54 19.64 26.22
CA LEU A 127 -44.47 19.03 27.54
C LEU A 127 -44.82 20.04 28.64
N LEU A 128 -46.05 20.54 28.58
CA LEU A 128 -46.53 21.52 29.56
C LEU A 128 -47.33 20.84 30.66
N MET A 129 -46.93 21.08 31.91
CA MET A 129 -47.61 20.49 33.07
C MET A 129 -47.93 21.59 34.11
N PRO A 130 -48.91 22.46 33.86
CA PRO A 130 -49.27 23.56 34.81
C PRO A 130 -49.94 23.04 36.08
N LYS A 131 -49.71 23.74 37.18
CA LYS A 131 -50.29 23.36 38.47
C LYS A 131 -51.81 23.61 38.51
N ASP A 132 -52.28 24.54 37.68
CA ASP A 132 -53.69 24.87 37.61
C ASP A 132 -54.51 23.67 37.12
N GLY A 133 -55.74 23.54 37.64
CA GLY A 133 -56.62 22.45 37.25
C GLY A 133 -57.27 21.80 38.49
N LEU A 134 -58.12 22.58 39.16
CA LEU A 134 -58.81 22.09 40.35
C LEU A 134 -59.72 20.91 39.99
N GLU A 135 -60.39 21.02 38.85
CA GLU A 135 -61.30 19.97 38.38
C GLU A 135 -62.35 19.64 39.45
N HIS A 136 -62.80 20.67 40.17
CA HIS A 136 -63.81 20.50 41.21
C HIS A 136 -64.92 21.53 41.05
N HIS A 137 -66.09 21.05 40.60
CA HIS A 137 -67.25 21.93 40.38
C HIS A 137 -68.44 21.54 41.28
N HIS A 138 -68.16 20.79 42.36
CA HIS A 138 -69.22 20.37 43.28
C HIS A 138 -69.35 21.35 44.44
N HIS A 139 -70.59 21.71 44.75
CA HIS A 139 -70.87 22.65 45.85
C HIS A 139 -72.30 22.48 46.35
N HIS A 140 -72.54 22.95 47.58
CA HIS A 140 -73.87 22.84 48.21
C HIS A 140 -74.89 23.67 47.45
N HIS A 141 -74.48 24.87 47.01
CA HIS A 141 -75.37 25.77 46.29
C HIS A 141 -75.94 25.08 45.04
N MET A 1 -7.24 -7.95 0.66
CA MET A 1 -7.24 -8.93 1.78
C MET A 1 -7.91 -10.23 1.30
N SER A 2 -9.18 -10.12 0.92
CA SER A 2 -9.94 -11.28 0.46
C SER A 2 -10.40 -11.08 -0.98
N ASP A 3 -10.52 -12.19 -1.73
CA ASP A 3 -10.95 -12.12 -3.13
C ASP A 3 -12.34 -11.52 -3.23
N GLN A 4 -13.23 -11.92 -2.32
CA GLN A 4 -14.61 -11.43 -2.33
C GLN A 4 -14.62 -9.91 -2.23
N SER A 5 -13.79 -9.37 -1.32
CA SER A 5 -13.70 -7.92 -1.14
C SER A 5 -15.09 -7.30 -0.94
N GLN A 6 -15.79 -7.76 0.10
CA GLN A 6 -17.12 -7.23 0.43
C GLN A 6 -16.99 -6.11 1.46
N GLU A 7 -16.08 -6.30 2.41
CA GLU A 7 -15.81 -5.32 3.46
C GLU A 7 -14.29 -5.09 3.58
N PRO A 8 -13.63 -4.53 2.56
CA PRO A 8 -12.15 -4.29 2.59
C PRO A 8 -11.79 -3.11 3.50
N THR A 9 -11.08 -3.41 4.59
CA THR A 9 -10.67 -2.37 5.53
C THR A 9 -9.52 -1.53 4.95
N MET A 10 -9.61 -0.22 5.15
CA MET A 10 -8.63 0.72 4.61
C MET A 10 -7.18 0.29 4.89
N GLU A 11 -6.90 -0.16 6.11
CA GLU A 11 -5.54 -0.63 6.43
C GLU A 11 -5.23 -1.87 5.60
N GLU A 12 -6.19 -2.79 5.56
CA GLU A 12 -6.03 -4.05 4.83
C GLU A 12 -5.78 -3.79 3.35
N ILE A 13 -6.47 -2.79 2.79
CA ILE A 13 -6.34 -2.43 1.38
C ILE A 13 -4.91 -1.96 1.08
N LEU A 14 -4.35 -1.14 1.98
CA LEU A 14 -3.00 -0.60 1.76
C LEU A 14 -1.99 -1.74 1.69
N ALA A 15 -2.10 -2.67 2.63
CA ALA A 15 -1.22 -3.82 2.67
C ALA A 15 -1.42 -4.70 1.45
N SER A 16 -2.68 -4.85 1.03
CA SER A 16 -2.97 -5.73 -0.10
C SER A 16 -2.14 -5.32 -1.31
N ILE A 17 -2.33 -4.11 -1.85
CA ILE A 17 -1.55 -3.68 -3.03
C ILE A 17 -1.35 -2.15 -3.04
N ARG A 18 -0.59 -1.63 -2.07
CA ARG A 18 -0.28 -0.18 -2.03
C ARG A 18 1.14 0.06 -1.51
N ARG A 19 2.01 -0.95 -1.64
CA ARG A 19 3.40 -0.84 -1.21
C ARG A 19 4.25 -0.05 -2.22
N ILE A 20 3.80 -0.02 -3.48
CA ILE A 20 4.53 0.68 -4.53
C ILE A 20 4.34 2.19 -4.38
N ILE A 21 5.45 2.92 -4.40
CA ILE A 21 5.44 4.37 -4.27
C ILE A 21 6.38 5.00 -5.31
N SER A 22 5.97 6.15 -5.86
CA SER A 22 6.78 6.85 -6.85
C SER A 22 6.36 8.32 -6.96
N GLU A 23 7.10 9.19 -6.27
CA GLU A 23 6.82 10.63 -6.32
C GLU A 23 7.16 11.19 -7.70
N ASP A 24 8.30 10.73 -8.24
CA ASP A 24 8.77 11.18 -9.55
C ASP A 24 9.60 10.09 -10.22
N ASP A 25 10.09 10.37 -11.43
CA ASP A 25 10.92 9.43 -12.17
C ASP A 25 12.39 9.78 -12.03
N ALA A 26 12.69 11.08 -12.09
CA ALA A 26 14.06 11.56 -11.96
C ALA A 26 14.48 11.65 -10.49
N PRO A 27 15.78 11.57 -10.17
CA PRO A 27 16.25 11.67 -8.75
C PRO A 27 16.34 13.12 -8.27
N ALA A 28 15.19 13.78 -8.24
CA ALA A 28 15.12 15.18 -7.80
C ALA A 28 15.57 15.31 -6.35
N GLU A 29 15.16 14.36 -5.51
CA GLU A 29 15.54 14.36 -4.10
C GLU A 29 15.29 12.96 -3.50
N PRO A 30 16.03 11.93 -3.92
CA PRO A 30 15.85 10.55 -3.39
C PRO A 30 16.08 10.49 -1.88
N ALA A 31 15.24 9.70 -1.19
CA ALA A 31 15.37 9.58 0.26
C ALA A 31 14.66 8.31 0.75
N ALA A 32 15.19 7.72 1.83
CA ALA A 32 14.60 6.52 2.41
C ALA A 32 15.01 6.38 3.88
N GLU A 33 14.12 5.78 4.68
CA GLU A 33 14.39 5.59 6.10
C GLU A 33 13.94 4.21 6.56
N ALA A 34 14.87 3.25 6.50
CA ALA A 34 14.57 1.88 6.91
C ALA A 34 14.81 1.71 8.40
N ALA A 35 13.88 1.02 9.07
CA ALA A 35 13.97 0.81 10.50
C ALA A 35 13.35 -0.54 10.91
N PRO A 36 13.76 -1.13 12.03
CA PRO A 36 13.20 -2.44 12.50
C PRO A 36 11.76 -2.29 13.03
N PRO A 37 10.96 -3.37 13.06
CA PRO A 37 9.55 -3.30 13.55
C PRO A 37 9.47 -3.08 15.07
N PRO A 38 8.41 -2.49 15.59
CA PRO A 38 8.27 -2.24 17.06
C PRO A 38 8.03 -3.54 17.86
N PRO A 39 8.39 -3.59 19.14
CA PRO A 39 8.20 -4.82 19.99
C PRO A 39 6.71 -5.06 20.31
N PRO A 40 6.31 -6.30 20.63
CA PRO A 40 4.88 -6.60 20.96
C PRO A 40 4.44 -5.98 22.28
N GLU A 41 3.16 -5.61 22.35
CA GLU A 41 2.60 -4.99 23.55
C GLU A 41 1.34 -5.76 24.01
N PRO A 42 1.41 -6.60 25.04
CA PRO A 42 0.21 -7.37 25.52
C PRO A 42 -0.82 -6.45 26.18
N GLU A 43 -2.09 -6.84 26.11
CA GLU A 43 -3.18 -6.05 26.70
C GLU A 43 -4.08 -6.93 27.59
N PRO A 44 -3.60 -7.38 28.75
CA PRO A 44 -4.42 -8.22 29.69
C PRO A 44 -5.70 -7.52 30.12
N GLU A 45 -6.76 -8.30 30.30
CA GLU A 45 -8.06 -7.75 30.72
C GLU A 45 -8.63 -8.54 31.91
N PRO A 46 -8.09 -8.34 33.12
CA PRO A 46 -8.57 -9.06 34.35
C PRO A 46 -9.92 -8.52 34.84
N VAL A 47 -10.67 -9.37 35.52
CA VAL A 47 -11.99 -8.97 36.06
C VAL A 47 -12.11 -9.36 37.53
N SER A 48 -12.95 -8.64 38.26
CA SER A 48 -13.16 -8.91 39.68
C SER A 48 -14.33 -8.10 40.24
N PHE A 49 -14.29 -6.78 39.98
CA PHE A 49 -15.34 -5.89 40.46
C PHE A 49 -16.69 -6.20 39.80
N ASP A 50 -16.64 -6.58 38.52
CA ASP A 50 -17.86 -6.90 37.78
C ASP A 50 -18.19 -8.39 37.93
N ASP A 51 -19.33 -8.78 37.34
CA ASP A 51 -19.78 -10.18 37.39
C ASP A 51 -19.80 -10.69 38.85
N GLU A 52 -20.23 -9.81 39.76
CA GLU A 52 -20.30 -10.16 41.18
C GLU A 52 -21.05 -9.06 41.93
N VAL A 53 -22.19 -8.67 41.37
CA VAL A 53 -23.02 -7.62 41.97
C VAL A 53 -24.27 -8.23 42.58
N LEU A 54 -24.43 -8.07 43.89
CA LEU A 54 -25.59 -8.61 44.60
C LEU A 54 -26.35 -7.51 45.32
N GLU A 55 -27.68 -7.66 45.40
CA GLU A 55 -28.53 -6.67 46.06
C GLU A 55 -28.48 -5.34 45.32
N LEU A 56 -29.53 -5.08 44.53
CA LEU A 56 -29.63 -3.86 43.75
C LEU A 56 -30.73 -2.95 44.30
N THR A 57 -30.55 -1.64 44.12
CA THR A 57 -31.53 -0.66 44.59
C THR A 57 -32.86 -0.82 43.87
N ASP A 58 -32.80 -1.18 42.58
CA ASP A 58 -34.00 -1.37 41.78
C ASP A 58 -34.63 -2.75 42.06
N PRO A 59 -35.94 -2.91 41.91
CA PRO A 59 -36.61 -4.22 42.17
C PRO A 59 -36.23 -5.29 41.14
N ILE A 60 -35.71 -4.85 39.99
CA ILE A 60 -35.31 -5.76 38.92
C ILE A 60 -33.77 -5.79 38.81
N ALA A 61 -33.24 -6.91 38.33
CA ALA A 61 -31.79 -7.07 38.17
C ALA A 61 -31.43 -7.46 36.73
N PRO A 62 -31.30 -6.50 35.82
CA PRO A 62 -30.95 -6.79 34.38
C PRO A 62 -29.49 -7.21 34.24
N GLU A 63 -29.18 -7.89 33.13
CA GLU A 63 -27.82 -8.35 32.88
C GLU A 63 -27.35 -7.91 31.47
N PRO A 64 -26.04 -7.81 31.23
CA PRO A 64 -25.51 -7.38 29.89
C PRO A 64 -25.96 -8.30 28.76
N GLU A 65 -26.22 -7.70 27.60
CA GLU A 65 -26.67 -8.44 26.43
C GLU A 65 -25.86 -8.05 25.20
N LEU A 66 -25.94 -8.85 24.15
CA LEU A 66 -25.19 -8.58 22.91
C LEU A 66 -23.68 -8.37 23.24
N PRO A 67 -22.99 -9.41 23.74
CA PRO A 67 -21.54 -9.29 24.11
C PRO A 67 -20.66 -8.83 22.93
N PRO A 68 -19.57 -8.09 23.17
CA PRO A 68 -18.67 -7.60 22.08
C PRO A 68 -17.89 -8.74 21.44
N LEU A 69 -17.36 -8.47 20.23
CA LEU A 69 -16.59 -9.47 19.51
C LEU A 69 -15.22 -9.64 20.16
N GLU A 70 -14.71 -10.88 20.14
CA GLU A 70 -13.39 -11.18 20.71
C GLU A 70 -12.28 -10.52 19.89
N THR A 71 -12.47 -10.54 18.57
CA THR A 71 -11.48 -9.95 17.65
C THR A 71 -12.14 -9.44 16.38
N VAL A 72 -11.45 -8.55 15.68
CA VAL A 72 -11.94 -7.97 14.43
C VAL A 72 -10.90 -8.12 13.33
N GLY A 73 -11.35 -8.07 12.07
CA GLY A 73 -10.45 -8.21 10.94
C GLY A 73 -9.44 -7.07 10.89
N ASP A 74 -8.16 -7.42 10.86
CA ASP A 74 -7.09 -6.42 10.81
C ASP A 74 -5.77 -7.11 10.47
N ILE A 75 -4.82 -6.33 9.94
CA ILE A 75 -3.51 -6.86 9.58
C ILE A 75 -2.78 -7.28 10.86
N ASP A 76 -2.86 -6.43 11.88
CA ASP A 76 -2.21 -6.70 13.14
C ASP A 76 -3.00 -6.08 14.29
N VAL A 77 -2.50 -6.26 15.52
CA VAL A 77 -3.16 -5.72 16.70
C VAL A 77 -3.23 -4.19 16.60
N TYR A 78 -2.14 -3.58 16.16
CA TYR A 78 -2.07 -2.11 16.00
C TYR A 78 -2.64 -1.41 17.23
N SER A 79 -1.77 -1.10 18.20
CA SER A 79 -2.20 -0.43 19.43
C SER A 79 -2.66 1.01 19.11
N PRO A 80 -3.91 1.40 19.44
CA PRO A 80 -4.40 2.78 19.17
C PRO A 80 -3.78 3.81 20.12
N PRO A 81 -3.80 5.11 19.79
CA PRO A 81 -3.22 6.18 20.68
C PRO A 81 -3.86 6.16 22.07
N GLU A 82 -3.06 6.52 23.08
CA GLU A 82 -3.55 6.56 24.47
C GLU A 82 -4.31 5.26 24.84
N PRO A 83 -3.69 4.08 24.66
CA PRO A 83 -4.37 2.78 25.00
C PRO A 83 -4.45 2.58 26.51
N GLU A 84 -3.32 2.85 27.19
CA GLU A 84 -3.24 2.70 28.64
C GLU A 84 -3.52 1.25 29.08
N SER A 85 -2.84 0.82 30.14
CA SER A 85 -3.01 -0.54 30.66
C SER A 85 -4.45 -0.76 31.12
N GLU A 86 -5.06 0.31 31.65
CA GLU A 86 -6.44 0.26 32.12
C GLU A 86 -7.25 1.43 31.53
N PRO A 87 -7.76 1.29 30.31
CA PRO A 87 -8.56 2.38 29.64
C PRO A 87 -9.94 2.56 30.28
N ALA A 88 -10.44 3.78 30.22
CA ALA A 88 -11.76 4.11 30.78
C ALA A 88 -12.58 4.94 29.80
N TYR A 89 -11.90 5.83 29.08
CA TYR A 89 -12.55 6.69 28.10
C TYR A 89 -11.83 6.62 26.76
N THR A 90 -12.58 6.79 25.67
CA THR A 90 -12.00 6.75 24.32
C THR A 90 -12.73 7.71 23.38
N PRO A 91 -12.09 8.19 22.30
CA PRO A 91 -12.74 9.13 21.33
C PRO A 91 -13.79 8.42 20.46
N PRO A 92 -14.78 9.15 19.93
CA PRO A 92 -15.85 8.54 19.07
C PRO A 92 -15.30 8.10 17.69
N PRO A 93 -15.89 7.09 17.04
CA PRO A 93 -15.42 6.61 15.70
C PRO A 93 -15.44 7.72 14.64
N ALA A 94 -14.41 7.72 13.79
CA ALA A 94 -14.31 8.70 12.72
C ALA A 94 -13.31 8.23 11.67
N ALA A 95 -13.82 8.01 10.46
CA ALA A 95 -13.01 7.51 9.36
C ALA A 95 -12.63 8.65 8.37
N PRO A 96 -11.35 9.04 8.26
CA PRO A 96 -10.92 10.12 7.31
C PRO A 96 -11.26 9.74 5.87
N VAL A 97 -11.25 10.75 4.98
CA VAL A 97 -11.57 10.53 3.56
C VAL A 97 -10.61 9.47 2.99
N PHE A 98 -11.17 8.50 2.28
CA PHE A 98 -10.39 7.42 1.69
C PHE A 98 -9.63 7.89 0.45
N ASP A 99 -8.53 7.21 0.17
CA ASP A 99 -7.69 7.53 -0.99
C ASP A 99 -6.66 6.42 -1.20
N ARG A 100 -5.99 6.42 -2.35
CA ARG A 100 -4.99 5.39 -2.65
C ARG A 100 -3.99 5.23 -1.50
N ASP A 101 -3.25 6.31 -1.21
CA ASP A 101 -2.25 6.30 -0.14
C ASP A 101 -1.18 5.22 -0.37
N GLU A 102 0.06 5.55 0.00
CA GLU A 102 1.17 4.61 -0.16
C GLU A 102 2.11 4.68 1.04
N VAL A 103 2.61 5.88 1.31
CA VAL A 103 3.53 6.10 2.44
C VAL A 103 2.95 5.52 3.73
N ALA A 104 3.70 4.60 4.34
CA ALA A 104 3.28 3.96 5.59
C ALA A 104 1.98 3.18 5.42
N GLU A 105 1.89 2.03 6.09
CA GLU A 105 0.69 1.19 6.02
C GLU A 105 -0.37 1.69 7.01
N GLN A 106 -0.67 2.99 6.92
CA GLN A 106 -1.66 3.61 7.80
C GLN A 106 -2.85 4.16 7.01
N LEU A 107 -2.68 4.32 5.68
CA LEU A 107 -3.75 4.83 4.81
C LEU A 107 -4.49 6.00 5.46
N VAL A 108 -3.93 7.20 5.31
CA VAL A 108 -4.53 8.42 5.89
C VAL A 108 -5.11 9.33 4.79
N GLY A 109 -4.77 9.06 3.53
CA GLY A 109 -5.27 9.87 2.42
C GLY A 109 -4.31 11.01 2.09
N VAL A 110 -3.10 10.67 1.65
CA VAL A 110 -2.10 11.66 1.28
C VAL A 110 -2.11 11.86 -0.24
N SER A 111 -1.89 10.77 -0.96
CA SER A 111 -1.88 10.80 -2.43
C SER A 111 -3.31 10.85 -2.95
N ALA A 112 -3.46 11.16 -4.24
CA ALA A 112 -4.78 11.21 -4.86
C ALA A 112 -4.69 10.85 -6.34
N ALA A 113 -5.31 9.73 -6.71
CA ALA A 113 -5.31 9.28 -8.10
C ALA A 113 -6.39 8.23 -8.32
N SER A 114 -6.93 8.18 -9.55
CA SER A 114 -7.97 7.21 -9.89
C SER A 114 -7.38 5.81 -9.96
N ALA A 115 -8.10 4.83 -9.41
CA ALA A 115 -7.65 3.44 -9.41
C ALA A 115 -8.84 2.51 -9.28
N ALA A 116 -8.65 1.26 -9.69
CA ALA A 116 -9.70 0.27 -9.60
C ALA A 116 -9.09 -1.11 -9.54
N ALA A 117 -9.71 -2.02 -8.78
CA ALA A 117 -9.20 -3.37 -8.66
C ALA A 117 -10.34 -4.36 -8.47
N SER A 118 -10.15 -5.59 -8.98
CA SER A 118 -11.17 -6.63 -8.88
C SER A 118 -10.46 -7.97 -8.76
N ALA A 119 -11.09 -8.90 -8.04
CA ALA A 119 -10.50 -10.22 -7.86
C ALA A 119 -10.57 -11.03 -9.15
N PHE A 120 -9.56 -11.87 -9.36
CA PHE A 120 -9.49 -12.71 -10.56
C PHE A 120 -10.68 -13.68 -10.58
N GLY A 121 -11.35 -13.76 -11.73
CA GLY A 121 -12.50 -14.64 -11.88
C GLY A 121 -12.09 -16.10 -11.80
N SER A 122 -12.96 -16.92 -11.21
CA SER A 122 -12.69 -18.35 -11.04
C SER A 122 -13.99 -19.12 -10.89
N LEU A 123 -13.92 -20.44 -11.10
CA LEU A 123 -15.09 -21.31 -10.98
C LEU A 123 -14.68 -22.75 -10.68
N SER A 124 -15.54 -23.45 -9.95
CA SER A 124 -15.28 -24.84 -9.58
C SER A 124 -16.60 -25.57 -9.51
N SER A 125 -16.55 -26.88 -9.73
CA SER A 125 -17.76 -27.68 -9.70
C SER A 125 -17.57 -28.86 -8.73
N ALA A 126 -18.47 -29.85 -8.80
CA ALA A 126 -18.38 -31.02 -7.93
C ALA A 126 -19.01 -32.22 -8.59
N LEU A 127 -18.54 -33.42 -8.20
CA LEU A 127 -19.09 -34.65 -8.74
C LEU A 127 -19.20 -35.71 -7.64
N LEU A 128 -20.40 -36.25 -7.49
CA LEU A 128 -20.68 -37.27 -6.48
C LEU A 128 -21.02 -38.60 -7.16
N MET A 129 -20.64 -39.71 -6.51
CA MET A 129 -20.91 -41.04 -7.05
C MET A 129 -21.62 -41.92 -6.00
N PRO A 130 -22.39 -42.93 -6.42
CA PRO A 130 -23.12 -43.83 -5.46
C PRO A 130 -22.17 -44.77 -4.71
N LYS A 131 -22.60 -45.22 -3.54
CA LYS A 131 -21.79 -46.11 -2.72
C LYS A 131 -21.49 -47.41 -3.48
N ASP A 132 -20.22 -47.82 -3.44
CA ASP A 132 -19.80 -49.04 -4.12
C ASP A 132 -19.85 -50.23 -3.16
N GLY A 133 -20.90 -51.04 -3.27
CA GLY A 133 -21.06 -52.21 -2.42
C GLY A 133 -22.39 -52.91 -2.71
N LEU A 134 -22.65 -54.00 -1.98
CA LEU A 134 -23.89 -54.76 -2.14
C LEU A 134 -24.05 -55.78 -1.02
N GLU A 135 -24.89 -55.44 -0.04
CA GLU A 135 -25.14 -56.32 1.10
C GLU A 135 -25.97 -57.53 0.65
N HIS A 136 -25.50 -58.72 1.03
CA HIS A 136 -26.20 -59.97 0.67
C HIS A 136 -27.60 -59.97 1.26
N HIS A 137 -27.71 -59.58 2.53
CA HIS A 137 -29.00 -59.55 3.23
C HIS A 137 -29.96 -58.57 2.56
N HIS A 138 -29.43 -57.42 2.15
CA HIS A 138 -30.24 -56.39 1.49
C HIS A 138 -30.77 -56.91 0.16
N HIS A 139 -32.06 -56.60 -0.11
CA HIS A 139 -32.69 -57.03 -1.35
C HIS A 139 -33.79 -56.04 -1.74
N HIS A 140 -33.85 -55.68 -3.02
CA HIS A 140 -34.84 -54.71 -3.50
C HIS A 140 -36.26 -55.22 -3.24
N HIS A 141 -36.52 -56.47 -3.62
CA HIS A 141 -37.83 -57.07 -3.44
C HIS A 141 -37.94 -57.71 -2.05
N MET A 1 -12.40 0.63 0.22
CA MET A 1 -12.95 1.17 1.50
C MET A 1 -13.54 2.57 1.24
N SER A 2 -14.59 2.63 0.42
CA SER A 2 -15.25 3.89 0.10
C SER A 2 -15.86 4.50 1.35
N ASP A 3 -16.47 3.66 2.18
CA ASP A 3 -17.11 4.12 3.42
C ASP A 3 -17.14 3.01 4.47
N GLN A 4 -17.34 1.76 4.02
CA GLN A 4 -17.39 0.62 4.92
C GLN A 4 -17.48 -0.70 4.14
N SER A 5 -18.59 -0.88 3.41
CA SER A 5 -18.80 -2.08 2.60
C SER A 5 -18.47 -3.37 3.39
N GLN A 6 -18.47 -4.51 2.69
CA GLN A 6 -18.15 -5.79 3.32
C GLN A 6 -16.66 -6.15 3.10
N GLU A 7 -16.07 -5.57 2.06
CA GLU A 7 -14.66 -5.82 1.72
C GLU A 7 -13.76 -5.41 2.88
N PRO A 8 -12.50 -5.85 2.89
CA PRO A 8 -11.54 -5.46 3.97
C PRO A 8 -11.50 -3.94 4.11
N THR A 9 -10.93 -3.47 5.20
CA THR A 9 -10.83 -2.03 5.46
C THR A 9 -9.72 -1.41 4.62
N MET A 10 -9.68 -0.07 4.62
CA MET A 10 -8.69 0.66 3.85
C MET A 10 -7.27 0.19 4.18
N GLU A 11 -7.04 -0.09 5.47
CA GLU A 11 -5.72 -0.56 5.92
C GLU A 11 -5.39 -1.90 5.26
N GLU A 12 -6.32 -2.83 5.35
CA GLU A 12 -6.12 -4.18 4.81
C GLU A 12 -5.83 -4.14 3.31
N ILE A 13 -6.66 -3.43 2.54
CA ILE A 13 -6.47 -3.36 1.09
C ILE A 13 -5.10 -2.77 0.75
N LEU A 14 -4.63 -1.83 1.56
CA LEU A 14 -3.32 -1.22 1.35
C LEU A 14 -2.20 -2.23 1.55
N ALA A 15 -2.39 -3.11 2.54
CA ALA A 15 -1.41 -4.14 2.84
C ALA A 15 -1.23 -5.10 1.66
N SER A 16 -2.35 -5.47 1.04
CA SER A 16 -2.34 -6.38 -0.10
C SER A 16 -1.62 -5.78 -1.32
N ILE A 17 -1.87 -4.50 -1.57
CA ILE A 17 -1.25 -3.81 -2.71
C ILE A 17 0.26 -3.67 -2.51
N ARG A 18 0.67 -3.30 -1.28
CA ARG A 18 2.08 -3.12 -0.97
C ARG A 18 2.70 -2.10 -1.95
N ARG A 19 2.58 -0.82 -1.60
CA ARG A 19 3.10 0.25 -2.44
C ARG A 19 3.46 1.47 -1.60
N ILE A 20 4.54 2.15 -1.98
CA ILE A 20 5.01 3.35 -1.29
C ILE A 20 5.25 4.48 -2.29
N ILE A 21 4.70 5.66 -1.99
CA ILE A 21 4.84 6.82 -2.88
C ILE A 21 5.84 7.83 -2.30
N SER A 22 5.72 8.09 -1.00
CA SER A 22 6.58 9.09 -0.35
C SER A 22 8.06 8.73 -0.51
N GLU A 23 8.41 7.47 -0.29
CA GLU A 23 9.81 7.04 -0.43
C GLU A 23 9.93 5.98 -1.52
N ASP A 24 10.90 6.16 -2.42
CA ASP A 24 11.12 5.21 -3.51
C ASP A 24 9.81 4.91 -4.25
N ASP A 25 9.54 5.67 -5.31
CA ASP A 25 8.32 5.48 -6.08
C ASP A 25 8.47 4.32 -7.06
N ALA A 26 8.17 3.12 -6.56
CA ALA A 26 8.28 1.90 -7.36
C ALA A 26 7.26 1.93 -8.53
N PRO A 27 7.52 1.21 -9.62
CA PRO A 27 6.58 1.19 -10.80
C PRO A 27 5.17 0.78 -10.40
N ALA A 28 4.18 1.39 -11.07
CA ALA A 28 2.77 1.09 -10.80
C ALA A 28 1.99 0.96 -12.10
N GLU A 29 0.83 0.29 -12.03
CA GLU A 29 -0.01 0.10 -13.20
C GLU A 29 -1.47 -0.04 -12.72
N PRO A 30 -2.04 1.02 -12.13
CA PRO A 30 -3.44 0.99 -11.61
C PRO A 30 -4.47 0.99 -12.73
N ALA A 31 -5.67 0.51 -12.42
CA ALA A 31 -6.76 0.45 -13.40
C ALA A 31 -8.11 0.40 -12.70
N ALA A 32 -9.14 0.96 -13.35
CA ALA A 32 -10.48 0.97 -12.79
C ALA A 32 -11.52 1.22 -13.89
N GLU A 33 -11.96 0.13 -14.52
CA GLU A 33 -12.96 0.22 -15.59
C GLU A 33 -13.83 -1.03 -15.62
N ALA A 34 -15.15 -0.82 -15.58
CA ALA A 34 -16.10 -1.93 -15.62
C ALA A 34 -17.43 -1.47 -16.22
N ALA A 35 -18.04 -2.36 -17.00
CA ALA A 35 -19.32 -2.05 -17.65
C ALA A 35 -20.30 -3.23 -17.53
N PRO A 36 -21.62 -2.99 -17.56
CA PRO A 36 -22.64 -4.07 -17.46
C PRO A 36 -22.73 -4.91 -18.75
N PRO A 37 -23.33 -6.10 -18.71
CA PRO A 37 -23.45 -6.98 -19.92
C PRO A 37 -24.40 -6.37 -20.97
N PRO A 38 -24.25 -6.71 -22.26
CA PRO A 38 -25.13 -6.15 -23.34
C PRO A 38 -26.63 -6.43 -23.08
N PRO A 39 -27.55 -5.51 -23.42
CA PRO A 39 -29.01 -5.74 -23.20
C PRO A 39 -29.53 -6.99 -23.93
N PRO A 40 -30.55 -7.68 -23.41
CA PRO A 40 -31.09 -8.92 -24.06
C PRO A 40 -31.70 -8.63 -25.45
N GLU A 41 -32.11 -7.37 -25.66
CA GLU A 41 -32.71 -6.97 -26.94
C GLU A 41 -33.86 -7.93 -27.34
N PRO A 42 -34.92 -8.01 -26.54
CA PRO A 42 -36.09 -8.92 -26.84
C PRO A 42 -36.82 -8.52 -28.12
N GLU A 43 -36.67 -7.25 -28.52
CA GLU A 43 -37.32 -6.74 -29.73
C GLU A 43 -36.68 -7.36 -30.99
N PRO A 44 -37.41 -7.49 -32.10
CA PRO A 44 -36.86 -8.09 -33.36
C PRO A 44 -35.83 -7.19 -34.02
N GLU A 45 -34.96 -7.79 -34.84
CA GLU A 45 -33.91 -7.05 -35.54
C GLU A 45 -34.52 -6.12 -36.60
N PRO A 46 -33.90 -4.98 -36.91
CA PRO A 46 -34.44 -4.02 -37.92
C PRO A 46 -34.30 -4.55 -39.34
N VAL A 47 -35.19 -4.11 -40.22
CA VAL A 47 -35.18 -4.53 -41.62
C VAL A 47 -33.98 -3.93 -42.37
N SER A 48 -33.55 -2.74 -41.94
CA SER A 48 -32.43 -2.05 -42.58
C SER A 48 -31.17 -2.90 -42.49
N PHE A 49 -30.38 -2.88 -43.58
CA PHE A 49 -29.14 -3.65 -43.64
C PHE A 49 -27.98 -2.87 -43.02
N ASP A 50 -27.92 -2.89 -41.69
CA ASP A 50 -26.87 -2.17 -40.97
C ASP A 50 -25.54 -2.88 -41.09
N ASP A 51 -24.49 -2.30 -40.50
CA ASP A 51 -23.15 -2.90 -40.57
C ASP A 51 -23.12 -4.25 -39.87
N GLU A 52 -23.78 -4.34 -38.72
CA GLU A 52 -23.83 -5.57 -37.94
C GLU A 52 -24.78 -5.37 -36.77
N VAL A 53 -25.21 -6.47 -36.16
CA VAL A 53 -26.12 -6.38 -35.03
C VAL A 53 -25.40 -6.58 -33.68
N LEU A 54 -24.07 -6.46 -33.70
CA LEU A 54 -23.27 -6.61 -32.48
C LEU A 54 -22.42 -5.37 -32.24
N GLU A 55 -22.53 -4.80 -31.03
CA GLU A 55 -21.79 -3.60 -30.69
C GLU A 55 -20.41 -3.93 -30.11
N LEU A 56 -19.38 -3.33 -30.71
CA LEU A 56 -18.00 -3.53 -30.27
C LEU A 56 -17.18 -2.30 -30.64
N THR A 57 -16.59 -1.63 -29.65
CA THR A 57 -15.78 -0.43 -29.90
C THR A 57 -14.29 -0.68 -29.66
N ASP A 58 -13.96 -1.30 -28.51
CA ASP A 58 -12.56 -1.57 -28.18
C ASP A 58 -12.14 -2.98 -28.67
N PRO A 59 -10.88 -3.18 -29.07
CA PRO A 59 -10.39 -4.51 -29.53
C PRO A 59 -9.79 -5.34 -28.38
N ILE A 60 -10.66 -5.83 -27.50
CA ILE A 60 -10.22 -6.63 -26.34
C ILE A 60 -9.30 -5.78 -25.46
N ALA A 61 -9.08 -6.24 -24.22
CA ALA A 61 -8.22 -5.50 -23.28
C ALA A 61 -7.19 -6.44 -22.62
N PRO A 62 -6.04 -5.93 -22.18
CA PRO A 62 -4.99 -6.78 -21.51
C PRO A 62 -5.51 -7.46 -20.25
N GLU A 63 -4.93 -8.62 -19.93
CA GLU A 63 -5.34 -9.38 -18.75
C GLU A 63 -4.97 -8.63 -17.45
N PRO A 64 -5.64 -8.88 -16.34
CA PRO A 64 -5.35 -8.17 -15.04
C PRO A 64 -4.04 -8.62 -14.41
N GLU A 65 -3.41 -7.69 -13.68
CA GLU A 65 -2.15 -7.96 -13.00
C GLU A 65 -2.01 -7.04 -11.79
N LEU A 66 -1.73 -7.63 -10.62
CA LEU A 66 -1.60 -6.83 -9.39
C LEU A 66 -0.34 -7.25 -8.59
N PRO A 67 0.24 -6.37 -7.78
CA PRO A 67 1.46 -6.69 -6.96
C PRO A 67 1.19 -7.87 -5.99
N PRO A 68 2.22 -8.61 -5.58
CA PRO A 68 2.05 -9.76 -4.64
C PRO A 68 1.32 -9.35 -3.36
N LEU A 69 0.52 -10.27 -2.83
CA LEU A 69 -0.28 -10.00 -1.63
C LEU A 69 0.63 -9.55 -0.47
N GLU A 70 1.70 -10.30 -0.22
CA GLU A 70 2.64 -9.94 0.86
C GLU A 70 3.88 -10.83 0.85
N THR A 71 5.04 -10.20 0.95
CA THR A 71 6.32 -10.92 0.97
C THR A 71 7.10 -10.61 2.24
N VAL A 72 7.51 -9.35 2.39
CA VAL A 72 8.26 -8.92 3.57
C VAL A 72 7.75 -7.59 4.10
N GLY A 73 8.06 -7.28 5.35
CA GLY A 73 7.64 -6.02 5.98
C GLY A 73 6.24 -6.15 6.57
N ASP A 74 5.74 -5.04 7.13
CA ASP A 74 4.42 -5.01 7.73
C ASP A 74 3.96 -3.57 7.92
N ILE A 75 2.67 -3.40 8.25
CA ILE A 75 2.11 -2.07 8.47
C ILE A 75 2.42 -1.61 9.89
N ASP A 76 2.13 -2.48 10.86
CA ASP A 76 2.37 -2.18 12.26
C ASP A 76 2.48 -3.46 13.09
N VAL A 77 2.89 -3.31 14.35
CA VAL A 77 3.03 -4.46 15.25
C VAL A 77 2.01 -4.38 16.40
N TYR A 78 2.06 -5.35 17.30
CA TYR A 78 1.13 -5.39 18.44
C TYR A 78 1.84 -4.94 19.72
N SER A 79 2.11 -3.65 19.80
CA SER A 79 2.77 -3.07 20.97
C SER A 79 1.94 -3.24 22.26
N PRO A 80 0.63 -2.99 22.26
CA PRO A 80 -0.21 -3.14 23.50
C PRO A 80 -0.17 -4.57 24.07
N PRO A 81 -0.22 -4.75 25.40
CA PRO A 81 -0.21 -6.12 26.03
C PRO A 81 -1.36 -7.00 25.54
N GLU A 82 -2.46 -6.36 25.13
CA GLU A 82 -3.65 -7.04 24.61
C GLU A 82 -3.90 -8.46 25.22
N PRO A 83 -4.05 -8.58 26.55
CA PRO A 83 -4.31 -9.91 27.19
C PRO A 83 -5.71 -10.42 26.85
N GLU A 84 -6.68 -9.51 26.93
CA GLU A 84 -8.07 -9.84 26.62
C GLU A 84 -8.85 -8.62 26.17
N SER A 85 -9.93 -8.86 25.42
CA SER A 85 -10.78 -7.79 24.91
C SER A 85 -12.18 -8.33 24.66
N GLU A 86 -13.12 -7.43 24.32
CA GLU A 86 -14.50 -7.84 24.05
C GLU A 86 -14.97 -7.27 22.70
N PRO A 87 -14.56 -7.86 21.58
CA PRO A 87 -14.96 -7.38 20.22
C PRO A 87 -16.42 -7.74 19.89
N ALA A 88 -17.01 -6.96 18.98
CA ALA A 88 -18.39 -7.19 18.55
C ALA A 88 -18.50 -8.54 17.84
N TYR A 89 -19.65 -9.19 17.98
CA TYR A 89 -19.88 -10.49 17.35
C TYR A 89 -19.59 -10.42 15.85
N THR A 90 -18.84 -11.40 15.35
CA THR A 90 -18.49 -11.45 13.93
C THR A 90 -18.89 -12.81 13.33
N PRO A 91 -19.28 -12.87 12.05
CA PRO A 91 -19.68 -14.17 11.40
C PRO A 91 -18.53 -15.19 11.42
N PRO A 92 -18.82 -16.50 11.33
CA PRO A 92 -17.75 -17.55 11.35
C PRO A 92 -16.82 -17.45 10.13
N PRO A 93 -15.59 -17.98 10.20
CA PRO A 93 -14.62 -17.90 9.07
C PRO A 93 -15.14 -18.56 7.80
N ALA A 94 -16.01 -19.56 7.95
CA ALA A 94 -16.58 -20.26 6.81
C ALA A 94 -18.06 -20.56 7.03
N ALA A 95 -18.88 -20.14 6.08
CA ALA A 95 -20.32 -20.35 6.16
C ALA A 95 -20.93 -20.34 4.75
N PRO A 96 -22.12 -20.90 4.54
CA PRO A 96 -22.75 -20.92 3.16
C PRO A 96 -22.89 -19.51 2.57
N VAL A 97 -22.44 -19.37 1.33
CA VAL A 97 -22.50 -18.08 0.63
C VAL A 97 -22.84 -18.28 -0.84
N PHE A 98 -23.36 -17.22 -1.48
CA PHE A 98 -23.73 -17.29 -2.89
C PHE A 98 -22.49 -17.53 -3.75
N ASP A 99 -21.40 -16.83 -3.42
CA ASP A 99 -20.14 -16.97 -4.15
C ASP A 99 -18.99 -17.13 -3.17
N ARG A 100 -17.89 -17.74 -3.63
CA ARG A 100 -16.72 -17.97 -2.77
C ARG A 100 -16.41 -16.71 -1.95
N ASP A 101 -15.97 -15.64 -2.61
CA ASP A 101 -15.68 -14.36 -1.92
C ASP A 101 -14.90 -14.58 -0.62
N GLU A 102 -13.87 -15.44 -0.67
CA GLU A 102 -13.07 -15.72 0.53
C GLU A 102 -12.41 -14.45 1.02
N VAL A 103 -11.78 -13.71 0.10
CA VAL A 103 -11.10 -12.45 0.45
C VAL A 103 -10.64 -11.76 -0.83
N ALA A 104 -10.94 -10.47 -0.96
CA ALA A 104 -10.55 -9.70 -2.15
C ALA A 104 -10.20 -8.25 -1.80
N GLU A 105 -8.93 -8.03 -1.43
CA GLU A 105 -8.48 -6.68 -1.09
C GLU A 105 -8.48 -5.82 -2.35
N GLN A 106 -9.29 -4.76 -2.32
CA GLN A 106 -9.40 -3.85 -3.47
C GLN A 106 -9.40 -2.39 -3.02
N LEU A 107 -8.67 -1.55 -3.77
CA LEU A 107 -8.59 -0.12 -3.46
C LEU A 107 -9.05 0.71 -4.66
N VAL A 108 -8.57 0.32 -5.84
CA VAL A 108 -8.94 1.02 -7.08
C VAL A 108 -9.61 0.04 -8.06
N GLY A 109 -10.81 0.40 -8.51
CA GLY A 109 -11.55 -0.44 -9.44
C GLY A 109 -12.24 -1.57 -8.69
N VAL A 110 -13.01 -2.40 -9.41
CA VAL A 110 -13.71 -3.52 -8.79
C VAL A 110 -13.54 -4.78 -9.64
N SER A 111 -13.70 -5.95 -9.01
CA SER A 111 -13.56 -7.23 -9.72
C SER A 111 -14.76 -8.12 -9.43
N ALA A 112 -15.14 -8.93 -10.42
CA ALA A 112 -16.28 -9.84 -10.28
C ALA A 112 -16.03 -11.13 -11.04
N ALA A 113 -16.59 -12.22 -10.53
CA ALA A 113 -16.44 -13.53 -11.17
C ALA A 113 -17.65 -14.42 -10.86
N SER A 114 -17.92 -15.38 -11.75
CA SER A 114 -19.04 -16.29 -11.57
C SER A 114 -18.72 -17.66 -12.14
N ALA A 115 -19.21 -18.71 -11.48
CA ALA A 115 -18.98 -20.08 -11.93
C ALA A 115 -20.08 -20.98 -11.41
N ALA A 116 -20.39 -22.03 -12.17
CA ALA A 116 -21.43 -22.96 -11.78
C ALA A 116 -21.08 -24.36 -12.27
N ALA A 117 -20.62 -25.20 -11.35
CA ALA A 117 -20.23 -26.57 -11.68
C ALA A 117 -21.42 -27.51 -11.47
N SER A 118 -21.53 -28.51 -12.35
CA SER A 118 -22.63 -29.49 -12.27
C SER A 118 -22.10 -30.93 -12.22
N ALA A 119 -20.78 -31.09 -12.04
CA ALA A 119 -20.18 -32.43 -11.99
C ALA A 119 -20.48 -33.10 -10.64
N PHE A 120 -20.76 -34.41 -10.70
CA PHE A 120 -21.02 -35.18 -9.49
C PHE A 120 -20.87 -36.67 -9.74
N GLY A 121 -20.62 -37.43 -8.67
CA GLY A 121 -20.46 -38.88 -8.78
C GLY A 121 -21.07 -39.58 -7.58
N SER A 122 -21.09 -40.92 -7.61
CA SER A 122 -21.65 -41.70 -6.52
C SER A 122 -20.88 -41.44 -5.24
N LEU A 123 -19.55 -41.47 -5.34
CA LEU A 123 -18.69 -41.21 -4.19
C LEU A 123 -17.30 -40.77 -4.67
N SER A 124 -16.93 -39.53 -4.32
CA SER A 124 -15.63 -38.98 -4.72
C SER A 124 -15.29 -37.73 -3.92
N SER A 125 -15.98 -37.51 -2.79
CA SER A 125 -15.73 -36.35 -1.93
C SER A 125 -16.71 -36.31 -0.76
N ALA A 126 -17.98 -36.03 -1.05
CA ALA A 126 -19.01 -35.96 -0.01
C ALA A 126 -20.40 -35.82 -0.64
N LEU A 127 -21.42 -35.84 0.21
CA LEU A 127 -22.80 -35.69 -0.25
C LEU A 127 -23.58 -34.80 0.71
N LEU A 128 -24.38 -33.89 0.15
CA LEU A 128 -25.19 -32.97 0.96
C LEU A 128 -26.67 -33.11 0.62
N MET A 129 -27.50 -33.08 1.67
CA MET A 129 -28.95 -33.20 1.50
C MET A 129 -29.51 -31.90 0.92
N PRO A 130 -30.66 -31.94 0.24
CA PRO A 130 -31.28 -30.71 -0.35
C PRO A 130 -31.48 -29.60 0.68
N LYS A 131 -31.22 -28.36 0.27
CA LYS A 131 -31.35 -27.21 1.17
C LYS A 131 -32.41 -26.25 0.64
N ASP A 132 -33.33 -25.84 1.52
CA ASP A 132 -34.42 -24.94 1.15
C ASP A 132 -34.14 -23.50 1.64
N GLY A 133 -32.85 -23.15 1.69
CA GLY A 133 -32.44 -21.83 2.14
C GLY A 133 -32.46 -20.83 0.98
N LEU A 134 -33.66 -20.34 0.69
CA LEU A 134 -33.86 -19.37 -0.40
C LEU A 134 -34.34 -18.04 0.16
N GLU A 135 -34.04 -16.96 -0.56
CA GLU A 135 -34.44 -15.62 -0.13
C GLU A 135 -35.95 -15.43 -0.30
N HIS A 136 -36.59 -14.88 0.73
CA HIS A 136 -38.04 -14.66 0.70
C HIS A 136 -38.38 -13.40 -0.12
N HIS A 137 -37.81 -12.27 0.28
CA HIS A 137 -38.07 -11.00 -0.41
C HIS A 137 -37.01 -9.96 -0.05
N HIS A 138 -36.75 -9.04 -0.98
CA HIS A 138 -35.77 -7.97 -0.77
C HIS A 138 -36.44 -6.61 -0.75
N HIS A 139 -36.04 -5.77 0.20
CA HIS A 139 -36.60 -4.43 0.34
C HIS A 139 -35.56 -3.38 -0.05
N HIS A 140 -35.88 -2.59 -1.08
CA HIS A 140 -34.98 -1.55 -1.57
C HIS A 140 -35.35 -0.21 -0.93
N HIS A 141 -34.51 0.25 -0.01
CA HIS A 141 -34.72 1.53 0.68
C HIS A 141 -36.10 1.56 1.34
N MET A 1 -7.56 -8.56 5.36
CA MET A 1 -6.16 -9.07 5.28
C MET A 1 -5.72 -9.59 6.65
N SER A 2 -6.04 -8.82 7.69
CA SER A 2 -5.67 -9.20 9.06
C SER A 2 -6.93 -9.39 9.91
N ASP A 3 -6.81 -10.23 10.95
CA ASP A 3 -7.94 -10.51 11.82
C ASP A 3 -8.02 -9.48 12.96
N GLN A 4 -8.37 -8.24 12.59
CA GLN A 4 -8.50 -7.15 13.56
C GLN A 4 -9.98 -6.81 13.78
N SER A 5 -10.72 -6.75 12.67
CA SER A 5 -12.15 -6.43 12.71
C SER A 5 -12.85 -7.07 11.52
N GLN A 6 -14.13 -7.42 11.68
CA GLN A 6 -14.90 -8.02 10.59
C GLN A 6 -15.12 -7.01 9.45
N GLU A 7 -15.21 -5.72 9.81
CA GLU A 7 -15.40 -4.66 8.83
C GLU A 7 -14.11 -4.43 8.03
N PRO A 8 -14.18 -4.01 6.77
CA PRO A 8 -12.96 -3.76 5.95
C PRO A 8 -12.24 -2.48 6.35
N THR A 9 -11.00 -2.63 6.81
CA THR A 9 -10.20 -1.47 7.24
C THR A 9 -9.24 -1.04 6.14
N MET A 10 -9.07 0.27 6.00
CA MET A 10 -8.20 0.84 4.97
C MET A 10 -6.79 0.24 5.05
N GLU A 11 -6.38 -0.18 6.25
CA GLU A 11 -5.07 -0.79 6.43
C GLU A 11 -5.00 -2.09 5.61
N GLU A 12 -6.06 -2.89 5.69
CA GLU A 12 -6.08 -4.19 4.99
C GLU A 12 -5.91 -4.02 3.48
N ILE A 13 -6.72 -3.16 2.85
CA ILE A 13 -6.60 -2.95 1.39
C ILE A 13 -5.18 -2.50 1.03
N LEU A 14 -4.60 -1.68 1.89
CA LEU A 14 -3.24 -1.18 1.68
C LEU A 14 -2.23 -2.32 1.73
N ALA A 15 -2.44 -3.25 2.65
CA ALA A 15 -1.55 -4.40 2.79
C ALA A 15 -1.54 -5.21 1.50
N SER A 16 -2.72 -5.35 0.90
CA SER A 16 -2.87 -6.09 -0.35
C SER A 16 -2.04 -5.46 -1.47
N ILE A 17 -2.10 -4.13 -1.60
CA ILE A 17 -1.33 -3.40 -2.62
C ILE A 17 -1.12 -1.94 -2.18
N ARG A 18 -0.13 -1.73 -1.30
CA ARG A 18 0.18 -0.39 -0.79
C ARG A 18 0.20 0.64 -1.92
N ARG A 19 -0.35 1.82 -1.64
CA ARG A 19 -0.40 2.91 -2.61
C ARG A 19 -0.54 4.25 -1.92
N ILE A 20 0.20 5.25 -2.39
CA ILE A 20 0.16 6.60 -1.80
C ILE A 20 -0.52 7.61 -2.75
N ILE A 21 -0.65 7.25 -4.03
CA ILE A 21 -1.28 8.12 -5.03
C ILE A 21 -0.70 9.54 -4.96
N SER A 22 0.59 9.66 -5.29
CA SER A 22 1.27 10.95 -5.27
C SER A 22 2.19 11.13 -6.49
N GLU A 23 1.98 10.30 -7.52
CA GLU A 23 2.80 10.37 -8.75
C GLU A 23 4.30 10.38 -8.41
N ASP A 24 4.65 9.84 -7.24
CA ASP A 24 6.05 9.79 -6.80
C ASP A 24 6.75 8.57 -7.40
N ASP A 25 7.04 8.64 -8.69
CA ASP A 25 7.71 7.54 -9.38
C ASP A 25 9.23 7.75 -9.32
N ALA A 26 9.83 7.30 -8.21
CA ALA A 26 11.27 7.42 -8.00
C ALA A 26 12.01 6.38 -8.85
N PRO A 27 13.30 6.60 -9.15
CA PRO A 27 14.10 5.61 -9.97
C PRO A 27 14.23 4.26 -9.26
N ALA A 28 14.15 4.28 -7.93
CA ALA A 28 14.24 3.06 -7.13
C ALA A 28 13.45 3.22 -5.84
N GLU A 29 12.93 2.10 -5.33
CA GLU A 29 12.16 2.11 -4.10
C GLU A 29 12.16 0.70 -3.47
N PRO A 30 13.34 0.14 -3.18
CA PRO A 30 13.44 -1.22 -2.58
C PRO A 30 13.02 -1.24 -1.11
N ALA A 31 12.46 -2.37 -0.68
CA ALA A 31 12.02 -2.53 0.71
C ALA A 31 12.48 -3.88 1.25
N ALA A 32 13.14 -3.85 2.41
CA ALA A 32 13.63 -5.08 3.03
C ALA A 32 13.84 -4.89 4.53
N GLU A 33 13.74 -5.99 5.27
CA GLU A 33 13.93 -5.96 6.72
C GLU A 33 14.96 -7.02 7.12
N ALA A 34 15.78 -6.71 8.13
CA ALA A 34 16.80 -7.65 8.59
C ALA A 34 16.16 -8.93 9.09
N ALA A 35 15.08 -8.79 9.87
CA ALA A 35 14.37 -9.97 10.38
C ALA A 35 15.37 -11.00 10.98
N PRO A 36 16.12 -10.65 12.03
CA PRO A 36 17.11 -11.58 12.64
C PRO A 36 16.43 -12.79 13.33
N PRO A 37 16.93 -14.02 13.16
CA PRO A 37 16.33 -15.23 13.79
C PRO A 37 16.77 -15.41 15.26
N PRO A 38 16.06 -16.20 16.07
CA PRO A 38 16.45 -16.44 17.49
C PRO A 38 17.71 -17.30 17.59
N PRO A 39 18.45 -17.27 18.71
CA PRO A 39 19.70 -18.08 18.85
C PRO A 39 19.44 -19.60 18.70
N PRO A 40 19.88 -20.24 17.62
CA PRO A 40 19.66 -21.70 17.41
C PRO A 40 20.62 -22.56 18.22
N GLU A 41 20.23 -23.81 18.45
CA GLU A 41 21.07 -24.75 19.21
C GLU A 41 22.30 -25.15 18.38
N PRO A 42 23.40 -25.59 19.01
CA PRO A 42 24.63 -25.99 18.26
C PRO A 42 24.44 -27.29 17.47
N GLU A 43 25.02 -27.33 16.27
CA GLU A 43 24.92 -28.50 15.40
C GLU A 43 26.03 -28.47 14.34
N PRO A 44 26.40 -29.61 13.75
CA PRO A 44 27.47 -29.65 12.69
C PRO A 44 26.99 -29.00 11.39
N GLU A 45 27.91 -28.36 10.67
CA GLU A 45 27.59 -27.69 9.42
C GLU A 45 28.84 -27.54 8.53
N PRO A 46 28.68 -27.40 7.21
CA PRO A 46 29.85 -27.23 6.29
C PRO A 46 30.51 -25.86 6.44
N VAL A 47 31.79 -25.79 6.10
CA VAL A 47 32.54 -24.53 6.19
C VAL A 47 32.52 -23.74 4.88
N SER A 48 32.02 -24.37 3.80
CA SER A 48 31.96 -23.70 2.50
C SER A 48 30.54 -23.74 1.94
N PHE A 49 30.18 -22.69 1.20
CA PHE A 49 28.85 -22.60 0.58
C PHE A 49 28.76 -21.37 -0.33
N ASP A 50 29.37 -21.48 -1.52
CA ASP A 50 29.37 -20.39 -2.48
C ASP A 50 28.05 -20.33 -3.25
N ASP A 51 27.92 -19.33 -4.12
CA ASP A 51 26.71 -19.17 -4.92
C ASP A 51 26.64 -20.24 -6.02
N GLU A 52 27.62 -20.20 -6.94
CA GLU A 52 27.66 -21.16 -8.04
C GLU A 52 28.97 -20.96 -8.83
N VAL A 53 30.07 -20.94 -8.09
CA VAL A 53 31.39 -20.76 -8.71
C VAL A 53 32.16 -22.08 -8.65
N LEU A 54 32.87 -22.40 -9.73
CA LEU A 54 33.64 -23.64 -9.81
C LEU A 54 34.85 -23.46 -10.71
N GLU A 55 35.98 -24.07 -10.34
CA GLU A 55 37.20 -23.98 -11.13
C GLU A 55 36.99 -24.57 -12.51
N LEU A 56 36.28 -25.69 -12.57
CA LEU A 56 35.98 -26.37 -13.83
C LEU A 56 34.82 -25.64 -14.54
N THR A 57 34.21 -26.29 -15.54
CA THR A 57 33.10 -25.69 -16.27
C THR A 57 31.79 -26.38 -15.90
N ASP A 58 30.80 -25.59 -15.47
CA ASP A 58 29.50 -26.12 -15.08
C ASP A 58 28.64 -26.38 -16.33
N PRO A 59 27.65 -27.26 -16.26
CA PRO A 59 26.77 -27.55 -17.45
C PRO A 59 25.82 -26.40 -17.75
N ILE A 60 25.41 -26.29 -19.02
CA ILE A 60 24.50 -25.24 -19.45
C ILE A 60 23.14 -25.39 -18.76
N ALA A 61 22.61 -24.27 -18.27
CA ALA A 61 21.30 -24.27 -17.60
C ALA A 61 20.45 -23.09 -18.07
N PRO A 62 19.12 -23.19 -18.03
CA PRO A 62 18.22 -22.07 -18.47
C PRO A 62 18.25 -20.88 -17.52
N GLU A 63 18.09 -19.68 -18.06
CA GLU A 63 18.10 -18.46 -17.27
C GLU A 63 17.10 -17.43 -17.83
N PRO A 64 15.79 -17.67 -17.70
CA PRO A 64 14.75 -16.72 -18.24
C PRO A 64 14.73 -15.40 -17.47
N GLU A 65 14.97 -15.48 -16.15
CA GLU A 65 14.98 -14.28 -15.29
C GLU A 65 13.83 -13.32 -15.63
N LEU A 66 12.64 -13.90 -15.86
CA LEU A 66 11.46 -13.10 -16.21
C LEU A 66 10.26 -13.55 -15.36
N PRO A 67 10.12 -13.06 -14.13
CA PRO A 67 8.96 -13.44 -13.25
C PRO A 67 7.66 -12.79 -13.74
N PRO A 68 6.48 -13.37 -13.48
CA PRO A 68 5.18 -12.79 -13.94
C PRO A 68 4.93 -11.41 -13.33
N LEU A 69 5.06 -11.32 -12.00
CA LEU A 69 4.83 -10.05 -11.31
C LEU A 69 5.23 -10.16 -9.83
N GLU A 70 6.36 -9.52 -9.47
CA GLU A 70 6.84 -9.55 -8.09
C GLU A 70 6.74 -8.15 -7.48
N THR A 71 6.26 -8.09 -6.22
CA THR A 71 6.10 -6.82 -5.52
C THR A 71 6.27 -6.99 -4.01
N VAL A 72 6.65 -5.89 -3.35
CA VAL A 72 6.85 -5.90 -1.90
C VAL A 72 6.27 -4.62 -1.29
N GLY A 73 5.75 -4.73 -0.06
CA GLY A 73 5.17 -3.57 0.63
C GLY A 73 5.11 -3.81 2.14
N ASP A 74 4.59 -2.80 2.85
CA ASP A 74 4.46 -2.89 4.30
C ASP A 74 3.50 -1.82 4.81
N ILE A 75 2.95 -2.03 6.01
CA ILE A 75 2.01 -1.07 6.61
C ILE A 75 2.24 -0.90 8.12
N ASP A 76 3.13 -1.73 8.71
CA ASP A 76 3.43 -1.65 10.13
C ASP A 76 4.04 -0.30 10.48
N VAL A 77 3.73 0.18 11.69
CA VAL A 77 4.28 1.47 12.15
C VAL A 77 5.66 1.24 12.77
N TYR A 78 5.74 0.24 13.64
CA TYR A 78 7.01 -0.10 14.31
C TYR A 78 7.37 -1.56 14.07
N SER A 79 8.66 -1.80 13.81
CA SER A 79 9.15 -3.16 13.56
C SER A 79 10.46 -3.41 14.34
N PRO A 80 10.39 -3.56 15.68
CA PRO A 80 11.61 -3.82 16.51
C PRO A 80 12.15 -5.25 16.33
N PRO A 81 13.45 -5.48 16.49
CA PRO A 81 14.03 -6.86 16.33
C PRO A 81 13.53 -7.82 17.41
N GLU A 82 13.18 -7.27 18.57
CA GLU A 82 12.68 -8.08 19.69
C GLU A 82 11.37 -7.50 20.23
N PRO A 83 10.49 -8.32 20.81
CA PRO A 83 9.19 -7.83 21.36
C PRO A 83 9.35 -7.24 22.78
N GLU A 84 9.95 -6.05 22.84
CA GLU A 84 10.16 -5.36 24.13
C GLU A 84 9.15 -4.22 24.33
N SER A 85 8.09 -4.21 23.51
CA SER A 85 7.06 -3.17 23.61
C SER A 85 5.68 -3.79 23.82
N GLU A 86 4.77 -3.00 24.39
CA GLU A 86 3.41 -3.47 24.65
C GLU A 86 2.40 -2.56 23.91
N PRO A 87 1.98 -2.91 22.69
CA PRO A 87 1.00 -2.08 21.91
C PRO A 87 -0.41 -2.16 22.48
N ALA A 88 -1.21 -1.12 22.20
CA ALA A 88 -2.59 -1.07 22.67
C ALA A 88 -3.52 -0.60 21.55
N TYR A 89 -4.62 -1.31 21.38
CA TYR A 89 -5.59 -0.96 20.33
C TYR A 89 -7.01 -0.91 20.90
N THR A 90 -7.81 0.03 20.40
CA THR A 90 -9.20 0.19 20.84
C THR A 90 -10.09 -0.93 20.23
N PRO A 91 -11.07 -1.45 20.96
CA PRO A 91 -11.96 -2.53 20.42
C PRO A 91 -12.59 -2.14 19.07
N PRO A 92 -12.73 -3.07 18.12
CA PRO A 92 -13.33 -2.74 16.77
C PRO A 92 -14.72 -2.09 16.88
N PRO A 93 -15.04 -1.08 16.08
CA PRO A 93 -16.39 -0.41 16.13
C PRO A 93 -17.48 -1.28 15.52
N ALA A 94 -18.73 -1.05 15.94
CA ALA A 94 -19.86 -1.81 15.41
C ALA A 94 -20.42 -1.14 14.17
N ALA A 95 -20.65 -1.94 13.13
CA ALA A 95 -21.17 -1.41 11.88
C ALA A 95 -21.61 -2.58 10.95
N PRO A 96 -22.79 -3.17 11.16
CA PRO A 96 -23.28 -4.31 10.31
C PRO A 96 -23.33 -3.94 8.83
N VAL A 97 -22.90 -4.89 7.98
CA VAL A 97 -22.89 -4.67 6.53
C VAL A 97 -24.19 -5.16 5.89
N PHE A 98 -24.62 -4.46 4.85
CA PHE A 98 -25.84 -4.83 4.13
C PHE A 98 -26.00 -4.02 2.86
N ASP A 99 -25.78 -2.71 2.98
CA ASP A 99 -25.90 -1.79 1.83
C ASP A 99 -24.84 -2.13 0.79
N ARG A 100 -23.59 -2.26 1.23
CA ARG A 100 -22.50 -2.62 0.33
C ARG A 100 -22.66 -4.07 -0.11
N ASP A 101 -23.03 -4.92 0.84
CA ASP A 101 -23.26 -6.33 0.58
C ASP A 101 -22.08 -6.95 -0.17
N GLU A 102 -20.99 -7.22 0.57
CA GLU A 102 -19.77 -7.82 0.03
C GLU A 102 -18.95 -6.79 -0.76
N VAL A 103 -17.67 -6.65 -0.36
CA VAL A 103 -16.77 -5.71 -1.02
C VAL A 103 -15.41 -6.36 -1.30
N ALA A 104 -14.74 -5.86 -2.34
CA ALA A 104 -13.43 -6.39 -2.75
C ALA A 104 -12.29 -5.55 -2.16
N GLU A 105 -12.23 -5.51 -0.82
CA GLU A 105 -11.20 -4.74 -0.13
C GLU A 105 -9.80 -5.22 -0.54
N GLN A 106 -9.66 -6.54 -0.68
CA GLN A 106 -8.37 -7.12 -1.07
C GLN A 106 -7.92 -6.53 -2.40
N LEU A 107 -7.09 -5.49 -2.31
CA LEU A 107 -6.58 -4.79 -3.50
C LEU A 107 -6.00 -5.78 -4.52
N VAL A 108 -5.63 -6.99 -4.06
CA VAL A 108 -5.07 -8.02 -4.95
C VAL A 108 -5.91 -9.29 -4.88
N GLY A 109 -6.08 -9.95 -6.03
CA GLY A 109 -6.86 -11.18 -6.10
C GLY A 109 -6.38 -12.07 -7.24
N VAL A 110 -6.79 -13.35 -7.19
CA VAL A 110 -6.40 -14.33 -8.22
C VAL A 110 -4.89 -14.49 -8.25
N SER A 111 -4.44 -15.70 -8.62
CA SER A 111 -3.01 -16.00 -8.70
C SER A 111 -2.74 -17.14 -9.67
N ALA A 112 -1.50 -17.22 -10.15
CA ALA A 112 -1.10 -18.27 -11.08
C ALA A 112 0.39 -18.55 -10.97
N ALA A 113 0.78 -19.78 -11.33
CA ALA A 113 2.19 -20.18 -11.29
C ALA A 113 2.47 -21.25 -12.33
N SER A 114 1.97 -22.48 -12.10
CA SER A 114 2.17 -23.58 -13.03
C SER A 114 0.88 -24.38 -13.21
N ALA A 115 0.61 -24.79 -14.43
CA ALA A 115 -0.59 -25.57 -14.74
C ALA A 115 -0.36 -26.40 -16.00
N ALA A 116 -1.01 -27.56 -16.06
CA ALA A 116 -0.90 -28.44 -17.22
C ALA A 116 -2.25 -29.00 -17.63
N ALA A 117 -3.17 -29.13 -16.66
CA ALA A 117 -4.48 -29.70 -16.93
C ALA A 117 -5.20 -28.91 -18.01
N SER A 118 -5.16 -27.57 -17.91
CA SER A 118 -5.78 -26.73 -18.92
C SER A 118 -5.20 -25.33 -18.82
N ALA A 119 -5.13 -24.65 -19.96
CA ALA A 119 -4.58 -23.30 -19.98
C ALA A 119 -5.20 -22.47 -21.11
N PHE A 120 -5.26 -21.16 -20.91
CA PHE A 120 -5.81 -20.25 -21.94
C PHE A 120 -4.93 -20.23 -23.20
N GLY A 121 -3.66 -20.62 -23.04
CA GLY A 121 -2.72 -20.63 -24.16
C GLY A 121 -1.48 -21.46 -23.81
N SER A 122 -0.60 -21.63 -24.79
CA SER A 122 0.64 -22.40 -24.59
C SER A 122 1.85 -21.58 -25.01
N LEU A 123 2.98 -21.81 -24.33
CA LEU A 123 4.22 -21.10 -24.63
C LEU A 123 5.12 -21.95 -25.51
N SER A 124 5.25 -21.57 -26.78
CA SER A 124 6.08 -22.29 -27.74
C SER A 124 6.68 -21.33 -28.75
N SER A 125 7.01 -20.12 -28.29
CA SER A 125 7.57 -19.09 -29.14
C SER A 125 8.72 -18.42 -28.41
N ALA A 126 9.72 -17.96 -29.17
CA ALA A 126 10.88 -17.29 -28.59
C ALA A 126 11.37 -16.17 -29.48
N LEU A 127 11.94 -15.15 -28.86
CA LEU A 127 12.48 -14.01 -29.59
C LEU A 127 13.70 -13.44 -28.86
N LEU A 128 14.82 -13.33 -29.57
CA LEU A 128 16.05 -12.80 -28.99
C LEU A 128 16.06 -11.28 -29.06
N MET A 129 16.49 -10.65 -27.96
CA MET A 129 16.55 -9.19 -27.89
C MET A 129 17.70 -8.64 -28.75
N PRO A 130 17.65 -7.38 -29.19
CA PRO A 130 18.73 -6.78 -30.02
C PRO A 130 20.01 -6.53 -29.22
N LYS A 131 21.14 -6.51 -29.92
CA LYS A 131 22.43 -6.28 -29.26
C LYS A 131 22.44 -4.92 -28.57
N ASP A 132 22.84 -4.91 -27.30
CA ASP A 132 22.89 -3.68 -26.51
C ASP A 132 24.27 -3.51 -25.87
N GLY A 133 25.01 -2.50 -26.35
CA GLY A 133 26.34 -2.21 -25.83
C GLY A 133 26.27 -1.23 -24.66
N LEU A 134 27.16 -0.23 -24.68
CA LEU A 134 27.20 0.77 -23.61
C LEU A 134 27.42 0.11 -22.26
N GLU A 135 28.66 0.15 -21.77
CA GLU A 135 29.01 -0.44 -20.49
C GLU A 135 28.21 0.20 -19.36
N HIS A 136 28.08 -0.52 -18.23
CA HIS A 136 27.33 -0.02 -17.09
C HIS A 136 27.99 1.24 -16.52
N HIS A 137 29.33 1.23 -16.48
CA HIS A 137 30.07 2.37 -15.95
C HIS A 137 29.82 3.61 -16.82
N HIS A 138 29.66 4.76 -16.16
CA HIS A 138 29.41 6.02 -16.86
C HIS A 138 29.84 7.21 -16.00
N HIS A 139 29.96 8.38 -16.63
CA HIS A 139 30.36 9.60 -15.93
C HIS A 139 29.86 10.84 -16.68
N HIS A 140 29.87 11.98 -15.98
CA HIS A 140 29.43 13.24 -16.56
C HIS A 140 30.16 14.42 -15.92
N HIS A 141 30.55 15.38 -16.75
CA HIS A 141 31.27 16.57 -16.27
C HIS A 141 30.31 17.51 -15.53
N MET A 1 -8.89 -6.17 -0.19
CA MET A 1 -8.88 -5.70 -1.60
C MET A 1 -9.35 -6.83 -2.52
N SER A 2 -10.34 -6.53 -3.36
CA SER A 2 -10.88 -7.51 -4.29
C SER A 2 -11.27 -8.80 -3.56
N ASP A 3 -11.83 -8.65 -2.36
CA ASP A 3 -12.24 -9.80 -1.56
C ASP A 3 -13.45 -9.44 -0.70
N GLN A 4 -13.94 -10.41 0.08
CA GLN A 4 -15.08 -10.20 0.95
C GLN A 4 -14.79 -10.72 2.36
N SER A 5 -15.01 -9.86 3.36
CA SER A 5 -14.78 -10.23 4.75
C SER A 5 -15.78 -9.51 5.67
N GLN A 6 -15.56 -8.20 5.89
CA GLN A 6 -16.44 -7.41 6.74
C GLN A 6 -15.97 -5.96 6.73
N GLU A 7 -16.54 -5.16 5.82
CA GLU A 7 -16.15 -3.75 5.71
C GLU A 7 -14.63 -3.63 5.52
N PRO A 8 -14.09 -3.97 4.33
CA PRO A 8 -12.62 -3.91 4.07
C PRO A 8 -11.99 -2.61 4.60
N THR A 9 -11.16 -2.76 5.62
CA THR A 9 -10.48 -1.63 6.24
C THR A 9 -9.42 -1.03 5.31
N MET A 10 -9.22 0.27 5.44
CA MET A 10 -8.27 0.99 4.59
C MET A 10 -6.85 0.43 4.74
N GLU A 11 -6.46 0.09 5.97
CA GLU A 11 -5.11 -0.47 6.18
C GLU A 11 -5.00 -1.76 5.39
N GLU A 12 -6.00 -2.62 5.56
CA GLU A 12 -6.04 -3.93 4.90
C GLU A 12 -5.81 -3.77 3.39
N ILE A 13 -6.49 -2.80 2.77
CA ILE A 13 -6.36 -2.59 1.32
C ILE A 13 -4.90 -2.30 0.94
N LEU A 14 -4.24 -1.38 1.68
CA LEU A 14 -2.86 -1.04 1.36
C LEU A 14 -1.96 -2.28 1.52
N ALA A 15 -2.17 -3.01 2.61
CA ALA A 15 -1.40 -4.22 2.88
C ALA A 15 -1.63 -5.27 1.79
N SER A 16 -2.87 -5.37 1.32
CA SER A 16 -3.21 -6.34 0.29
C SER A 16 -2.39 -6.09 -0.97
N ILE A 17 -2.32 -4.83 -1.40
CA ILE A 17 -1.57 -4.48 -2.60
C ILE A 17 -0.06 -4.68 -2.37
N ARG A 18 0.58 -3.75 -1.65
CA ARG A 18 2.03 -3.84 -1.38
C ARG A 18 2.83 -4.07 -2.67
N ARG A 19 4.16 -4.06 -2.55
CA ARG A 19 5.02 -4.28 -3.72
C ARG A 19 4.88 -5.70 -4.23
N ILE A 20 4.81 -6.67 -3.30
CA ILE A 20 4.69 -8.08 -3.65
C ILE A 20 4.43 -8.92 -2.39
N ILE A 21 3.55 -9.91 -2.52
CA ILE A 21 3.21 -10.81 -1.40
C ILE A 21 3.49 -12.28 -1.78
N SER A 22 3.57 -12.58 -3.08
CA SER A 22 3.82 -13.94 -3.54
C SER A 22 2.71 -14.88 -3.04
N GLU A 23 1.46 -14.48 -3.31
CA GLU A 23 0.30 -15.26 -2.91
C GLU A 23 0.35 -16.67 -3.48
N ASP A 24 -0.36 -17.59 -2.83
CA ASP A 24 -0.40 -19.00 -3.26
C ASP A 24 1.00 -19.62 -3.19
N ASP A 25 1.74 -19.24 -2.16
CA ASP A 25 3.10 -19.76 -1.95
C ASP A 25 3.13 -20.69 -0.73
N ALA A 26 2.56 -21.89 -0.90
CA ALA A 26 2.51 -22.88 0.18
C ALA A 26 3.91 -23.46 0.44
N PRO A 27 4.23 -23.86 1.68
CA PRO A 27 5.57 -24.44 2.00
C PRO A 27 5.75 -25.84 1.41
N ALA A 28 7.00 -26.18 1.08
CA ALA A 28 7.31 -27.49 0.50
C ALA A 28 7.61 -28.55 1.58
N GLU A 29 7.60 -28.16 2.86
CA GLU A 29 7.86 -29.08 3.95
C GLU A 29 6.96 -28.73 5.14
N PRO A 30 5.64 -28.73 4.96
CA PRO A 30 4.69 -28.38 6.04
C PRO A 30 4.65 -29.44 7.15
N ALA A 31 4.31 -29.01 8.35
CA ALA A 31 4.23 -29.91 9.50
C ALA A 31 3.36 -29.31 10.60
N ALA A 32 2.77 -30.19 11.43
CA ALA A 32 1.92 -29.73 12.53
C ALA A 32 2.13 -30.60 13.75
N GLU A 33 2.27 -29.95 14.91
CA GLU A 33 2.47 -30.66 16.18
C GLU A 33 2.56 -29.67 17.33
N ALA A 34 1.74 -29.89 18.37
CA ALA A 34 1.74 -29.01 19.55
C ALA A 34 2.77 -29.51 20.55
N ALA A 35 3.63 -28.59 20.99
CA ALA A 35 4.69 -28.94 21.94
C ALA A 35 4.92 -27.79 22.95
N PRO A 36 5.54 -28.08 24.10
CA PRO A 36 5.80 -27.03 25.14
C PRO A 36 6.67 -25.88 24.58
N PRO A 37 6.54 -24.65 25.09
CA PRO A 37 7.34 -23.49 24.58
C PRO A 37 8.84 -23.63 24.90
N PRO A 38 9.73 -23.07 24.09
CA PRO A 38 11.21 -23.16 24.33
C PRO A 38 11.67 -22.31 25.53
N PRO A 39 12.80 -22.65 26.15
CA PRO A 39 13.33 -21.86 27.32
C PRO A 39 13.88 -20.50 26.90
N PRO A 40 14.02 -19.54 27.82
CA PRO A 40 14.55 -18.18 27.49
C PRO A 40 16.03 -18.22 27.10
N GLU A 41 16.46 -17.22 26.32
CA GLU A 41 17.85 -17.14 25.87
C GLU A 41 18.79 -16.80 27.04
N PRO A 42 20.09 -17.08 26.93
CA PRO A 42 21.07 -16.79 28.02
C PRO A 42 21.09 -15.31 28.41
N GLU A 43 21.31 -15.04 29.69
CA GLU A 43 21.36 -13.68 30.20
C GLU A 43 22.65 -13.43 30.99
N PRO A 44 23.15 -12.20 31.06
CA PRO A 44 24.42 -11.90 31.80
C PRO A 44 24.25 -12.03 33.31
N GLU A 45 25.32 -12.44 33.99
CA GLU A 45 25.32 -12.61 35.43
C GLU A 45 26.55 -11.89 36.06
N PRO A 46 26.57 -10.56 36.09
CA PRO A 46 27.73 -9.80 36.66
C PRO A 46 27.81 -9.93 38.17
N VAL A 47 29.04 -9.89 38.69
CA VAL A 47 29.28 -9.99 40.13
C VAL A 47 30.26 -8.92 40.59
N SER A 48 30.23 -8.61 41.89
CA SER A 48 31.11 -7.59 42.46
C SER A 48 31.90 -8.15 43.63
N PHE A 49 33.17 -7.74 43.74
CA PHE A 49 34.03 -8.19 44.83
C PHE A 49 33.52 -7.69 46.17
N ASP A 50 33.02 -6.44 46.18
CA ASP A 50 32.50 -5.84 47.40
C ASP A 50 31.03 -6.17 47.59
N ASP A 51 30.49 -5.84 48.76
CA ASP A 51 29.10 -6.15 49.08
C ASP A 51 28.15 -5.50 48.07
N GLU A 52 28.27 -4.18 47.89
CA GLU A 52 27.42 -3.46 46.95
C GLU A 52 27.87 -2.01 46.92
N VAL A 53 28.18 -1.51 45.72
CA VAL A 53 28.64 -0.13 45.58
C VAL A 53 27.85 0.61 44.50
N LEU A 54 27.86 1.94 44.58
CA LEU A 54 27.15 2.77 43.60
C LEU A 54 28.15 3.45 42.66
N GLU A 55 28.01 3.17 41.36
CA GLU A 55 28.91 3.74 40.36
C GLU A 55 28.35 3.52 38.96
N LEU A 56 28.23 4.61 38.20
CA LEU A 56 27.72 4.53 36.82
C LEU A 56 28.61 5.35 35.89
N THR A 57 29.60 4.68 35.30
CA THR A 57 30.53 5.34 34.38
C THR A 57 29.78 5.86 33.15
N ASP A 58 28.90 5.02 32.59
CA ASP A 58 28.12 5.38 31.42
C ASP A 58 26.77 6.00 31.84
N PRO A 59 26.50 7.28 31.58
CA PRO A 59 25.19 7.91 31.96
C PRO A 59 24.06 7.43 31.06
N ILE A 60 22.82 7.50 31.57
CA ILE A 60 21.65 7.08 30.79
C ILE A 60 20.59 8.18 30.75
N ALA A 61 19.78 8.17 29.69
CA ALA A 61 18.73 9.17 29.53
C ALA A 61 17.43 8.72 30.23
N PRO A 62 16.56 9.64 30.66
CA PRO A 62 15.28 9.29 31.33
C PRO A 62 14.26 8.70 30.36
N GLU A 63 13.29 7.95 30.89
CA GLU A 63 12.25 7.33 30.07
C GLU A 63 10.85 7.68 30.62
N PRO A 64 10.40 8.92 30.50
CA PRO A 64 9.06 9.35 31.01
C PRO A 64 7.91 8.79 30.16
N GLU A 65 6.73 8.71 30.77
CA GLU A 65 5.54 8.21 30.07
C GLU A 65 5.06 9.23 29.05
N LEU A 66 4.55 8.76 27.92
CA LEU A 66 4.06 9.64 26.86
C LEU A 66 2.64 10.14 27.19
N PRO A 67 2.26 11.36 26.80
CA PRO A 67 0.89 11.89 27.08
C PRO A 67 -0.19 11.25 26.19
N PRO A 68 -1.45 11.21 26.61
CA PRO A 68 -2.55 10.60 25.80
C PRO A 68 -2.83 11.38 24.50
N LEU A 69 -2.41 12.65 24.48
CA LEU A 69 -2.60 13.51 23.31
C LEU A 69 -1.24 14.00 22.80
N GLU A 70 -0.94 13.70 21.53
CA GLU A 70 0.32 14.11 20.93
C GLU A 70 0.09 14.94 19.67
N THR A 71 -0.52 14.33 18.65
CA THR A 71 -0.79 15.02 17.39
C THR A 71 -1.86 14.31 16.57
N VAL A 72 -2.21 14.91 15.44
CA VAL A 72 -3.23 14.35 14.54
C VAL A 72 -2.84 12.92 14.13
N GLY A 73 -3.85 12.06 14.02
CA GLY A 73 -3.62 10.67 13.65
C GLY A 73 -3.18 10.56 12.20
N ASP A 74 -2.74 9.35 11.82
CA ASP A 74 -2.28 9.11 10.46
C ASP A 74 -2.12 7.62 10.20
N ILE A 75 -1.83 7.26 8.95
CA ILE A 75 -1.64 5.85 8.58
C ILE A 75 -0.13 5.53 8.53
N ASP A 76 0.61 6.03 9.52
CA ASP A 76 2.04 5.79 9.59
C ASP A 76 2.35 4.59 10.49
N VAL A 77 2.16 4.76 11.80
CA VAL A 77 2.44 3.67 12.76
C VAL A 77 1.52 3.74 13.99
N TYR A 78 0.46 4.55 13.94
CA TYR A 78 -0.47 4.66 15.06
C TYR A 78 -1.89 4.34 14.61
N SER A 79 -2.37 5.06 13.60
CA SER A 79 -3.72 4.86 13.07
C SER A 79 -4.78 4.97 14.19
N PRO A 80 -4.79 6.07 14.97
CA PRO A 80 -5.80 6.25 16.06
C PRO A 80 -7.19 6.60 15.51
N PRO A 81 -8.28 6.30 16.23
CA PRO A 81 -9.66 6.61 15.74
C PRO A 81 -9.97 8.09 15.77
N GLU A 82 -10.63 8.57 14.72
CA GLU A 82 -11.01 9.98 14.61
C GLU A 82 -11.98 10.23 13.44
N PRO A 83 -13.09 10.94 13.62
CA PRO A 83 -14.05 11.24 12.50
C PRO A 83 -13.35 12.05 11.39
N GLU A 84 -13.75 11.80 10.14
CA GLU A 84 -13.16 12.52 9.01
C GLU A 84 -13.46 14.01 9.12
N SER A 85 -14.70 14.33 9.48
CA SER A 85 -15.13 15.72 9.63
C SER A 85 -14.87 16.54 8.35
N GLU A 86 -14.97 15.89 7.19
CA GLU A 86 -14.76 16.57 5.90
C GLU A 86 -13.46 17.41 5.93
N PRO A 87 -12.28 16.78 5.89
CA PRO A 87 -10.97 17.51 5.95
C PRO A 87 -10.66 18.25 4.66
N ALA A 88 -10.04 19.43 4.79
CA ALA A 88 -9.66 20.25 3.64
C ALA A 88 -8.47 21.13 3.98
N TYR A 89 -7.66 21.44 2.97
CA TYR A 89 -6.47 22.28 3.18
C TYR A 89 -5.59 21.72 4.31
N THR A 90 -5.53 20.38 4.39
CA THR A 90 -4.74 19.71 5.41
C THR A 90 -3.24 19.76 5.08
N PRO A 91 -2.35 19.62 6.07
CA PRO A 91 -0.87 19.66 5.83
C PRO A 91 -0.35 18.38 5.14
N PRO A 92 0.87 18.38 4.61
CA PRO A 92 1.44 17.18 3.91
C PRO A 92 1.40 15.93 4.81
N PRO A 93 1.18 14.73 4.26
CA PRO A 93 1.12 13.47 5.07
C PRO A 93 2.51 12.98 5.50
N ALA A 94 3.14 13.72 6.41
CA ALA A 94 4.47 13.35 6.92
C ALA A 94 4.50 13.53 8.43
N ALA A 95 4.87 12.44 9.11
CA ALA A 95 4.91 12.44 10.57
C ALA A 95 6.30 12.01 11.10
N PRO A 96 6.63 12.33 12.35
CA PRO A 96 7.96 11.98 12.95
C PRO A 96 8.09 10.47 13.20
N VAL A 97 9.33 10.02 13.42
CA VAL A 97 9.65 8.60 13.68
C VAL A 97 9.72 7.84 12.36
N PHE A 98 10.89 7.91 11.72
CA PHE A 98 11.12 7.23 10.45
C PHE A 98 12.55 6.64 10.46
N ASP A 99 12.65 5.32 10.26
CA ASP A 99 13.95 4.65 10.25
C ASP A 99 14.09 3.70 9.07
N ARG A 100 13.25 2.66 9.04
CA ARG A 100 13.29 1.67 7.96
C ARG A 100 12.09 1.86 7.02
N ASP A 101 10.90 1.38 7.42
CA ASP A 101 9.70 1.52 6.58
C ASP A 101 9.99 1.09 5.14
N GLU A 102 10.55 -0.12 4.99
CA GLU A 102 10.85 -0.66 3.68
C GLU A 102 9.57 -1.08 2.95
N VAL A 103 8.66 -1.70 3.70
CA VAL A 103 7.39 -2.19 3.15
C VAL A 103 6.62 -1.07 2.43
N ALA A 104 6.63 0.14 3.00
CA ALA A 104 5.92 1.28 2.41
C ALA A 104 4.44 0.91 2.18
N GLU A 105 3.67 0.89 3.28
CA GLU A 105 2.26 0.53 3.23
C GLU A 105 1.50 1.43 2.26
N GLN A 106 1.76 2.75 2.32
CA GLN A 106 1.10 3.76 1.47
C GLN A 106 0.64 3.20 0.12
N LEU A 107 -0.61 3.51 -0.23
CA LEU A 107 -1.17 3.03 -1.48
C LEU A 107 -0.43 3.65 -2.68
N VAL A 108 -0.35 4.98 -2.68
CA VAL A 108 0.32 5.70 -3.78
C VAL A 108 0.68 7.13 -3.36
N GLY A 109 1.73 7.66 -3.99
CA GLY A 109 2.19 9.02 -3.70
C GLY A 109 3.24 9.02 -2.60
N VAL A 110 4.12 10.03 -2.62
CA VAL A 110 5.17 10.13 -1.60
C VAL A 110 5.35 11.59 -1.16
N SER A 111 5.64 11.77 0.13
CA SER A 111 5.85 13.11 0.68
C SER A 111 6.48 13.01 2.07
N ALA A 112 7.74 13.43 2.17
CA ALA A 112 8.45 13.41 3.46
C ALA A 112 9.68 14.32 3.42
N ALA A 113 10.10 14.73 4.61
CA ALA A 113 11.26 15.61 4.75
C ALA A 113 11.03 16.92 3.97
N SER A 114 9.81 17.45 4.09
CA SER A 114 9.44 18.69 3.41
C SER A 114 9.73 19.94 4.26
N ALA A 115 10.43 19.75 5.39
CA ALA A 115 10.77 20.87 6.27
C ALA A 115 12.05 20.53 7.02
N ALA A 116 12.84 21.57 7.32
CA ALA A 116 14.10 21.37 8.03
C ALA A 116 14.47 22.63 8.83
N ALA A 117 13.55 23.04 9.70
CA ALA A 117 13.77 24.24 10.53
C ALA A 117 15.03 24.08 11.37
N SER A 118 15.78 25.18 11.48
CA SER A 118 17.02 25.19 12.27
C SER A 118 16.94 26.20 13.42
N ALA A 119 15.73 26.41 13.94
CA ALA A 119 15.51 27.36 15.03
C ALA A 119 16.45 27.09 16.19
N PHE A 120 16.88 28.17 16.84
CA PHE A 120 17.80 28.09 17.98
C PHE A 120 17.23 27.19 19.08
N GLY A 121 17.99 27.07 20.19
CA GLY A 121 17.57 26.25 21.31
C GLY A 121 18.60 25.17 21.63
N SER A 122 18.83 24.93 22.92
CA SER A 122 19.78 23.92 23.35
C SER A 122 19.49 23.48 24.79
N LEU A 123 19.66 22.19 25.06
CA LEU A 123 19.42 21.64 26.39
C LEU A 123 20.69 21.02 26.95
N SER A 124 21.12 21.50 28.12
CA SER A 124 22.32 21.00 28.77
C SER A 124 22.20 21.23 30.28
N SER A 125 21.04 20.84 30.82
CA SER A 125 20.76 20.97 32.23
C SER A 125 20.01 19.75 32.72
N ALA A 126 20.42 19.25 33.89
CA ALA A 126 19.77 18.07 34.45
C ALA A 126 19.78 18.12 35.98
N LEU A 127 18.75 17.54 36.59
CA LEU A 127 18.65 17.49 38.05
C LEU A 127 18.15 16.12 38.48
N LEU A 128 18.79 15.56 39.51
CA LEU A 128 18.40 14.25 40.03
C LEU A 128 16.95 14.27 40.50
N MET A 129 16.18 13.29 40.05
CA MET A 129 14.76 13.19 40.42
C MET A 129 14.61 12.75 41.89
N PRO A 130 13.55 13.16 42.59
CA PRO A 130 13.33 12.76 44.02
C PRO A 130 13.02 11.27 44.17
N LYS A 131 12.60 10.64 43.07
CA LYS A 131 12.27 9.21 43.08
C LYS A 131 13.49 8.38 43.44
N ASP A 132 14.66 8.77 42.95
CA ASP A 132 15.91 8.06 43.21
C ASP A 132 15.76 6.57 42.86
N GLY A 133 16.74 5.76 43.29
CA GLY A 133 16.72 4.33 43.00
C GLY A 133 15.73 3.60 43.90
N LEU A 134 14.44 3.92 43.71
CA LEU A 134 13.37 3.30 44.48
C LEU A 134 12.40 2.57 43.56
N GLU A 135 11.70 1.56 44.10
CA GLU A 135 10.74 0.79 43.31
C GLU A 135 11.42 0.22 42.06
N HIS A 136 12.60 -0.37 42.25
CA HIS A 136 13.37 -0.95 41.15
C HIS A 136 12.67 -2.19 40.56
N HIS A 137 11.68 -2.73 41.29
CA HIS A 137 10.96 -3.91 40.83
C HIS A 137 10.11 -3.57 39.61
N HIS A 138 10.00 -4.53 38.68
CA HIS A 138 9.22 -4.33 37.45
C HIS A 138 8.33 -5.55 37.16
N HIS A 139 7.89 -6.24 38.22
CA HIS A 139 7.05 -7.43 38.07
C HIS A 139 5.65 -7.02 37.61
N HIS A 140 5.03 -7.89 36.80
CA HIS A 140 3.69 -7.63 36.29
C HIS A 140 3.66 -6.29 35.52
N HIS A 141 4.74 -6.02 34.79
CA HIS A 141 4.84 -4.79 34.01
C HIS A 141 5.65 -5.04 32.73
N MET A 1 -3.56 -6.61 6.26
CA MET A 1 -3.40 -6.15 7.66
C MET A 1 -3.61 -7.33 8.61
N SER A 2 -4.71 -8.04 8.43
CA SER A 2 -5.05 -9.19 9.27
C SER A 2 -5.18 -8.76 10.74
N ASP A 3 -5.67 -7.54 10.94
CA ASP A 3 -5.87 -7.00 12.28
C ASP A 3 -7.17 -7.51 12.87
N GLN A 4 -7.41 -7.21 14.16
CA GLN A 4 -8.62 -7.64 14.83
C GLN A 4 -9.80 -6.72 14.45
N SER A 5 -10.11 -6.71 13.16
CA SER A 5 -11.21 -5.90 12.63
C SER A 5 -12.02 -6.73 11.63
N GLN A 6 -13.26 -6.30 11.36
CA GLN A 6 -14.12 -7.02 10.42
C GLN A 6 -14.17 -6.27 9.09
N GLU A 7 -14.55 -6.99 8.03
CA GLU A 7 -14.64 -6.40 6.68
C GLU A 7 -13.26 -5.90 6.22
N PRO A 8 -13.04 -5.72 4.92
CA PRO A 8 -11.72 -5.24 4.40
C PRO A 8 -11.54 -3.73 4.56
N THR A 9 -10.93 -3.34 5.68
CA THR A 9 -10.70 -1.92 5.98
C THR A 9 -9.69 -1.31 5.01
N MET A 10 -9.61 0.02 5.02
CA MET A 10 -8.69 0.75 4.15
C MET A 10 -7.24 0.36 4.40
N GLU A 11 -6.91 0.16 5.67
CA GLU A 11 -5.53 -0.22 6.03
C GLU A 11 -5.22 -1.57 5.38
N GLU A 12 -6.12 -2.54 5.60
CA GLU A 12 -5.95 -3.89 5.07
C GLU A 12 -5.82 -3.88 3.55
N ILE A 13 -6.68 -3.10 2.88
CA ILE A 13 -6.66 -3.02 1.42
C ILE A 13 -5.29 -2.54 0.93
N LEU A 14 -4.76 -1.49 1.56
CA LEU A 14 -3.45 -0.95 1.19
C LEU A 14 -2.38 -2.03 1.37
N ALA A 15 -2.50 -2.80 2.45
CA ALA A 15 -1.55 -3.88 2.72
C ALA A 15 -1.66 -4.97 1.65
N SER A 16 -2.90 -5.25 1.25
CA SER A 16 -3.18 -6.30 0.26
C SER A 16 -2.52 -6.02 -1.10
N ILE A 17 -2.57 -4.77 -1.56
CA ILE A 17 -1.98 -4.42 -2.85
C ILE A 17 -0.44 -4.39 -2.75
N ARG A 18 0.06 -3.92 -1.60
CA ARG A 18 1.50 -3.85 -1.39
C ARG A 18 2.15 -5.20 -1.67
N ARG A 19 1.87 -6.21 -0.84
CA ARG A 19 2.42 -7.55 -1.03
C ARG A 19 1.34 -8.61 -0.81
N ILE A 20 1.43 -9.71 -1.56
CA ILE A 20 0.47 -10.80 -1.45
C ILE A 20 1.16 -12.15 -1.71
N ILE A 21 1.06 -13.05 -0.73
CA ILE A 21 1.67 -14.38 -0.85
C ILE A 21 1.01 -15.14 -2.00
N SER A 22 -0.33 -15.09 -2.04
CA SER A 22 -1.10 -15.76 -3.09
C SER A 22 -2.47 -15.09 -3.22
N GLU A 23 -3.15 -15.35 -4.33
CA GLU A 23 -4.47 -14.75 -4.56
C GLU A 23 -5.56 -15.60 -3.89
N ASP A 24 -5.77 -15.33 -2.61
CA ASP A 24 -6.79 -16.06 -1.83
C ASP A 24 -7.05 -15.39 -0.46
N ASP A 25 -6.64 -14.13 -0.31
CA ASP A 25 -6.82 -13.40 0.95
C ASP A 25 -7.98 -12.41 0.86
N ALA A 26 -8.89 -12.64 -0.11
CA ALA A 26 -10.04 -11.76 -0.29
C ALA A 26 -11.16 -12.11 0.71
N PRO A 27 -11.49 -11.24 1.68
CA PRO A 27 -12.57 -11.54 2.67
C PRO A 27 -13.93 -11.74 2.01
N ALA A 28 -14.74 -12.65 2.58
CA ALA A 28 -16.07 -12.93 2.04
C ALA A 28 -16.93 -11.67 2.16
N GLU A 29 -17.76 -11.44 1.14
CA GLU A 29 -18.64 -10.28 1.12
C GLU A 29 -19.76 -10.49 0.08
N PRO A 30 -20.62 -11.49 0.26
CA PRO A 30 -21.73 -11.76 -0.71
C PRO A 30 -22.80 -10.68 -0.64
N ALA A 31 -23.35 -10.33 -1.81
CA ALA A 31 -24.39 -9.30 -1.89
C ALA A 31 -25.15 -9.40 -3.20
N ALA A 32 -26.37 -8.87 -3.21
CA ALA A 32 -27.20 -8.88 -4.40
C ALA A 32 -27.88 -7.53 -4.59
N GLU A 33 -28.34 -6.94 -3.48
CA GLU A 33 -28.99 -5.63 -3.52
C GLU A 33 -30.11 -5.61 -4.58
N ALA A 34 -31.08 -6.51 -4.41
CA ALA A 34 -32.19 -6.60 -5.35
C ALA A 34 -33.41 -7.23 -4.68
N ALA A 35 -34.59 -6.78 -5.09
CA ALA A 35 -35.85 -7.29 -4.54
C ALA A 35 -36.79 -7.72 -5.69
N PRO A 36 -36.71 -8.98 -6.15
CA PRO A 36 -37.57 -9.47 -7.28
C PRO A 36 -39.08 -9.29 -6.96
N PRO A 37 -39.93 -8.97 -7.94
CA PRO A 37 -41.40 -8.80 -7.70
C PRO A 37 -42.04 -10.07 -7.11
N PRO A 38 -43.10 -9.96 -6.32
CA PRO A 38 -43.78 -11.15 -5.71
C PRO A 38 -44.20 -12.17 -6.79
N PRO A 39 -44.18 -13.48 -6.50
CA PRO A 39 -44.56 -14.52 -7.51
C PRO A 39 -45.96 -14.27 -8.10
N PRO A 40 -46.19 -14.55 -9.40
CA PRO A 40 -47.53 -14.31 -10.03
C PRO A 40 -48.57 -15.32 -9.57
N GLU A 41 -49.84 -14.96 -9.75
CA GLU A 41 -50.95 -15.82 -9.33
C GLU A 41 -51.02 -17.06 -10.23
N PRO A 42 -51.55 -18.19 -9.73
CA PRO A 42 -51.65 -19.45 -10.55
C PRO A 42 -52.53 -19.29 -11.79
N GLU A 43 -53.46 -18.33 -11.73
CA GLU A 43 -54.37 -18.06 -12.84
C GLU A 43 -54.38 -16.56 -13.17
N PRO A 44 -54.62 -16.16 -14.42
CA PRO A 44 -54.64 -14.72 -14.81
C PRO A 44 -55.87 -13.99 -14.26
N GLU A 45 -55.70 -12.70 -13.98
CA GLU A 45 -56.80 -11.88 -13.45
C GLU A 45 -56.45 -10.37 -13.59
N PRO A 46 -55.38 -9.88 -12.95
CA PRO A 46 -55.01 -8.43 -13.05
C PRO A 46 -54.46 -8.06 -14.42
N VAL A 47 -54.72 -6.83 -14.85
CA VAL A 47 -54.24 -6.35 -16.15
C VAL A 47 -53.05 -5.40 -15.95
N SER A 48 -53.23 -4.43 -15.07
CA SER A 48 -52.17 -3.45 -14.78
C SER A 48 -51.05 -4.09 -13.96
N PHE A 49 -49.83 -3.55 -14.14
CA PHE A 49 -48.67 -4.06 -13.43
C PHE A 49 -47.98 -2.92 -12.68
N ASP A 50 -47.47 -3.23 -11.48
CA ASP A 50 -46.79 -2.23 -10.66
C ASP A 50 -45.34 -2.61 -10.42
N ASP A 51 -44.43 -1.87 -11.04
CA ASP A 51 -42.99 -2.11 -10.89
C ASP A 51 -42.19 -0.90 -11.35
N GLU A 52 -40.97 -0.78 -10.85
CA GLU A 52 -40.08 0.33 -11.21
C GLU A 52 -38.64 -0.17 -11.34
N VAL A 53 -38.50 -1.40 -11.87
CA VAL A 53 -37.20 -2.00 -12.05
C VAL A 53 -36.77 -1.84 -13.51
N LEU A 54 -35.64 -1.17 -13.73
CA LEU A 54 -35.13 -0.95 -15.10
C LEU A 54 -33.77 -1.63 -15.32
N GLU A 55 -33.30 -2.40 -14.33
CA GLU A 55 -32.01 -3.09 -14.44
C GLU A 55 -30.89 -2.09 -14.76
N LEU A 56 -30.86 -1.00 -14.00
CA LEU A 56 -29.84 0.04 -14.19
C LEU A 56 -28.47 -0.49 -13.80
N THR A 57 -27.44 -0.02 -14.52
CA THR A 57 -26.07 -0.43 -14.25
C THR A 57 -25.25 0.77 -13.77
N ASP A 58 -24.56 0.58 -12.64
CA ASP A 58 -23.73 1.64 -12.07
C ASP A 58 -22.29 1.54 -12.61
N PRO A 59 -21.53 2.63 -12.64
CA PRO A 59 -20.13 2.60 -13.16
C PRO A 59 -19.26 1.62 -12.38
N ILE A 60 -18.29 1.01 -13.07
CA ILE A 60 -17.39 0.05 -12.45
C ILE A 60 -16.59 0.72 -11.32
N ALA A 61 -16.08 1.92 -11.60
CA ALA A 61 -15.29 2.66 -10.61
C ALA A 61 -15.78 4.13 -10.52
N PRO A 62 -16.92 4.40 -9.90
CA PRO A 62 -17.46 5.79 -9.77
C PRO A 62 -16.50 6.71 -9.03
N GLU A 63 -16.36 7.95 -9.52
CA GLU A 63 -15.47 8.92 -8.88
C GLU A 63 -16.00 10.36 -9.09
N PRO A 64 -17.12 10.73 -8.48
CA PRO A 64 -17.70 12.11 -8.63
C PRO A 64 -16.88 13.14 -7.86
N GLU A 65 -16.79 14.36 -8.42
CA GLU A 65 -16.04 15.44 -7.77
C GLU A 65 -16.74 16.78 -7.99
N LEU A 66 -17.38 17.28 -6.92
CA LEU A 66 -18.08 18.56 -6.99
C LEU A 66 -17.09 19.74 -7.14
N PRO A 67 -16.03 19.84 -6.33
CA PRO A 67 -15.06 20.99 -6.43
C PRO A 67 -14.17 20.90 -7.69
N PRO A 68 -13.38 21.94 -7.98
CA PRO A 68 -12.50 21.96 -9.20
C PRO A 68 -11.62 20.71 -9.32
N LEU A 69 -10.75 20.72 -10.33
CA LEU A 69 -9.84 19.61 -10.59
C LEU A 69 -8.90 19.38 -9.41
N GLU A 70 -8.59 18.10 -9.18
CA GLU A 70 -7.70 17.72 -8.07
C GLU A 70 -6.30 17.39 -8.61
N THR A 71 -5.30 17.53 -7.74
CA THR A 71 -3.92 17.24 -8.12
C THR A 71 -3.13 16.70 -6.92
N VAL A 72 -2.07 15.95 -7.21
CA VAL A 72 -1.23 15.36 -6.17
C VAL A 72 -2.08 14.49 -5.25
N GLY A 73 -2.08 13.19 -5.52
CA GLY A 73 -2.85 12.22 -4.72
C GLY A 73 -2.71 10.82 -5.29
N ASP A 74 -1.73 10.08 -4.78
CA ASP A 74 -1.48 8.71 -5.24
C ASP A 74 -1.07 7.84 -4.05
N ILE A 75 -1.50 6.58 -4.08
CA ILE A 75 -1.16 5.64 -3.02
C ILE A 75 0.32 5.24 -3.12
N ASP A 76 0.81 5.17 -4.36
CA ASP A 76 2.20 4.81 -4.61
C ASP A 76 3.05 6.05 -4.73
N VAL A 77 4.14 6.11 -3.95
CA VAL A 77 5.04 7.26 -3.96
C VAL A 77 6.39 6.89 -4.58
N TYR A 78 7.24 7.90 -4.76
CA TYR A 78 8.56 7.69 -5.36
C TYR A 78 9.65 8.11 -4.38
N SER A 79 10.84 7.53 -4.52
CA SER A 79 11.96 7.83 -3.64
C SER A 79 12.37 9.32 -3.79
N PRO A 80 12.87 9.96 -2.73
CA PRO A 80 13.29 11.40 -2.80
C PRO A 80 14.57 11.62 -3.61
N PRO A 81 14.77 12.80 -4.20
CA PRO A 81 16.00 13.09 -5.01
C PRO A 81 17.26 13.22 -4.14
N GLU A 82 18.42 13.05 -4.77
CA GLU A 82 19.69 13.16 -4.06
C GLU A 82 20.58 14.24 -4.70
N PRO A 83 20.60 15.47 -4.19
CA PRO A 83 21.43 16.58 -4.77
C PRO A 83 22.91 16.37 -4.52
N GLU A 84 23.75 16.89 -5.43
CA GLU A 84 25.20 16.78 -5.32
C GLU A 84 25.64 15.31 -5.28
N SER A 85 26.33 14.88 -6.33
CA SER A 85 26.83 13.51 -6.40
C SER A 85 27.93 13.37 -7.45
N GLU A 86 28.88 12.47 -7.18
CA GLU A 86 29.98 12.24 -8.10
C GLU A 86 30.15 10.71 -8.35
N PRO A 87 29.22 10.07 -9.04
CA PRO A 87 29.31 8.60 -9.34
C PRO A 87 30.39 8.27 -10.37
N ALA A 88 31.04 7.12 -10.20
CA ALA A 88 32.09 6.68 -11.12
C ALA A 88 31.70 5.37 -11.80
N TYR A 89 32.05 5.27 -13.08
CA TYR A 89 31.75 4.08 -13.89
C TYR A 89 30.24 3.91 -14.12
N THR A 90 29.52 3.55 -13.05
CA THR A 90 28.07 3.37 -13.13
C THR A 90 27.40 3.70 -11.78
N PRO A 91 26.11 4.02 -11.75
CA PRO A 91 25.40 4.35 -10.46
C PRO A 91 25.49 3.19 -9.44
N PRO A 92 25.64 3.47 -8.15
CA PRO A 92 25.74 2.38 -7.12
C PRO A 92 24.38 1.70 -6.88
N PRO A 93 24.35 0.42 -6.49
CA PRO A 93 23.07 -0.31 -6.23
C PRO A 93 22.37 0.18 -4.97
N ALA A 94 21.04 0.08 -4.95
CA ALA A 94 20.26 0.52 -3.79
C ALA A 94 19.15 -0.48 -3.52
N ALA A 95 18.22 -0.61 -4.47
CA ALA A 95 17.10 -1.53 -4.30
C ALA A 95 16.27 -1.63 -5.60
N PRO A 96 15.49 -2.69 -5.78
CA PRO A 96 14.64 -2.85 -7.02
C PRO A 96 13.66 -1.69 -7.19
N VAL A 97 13.37 -1.35 -8.44
CA VAL A 97 12.44 -0.25 -8.75
C VAL A 97 11.37 -0.71 -9.73
N PHE A 98 10.25 0.03 -9.78
CA PHE A 98 9.15 -0.30 -10.67
C PHE A 98 9.13 0.65 -11.87
N ASP A 99 8.95 0.07 -13.06
CA ASP A 99 8.92 0.86 -14.29
C ASP A 99 7.48 1.13 -14.73
N ARG A 100 7.05 2.39 -14.56
CA ARG A 100 5.69 2.80 -14.95
C ARG A 100 4.65 1.78 -14.45
N ASP A 101 4.53 1.65 -13.13
CA ASP A 101 3.58 0.72 -12.53
C ASP A 101 2.18 1.34 -12.51
N GLU A 102 1.24 0.67 -13.16
CA GLU A 102 -0.15 1.15 -13.22
C GLU A 102 -0.80 1.03 -11.84
N VAL A 103 -0.84 2.15 -11.11
CA VAL A 103 -1.41 2.17 -9.76
C VAL A 103 -2.83 1.59 -9.77
N ALA A 104 -3.13 0.82 -8.72
CA ALA A 104 -4.43 0.18 -8.57
C ALA A 104 -4.77 0.04 -7.08
N GLU A 105 -6.00 -0.37 -6.78
CA GLU A 105 -6.47 -0.54 -5.38
C GLU A 105 -6.76 0.81 -4.74
N GLN A 106 -7.99 1.31 -4.98
CA GLN A 106 -8.41 2.59 -4.42
C GLN A 106 -8.50 2.50 -2.89
N LEU A 107 -7.68 3.31 -2.23
CA LEU A 107 -7.66 3.35 -0.76
C LEU A 107 -8.86 4.13 -0.23
N VAL A 108 -9.12 5.29 -0.85
CA VAL A 108 -10.24 6.15 -0.45
C VAL A 108 -11.06 6.60 -1.66
N GLY A 109 -12.31 6.97 -1.40
CA GLY A 109 -13.21 7.43 -2.47
C GLY A 109 -14.66 7.02 -2.18
N VAL A 110 -15.23 7.63 -1.15
CA VAL A 110 -16.63 7.34 -0.77
C VAL A 110 -17.46 8.62 -0.88
N SER A 111 -18.53 8.55 -1.67
CA SER A 111 -19.42 9.69 -1.87
C SER A 111 -20.80 9.23 -2.32
N ALA A 112 -21.78 10.13 -2.20
CA ALA A 112 -23.16 9.83 -2.60
C ALA A 112 -23.75 8.75 -1.70
N ALA A 113 -25.06 8.55 -1.82
CA ALA A 113 -25.75 7.54 -1.02
C ALA A 113 -27.06 7.12 -1.68
N SER A 114 -27.51 5.90 -1.39
CA SER A 114 -28.75 5.38 -1.95
C SER A 114 -29.41 4.41 -0.99
N ALA A 115 -30.75 4.46 -0.93
CA ALA A 115 -31.51 3.59 -0.04
C ALA A 115 -32.93 3.44 -0.57
N ALA A 116 -33.58 2.35 -0.22
CA ALA A 116 -34.95 2.10 -0.64
C ALA A 116 -35.59 1.10 0.31
N ALA A 117 -36.90 1.22 0.52
CA ALA A 117 -37.60 0.31 1.42
C ALA A 117 -38.92 -0.15 0.82
N SER A 118 -39.31 -1.38 1.13
CA SER A 118 -40.56 -1.95 0.63
C SER A 118 -41.18 -2.81 1.71
N ALA A 119 -42.51 -2.72 1.83
CA ALA A 119 -43.22 -3.47 2.84
C ALA A 119 -43.17 -4.98 2.55
N PHE A 120 -43.91 -5.77 3.33
CA PHE A 120 -43.96 -7.22 3.14
C PHE A 120 -45.40 -7.72 3.29
N GLY A 121 -45.76 -8.71 2.47
CA GLY A 121 -47.11 -9.28 2.53
C GLY A 121 -47.18 -10.60 1.79
N SER A 122 -48.15 -11.44 2.16
CA SER A 122 -48.35 -12.74 1.52
C SER A 122 -49.53 -12.74 0.56
N LEU A 123 -50.46 -11.79 0.76
CA LEU A 123 -51.66 -11.68 -0.09
C LEU A 123 -52.44 -12.98 -0.06
N SER A 124 -53.68 -12.93 -0.58
CA SER A 124 -54.55 -14.12 -0.61
C SER A 124 -54.60 -14.72 -2.02
N SER A 125 -54.37 -13.88 -3.03
CA SER A 125 -54.40 -14.31 -4.42
C SER A 125 -55.82 -14.73 -4.79
N ALA A 126 -56.62 -13.74 -5.16
CA ALA A 126 -58.01 -13.99 -5.51
C ALA A 126 -58.12 -14.96 -6.67
N LEU A 127 -59.15 -15.79 -6.64
CA LEU A 127 -59.40 -16.76 -7.70
C LEU A 127 -60.89 -16.98 -7.85
N LEU A 128 -61.36 -17.15 -9.10
CA LEU A 128 -62.79 -17.36 -9.36
C LEU A 128 -63.02 -18.72 -10.03
N MET A 129 -62.45 -19.77 -9.42
CA MET A 129 -62.60 -21.14 -9.93
C MET A 129 -62.05 -21.25 -11.38
N PRO A 130 -61.73 -22.46 -11.86
CA PRO A 130 -61.19 -22.63 -13.25
C PRO A 130 -62.26 -22.38 -14.31
N LYS A 131 -61.81 -22.05 -15.53
CA LYS A 131 -62.72 -21.76 -16.64
C LYS A 131 -63.09 -23.02 -17.43
N ASP A 132 -62.59 -24.19 -16.99
CA ASP A 132 -62.91 -25.46 -17.65
C ASP A 132 -62.78 -25.35 -19.18
N GLY A 133 -61.63 -24.86 -19.64
CA GLY A 133 -61.39 -24.70 -21.08
C GLY A 133 -60.81 -25.98 -21.70
N LEU A 134 -61.28 -27.13 -21.22
CA LEU A 134 -60.82 -28.43 -21.74
C LEU A 134 -61.82 -29.02 -22.74
N GLU A 135 -62.81 -28.23 -23.17
CA GLU A 135 -63.83 -28.70 -24.11
C GLU A 135 -63.18 -29.10 -25.44
N HIS A 136 -62.20 -28.32 -25.89
CA HIS A 136 -61.50 -28.60 -27.14
C HIS A 136 -60.07 -29.04 -26.88
N HIS A 137 -59.72 -30.22 -27.41
CA HIS A 137 -58.37 -30.76 -27.24
C HIS A 137 -57.91 -31.44 -28.52
N HIS A 138 -57.18 -30.70 -29.35
CA HIS A 138 -56.68 -31.23 -30.62
C HIS A 138 -55.28 -30.70 -30.93
N HIS A 139 -54.50 -31.50 -31.68
CA HIS A 139 -53.15 -31.11 -32.07
C HIS A 139 -52.30 -30.77 -30.84
N HIS A 140 -52.47 -31.55 -29.77
CA HIS A 140 -51.72 -31.34 -28.54
C HIS A 140 -50.64 -32.41 -28.38
N HIS A 141 -49.38 -31.97 -28.36
CA HIS A 141 -48.25 -32.89 -28.22
C HIS A 141 -47.21 -32.30 -27.27
N MET A 1 -12.48 2.32 3.12
CA MET A 1 -13.20 1.61 2.02
C MET A 1 -14.37 0.78 2.58
N SER A 2 -14.80 1.08 3.80
CA SER A 2 -15.91 0.35 4.41
C SER A 2 -17.24 0.79 3.79
N ASP A 3 -18.03 -0.20 3.37
CA ASP A 3 -19.33 0.07 2.75
C ASP A 3 -20.26 0.76 3.74
N GLN A 4 -20.27 0.28 4.98
CA GLN A 4 -21.13 0.87 6.01
C GLN A 4 -20.78 0.33 7.41
N SER A 5 -20.65 -1.00 7.52
CA SER A 5 -20.31 -1.63 8.80
C SER A 5 -19.80 -3.05 8.56
N GLN A 6 -18.79 -3.46 9.35
CA GLN A 6 -18.21 -4.80 9.21
C GLN A 6 -17.74 -5.01 7.77
N GLU A 7 -16.82 -4.15 7.35
CA GLU A 7 -16.27 -4.21 5.99
C GLU A 7 -14.75 -4.08 6.02
N PRO A 8 -14.03 -4.57 5.01
CA PRO A 8 -12.55 -4.46 4.98
C PRO A 8 -12.10 -3.00 5.09
N THR A 9 -11.25 -2.73 6.07
CA THR A 9 -10.72 -1.38 6.31
C THR A 9 -9.73 -1.02 5.20
N MET A 10 -9.76 0.25 4.76
CA MET A 10 -8.87 0.73 3.71
C MET A 10 -7.41 0.29 3.97
N GLU A 11 -7.08 0.14 5.25
CA GLU A 11 -5.73 -0.27 5.63
C GLU A 11 -5.42 -1.63 5.01
N GLU A 12 -6.35 -2.57 5.14
CA GLU A 12 -6.16 -3.91 4.60
C GLU A 12 -5.96 -3.90 3.08
N ILE A 13 -6.79 -3.15 2.35
CA ILE A 13 -6.69 -3.11 0.90
C ILE A 13 -5.32 -2.59 0.43
N LEU A 14 -4.87 -1.46 0.99
CA LEU A 14 -3.57 -0.90 0.62
C LEU A 14 -2.44 -1.81 1.11
N ALA A 15 -2.63 -2.38 2.30
CA ALA A 15 -1.65 -3.30 2.87
C ALA A 15 -1.47 -4.50 1.94
N SER A 16 -2.60 -4.97 1.39
CA SER A 16 -2.60 -6.12 0.48
C SER A 16 -1.77 -5.83 -0.78
N ILE A 17 -1.88 -4.60 -1.29
CA ILE A 17 -1.15 -4.22 -2.50
C ILE A 17 0.36 -4.36 -2.26
N ARG A 18 0.84 -3.85 -1.12
CA ARG A 18 2.28 -3.94 -0.79
C ARG A 18 3.14 -3.24 -1.86
N ARG A 19 4.45 -3.51 -1.86
CA ARG A 19 5.38 -2.93 -2.83
C ARG A 19 5.26 -1.41 -2.88
N ILE A 20 6.04 -0.73 -2.03
CA ILE A 20 6.04 0.74 -1.98
C ILE A 20 7.14 1.26 -1.05
N ILE A 21 7.47 0.48 -0.01
CA ILE A 21 8.50 0.87 0.96
C ILE A 21 9.89 0.88 0.33
N SER A 22 10.38 2.10 0.05
CA SER A 22 11.71 2.27 -0.54
C SER A 22 12.26 3.64 -0.18
N GLU A 23 13.49 3.67 0.33
CA GLU A 23 14.12 4.95 0.72
C GLU A 23 15.65 4.83 0.75
N ASP A 24 16.30 5.97 0.46
CA ASP A 24 17.76 6.09 0.44
C ASP A 24 18.35 5.41 -0.79
N ASP A 25 17.95 4.17 -1.05
CA ASP A 25 18.45 3.45 -2.22
C ASP A 25 17.88 4.06 -3.50
N ALA A 26 16.59 4.41 -3.44
CA ALA A 26 15.91 4.99 -4.59
C ALA A 26 16.46 6.40 -4.90
N PRO A 27 16.54 6.81 -6.18
CA PRO A 27 17.07 8.17 -6.54
C PRO A 27 16.09 9.30 -6.18
N ALA A 28 14.82 8.93 -5.90
CA ALA A 28 13.78 9.91 -5.57
C ALA A 28 13.54 10.87 -6.73
N GLU A 29 13.74 10.36 -7.96
CA GLU A 29 13.53 11.14 -9.17
C GLU A 29 13.25 10.17 -10.33
N PRO A 30 12.11 9.47 -10.31
CA PRO A 30 11.76 8.49 -11.39
C PRO A 30 11.80 9.10 -12.78
N ALA A 31 12.33 8.33 -13.73
CA ALA A 31 12.45 8.77 -15.12
C ALA A 31 11.06 9.04 -15.71
N ALA A 32 10.11 8.17 -15.37
CA ALA A 32 8.74 8.29 -15.86
C ALA A 32 8.71 8.16 -17.39
N GLU A 33 8.71 6.90 -17.85
CA GLU A 33 8.68 6.60 -19.27
C GLU A 33 7.65 5.52 -19.55
N ALA A 34 7.26 5.39 -20.83
CA ALA A 34 6.29 4.37 -21.23
C ALA A 34 6.82 3.53 -22.37
N ALA A 35 6.79 2.21 -22.19
CA ALA A 35 7.27 1.27 -23.19
C ALA A 35 6.36 0.03 -23.23
N PRO A 36 5.27 0.06 -24.00
CA PRO A 36 4.32 -1.10 -24.07
C PRO A 36 4.92 -2.32 -24.79
N PRO A 37 4.58 -3.55 -24.40
CA PRO A 37 5.13 -4.79 -25.05
C PRO A 37 4.45 -5.07 -26.41
N PRO A 38 5.04 -5.93 -27.25
CA PRO A 38 4.44 -6.26 -28.58
C PRO A 38 3.15 -7.07 -28.43
N PRO A 39 2.25 -7.07 -29.42
CA PRO A 39 0.96 -7.83 -29.33
C PRO A 39 1.18 -9.35 -29.35
N PRO A 40 0.34 -10.13 -28.67
CA PRO A 40 0.48 -11.62 -28.63
C PRO A 40 0.07 -12.29 -29.94
N GLU A 41 0.57 -13.51 -30.16
CA GLU A 41 0.26 -14.27 -31.37
C GLU A 41 -0.23 -15.69 -30.99
N PRO A 42 -1.46 -15.82 -30.46
CA PRO A 42 -2.01 -17.16 -30.06
C PRO A 42 -2.35 -18.04 -31.25
N GLU A 43 -2.36 -19.36 -31.01
CA GLU A 43 -2.67 -20.33 -32.06
C GLU A 43 -4.17 -20.26 -32.43
N PRO A 44 -4.55 -20.72 -33.63
CA PRO A 44 -5.98 -20.67 -34.07
C PRO A 44 -6.92 -21.30 -33.04
N GLU A 45 -6.47 -22.39 -32.42
CA GLU A 45 -7.27 -23.08 -31.40
C GLU A 45 -8.70 -23.37 -31.93
N PRO A 46 -8.84 -24.18 -32.98
CA PRO A 46 -10.19 -24.50 -33.56
C PRO A 46 -11.09 -25.24 -32.56
N VAL A 47 -10.48 -25.90 -31.58
CA VAL A 47 -11.22 -26.64 -30.56
C VAL A 47 -11.83 -25.65 -29.56
N SER A 48 -13.13 -25.79 -29.30
CA SER A 48 -13.82 -24.90 -28.37
C SER A 48 -13.25 -25.03 -26.97
N PHE A 49 -13.19 -23.91 -26.25
CA PHE A 49 -12.65 -23.88 -24.89
C PHE A 49 -13.76 -24.11 -23.86
N ASP A 50 -14.99 -23.71 -24.20
CA ASP A 50 -16.13 -23.86 -23.30
C ASP A 50 -16.65 -25.29 -23.32
N ASP A 51 -17.68 -25.55 -22.50
CA ASP A 51 -18.28 -26.88 -22.41
C ASP A 51 -19.62 -26.80 -21.70
N GLU A 52 -20.29 -27.94 -21.56
CA GLU A 52 -21.59 -28.01 -20.88
C GLU A 52 -21.51 -28.87 -19.62
N VAL A 53 -20.30 -29.31 -19.26
CA VAL A 53 -20.12 -30.15 -18.07
C VAL A 53 -20.27 -29.32 -16.80
N LEU A 54 -19.84 -28.07 -16.85
CA LEU A 54 -19.93 -27.16 -15.70
C LEU A 54 -20.72 -25.91 -16.05
N GLU A 55 -21.49 -25.42 -15.07
CA GLU A 55 -22.31 -24.22 -15.27
C GLU A 55 -21.73 -23.02 -14.49
N LEU A 56 -20.43 -23.05 -14.23
CA LEU A 56 -19.75 -21.98 -13.49
C LEU A 56 -19.85 -20.66 -14.24
N THR A 57 -19.69 -20.72 -15.57
CA THR A 57 -19.75 -19.53 -16.41
C THR A 57 -20.22 -19.86 -17.82
N ASP A 58 -20.92 -18.91 -18.45
CA ASP A 58 -21.40 -19.09 -19.81
C ASP A 58 -20.31 -18.69 -20.82
N PRO A 59 -20.34 -19.20 -22.06
CA PRO A 59 -19.31 -18.84 -23.07
C PRO A 59 -19.42 -17.40 -23.57
N ILE A 60 -20.61 -16.81 -23.40
CA ILE A 60 -20.86 -15.43 -23.83
C ILE A 60 -19.93 -14.48 -23.07
N ALA A 61 -19.85 -14.69 -21.75
CA ALA A 61 -19.00 -13.84 -20.90
C ALA A 61 -19.33 -12.35 -21.11
N PRO A 62 -20.58 -11.93 -20.90
CA PRO A 62 -20.99 -10.50 -21.09
C PRO A 62 -20.38 -9.56 -20.04
N GLU A 63 -19.92 -10.13 -18.93
CA GLU A 63 -19.31 -9.35 -17.85
C GLU A 63 -17.93 -8.80 -18.27
N PRO A 64 -17.41 -7.77 -17.60
CA PRO A 64 -16.08 -7.17 -17.96
C PRO A 64 -14.96 -8.22 -17.96
N GLU A 65 -14.08 -8.11 -18.95
CA GLU A 65 -12.96 -9.04 -19.09
C GLU A 65 -11.70 -8.48 -18.43
N LEU A 66 -11.02 -9.31 -17.65
CA LEU A 66 -9.79 -8.92 -16.97
C LEU A 66 -8.67 -9.92 -17.26
N PRO A 67 -7.40 -9.51 -17.20
CA PRO A 67 -6.26 -10.46 -17.50
C PRO A 67 -6.32 -11.74 -16.65
N PRO A 68 -6.21 -12.94 -17.24
CA PRO A 68 -6.27 -14.22 -16.46
C PRO A 68 -5.19 -14.30 -15.39
N LEU A 69 -3.99 -13.80 -15.72
CA LEU A 69 -2.87 -13.83 -14.79
C LEU A 69 -2.49 -12.42 -14.34
N GLU A 70 -1.52 -12.35 -13.42
CA GLU A 70 -1.05 -11.07 -12.87
C GLU A 70 -2.14 -10.38 -12.04
N THR A 71 -3.01 -11.19 -11.43
CA THR A 71 -4.12 -10.69 -10.59
C THR A 71 -5.05 -9.75 -11.35
N VAL A 72 -6.34 -9.82 -11.04
CA VAL A 72 -7.35 -8.99 -11.69
C VAL A 72 -7.14 -7.51 -11.36
N GLY A 73 -6.49 -7.23 -10.23
CA GLY A 73 -6.23 -5.86 -9.80
C GLY A 73 -7.53 -5.13 -9.43
N ASP A 74 -7.72 -3.93 -9.99
CA ASP A 74 -8.90 -3.12 -9.70
C ASP A 74 -8.88 -2.69 -8.23
N ILE A 75 -7.96 -1.78 -7.93
CA ILE A 75 -7.81 -1.29 -6.57
C ILE A 75 -9.12 -0.67 -6.08
N ASP A 76 -9.81 -0.01 -7.01
CA ASP A 76 -11.09 0.61 -6.70
C ASP A 76 -11.86 0.96 -7.96
N VAL A 77 -13.20 0.87 -7.86
CA VAL A 77 -14.07 1.18 -9.00
C VAL A 77 -14.67 2.57 -8.83
N TYR A 78 -15.52 2.97 -9.80
CA TYR A 78 -16.16 4.29 -9.76
C TYR A 78 -17.01 4.46 -8.52
N SER A 79 -17.70 3.38 -8.10
CA SER A 79 -18.55 3.43 -6.91
C SER A 79 -18.69 2.02 -6.31
N PRO A 80 -18.99 1.88 -5.02
CA PRO A 80 -19.15 0.55 -4.37
C PRO A 80 -20.42 -0.17 -4.82
N PRO A 81 -20.44 -1.51 -4.88
CA PRO A 81 -21.66 -2.28 -5.31
C PRO A 81 -22.65 -2.47 -4.16
N GLU A 82 -22.99 -1.36 -3.49
CA GLU A 82 -23.95 -1.38 -2.39
C GLU A 82 -24.26 0.06 -1.94
N PRO A 83 -25.13 0.79 -2.65
CA PRO A 83 -25.46 2.21 -2.28
C PRO A 83 -25.96 2.33 -0.84
N GLU A 84 -25.42 3.31 -0.11
CA GLU A 84 -25.81 3.54 1.27
C GLU A 84 -26.95 4.56 1.35
N SER A 85 -27.79 4.40 2.37
CA SER A 85 -28.90 5.33 2.57
C SER A 85 -28.41 6.61 3.23
N GLU A 86 -27.76 6.46 4.39
CA GLU A 86 -27.20 7.59 5.13
C GLU A 86 -25.73 7.32 5.52
N PRO A 87 -24.80 7.33 4.57
CA PRO A 87 -23.34 7.07 4.86
C PRO A 87 -22.70 8.25 5.61
N ALA A 88 -21.68 7.94 6.41
CA ALA A 88 -20.99 8.98 7.19
C ALA A 88 -19.50 8.69 7.30
N TYR A 89 -18.71 9.76 7.35
CA TYR A 89 -17.25 9.66 7.47
C TYR A 89 -16.71 10.90 8.18
N THR A 90 -15.78 10.69 9.14
CA THR A 90 -15.21 11.80 9.89
C THR A 90 -13.73 11.55 10.24
N PRO A 91 -12.95 12.60 10.52
CA PRO A 91 -11.50 12.44 10.88
C PRO A 91 -11.30 11.61 12.17
N PRO A 92 -10.14 11.00 12.37
CA PRO A 92 -9.87 10.17 13.59
C PRO A 92 -10.14 10.98 14.88
N PRO A 93 -10.62 10.36 15.97
CA PRO A 93 -10.94 11.09 17.23
C PRO A 93 -9.71 11.74 17.87
N ALA A 94 -8.53 11.11 17.72
CA ALA A 94 -7.31 11.66 18.29
C ALA A 94 -6.07 10.95 17.75
N ALA A 95 -4.98 11.71 17.63
CA ALA A 95 -3.71 11.18 17.16
C ALA A 95 -2.54 11.92 17.88
N PRO A 96 -2.40 11.76 19.19
CA PRO A 96 -1.33 12.46 19.98
C PRO A 96 0.08 12.18 19.45
N VAL A 97 0.34 10.91 19.09
CA VAL A 97 1.66 10.53 18.59
C VAL A 97 1.61 9.11 17.99
N PHE A 98 2.63 8.80 17.16
CA PHE A 98 2.73 7.48 16.53
C PHE A 98 4.19 7.07 16.43
N ASP A 99 4.42 5.74 16.30
CA ASP A 99 5.78 5.20 16.20
C ASP A 99 5.76 3.68 16.05
N ARG A 100 4.73 3.06 16.62
CA ARG A 100 4.59 1.60 16.55
C ARG A 100 4.57 1.16 15.09
N ASP A 101 3.88 1.92 14.25
CA ASP A 101 3.78 1.62 12.82
C ASP A 101 5.17 1.49 12.20
N GLU A 102 5.41 0.39 11.49
CA GLU A 102 6.70 0.14 10.84
C GLU A 102 6.49 -0.21 9.35
N VAL A 103 5.44 0.35 8.75
CA VAL A 103 5.14 0.10 7.34
C VAL A 103 4.60 1.36 6.67
N ALA A 104 4.90 1.52 5.37
CA ALA A 104 4.45 2.68 4.61
C ALA A 104 3.55 2.24 3.46
N GLU A 105 2.34 2.81 3.42
CA GLU A 105 1.37 2.49 2.37
C GLU A 105 0.20 3.47 2.43
N GLN A 106 -0.17 4.03 1.27
CA GLN A 106 -1.28 4.99 1.21
C GLN A 106 -2.14 4.79 -0.05
N LEU A 107 -2.21 3.54 -0.54
CA LEU A 107 -3.00 3.24 -1.76
C LEU A 107 -2.45 4.05 -2.93
N VAL A 108 -2.94 3.79 -4.13
CA VAL A 108 -2.48 4.50 -5.32
C VAL A 108 -3.65 5.04 -6.15
N GLY A 109 -3.36 6.08 -6.95
CA GLY A 109 -4.39 6.70 -7.80
C GLY A 109 -4.99 7.95 -7.14
N VAL A 110 -4.88 8.03 -5.81
CA VAL A 110 -5.42 9.17 -5.06
C VAL A 110 -4.83 10.50 -5.54
N SER A 111 -3.60 10.45 -6.05
CA SER A 111 -2.93 11.67 -6.54
C SER A 111 -3.12 11.81 -8.05
N ALA A 112 -3.71 12.92 -8.47
CA ALA A 112 -3.94 13.19 -9.88
C ALA A 112 -4.18 14.67 -10.11
N ALA A 113 -3.85 15.14 -11.32
CA ALA A 113 -4.04 16.55 -11.67
C ALA A 113 -4.59 16.69 -13.09
N SER A 114 -5.90 16.87 -13.19
CA SER A 114 -6.56 17.02 -14.49
C SER A 114 -6.15 15.90 -15.45
N ALA A 115 -5.87 14.71 -14.91
CA ALA A 115 -5.48 13.57 -15.72
C ALA A 115 -5.81 12.27 -15.00
N ALA A 116 -5.92 11.19 -15.76
CA ALA A 116 -6.22 9.88 -15.19
C ALA A 116 -5.41 8.80 -15.88
N ALA A 117 -5.45 8.81 -17.22
CA ALA A 117 -4.71 7.83 -18.01
C ALA A 117 -4.27 8.45 -19.33
N SER A 118 -3.13 7.99 -19.84
CA SER A 118 -2.58 8.49 -21.11
C SER A 118 -2.72 7.45 -22.22
N ALA A 119 -3.68 6.53 -22.06
CA ALA A 119 -3.91 5.48 -23.04
C ALA A 119 -4.43 6.08 -24.35
N PHE A 120 -4.01 5.49 -25.47
CA PHE A 120 -4.45 5.94 -26.79
C PHE A 120 -4.82 4.74 -27.66
N GLY A 121 -6.12 4.55 -27.89
CA GLY A 121 -6.60 3.44 -28.71
C GLY A 121 -6.16 2.11 -28.14
N SER A 122 -5.83 1.17 -29.03
CA SER A 122 -5.37 -0.16 -28.62
C SER A 122 -4.88 -0.95 -29.82
N LEU A 123 -3.55 -1.00 -29.99
CA LEU A 123 -2.95 -1.73 -31.12
C LEU A 123 -3.62 -1.34 -32.44
N SER A 124 -3.87 -0.03 -32.60
CA SER A 124 -4.50 0.49 -33.80
C SER A 124 -3.74 1.72 -34.32
N SER A 125 -2.43 1.73 -34.10
CA SER A 125 -1.59 2.83 -34.54
C SER A 125 -0.74 2.37 -35.70
N ALA A 126 -0.82 3.11 -36.81
CA ALA A 126 -0.06 2.76 -38.00
C ALA A 126 1.20 3.60 -38.13
N LEU A 127 1.94 3.38 -39.22
CA LEU A 127 3.17 4.12 -39.49
C LEU A 127 4.19 3.93 -38.36
N LEU A 128 4.42 2.67 -37.99
CA LEU A 128 5.36 2.33 -36.94
C LEU A 128 6.72 1.95 -37.54
N MET A 129 7.09 2.65 -38.62
CA MET A 129 8.36 2.39 -39.31
C MET A 129 9.56 2.78 -38.42
N PRO A 130 10.71 2.13 -38.54
CA PRO A 130 11.92 2.46 -37.72
C PRO A 130 12.57 3.76 -38.15
N LYS A 131 13.38 4.32 -37.25
CA LYS A 131 14.08 5.58 -37.53
C LYS A 131 15.10 5.38 -38.64
N ASP A 132 15.48 6.48 -39.31
CA ASP A 132 16.43 6.42 -40.40
C ASP A 132 17.85 6.23 -39.86
N GLY A 133 18.43 5.07 -40.14
CA GLY A 133 19.79 4.75 -39.70
C GLY A 133 19.75 3.74 -38.55
N LEU A 134 19.84 2.45 -38.90
CA LEU A 134 19.81 1.39 -37.90
C LEU A 134 20.96 1.51 -36.92
N GLU A 135 22.14 1.88 -37.44
CA GLU A 135 23.33 2.03 -36.59
C GLU A 135 24.09 3.30 -36.98
N HIS A 136 24.62 4.01 -35.98
CA HIS A 136 25.37 5.23 -36.23
C HIS A 136 26.21 5.61 -35.00
N HIS A 137 25.53 5.85 -33.88
CA HIS A 137 26.21 6.21 -32.64
C HIS A 137 26.19 5.04 -31.66
N HIS A 138 27.34 4.38 -31.51
CA HIS A 138 27.46 3.22 -30.61
C HIS A 138 28.11 3.58 -29.26
N HIS A 139 28.75 4.75 -29.20
CA HIS A 139 29.42 5.19 -27.96
C HIS A 139 28.41 5.41 -26.85
N HIS A 140 27.26 5.98 -27.19
CA HIS A 140 26.20 6.25 -26.20
C HIS A 140 26.75 7.11 -25.05
N HIS A 141 27.63 8.06 -25.39
CA HIS A 141 28.24 8.94 -24.39
C HIS A 141 27.99 10.40 -24.77
N MET A 1 -12.83 -3.94 -1.14
CA MET A 1 -11.97 -5.09 -1.54
C MET A 1 -12.85 -6.21 -2.09
N SER A 2 -12.37 -6.86 -3.16
CA SER A 2 -13.11 -7.95 -3.78
C SER A 2 -13.26 -9.12 -2.81
N ASP A 3 -12.23 -9.36 -2.00
CA ASP A 3 -12.25 -10.44 -1.02
C ASP A 3 -12.53 -9.90 0.37
N GLN A 4 -13.19 -10.73 1.19
CA GLN A 4 -13.52 -10.34 2.56
C GLN A 4 -13.51 -11.55 3.49
N SER A 5 -13.26 -11.29 4.78
CA SER A 5 -13.21 -12.36 5.78
C SER A 5 -13.74 -11.86 7.11
N GLN A 6 -13.14 -10.77 7.61
CA GLN A 6 -13.55 -10.18 8.88
C GLN A 6 -13.93 -8.72 8.68
N GLU A 7 -13.06 -7.98 7.98
CA GLU A 7 -13.31 -6.57 7.72
C GLU A 7 -12.28 -6.03 6.69
N PRO A 8 -12.59 -6.02 5.40
CA PRO A 8 -11.63 -5.51 4.36
C PRO A 8 -11.56 -3.97 4.33
N THR A 9 -11.08 -3.38 5.43
CA THR A 9 -10.98 -1.93 5.53
C THR A 9 -9.84 -1.38 4.68
N MET A 10 -9.85 -0.07 4.48
CA MET A 10 -8.83 0.62 3.67
C MET A 10 -7.40 0.31 4.15
N GLU A 11 -7.27 -0.15 5.41
CA GLU A 11 -5.96 -0.50 5.94
C GLU A 11 -5.47 -1.77 5.26
N GLU A 12 -6.34 -2.78 5.27
CA GLU A 12 -6.04 -4.08 4.68
C GLU A 12 -5.86 -3.96 3.17
N ILE A 13 -6.65 -3.09 2.53
CA ILE A 13 -6.58 -2.92 1.08
C ILE A 13 -5.19 -2.41 0.66
N LEU A 14 -4.70 -1.35 1.32
CA LEU A 14 -3.40 -0.78 1.00
C LEU A 14 -2.28 -1.79 1.27
N ALA A 15 -2.41 -2.51 2.38
CA ALA A 15 -1.42 -3.53 2.74
C ALA A 15 -1.41 -4.63 1.69
N SER A 16 -2.61 -5.12 1.39
CA SER A 16 -2.79 -6.24 0.47
C SER A 16 -1.99 -6.05 -0.82
N ILE A 17 -2.10 -4.88 -1.46
CA ILE A 17 -1.32 -4.64 -2.68
C ILE A 17 0.17 -4.59 -2.33
N ARG A 18 0.49 -3.79 -1.32
CA ARG A 18 1.87 -3.58 -0.88
C ARG A 18 2.39 -4.69 0.05
N ARG A 19 1.77 -5.88 -0.01
CA ARG A 19 2.21 -7.00 0.83
C ARG A 19 2.20 -8.30 0.04
N ILE A 20 3.33 -9.03 0.11
CA ILE A 20 3.45 -10.31 -0.59
C ILE A 20 4.05 -11.37 0.34
N ILE A 21 3.68 -12.63 0.10
CA ILE A 21 4.16 -13.75 0.92
C ILE A 21 5.68 -13.88 0.80
N SER A 22 6.19 -13.84 -0.44
CA SER A 22 7.64 -13.96 -0.67
C SER A 22 8.03 -13.49 -2.07
N GLU A 23 9.34 -13.28 -2.26
CA GLU A 23 9.86 -12.85 -3.55
C GLU A 23 11.29 -13.36 -3.72
N ASP A 24 11.57 -13.94 -4.89
CA ASP A 24 12.90 -14.50 -5.18
C ASP A 24 13.11 -14.61 -6.68
N ASP A 25 14.35 -14.90 -7.09
CA ASP A 25 14.66 -15.05 -8.50
C ASP A 25 14.38 -16.49 -8.97
N ALA A 26 13.09 -16.82 -9.07
CA ALA A 26 12.67 -18.15 -9.47
C ALA A 26 13.29 -18.54 -10.83
N PRO A 27 13.68 -19.81 -11.04
CA PRO A 27 14.29 -20.26 -12.33
C PRO A 27 13.27 -20.37 -13.46
N ALA A 28 13.79 -20.54 -14.69
CA ALA A 28 12.96 -20.66 -15.88
C ALA A 28 12.20 -19.35 -16.16
N GLU A 29 12.96 -18.33 -16.54
CA GLU A 29 12.40 -17.03 -16.86
C GLU A 29 13.16 -16.43 -18.07
N PRO A 30 13.15 -17.11 -19.22
CA PRO A 30 13.87 -16.61 -20.43
C PRO A 30 13.37 -15.23 -20.87
N ALA A 31 14.27 -14.44 -21.46
CA ALA A 31 13.92 -13.11 -21.95
C ALA A 31 14.94 -12.63 -22.98
N ALA A 32 14.45 -12.06 -24.08
CA ALA A 32 15.34 -11.57 -25.14
C ALA A 32 14.60 -10.60 -26.05
N GLU A 33 15.34 -9.65 -26.63
CA GLU A 33 14.77 -8.67 -27.55
C GLU A 33 13.50 -8.03 -26.93
N ALA A 34 13.64 -7.53 -25.70
CA ALA A 34 12.52 -6.91 -25.01
C ALA A 34 11.92 -5.78 -25.83
N ALA A 35 10.61 -5.87 -26.06
CA ALA A 35 9.89 -4.89 -26.86
C ALA A 35 8.40 -4.91 -26.52
N PRO A 36 7.62 -3.89 -26.92
CA PRO A 36 6.15 -3.85 -26.62
C PRO A 36 5.43 -5.11 -27.15
N PRO A 37 4.40 -5.61 -26.46
CA PRO A 37 3.66 -6.84 -26.91
C PRO A 37 2.79 -6.56 -28.15
N PRO A 38 2.40 -7.59 -28.89
CA PRO A 38 1.54 -7.42 -30.11
C PRO A 38 0.22 -6.70 -29.78
N PRO A 39 -0.38 -5.98 -30.71
CA PRO A 39 -1.67 -5.25 -30.45
C PRO A 39 -2.75 -6.21 -29.90
N PRO A 40 -3.65 -5.74 -29.03
CA PRO A 40 -4.71 -6.62 -28.43
C PRO A 40 -5.67 -7.16 -29.50
N GLU A 41 -6.18 -8.36 -29.25
CA GLU A 41 -7.11 -9.01 -30.18
C GLU A 41 -8.47 -8.29 -30.15
N PRO A 42 -9.29 -8.42 -31.19
CA PRO A 42 -10.63 -7.74 -31.24
C PRO A 42 -11.45 -8.01 -29.99
N GLU A 43 -11.34 -9.24 -29.48
CA GLU A 43 -12.06 -9.64 -28.27
C GLU A 43 -11.13 -9.53 -27.04
N PRO A 44 -11.44 -8.69 -26.03
CA PRO A 44 -10.56 -8.55 -24.82
C PRO A 44 -10.37 -9.89 -24.10
N GLU A 45 -9.18 -10.08 -23.53
CA GLU A 45 -8.86 -11.32 -22.82
C GLU A 45 -9.88 -11.58 -21.69
N PRO A 46 -10.18 -10.62 -20.80
CA PRO A 46 -11.17 -10.84 -19.71
C PRO A 46 -12.61 -10.82 -20.23
N VAL A 47 -13.50 -11.53 -19.55
CA VAL A 47 -14.90 -11.59 -19.95
C VAL A 47 -15.53 -10.21 -19.82
N SER A 48 -15.26 -9.55 -18.69
CA SER A 48 -15.80 -8.21 -18.44
C SER A 48 -15.14 -7.59 -17.21
N PHE A 49 -15.31 -8.24 -16.06
CA PHE A 49 -14.73 -7.76 -14.81
C PHE A 49 -14.14 -8.93 -14.01
N ASP A 50 -12.82 -9.06 -14.06
CA ASP A 50 -12.12 -10.13 -13.34
C ASP A 50 -11.16 -9.55 -12.30
N ASP A 51 -11.52 -9.70 -11.02
CA ASP A 51 -10.69 -9.18 -9.93
C ASP A 51 -9.31 -9.85 -9.94
N GLU A 52 -8.28 -9.05 -9.66
CA GLU A 52 -6.91 -9.56 -9.62
C GLU A 52 -6.00 -8.48 -9.07
N VAL A 53 -5.66 -8.59 -7.79
CA VAL A 53 -4.81 -7.60 -7.13
C VAL A 53 -3.36 -7.68 -7.62
N LEU A 54 -2.93 -8.90 -7.99
CA LEU A 54 -1.56 -9.10 -8.46
C LEU A 54 -1.29 -8.33 -9.75
N GLU A 55 -2.28 -8.33 -10.65
CA GLU A 55 -2.16 -7.62 -11.93
C GLU A 55 -0.85 -8.01 -12.65
N LEU A 56 -0.41 -9.25 -12.45
CA LEU A 56 0.82 -9.75 -13.08
C LEU A 56 0.54 -10.92 -14.02
N THR A 57 -0.65 -10.90 -14.66
CA THR A 57 -1.03 -11.94 -15.60
C THR A 57 -1.23 -11.36 -17.00
N ASP A 58 -2.20 -10.45 -17.12
CA ASP A 58 -2.48 -9.80 -18.39
C ASP A 58 -1.69 -8.49 -18.50
N PRO A 59 -1.43 -7.98 -19.71
CA PRO A 59 -0.66 -6.71 -19.87
C PRO A 59 -1.36 -5.53 -19.19
N ILE A 60 -0.56 -4.63 -18.59
CA ILE A 60 -1.11 -3.45 -17.91
C ILE A 60 -0.85 -2.17 -18.72
N ALA A 61 0.23 -2.16 -19.50
CA ALA A 61 0.58 -1.00 -20.31
C ALA A 61 1.40 -1.44 -21.55
N PRO A 62 1.40 -0.66 -22.63
CA PRO A 62 2.18 -1.03 -23.87
C PRO A 62 3.65 -1.27 -23.56
N GLU A 63 4.22 -0.44 -22.69
CA GLU A 63 5.62 -0.57 -22.31
C GLU A 63 5.88 0.10 -20.95
N PRO A 64 5.44 -0.50 -19.83
CA PRO A 64 5.65 0.10 -18.46
C PRO A 64 7.11 0.01 -18.03
N GLU A 65 7.60 1.08 -17.41
CA GLU A 65 8.98 1.13 -16.93
C GLU A 65 9.22 0.08 -15.85
N LEU A 66 8.23 -0.07 -14.95
CA LEU A 66 8.31 -1.04 -13.86
C LEU A 66 7.05 -0.98 -12.97
N PRO A 67 6.68 0.19 -12.44
CA PRO A 67 5.47 0.31 -11.57
C PRO A 67 4.15 0.18 -12.36
N PRO A 68 3.03 -0.12 -11.70
CA PRO A 68 1.71 -0.27 -12.39
C PRO A 68 1.21 1.04 -13.01
N LEU A 69 1.84 2.16 -12.63
CA LEU A 69 1.46 3.48 -13.14
C LEU A 69 0.03 3.82 -12.75
N GLU A 70 -0.12 4.91 -11.97
CA GLU A 70 -1.43 5.36 -11.51
C GLU A 70 -2.13 4.24 -10.73
N THR A 71 -3.25 4.58 -10.11
CA THR A 71 -4.02 3.61 -9.33
C THR A 71 -5.48 4.03 -9.22
N VAL A 72 -6.37 3.03 -9.06
CA VAL A 72 -7.80 3.28 -8.95
C VAL A 72 -8.20 3.28 -7.48
N GLY A 73 -8.84 4.36 -7.05
CA GLY A 73 -9.30 4.50 -5.66
C GLY A 73 -8.49 5.57 -4.93
N ASP A 74 -9.08 6.11 -3.88
CA ASP A 74 -8.43 7.15 -3.08
C ASP A 74 -8.95 7.13 -1.66
N ILE A 75 -8.05 6.94 -0.70
CA ILE A 75 -8.43 6.92 0.71
C ILE A 75 -8.42 8.34 1.23
N ASP A 76 -9.57 8.98 1.18
CA ASP A 76 -9.71 10.35 1.64
C ASP A 76 -9.29 10.45 3.11
N VAL A 77 -8.70 11.59 3.47
CA VAL A 77 -8.24 11.82 4.84
C VAL A 77 -7.80 13.28 4.99
N TYR A 78 -7.63 13.75 6.23
CA TYR A 78 -7.21 15.14 6.46
C TYR A 78 -5.89 15.41 5.74
N SER A 79 -5.72 16.65 5.28
CA SER A 79 -4.52 17.04 4.55
C SER A 79 -3.51 17.77 5.47
N PRO A 80 -2.37 17.15 5.83
CA PRO A 80 -1.35 17.81 6.68
C PRO A 80 -0.79 19.09 6.02
N PRO A 81 -0.35 20.08 6.79
CA PRO A 81 0.19 21.35 6.19
C PRO A 81 1.29 21.07 5.17
N GLU A 82 1.25 21.80 4.04
CA GLU A 82 2.23 21.61 2.97
C GLU A 82 2.70 22.97 2.40
N PRO A 83 3.46 23.77 3.17
CA PRO A 83 3.96 25.09 2.68
C PRO A 83 4.75 24.94 1.38
N GLU A 84 4.55 25.89 0.45
CA GLU A 84 5.24 25.85 -0.83
C GLU A 84 5.92 27.19 -1.14
N SER A 85 7.14 27.12 -1.65
CA SER A 85 7.90 28.32 -2.01
C SER A 85 8.00 28.44 -3.53
N GLU A 86 8.39 27.35 -4.17
CA GLU A 86 8.52 27.31 -5.63
C GLU A 86 9.34 28.52 -6.16
N PRO A 87 10.60 28.67 -5.75
CA PRO A 87 11.46 29.82 -6.22
C PRO A 87 11.55 29.88 -7.75
N ALA A 88 11.52 28.71 -8.37
CA ALA A 88 11.60 28.62 -9.84
C ALA A 88 10.42 29.34 -10.50
N TYR A 89 10.71 30.01 -11.61
CA TYR A 89 9.69 30.74 -12.35
C TYR A 89 8.59 29.78 -12.81
N THR A 90 9.00 28.65 -13.38
CA THR A 90 8.07 27.63 -13.85
C THR A 90 8.18 26.38 -12.96
N PRO A 91 7.19 25.48 -12.96
CA PRO A 91 7.24 24.24 -12.11
C PRO A 91 8.54 23.45 -12.36
N PRO A 92 9.28 23.06 -11.32
CA PRO A 92 10.55 22.28 -11.50
C PRO A 92 10.29 20.78 -11.78
N PRO A 93 11.25 20.05 -12.37
CA PRO A 93 11.07 18.59 -12.65
C PRO A 93 10.98 17.77 -11.36
N ALA A 94 11.46 18.36 -10.25
CA ALA A 94 11.43 17.72 -8.95
C ALA A 94 11.21 18.77 -7.88
N ALA A 95 10.72 18.35 -6.71
CA ALA A 95 10.47 19.29 -5.62
C ALA A 95 10.80 18.64 -4.26
N PRO A 96 12.08 18.39 -3.96
CA PRO A 96 12.49 17.77 -2.67
C PRO A 96 12.44 18.76 -1.52
N VAL A 97 11.50 18.54 -0.58
CA VAL A 97 11.35 19.41 0.58
C VAL A 97 11.24 18.59 1.86
N PHE A 98 11.62 19.21 2.99
CA PHE A 98 11.55 18.54 4.29
C PHE A 98 10.69 19.34 5.26
N ASP A 99 9.64 18.70 5.77
CA ASP A 99 8.73 19.35 6.72
C ASP A 99 8.22 18.35 7.77
N ARG A 100 9.04 17.35 8.09
CA ARG A 100 8.70 16.32 9.08
C ARG A 100 7.60 15.40 8.53
N ASP A 101 6.39 15.95 8.36
CA ASP A 101 5.26 15.17 7.85
C ASP A 101 5.02 13.93 8.71
N GLU A 102 3.99 13.15 8.34
CA GLU A 102 3.66 11.94 9.09
C GLU A 102 3.26 10.84 8.10
N VAL A 103 3.70 9.60 8.38
CA VAL A 103 3.38 8.47 7.50
C VAL A 103 3.15 7.19 8.32
N ALA A 104 2.21 6.37 7.86
CA ALA A 104 1.89 5.11 8.53
C ALA A 104 1.26 4.14 7.53
N GLU A 105 0.10 4.53 6.98
CA GLU A 105 -0.60 3.70 6.00
C GLU A 105 -1.62 4.56 5.26
N GLN A 106 -1.22 5.08 4.10
CA GLN A 106 -2.10 5.92 3.28
C GLN A 106 -1.79 5.71 1.81
N LEU A 107 -2.84 5.48 1.00
CA LEU A 107 -2.66 5.27 -0.43
C LEU A 107 -2.87 6.58 -1.18
N VAL A 108 -2.19 6.71 -2.33
CA VAL A 108 -2.32 7.89 -3.16
C VAL A 108 -1.89 9.15 -2.36
N GLY A 109 -2.84 9.88 -1.76
CA GLY A 109 -2.51 11.06 -0.97
C GLY A 109 -1.85 12.15 -1.81
N VAL A 110 -2.25 12.26 -3.09
CA VAL A 110 -1.68 13.25 -4.00
C VAL A 110 -2.79 14.20 -4.47
N SER A 111 -2.59 15.50 -4.25
CA SER A 111 -3.55 16.52 -4.63
C SER A 111 -2.93 17.53 -5.60
N ALA A 112 -3.75 18.45 -6.11
CA ALA A 112 -3.28 19.47 -7.03
C ALA A 112 -2.24 20.36 -6.35
N ALA A 113 -2.53 20.72 -5.10
CA ALA A 113 -1.63 21.57 -4.30
C ALA A 113 -1.15 22.77 -5.13
N SER A 114 -2.04 23.73 -5.35
CA SER A 114 -1.71 24.93 -6.13
C SER A 114 -2.55 26.12 -5.67
N ALA A 115 -1.99 27.32 -5.80
CA ALA A 115 -2.69 28.54 -5.41
C ALA A 115 -2.10 29.73 -6.19
N ALA A 116 -0.98 30.28 -5.71
CA ALA A 116 -0.34 31.42 -6.36
C ALA A 116 0.96 31.81 -5.62
N ALA A 117 1.84 30.82 -5.45
CA ALA A 117 3.12 31.05 -4.77
C ALA A 117 4.29 30.60 -5.63
N SER A 118 5.19 31.54 -5.95
CA SER A 118 6.37 31.26 -6.76
C SER A 118 7.20 32.52 -6.93
N ALA A 119 7.99 32.86 -5.91
CA ALA A 119 8.82 34.07 -5.95
C ALA A 119 10.25 33.76 -5.52
N PHE A 120 11.22 34.16 -6.35
CA PHE A 120 12.63 33.92 -6.06
C PHE A 120 13.06 34.64 -4.78
N GLY A 121 14.12 34.12 -4.16
CA GLY A 121 14.66 34.70 -2.93
C GLY A 121 15.74 35.75 -3.24
N SER A 122 15.66 36.34 -4.43
CA SER A 122 16.62 37.36 -4.85
C SER A 122 15.95 38.35 -5.80
N LEU A 123 16.35 39.63 -5.72
CA LEU A 123 15.76 40.66 -6.57
C LEU A 123 16.15 40.43 -8.02
N SER A 124 17.44 40.15 -8.28
CA SER A 124 17.92 39.92 -9.63
C SER A 124 19.38 39.43 -9.64
N SER A 125 20.30 40.33 -9.26
CA SER A 125 21.71 39.99 -9.24
C SER A 125 22.46 40.86 -8.24
N ALA A 126 23.59 40.34 -7.77
CA ALA A 126 24.41 41.08 -6.81
C ALA A 126 25.90 40.75 -7.05
N LEU A 127 26.38 39.63 -6.48
CA LEU A 127 27.77 39.21 -6.62
C LEU A 127 28.70 40.30 -6.10
N LEU A 128 28.74 40.41 -4.78
CA LEU A 128 29.57 41.41 -4.10
C LEU A 128 31.05 41.16 -4.40
N MET A 129 31.44 39.89 -4.41
CA MET A 129 32.83 39.51 -4.67
C MET A 129 32.98 38.92 -6.08
N PRO A 130 34.18 38.98 -6.69
CA PRO A 130 34.41 38.43 -8.06
C PRO A 130 34.02 36.96 -8.15
N LYS A 131 34.31 36.34 -9.30
CA LYS A 131 33.98 34.93 -9.52
C LYS A 131 34.65 34.07 -8.45
N ASP A 132 33.99 32.97 -8.10
CA ASP A 132 34.49 32.06 -7.08
C ASP A 132 35.36 30.97 -7.70
N GLY A 133 36.67 31.22 -7.78
CA GLY A 133 37.61 30.25 -8.34
C GLY A 133 37.67 28.99 -7.49
N LEU A 134 37.66 29.17 -6.17
CA LEU A 134 37.71 28.05 -5.23
C LEU A 134 36.36 27.90 -4.53
N GLU A 135 35.94 26.65 -4.33
CA GLU A 135 34.66 26.37 -3.68
C GLU A 135 34.88 25.75 -2.30
N HIS A 136 34.58 26.54 -1.26
CA HIS A 136 34.74 26.06 0.12
C HIS A 136 33.69 25.02 0.46
N HIS A 137 32.47 25.22 -0.04
CA HIS A 137 31.36 24.31 0.21
C HIS A 137 30.99 23.55 -1.07
N HIS A 138 31.20 22.22 -1.05
CA HIS A 138 30.90 21.39 -2.21
C HIS A 138 30.52 19.98 -1.78
N HIS A 139 29.36 19.51 -2.26
CA HIS A 139 28.87 18.17 -1.95
C HIS A 139 28.25 17.52 -3.18
N HIS A 140 28.23 16.18 -3.19
CA HIS A 140 27.67 15.42 -4.31
C HIS A 140 26.15 15.66 -4.45
N HIS A 141 25.51 16.10 -3.36
CA HIS A 141 24.07 16.35 -3.37
C HIS A 141 23.68 17.19 -2.16
N MET A 1 -5.73 -8.32 6.69
CA MET A 1 -5.78 -7.73 8.06
C MET A 1 -7.14 -8.04 8.70
N SER A 2 -7.67 -9.23 8.40
CA SER A 2 -8.97 -9.65 8.95
C SER A 2 -8.90 -9.80 10.48
N ASP A 3 -7.69 -10.04 11.01
CA ASP A 3 -7.49 -10.20 12.44
C ASP A 3 -7.89 -8.93 13.19
N GLN A 4 -7.55 -7.78 12.61
CA GLN A 4 -7.87 -6.49 13.20
C GLN A 4 -9.38 -6.25 13.21
N SER A 5 -10.03 -6.66 12.11
CA SER A 5 -11.47 -6.50 11.96
C SER A 5 -12.02 -7.54 10.99
N GLN A 6 -13.27 -7.95 11.20
CA GLN A 6 -13.91 -8.95 10.34
C GLN A 6 -14.40 -8.35 9.01
N GLU A 7 -14.04 -7.09 8.74
CA GLU A 7 -14.43 -6.42 7.50
C GLU A 7 -13.20 -5.77 6.84
N PRO A 8 -13.20 -5.54 5.52
CA PRO A 8 -12.02 -4.91 4.84
C PRO A 8 -11.80 -3.47 5.32
N THR A 9 -10.66 -3.26 5.97
CA THR A 9 -10.31 -1.93 6.48
C THR A 9 -9.33 -1.23 5.53
N MET A 10 -9.18 0.08 5.70
CA MET A 10 -8.27 0.87 4.86
C MET A 10 -6.87 0.28 4.93
N GLU A 11 -6.43 -0.06 6.14
CA GLU A 11 -5.10 -0.66 6.35
C GLU A 11 -5.05 -2.07 5.74
N GLU A 12 -6.23 -2.70 5.59
CA GLU A 12 -6.32 -4.04 5.02
C GLU A 12 -6.13 -3.98 3.51
N ILE A 13 -6.99 -3.20 2.84
CA ILE A 13 -6.94 -3.06 1.38
C ILE A 13 -5.58 -2.49 0.96
N LEU A 14 -5.14 -1.42 1.62
CA LEU A 14 -3.86 -0.81 1.31
C LEU A 14 -2.73 -1.84 1.44
N ALA A 15 -2.71 -2.54 2.58
CA ALA A 15 -1.67 -3.54 2.84
C ALA A 15 -1.66 -4.63 1.77
N SER A 16 -2.86 -5.09 1.37
CA SER A 16 -2.98 -6.14 0.36
C SER A 16 -2.36 -5.69 -0.97
N ILE A 17 -2.60 -4.43 -1.33
CA ILE A 17 -2.09 -3.87 -2.58
C ILE A 17 -0.56 -3.94 -2.58
N ARG A 18 0.05 -3.51 -1.47
CA ARG A 18 1.52 -3.53 -1.35
C ARG A 18 2.02 -4.98 -1.14
N ARG A 19 2.88 -5.23 -0.12
CA ARG A 19 3.39 -6.58 0.14
C ARG A 19 3.11 -6.99 1.58
N ILE A 20 2.94 -8.29 1.80
CA ILE A 20 2.65 -8.80 3.14
C ILE A 20 3.85 -8.66 4.08
N ILE A 21 5.06 -8.75 3.51
CA ILE A 21 6.32 -8.61 4.30
C ILE A 21 6.21 -9.36 5.64
N SER A 22 6.73 -10.58 5.68
CA SER A 22 6.70 -11.39 6.90
C SER A 22 8.06 -12.06 7.16
N GLU A 23 8.37 -13.10 6.37
CA GLU A 23 9.64 -13.83 6.52
C GLU A 23 9.88 -14.20 7.99
N ASP A 24 8.79 -14.41 8.73
CA ASP A 24 8.88 -14.75 10.15
C ASP A 24 9.67 -16.04 10.33
N ASP A 25 9.29 -17.07 9.57
CA ASP A 25 9.98 -18.36 9.64
C ASP A 25 10.72 -18.66 8.33
N ALA A 26 11.95 -18.13 8.22
CA ALA A 26 12.75 -18.34 7.02
C ALA A 26 13.55 -19.65 7.11
N PRO A 27 13.87 -20.31 5.99
CA PRO A 27 14.64 -21.58 6.00
C PRO A 27 16.16 -21.34 6.07
N ALA A 28 16.63 -20.90 7.23
CA ALA A 28 18.05 -20.62 7.44
C ALA A 28 18.54 -19.56 6.45
N GLU A 29 18.75 -18.34 6.96
CA GLU A 29 19.20 -17.22 6.15
C GLU A 29 19.30 -15.99 7.06
N PRO A 30 18.22 -15.61 7.74
CA PRO A 30 18.23 -14.44 8.67
C PRO A 30 18.85 -14.78 10.02
N ALA A 31 19.07 -13.76 10.84
CA ALA A 31 19.65 -13.93 12.17
C ALA A 31 18.74 -14.82 13.02
N ALA A 32 17.43 -14.58 12.89
CA ALA A 32 16.43 -15.36 13.61
C ALA A 32 16.70 -15.30 15.13
N GLU A 33 16.53 -14.09 15.67
CA GLU A 33 16.74 -13.85 17.10
C GLU A 33 15.47 -13.30 17.73
N ALA A 34 15.21 -13.71 18.97
CA ALA A 34 14.01 -13.26 19.69
C ALA A 34 14.40 -12.33 20.83
N ALA A 35 13.65 -11.24 20.96
CA ALA A 35 13.92 -10.25 21.98
C ALA A 35 12.63 -9.84 22.72
N PRO A 36 12.71 -9.27 23.91
CA PRO A 36 11.49 -8.85 24.69
C PRO A 36 10.78 -7.65 24.04
N PRO A 37 9.50 -7.43 24.33
CA PRO A 37 8.73 -6.28 23.74
C PRO A 37 9.38 -4.93 24.05
N PRO A 38 9.27 -3.93 23.16
CA PRO A 38 9.89 -2.59 23.39
C PRO A 38 9.19 -1.81 24.52
N PRO A 39 9.86 -0.85 25.16
CA PRO A 39 9.24 -0.06 26.28
C PRO A 39 8.13 0.88 25.77
N PRO A 40 7.15 1.23 26.60
CA PRO A 40 6.03 2.13 26.19
C PRO A 40 6.49 3.57 25.98
N GLU A 41 5.75 4.30 25.14
CA GLU A 41 6.08 5.70 24.85
C GLU A 41 4.82 6.58 24.99
N PRO A 42 4.96 7.89 25.23
CA PRO A 42 3.78 8.80 25.38
C PRO A 42 3.06 9.02 24.05
N GLU A 43 1.74 9.22 24.13
CA GLU A 43 0.92 9.46 22.94
C GLU A 43 0.00 10.68 23.15
N PRO A 44 0.49 11.91 22.98
CA PRO A 44 -0.34 13.14 23.17
C PRO A 44 -1.36 13.31 22.05
N GLU A 45 -2.49 13.92 22.39
CA GLU A 45 -3.56 14.16 21.42
C GLU A 45 -4.05 15.63 21.53
N PRO A 46 -3.35 16.59 20.92
CA PRO A 46 -3.76 18.04 20.98
C PRO A 46 -5.00 18.33 20.15
N VAL A 47 -5.79 19.30 20.60
CA VAL A 47 -7.02 19.68 19.89
C VAL A 47 -6.99 21.18 19.62
N SER A 48 -7.16 21.56 18.35
CA SER A 48 -7.16 22.96 17.95
C SER A 48 -8.00 23.17 16.71
N PHE A 49 -8.72 24.30 16.67
CA PHE A 49 -9.57 24.64 15.53
C PHE A 49 -9.54 26.14 15.29
N ASP A 50 -8.90 26.55 14.21
CA ASP A 50 -8.79 27.96 13.85
C ASP A 50 -9.47 28.23 12.51
N ASP A 51 -10.63 28.87 12.56
CA ASP A 51 -11.38 29.18 11.33
C ASP A 51 -10.94 30.53 10.77
N GLU A 52 -10.06 30.48 9.77
CA GLU A 52 -9.55 31.68 9.13
C GLU A 52 -8.75 31.27 7.91
N VAL A 53 -9.11 31.81 6.75
CA VAL A 53 -8.40 31.46 5.51
C VAL A 53 -7.78 32.70 4.87
N LEU A 54 -6.56 32.53 4.37
CA LEU A 54 -5.83 33.64 3.74
C LEU A 54 -6.49 34.06 2.43
N GLU A 55 -6.95 33.08 1.65
CA GLU A 55 -7.60 33.36 0.36
C GLU A 55 -6.68 34.20 -0.55
N LEU A 56 -5.37 34.04 -0.37
CA LEU A 56 -4.40 34.79 -1.17
C LEU A 56 -3.87 33.92 -2.31
N THR A 57 -3.59 32.65 -2.00
CA THR A 57 -3.08 31.71 -2.99
C THR A 57 -1.82 32.26 -3.70
N ASP A 58 -1.15 33.22 -3.04
CA ASP A 58 0.07 33.81 -3.61
C ASP A 58 1.30 33.04 -3.11
N PRO A 59 2.39 32.99 -3.89
CA PRO A 59 3.63 32.26 -3.47
C PRO A 59 4.35 32.95 -2.29
N ILE A 60 4.07 34.23 -2.10
CA ILE A 60 4.69 35.00 -1.02
C ILE A 60 4.30 34.37 0.32
N ALA A 61 3.01 34.08 0.47
CA ALA A 61 2.49 33.49 1.70
C ALA A 61 2.94 32.01 1.81
N PRO A 62 3.73 31.62 2.82
CA PRO A 62 4.19 30.20 2.99
C PRO A 62 3.10 29.31 3.58
N GLU A 63 3.22 28.01 3.33
CA GLU A 63 2.26 27.03 3.85
C GLU A 63 2.47 26.88 5.38
N PRO A 64 1.43 26.54 6.14
CA PRO A 64 1.56 26.39 7.63
C PRO A 64 2.54 25.28 8.00
N GLU A 65 2.54 24.20 7.22
CA GLU A 65 3.43 23.06 7.49
C GLU A 65 4.29 22.75 6.27
N LEU A 66 5.56 22.43 6.53
CA LEU A 66 6.51 22.10 5.46
C LEU A 66 6.34 20.64 5.02
N PRO A 67 6.77 20.28 3.80
CA PRO A 67 6.64 18.87 3.29
C PRO A 67 7.38 17.86 4.20
N PRO A 68 6.93 16.61 4.29
CA PRO A 68 7.59 15.59 5.15
C PRO A 68 8.96 15.18 4.61
N LEU A 69 9.85 14.77 5.52
CA LEU A 69 11.20 14.37 5.14
C LEU A 69 11.14 13.10 4.29
N GLU A 70 10.66 12.01 4.88
CA GLU A 70 10.56 10.73 4.18
C GLU A 70 9.11 10.40 3.83
N THR A 71 8.26 10.31 4.87
CA THR A 71 6.84 10.00 4.66
C THR A 71 5.99 10.56 5.80
N VAL A 72 4.71 10.82 5.51
CA VAL A 72 3.79 11.35 6.50
C VAL A 72 3.60 10.33 7.63
N GLY A 73 3.50 9.04 7.25
CA GLY A 73 3.31 7.96 8.22
C GLY A 73 1.88 7.93 8.75
N ASP A 74 0.92 8.31 7.88
CA ASP A 74 -0.48 8.32 8.25
C ASP A 74 -1.35 7.91 7.06
N ILE A 75 -2.53 7.37 7.37
CA ILE A 75 -3.46 6.92 6.34
C ILE A 75 -4.43 8.07 5.92
N ASP A 76 -4.22 9.26 6.47
CA ASP A 76 -5.07 10.42 6.16
C ASP A 76 -4.35 11.40 5.23
N VAL A 77 -3.29 10.94 4.55
CA VAL A 77 -2.52 11.78 3.64
C VAL A 77 -3.36 12.28 2.47
N TYR A 78 -3.33 13.60 2.26
CA TYR A 78 -4.08 14.22 1.17
C TYR A 78 -3.12 15.04 0.29
N SER A 79 -2.47 16.02 0.92
CA SER A 79 -1.52 16.88 0.21
C SER A 79 -0.38 16.04 -0.39
N PRO A 80 0.03 16.28 -1.64
CA PRO A 80 1.13 15.47 -2.28
C PRO A 80 2.51 15.76 -1.66
N PRO A 81 3.44 14.81 -1.70
CA PRO A 81 4.82 15.01 -1.13
C PRO A 81 5.67 15.92 -2.01
N GLU A 82 6.77 16.43 -1.44
CA GLU A 82 7.68 17.33 -2.16
C GLU A 82 6.94 18.63 -2.55
N PRO A 83 7.66 19.69 -2.95
CA PRO A 83 7.02 20.99 -3.34
C PRO A 83 6.22 20.89 -4.63
N GLU A 84 5.29 21.82 -4.81
CA GLU A 84 4.44 21.84 -5.99
C GLU A 84 5.30 21.98 -7.25
N SER A 85 6.28 22.89 -7.20
CA SER A 85 7.17 23.10 -8.34
C SER A 85 8.02 21.85 -8.57
N GLU A 86 8.25 21.53 -9.86
CA GLU A 86 9.04 20.36 -10.22
C GLU A 86 8.50 19.10 -9.49
N PRO A 87 7.27 18.68 -9.77
CA PRO A 87 6.66 17.48 -9.10
C PRO A 87 7.54 16.23 -9.20
N ALA A 88 8.18 16.04 -10.36
CA ALA A 88 9.06 14.89 -10.58
C ALA A 88 8.41 13.59 -10.09
N TYR A 89 7.56 13.00 -10.94
CA TYR A 89 6.86 11.76 -10.59
C TYR A 89 6.01 11.95 -9.32
N THR A 90 5.28 13.06 -9.29
CA THR A 90 4.40 13.38 -8.16
C THR A 90 3.07 13.94 -8.70
N PRO A 91 1.94 13.24 -8.59
CA PRO A 91 0.63 13.76 -9.11
C PRO A 91 0.26 15.13 -8.49
N PRO A 92 -0.25 16.09 -9.27
CA PRO A 92 -0.62 17.44 -8.74
C PRO A 92 -1.90 17.41 -7.89
N PRO A 93 -2.10 18.34 -6.96
CA PRO A 93 -3.33 18.38 -6.11
C PRO A 93 -4.60 18.52 -6.96
N ALA A 94 -5.68 17.92 -6.50
CA ALA A 94 -6.96 17.97 -7.23
C ALA A 94 -8.13 17.95 -6.26
N ALA A 95 -9.22 18.58 -6.68
CA ALA A 95 -10.42 18.66 -5.86
C ALA A 95 -11.68 18.60 -6.76
N PRO A 96 -12.23 17.42 -7.04
CA PRO A 96 -13.45 17.29 -7.92
C PRO A 96 -14.60 18.14 -7.42
N VAL A 97 -15.27 18.82 -8.35
CA VAL A 97 -16.40 19.69 -8.00
C VAL A 97 -17.46 18.90 -7.24
N PHE A 98 -17.74 17.68 -7.70
CA PHE A 98 -18.74 16.82 -7.05
C PHE A 98 -18.20 16.32 -5.71
N ASP A 99 -16.98 15.79 -5.74
CA ASP A 99 -16.34 15.23 -4.54
C ASP A 99 -17.12 13.98 -4.12
N ARG A 100 -17.24 13.08 -5.09
CA ARG A 100 -17.94 11.81 -4.91
C ARG A 100 -17.26 10.70 -5.74
N ASP A 101 -16.66 11.10 -6.87
CA ASP A 101 -15.97 10.19 -7.76
C ASP A 101 -14.77 9.55 -7.06
N GLU A 102 -14.52 8.28 -7.37
CA GLU A 102 -13.39 7.56 -6.78
C GLU A 102 -12.79 6.60 -7.81
N VAL A 103 -11.46 6.55 -7.87
CA VAL A 103 -10.76 5.66 -8.80
C VAL A 103 -9.49 5.10 -8.17
N ALA A 104 -9.15 3.86 -8.54
CA ALA A 104 -7.95 3.19 -8.01
C ALA A 104 -8.07 3.03 -6.49
N GLU A 105 -9.00 2.16 -6.07
CA GLU A 105 -9.25 1.90 -4.65
C GLU A 105 -9.67 3.19 -3.95
N GLN A 106 -10.24 3.05 -2.76
CA GLN A 106 -10.66 4.22 -1.97
C GLN A 106 -9.43 5.00 -1.46
N LEU A 107 -8.26 4.34 -1.49
CA LEU A 107 -7.02 4.95 -1.01
C LEU A 107 -6.81 6.33 -1.64
N VAL A 108 -6.90 6.41 -2.97
CA VAL A 108 -6.72 7.69 -3.68
C VAL A 108 -7.82 7.92 -4.70
N GLY A 109 -8.00 9.18 -5.09
CA GLY A 109 -9.01 9.56 -6.08
C GLY A 109 -8.86 11.03 -6.46
N VAL A 110 -7.85 11.30 -7.29
CA VAL A 110 -7.58 12.67 -7.74
C VAL A 110 -7.35 12.75 -9.25
N SER A 111 -7.56 13.95 -9.79
CA SER A 111 -7.36 14.19 -11.23
C SER A 111 -5.87 14.40 -11.51
N ALA A 112 -5.45 14.09 -12.75
CA ALA A 112 -4.05 14.26 -13.14
C ALA A 112 -3.97 14.52 -14.65
N ALA A 113 -2.94 15.24 -15.07
CA ALA A 113 -2.74 15.55 -16.48
C ALA A 113 -1.26 15.70 -16.81
N SER A 114 -0.90 15.38 -18.06
CA SER A 114 0.48 15.47 -18.51
C SER A 114 0.76 16.83 -19.17
N ALA A 115 0.43 17.90 -18.45
CA ALA A 115 0.63 19.25 -18.94
C ALA A 115 0.81 20.20 -17.76
N ALA A 116 1.51 21.31 -17.99
CA ALA A 116 1.72 22.29 -16.95
C ALA A 116 2.05 23.63 -17.59
N ALA A 117 1.65 24.71 -16.92
CA ALA A 117 1.92 26.05 -17.43
C ALA A 117 2.39 26.97 -16.30
N SER A 118 3.71 26.99 -16.09
CA SER A 118 4.31 27.82 -15.06
C SER A 118 5.79 28.01 -15.34
N ALA A 119 6.29 29.22 -15.06
CA ALA A 119 7.69 29.53 -15.28
C ALA A 119 8.53 28.99 -14.14
N PHE A 120 9.85 28.94 -14.34
CA PHE A 120 10.76 28.45 -13.31
C PHE A 120 11.71 29.57 -12.87
N GLY A 121 12.14 29.52 -11.61
CA GLY A 121 13.04 30.55 -11.07
C GLY A 121 12.26 31.78 -10.65
N SER A 122 11.31 31.58 -9.73
CA SER A 122 10.49 32.68 -9.23
C SER A 122 11.31 33.60 -8.33
N LEU A 123 10.83 34.83 -8.14
CA LEU A 123 11.52 35.83 -7.30
C LEU A 123 12.90 36.16 -7.88
N SER A 124 13.33 37.40 -7.67
CA SER A 124 14.63 37.85 -8.16
C SER A 124 15.36 38.60 -7.07
N SER A 125 14.81 39.74 -6.66
CA SER A 125 15.41 40.55 -5.62
C SER A 125 14.35 41.12 -4.70
N ALA A 126 14.67 41.20 -3.42
CA ALA A 126 13.73 41.72 -2.42
C ALA A 126 13.55 43.23 -2.62
N LEU A 127 12.89 43.88 -1.64
CA LEU A 127 12.68 45.33 -1.69
C LEU A 127 12.32 45.88 -0.31
N LEU A 128 12.95 45.32 0.71
CA LEU A 128 12.74 45.75 2.09
C LEU A 128 13.31 47.14 2.33
N MET A 129 12.60 47.94 3.12
CA MET A 129 13.05 49.30 3.44
C MET A 129 12.96 49.54 4.96
N PRO A 130 13.94 49.07 5.74
CA PRO A 130 13.93 49.25 7.24
C PRO A 130 14.24 50.69 7.64
N LYS A 131 13.71 51.09 8.80
CA LYS A 131 13.91 52.44 9.33
C LYS A 131 14.62 52.40 10.70
N ASP A 132 15.42 51.35 10.91
CA ASP A 132 16.14 51.17 12.17
C ASP A 132 17.44 51.98 12.16
N GLY A 133 18.18 51.90 13.27
CA GLY A 133 19.44 52.63 13.42
C GLY A 133 20.30 52.01 14.52
N LEU A 134 21.59 52.34 14.50
CA LEU A 134 22.54 51.83 15.48
C LEU A 134 23.40 52.96 16.02
N GLU A 135 24.10 52.71 17.14
CA GLU A 135 24.96 53.69 17.77
C GLU A 135 24.19 54.99 18.04
N HIS A 136 23.55 55.04 19.21
CA HIS A 136 22.77 56.22 19.61
C HIS A 136 23.45 56.98 20.76
N HIS A 137 24.74 56.71 20.99
CA HIS A 137 25.49 57.37 22.06
C HIS A 137 24.79 57.16 23.41
N HIS A 138 24.25 55.94 23.60
CA HIS A 138 23.56 55.61 24.85
C HIS A 138 23.59 54.09 25.07
N HIS A 139 23.74 53.69 26.33
CA HIS A 139 23.77 52.27 26.67
C HIS A 139 22.44 51.61 26.34
N HIS A 140 22.52 50.40 25.75
CA HIS A 140 21.31 49.66 25.38
C HIS A 140 20.51 49.27 26.62
N HIS A 141 19.19 49.40 26.52
CA HIS A 141 18.29 49.08 27.63
C HIS A 141 18.66 49.89 28.88
N MET A 1 -8.01 -6.65 -0.68
CA MET A 1 -8.01 -8.06 -0.18
C MET A 1 -9.40 -8.66 -0.41
N SER A 2 -9.92 -8.50 -1.63
CA SER A 2 -11.24 -9.01 -1.99
C SER A 2 -12.30 -8.48 -1.02
N ASP A 3 -13.54 -8.94 -1.18
CA ASP A 3 -14.65 -8.49 -0.32
C ASP A 3 -15.16 -9.63 0.58
N GLN A 4 -14.34 -10.67 0.76
CA GLN A 4 -14.72 -11.80 1.61
C GLN A 4 -14.93 -11.35 3.05
N SER A 5 -14.06 -10.47 3.52
CA SER A 5 -14.15 -9.95 4.88
C SER A 5 -15.45 -9.18 5.06
N GLN A 6 -16.11 -9.38 6.20
CA GLN A 6 -17.38 -8.73 6.48
C GLN A 6 -17.22 -7.22 6.50
N GLU A 7 -16.13 -6.74 7.09
CA GLU A 7 -15.87 -5.31 7.19
C GLU A 7 -14.45 -4.98 6.69
N PRO A 8 -14.20 -5.04 5.38
CA PRO A 8 -12.84 -4.74 4.81
C PRO A 8 -12.47 -3.28 5.05
N THR A 9 -11.38 -3.07 5.79
CA THR A 9 -10.90 -1.72 6.09
C THR A 9 -9.79 -1.33 5.12
N MET A 10 -9.79 -0.07 4.70
CA MET A 10 -8.79 0.45 3.76
C MET A 10 -7.34 0.15 4.21
N GLU A 11 -7.17 -0.20 5.49
CA GLU A 11 -5.84 -0.54 6.00
C GLU A 11 -5.40 -1.88 5.40
N GLU A 12 -6.33 -2.84 5.42
CA GLU A 12 -6.07 -4.18 4.88
C GLU A 12 -5.89 -4.13 3.36
N ILE A 13 -6.70 -3.32 2.70
CA ILE A 13 -6.64 -3.19 1.24
C ILE A 13 -5.26 -2.65 0.82
N LEU A 14 -4.82 -1.60 1.50
CA LEU A 14 -3.52 -0.99 1.23
C LEU A 14 -2.42 -2.03 1.45
N ALA A 15 -2.59 -2.84 2.51
CA ALA A 15 -1.63 -3.91 2.82
C ALA A 15 -1.62 -4.91 1.66
N SER A 16 -2.83 -5.23 1.18
CA SER A 16 -2.99 -6.20 0.10
C SER A 16 -2.02 -5.90 -1.03
N ILE A 17 -1.95 -4.64 -1.48
CA ILE A 17 -1.00 -4.28 -2.56
C ILE A 17 0.39 -3.93 -2.00
N ARG A 18 0.53 -3.86 -0.67
CA ARG A 18 1.82 -3.54 -0.05
C ARG A 18 2.47 -4.81 0.52
N ARG A 19 3.66 -5.13 0.00
CA ARG A 19 4.42 -6.29 0.47
C ARG A 19 3.55 -7.54 0.66
N ILE A 20 3.07 -8.11 -0.45
CA ILE A 20 2.23 -9.31 -0.40
C ILE A 20 3.04 -10.44 0.24
N ILE A 21 4.28 -10.61 -0.23
CA ILE A 21 5.17 -11.66 0.29
C ILE A 21 6.52 -11.08 0.77
N SER A 22 6.61 -9.74 0.83
CA SER A 22 7.83 -9.08 1.29
C SER A 22 9.08 -9.53 0.52
N GLU A 23 8.88 -10.07 -0.69
CA GLU A 23 9.99 -10.53 -1.51
C GLU A 23 10.85 -9.35 -1.95
N ASP A 24 12.07 -9.30 -1.40
CA ASP A 24 13.01 -8.22 -1.69
C ASP A 24 14.12 -8.74 -2.63
N ASP A 25 15.18 -7.94 -2.78
CA ASP A 25 16.31 -8.33 -3.65
C ASP A 25 17.35 -9.16 -2.87
N ALA A 26 16.86 -9.96 -1.92
CA ALA A 26 17.73 -10.81 -1.10
C ALA A 26 18.33 -11.93 -1.95
N PRO A 27 19.43 -12.56 -1.51
CA PRO A 27 20.09 -13.65 -2.29
C PRO A 27 19.17 -14.85 -2.53
N ALA A 28 18.15 -15.00 -1.68
CA ALA A 28 17.20 -16.11 -1.82
C ALA A 28 16.50 -16.03 -3.17
N GLU A 29 16.30 -17.20 -3.80
CA GLU A 29 15.65 -17.27 -5.10
C GLU A 29 15.12 -18.70 -5.31
N PRO A 30 14.09 -19.10 -4.56
CA PRO A 30 13.54 -20.49 -4.68
C PRO A 30 12.62 -20.65 -5.89
N ALA A 31 13.22 -20.55 -7.08
CA ALA A 31 12.48 -20.70 -8.33
C ALA A 31 13.40 -21.16 -9.45
N ALA A 32 12.86 -21.93 -10.38
CA ALA A 32 13.65 -22.43 -11.51
C ALA A 32 12.74 -22.78 -12.69
N GLU A 33 13.29 -22.64 -13.90
CA GLU A 33 12.55 -22.94 -15.13
C GLU A 33 11.31 -22.02 -15.26
N ALA A 34 10.20 -22.40 -14.60
CA ALA A 34 8.97 -21.61 -14.65
C ALA A 34 8.13 -21.84 -13.40
N ALA A 35 7.26 -20.87 -13.10
CA ALA A 35 6.39 -20.96 -11.94
C ALA A 35 5.30 -19.86 -11.99
N PRO A 36 5.66 -18.58 -12.02
CA PRO A 36 4.65 -17.47 -12.09
C PRO A 36 3.98 -17.38 -13.47
N PRO A 37 2.78 -16.79 -13.57
CA PRO A 37 2.07 -16.66 -14.89
C PRO A 37 2.78 -15.67 -15.83
N PRO A 38 2.62 -15.80 -17.14
CA PRO A 38 3.29 -14.87 -18.13
C PRO A 38 2.95 -13.40 -17.85
N PRO A 39 3.88 -12.46 -18.00
CA PRO A 39 3.61 -11.01 -17.74
C PRO A 39 2.70 -10.38 -18.83
N PRO A 40 1.92 -9.36 -18.50
CA PRO A 40 1.02 -8.69 -19.50
C PRO A 40 1.79 -7.83 -20.50
N GLU A 41 1.21 -7.61 -21.67
CA GLU A 41 1.84 -6.80 -22.71
C GLU A 41 0.80 -6.23 -23.70
N PRO A 42 -0.09 -7.05 -24.28
CA PRO A 42 -1.12 -6.54 -25.26
C PRO A 42 -2.02 -5.49 -24.62
N GLU A 43 -2.36 -4.46 -25.39
CA GLU A 43 -3.23 -3.38 -24.90
C GLU A 43 -4.38 -3.10 -25.89
N PRO A 44 -5.36 -4.01 -26.02
CA PRO A 44 -6.51 -3.82 -26.95
C PRO A 44 -7.46 -2.74 -26.44
N GLU A 45 -8.06 -1.99 -27.38
CA GLU A 45 -8.98 -0.92 -27.01
C GLU A 45 -10.16 -0.86 -28.02
N PRO A 46 -11.13 -1.78 -27.94
CA PRO A 46 -12.31 -1.77 -28.87
C PRO A 46 -13.26 -0.61 -28.57
N VAL A 47 -13.89 -0.09 -29.61
CA VAL A 47 -14.83 1.03 -29.45
C VAL A 47 -15.98 0.93 -30.47
N SER A 48 -17.21 1.09 -29.98
CA SER A 48 -18.39 1.03 -30.83
C SER A 48 -19.65 1.33 -30.01
N PHE A 49 -19.93 0.47 -29.04
CA PHE A 49 -21.09 0.63 -28.16
C PHE A 49 -20.80 0.02 -26.79
N ASP A 50 -21.60 0.40 -25.80
CA ASP A 50 -21.43 -0.13 -24.44
C ASP A 50 -22.69 -0.87 -23.99
N ASP A 51 -22.57 -1.54 -22.84
CA ASP A 51 -23.69 -2.31 -22.28
C ASP A 51 -24.88 -1.39 -22.01
N GLU A 52 -24.62 -0.26 -21.34
CA GLU A 52 -25.65 0.69 -21.00
C GLU A 52 -25.00 2.04 -20.76
N VAL A 53 -25.75 3.12 -21.00
CA VAL A 53 -25.21 4.47 -20.79
C VAL A 53 -25.97 5.21 -19.70
N LEU A 54 -25.33 6.23 -19.13
CA LEU A 54 -25.94 7.04 -18.08
C LEU A 54 -25.67 8.52 -18.32
N GLU A 55 -26.56 9.37 -17.80
CA GLU A 55 -26.43 10.82 -17.98
C GLU A 55 -25.81 11.51 -16.75
N LEU A 56 -25.45 10.74 -15.71
CA LEU A 56 -24.87 11.31 -14.50
C LEU A 56 -23.34 11.27 -14.56
N THR A 57 -22.75 12.44 -14.77
CA THR A 57 -21.28 12.56 -14.84
C THR A 57 -20.82 13.81 -14.09
N ASP A 58 -19.51 13.89 -13.82
CA ASP A 58 -18.95 15.03 -13.12
C ASP A 58 -19.02 16.28 -14.03
N PRO A 59 -19.09 17.48 -13.49
CA PRO A 59 -19.16 18.72 -14.32
C PRO A 59 -17.83 19.08 -14.98
N ILE A 60 -17.90 19.48 -16.25
CA ILE A 60 -16.71 19.87 -17.00
C ILE A 60 -16.26 21.29 -16.60
N ALA A 61 -17.23 22.13 -16.26
CA ALA A 61 -16.95 23.51 -15.87
C ALA A 61 -17.74 23.90 -14.60
N PRO A 62 -17.27 24.84 -13.79
CA PRO A 62 -17.98 25.26 -12.55
C PRO A 62 -19.26 26.05 -12.85
N GLU A 63 -20.26 25.91 -11.98
CA GLU A 63 -21.53 26.61 -12.14
C GLU A 63 -21.37 28.11 -11.85
N PRO A 64 -22.17 28.99 -12.44
CA PRO A 64 -22.06 30.47 -12.18
C PRO A 64 -22.37 30.83 -10.73
N GLU A 65 -23.17 29.99 -10.07
CA GLU A 65 -23.54 30.22 -8.68
C GLU A 65 -23.07 29.04 -7.81
N LEU A 66 -22.43 29.37 -6.68
CA LEU A 66 -21.93 28.34 -5.76
C LEU A 66 -21.13 27.25 -6.51
N PRO A 67 -19.98 27.59 -7.10
CA PRO A 67 -19.15 26.60 -7.87
C PRO A 67 -18.79 25.36 -7.01
N PRO A 68 -18.85 24.14 -7.55
CA PRO A 68 -18.50 22.90 -6.76
C PRO A 68 -17.07 22.93 -6.24
N LEU A 69 -16.87 22.39 -5.04
CA LEU A 69 -15.55 22.35 -4.42
C LEU A 69 -14.62 21.44 -5.21
N GLU A 70 -13.32 21.76 -5.19
CA GLU A 70 -12.32 20.97 -5.92
C GLU A 70 -11.15 20.60 -4.99
N THR A 71 -11.41 19.66 -4.06
CA THR A 71 -10.38 19.20 -3.13
C THR A 71 -10.46 17.68 -3.02
N VAL A 72 -9.31 17.01 -3.19
CA VAL A 72 -9.25 15.55 -3.10
C VAL A 72 -8.11 15.09 -2.20
N GLY A 73 -8.20 13.85 -1.73
CA GLY A 73 -7.18 13.29 -0.85
C GLY A 73 -6.97 11.80 -1.15
N ASP A 74 -5.85 11.24 -0.66
CA ASP A 74 -5.54 9.83 -0.89
C ASP A 74 -4.49 9.36 0.11
N ILE A 75 -4.41 8.04 0.30
CA ILE A 75 -3.43 7.45 1.19
C ILE A 75 -2.08 7.29 0.49
N ASP A 76 -2.15 6.97 -0.81
CA ASP A 76 -0.96 6.78 -1.62
C ASP A 76 -0.65 8.03 -2.43
N VAL A 77 0.57 8.09 -2.98
CA VAL A 77 1.01 9.22 -3.79
C VAL A 77 0.45 9.06 -5.21
N TYR A 78 -0.21 10.11 -5.71
CA TYR A 78 -0.79 10.08 -7.04
C TYR A 78 -0.44 11.37 -7.79
N SER A 79 0.60 11.28 -8.65
CA SER A 79 1.04 12.44 -9.42
C SER A 79 1.47 12.02 -10.85
N PRO A 80 0.60 11.40 -11.63
CA PRO A 80 0.93 10.97 -13.03
C PRO A 80 1.01 12.17 -13.98
N PRO A 81 1.80 12.09 -15.07
CA PRO A 81 1.91 13.23 -16.04
C PRO A 81 0.55 13.62 -16.61
N GLU A 82 0.33 14.93 -16.75
CA GLU A 82 -0.93 15.44 -17.29
C GLU A 82 -0.97 15.26 -18.82
N PRO A 83 -2.15 15.08 -19.43
CA PRO A 83 -2.26 14.90 -20.91
C PRO A 83 -1.97 16.20 -21.66
N GLU A 84 -1.44 16.07 -22.87
CA GLU A 84 -1.13 17.25 -23.70
C GLU A 84 -2.18 17.41 -24.79
N SER A 85 -2.51 18.68 -25.08
CA SER A 85 -3.52 18.97 -26.11
C SER A 85 -3.19 20.26 -26.84
N GLU A 86 -3.78 20.42 -28.02
CA GLU A 86 -3.58 21.61 -28.85
C GLU A 86 -4.94 22.18 -29.30
N PRO A 87 -5.52 23.15 -28.58
CA PRO A 87 -6.84 23.74 -28.96
C PRO A 87 -6.85 24.26 -30.40
N ALA A 88 -7.95 24.01 -31.10
CA ALA A 88 -8.08 24.44 -32.50
C ALA A 88 -9.55 24.59 -32.87
N TYR A 89 -9.82 25.35 -33.93
CA TYR A 89 -11.18 25.58 -34.39
C TYR A 89 -11.83 24.26 -34.83
N THR A 90 -11.03 23.40 -35.47
CA THR A 90 -11.51 22.10 -35.94
C THR A 90 -11.63 21.12 -34.75
N PRO A 91 -12.32 20.00 -34.90
CA PRO A 91 -12.49 19.00 -33.78
C PRO A 91 -11.13 18.51 -33.25
N PRO A 92 -11.02 18.20 -31.94
CA PRO A 92 -9.72 17.71 -31.35
C PRO A 92 -9.20 16.44 -32.04
N PRO A 93 -7.88 16.22 -32.08
CA PRO A 93 -7.30 15.00 -32.74
C PRO A 93 -7.59 13.72 -31.98
N ALA A 94 -7.53 12.59 -32.69
CA ALA A 94 -7.78 11.28 -32.10
C ALA A 94 -6.65 10.92 -31.15
N ALA A 95 -6.99 10.15 -30.12
CA ALA A 95 -6.00 9.74 -29.13
C ALA A 95 -6.50 8.56 -28.29
N PRO A 96 -5.62 7.74 -27.72
CA PRO A 96 -6.04 6.56 -26.89
C PRO A 96 -6.62 6.97 -25.54
N VAL A 97 -7.58 6.18 -25.06
CA VAL A 97 -8.23 6.44 -23.77
C VAL A 97 -7.38 5.90 -22.61
N PHE A 98 -6.65 4.80 -22.87
CA PHE A 98 -5.79 4.19 -21.85
C PHE A 98 -4.66 5.15 -21.49
N ASP A 99 -4.49 5.39 -20.18
CA ASP A 99 -3.44 6.28 -19.70
C ASP A 99 -3.22 6.09 -18.20
N ARG A 100 -4.33 5.89 -17.47
CA ARG A 100 -4.27 5.69 -16.01
C ARG A 100 -3.27 4.55 -15.70
N ASP A 101 -3.65 3.32 -16.03
CA ASP A 101 -2.78 2.16 -15.80
C ASP A 101 -2.38 2.07 -14.32
N GLU A 102 -3.40 2.12 -13.45
CA GLU A 102 -3.18 2.03 -12.00
C GLU A 102 -3.10 0.57 -11.57
N VAL A 103 -2.73 0.33 -10.31
CA VAL A 103 -2.63 -1.03 -9.78
C VAL A 103 -4.00 -1.69 -9.74
N ALA A 104 -4.04 -2.96 -9.29
CA ALA A 104 -5.30 -3.71 -9.21
C ALA A 104 -5.71 -3.88 -7.75
N GLU A 105 -6.58 -2.96 -7.28
CA GLU A 105 -7.07 -3.01 -5.90
C GLU A 105 -8.41 -2.30 -5.81
N GLN A 106 -9.22 -2.69 -4.82
CA GLN A 106 -10.53 -2.07 -4.62
C GLN A 106 -10.42 -0.69 -3.95
N LEU A 107 -9.20 -0.28 -3.60
CA LEU A 107 -8.97 1.02 -2.96
C LEU A 107 -9.28 2.15 -3.95
N VAL A 108 -10.54 2.60 -3.96
CA VAL A 108 -11.00 3.68 -4.86
C VAL A 108 -10.41 3.51 -6.27
N GLY A 109 -10.45 4.57 -7.09
CA GLY A 109 -9.92 4.52 -8.45
C GLY A 109 -11.02 4.23 -9.48
N VAL A 110 -10.60 3.76 -10.65
CA VAL A 110 -11.53 3.45 -11.74
C VAL A 110 -11.73 1.94 -11.85
N SER A 111 -13.00 1.52 -11.93
CA SER A 111 -13.33 0.10 -12.07
C SER A 111 -14.32 -0.11 -13.19
N ALA A 112 -13.82 -0.53 -14.35
CA ALA A 112 -14.66 -0.77 -15.53
C ALA A 112 -14.07 -1.85 -16.43
N ALA A 113 -14.93 -2.44 -17.26
CA ALA A 113 -14.51 -3.49 -18.18
C ALA A 113 -15.37 -3.43 -19.44
N SER A 114 -14.84 -3.93 -20.56
CA SER A 114 -15.57 -3.93 -21.82
C SER A 114 -15.29 -5.18 -22.63
N ALA A 115 -16.35 -5.72 -23.25
CA ALA A 115 -16.26 -6.91 -24.07
C ALA A 115 -17.57 -7.10 -24.80
N ALA A 116 -17.52 -7.00 -26.13
CA ALA A 116 -18.72 -7.16 -26.93
C ALA A 116 -18.39 -7.27 -28.42
N ALA A 117 -17.41 -6.46 -28.85
CA ALA A 117 -16.99 -6.45 -30.25
C ALA A 117 -15.57 -5.91 -30.39
N SER A 118 -14.89 -6.32 -31.47
CA SER A 118 -13.54 -5.88 -31.75
C SER A 118 -13.34 -5.85 -33.25
N ALA A 119 -12.62 -4.84 -33.75
CA ALA A 119 -12.39 -4.71 -35.19
C ALA A 119 -10.90 -4.56 -35.50
N PHE A 120 -10.51 -5.04 -36.68
CA PHE A 120 -9.11 -4.96 -37.12
C PHE A 120 -8.88 -3.76 -38.05
N GLY A 121 -9.84 -2.83 -38.10
CA GLY A 121 -9.73 -1.64 -38.94
C GLY A 121 -10.61 -1.77 -40.18
N SER A 122 -11.33 -0.68 -40.48
CA SER A 122 -12.23 -0.65 -41.64
C SER A 122 -11.42 -0.57 -42.93
N LEU A 123 -11.96 -1.14 -44.00
CA LEU A 123 -11.29 -1.14 -45.31
C LEU A 123 -11.86 -0.02 -46.16
N SER A 124 -11.04 1.02 -46.39
CA SER A 124 -11.44 2.16 -47.19
C SER A 124 -10.25 2.71 -47.92
N SER A 125 -10.53 3.53 -48.93
CA SER A 125 -9.47 4.14 -49.71
C SER A 125 -9.91 5.50 -50.21
N ALA A 126 -8.99 6.23 -50.83
CA ALA A 126 -9.30 7.55 -51.35
C ALA A 126 -10.14 7.44 -52.61
N LEU A 127 -10.89 8.50 -52.93
CA LEU A 127 -11.73 8.52 -54.12
C LEU A 127 -12.30 9.94 -54.35
N LEU A 128 -11.39 10.87 -54.66
CA LEU A 128 -11.79 12.26 -54.89
C LEU A 128 -12.53 12.40 -56.22
N MET A 129 -13.55 13.27 -56.23
CA MET A 129 -14.35 13.51 -57.43
C MET A 129 -14.03 14.90 -58.02
N PRO A 130 -14.16 15.10 -59.33
CA PRO A 130 -13.88 16.44 -59.96
C PRO A 130 -14.92 17.49 -59.60
N LYS A 131 -14.47 18.74 -59.52
CA LYS A 131 -15.36 19.86 -59.19
C LYS A 131 -14.67 21.19 -59.47
N ASP A 132 -13.40 21.28 -59.07
CA ASP A 132 -12.60 22.49 -59.29
C ASP A 132 -13.35 23.74 -58.81
N GLY A 133 -12.74 24.91 -59.02
CA GLY A 133 -13.35 26.19 -58.62
C GLY A 133 -14.65 26.45 -59.39
N LEU A 134 -14.81 25.80 -60.55
CA LEU A 134 -16.00 25.97 -61.40
C LEU A 134 -16.03 27.38 -61.98
N GLU A 135 -16.06 27.45 -63.31
CA GLU A 135 -16.09 28.74 -64.01
C GLU A 135 -17.37 29.50 -63.66
N HIS A 136 -18.49 28.79 -63.59
CA HIS A 136 -19.78 29.40 -63.27
C HIS A 136 -20.12 30.48 -64.30
N HIS A 137 -20.50 30.03 -65.50
CA HIS A 137 -20.84 30.95 -66.58
C HIS A 137 -22.05 31.81 -66.20
N HIS A 138 -23.03 31.18 -65.54
CA HIS A 138 -24.25 31.88 -65.12
C HIS A 138 -24.88 32.66 -66.29
N HIS A 139 -24.71 32.13 -67.50
CA HIS A 139 -25.27 32.77 -68.70
C HIS A 139 -24.84 34.25 -68.77
N HIS A 140 -23.55 34.50 -68.52
CA HIS A 140 -23.01 35.85 -68.56
C HIS A 140 -23.05 36.45 -69.97
N HIS A 141 -23.13 35.58 -70.98
CA HIS A 141 -23.17 36.03 -72.38
C HIS A 141 -23.80 34.94 -73.26
N MET A 1 -9.92 -6.93 3.87
CA MET A 1 -10.01 -8.24 3.18
C MET A 1 -9.69 -9.35 4.19
N SER A 2 -10.72 -9.74 4.96
CA SER A 2 -10.55 -10.78 5.98
C SER A 2 -11.87 -11.54 6.18
N ASP A 3 -11.76 -12.77 6.66
CA ASP A 3 -12.94 -13.61 6.90
C ASP A 3 -13.88 -12.93 7.90
N GLN A 4 -15.18 -13.22 7.75
CA GLN A 4 -16.20 -12.67 8.64
C GLN A 4 -16.09 -11.14 8.73
N SER A 5 -15.62 -10.51 7.65
CA SER A 5 -15.47 -9.05 7.63
C SER A 5 -15.85 -8.47 6.27
N GLN A 6 -16.80 -7.53 6.29
CA GLN A 6 -17.27 -6.88 5.06
C GLN A 6 -16.69 -5.47 4.98
N GLU A 7 -16.78 -4.87 3.79
CA GLU A 7 -16.24 -3.51 3.59
C GLU A 7 -14.76 -3.48 4.00
N PRO A 8 -13.85 -4.04 3.20
CA PRO A 8 -12.40 -4.10 3.54
C PRO A 8 -11.81 -2.73 3.86
N THR A 9 -11.35 -2.59 5.10
CA THR A 9 -10.77 -1.33 5.58
C THR A 9 -9.59 -0.91 4.70
N MET A 10 -9.25 0.37 4.76
CA MET A 10 -8.16 0.92 3.96
C MET A 10 -6.84 0.19 4.22
N GLU A 11 -6.53 -0.07 5.49
CA GLU A 11 -5.29 -0.75 5.84
C GLU A 11 -5.20 -2.13 5.21
N GLU A 12 -6.33 -2.84 5.17
CA GLU A 12 -6.36 -4.16 4.56
C GLU A 12 -6.05 -4.08 3.07
N ILE A 13 -6.73 -3.17 2.38
CA ILE A 13 -6.56 -2.99 0.94
C ILE A 13 -5.12 -2.56 0.61
N LEU A 14 -4.61 -1.56 1.33
CA LEU A 14 -3.27 -1.06 1.09
C LEU A 14 -2.26 -2.17 1.33
N ALA A 15 -2.42 -2.89 2.45
CA ALA A 15 -1.53 -3.98 2.79
C ALA A 15 -1.54 -5.05 1.70
N SER A 16 -2.75 -5.46 1.28
CA SER A 16 -2.88 -6.49 0.25
C SER A 16 -2.09 -6.12 -1.00
N ILE A 17 -2.07 -4.83 -1.35
CA ILE A 17 -1.33 -4.40 -2.52
C ILE A 17 0.15 -4.79 -2.32
N ARG A 18 0.70 -4.47 -1.14
CA ARG A 18 2.08 -4.83 -0.83
C ARG A 18 2.21 -5.26 0.64
N ARG A 19 2.39 -6.56 0.85
CA ARG A 19 2.54 -7.11 2.20
C ARG A 19 2.95 -8.58 2.13
N ILE A 20 3.82 -9.00 3.05
CA ILE A 20 4.27 -10.39 3.10
C ILE A 20 4.16 -10.94 4.52
N ILE A 21 3.86 -12.24 4.62
CA ILE A 21 3.72 -12.89 5.92
C ILE A 21 3.69 -14.42 5.74
N SER A 22 4.23 -15.14 6.72
CA SER A 22 4.26 -16.61 6.66
C SER A 22 3.24 -17.20 7.63
N GLU A 23 2.52 -18.22 7.16
CA GLU A 23 1.50 -18.89 7.98
C GLU A 23 1.49 -20.39 7.69
N ASP A 24 0.99 -21.16 8.67
CA ASP A 24 0.91 -22.60 8.51
C ASP A 24 -0.11 -22.95 7.44
N ASP A 25 0.16 -24.02 6.71
CA ASP A 25 -0.73 -24.44 5.64
C ASP A 25 -2.07 -24.92 6.19
N ALA A 26 -2.02 -25.71 7.28
CA ALA A 26 -3.24 -26.23 7.90
C ALA A 26 -3.87 -25.19 8.85
N PRO A 27 -5.12 -24.74 8.63
CA PRO A 27 -5.78 -23.74 9.53
C PRO A 27 -6.14 -24.31 10.91
N ALA A 28 -6.15 -25.64 11.02
CA ALA A 28 -6.49 -26.31 12.28
C ALA A 28 -5.28 -26.45 13.22
N GLU A 29 -4.09 -26.04 12.75
CA GLU A 29 -2.88 -26.12 13.58
C GLU A 29 -1.97 -24.91 13.26
N PRO A 30 -2.48 -23.69 13.41
CA PRO A 30 -1.69 -22.46 13.11
C PRO A 30 -0.61 -22.18 14.16
N ALA A 31 0.50 -21.60 13.71
CA ALA A 31 1.61 -21.28 14.60
C ALA A 31 2.47 -20.18 13.99
N ALA A 32 3.18 -19.44 14.83
CA ALA A 32 4.04 -18.36 14.36
C ALA A 32 5.35 -18.31 15.13
N GLU A 33 6.44 -18.03 14.42
CA GLU A 33 7.77 -17.95 15.02
C GLU A 33 8.56 -16.82 14.37
N ALA A 34 9.35 -16.09 15.17
CA ALA A 34 10.14 -14.97 14.65
C ALA A 34 11.04 -15.43 13.53
N ALA A 35 11.02 -14.68 12.43
CA ALA A 35 11.82 -14.99 11.25
C ALA A 35 11.74 -13.85 10.23
N PRO A 36 12.74 -12.96 10.13
CA PRO A 36 12.70 -11.83 9.16
C PRO A 36 12.80 -12.32 7.69
N PRO A 37 12.14 -11.67 6.73
CA PRO A 37 12.19 -12.10 5.30
C PRO A 37 13.51 -11.70 4.60
N PRO A 38 13.85 -12.31 3.46
CA PRO A 38 15.11 -11.97 2.72
C PRO A 38 15.14 -10.48 2.33
N PRO A 39 16.29 -9.92 1.94
CA PRO A 39 16.39 -8.47 1.57
C PRO A 39 15.29 -8.07 0.57
N PRO A 40 14.66 -6.90 0.73
CA PRO A 40 13.56 -6.45 -0.20
C PRO A 40 14.06 -6.05 -1.58
N GLU A 41 13.17 -6.16 -2.57
CA GLU A 41 13.50 -5.81 -3.95
C GLU A 41 12.29 -5.10 -4.59
N PRO A 42 12.47 -4.29 -5.64
CA PRO A 42 11.33 -3.58 -6.30
C PRO A 42 10.40 -4.54 -7.04
N GLU A 43 9.09 -4.32 -6.89
CA GLU A 43 8.10 -5.16 -7.55
C GLU A 43 6.75 -4.42 -7.63
N PRO A 44 6.55 -3.53 -8.61
CA PRO A 44 5.26 -2.77 -8.74
C PRO A 44 4.09 -3.70 -9.06
N GLU A 45 4.37 -4.80 -9.76
CA GLU A 45 3.35 -5.78 -10.14
C GLU A 45 2.06 -5.09 -10.64
N PRO A 46 2.14 -4.22 -11.66
CA PRO A 46 0.94 -3.52 -12.19
C PRO A 46 0.03 -4.45 -12.98
N VAL A 47 -1.28 -4.30 -12.78
CA VAL A 47 -2.25 -5.13 -13.47
C VAL A 47 -2.55 -4.57 -14.87
N SER A 48 -2.71 -3.25 -14.94
CA SER A 48 -3.01 -2.58 -16.21
C SER A 48 -1.88 -1.63 -16.64
N PHE A 49 -1.05 -1.21 -15.67
CA PHE A 49 0.06 -0.30 -15.95
C PHE A 49 -0.46 0.97 -16.63
N ASP A 50 -1.40 1.65 -15.96
CA ASP A 50 -1.98 2.88 -16.46
C ASP A 50 -1.40 4.10 -15.75
N ASP A 51 -0.51 4.82 -16.46
CA ASP A 51 0.11 6.01 -15.88
C ASP A 51 -0.69 7.25 -16.26
N GLU A 52 -0.30 8.40 -15.70
CA GLU A 52 -0.97 9.66 -15.97
C GLU A 52 -0.22 10.77 -15.26
N VAL A 53 0.68 11.43 -15.99
CA VAL A 53 1.49 12.50 -15.41
C VAL A 53 1.33 13.78 -16.25
N LEU A 54 0.97 14.88 -15.57
CA LEU A 54 0.82 16.17 -16.23
C LEU A 54 2.18 16.70 -16.71
N GLU A 55 3.20 16.48 -15.88
CA GLU A 55 4.56 16.93 -16.19
C GLU A 55 4.60 18.45 -16.40
N LEU A 56 3.77 19.17 -15.62
CA LEU A 56 3.70 20.63 -15.70
C LEU A 56 4.12 21.25 -14.37
N THR A 57 4.68 22.47 -14.45
CA THR A 57 5.13 23.18 -13.25
C THR A 57 3.97 23.33 -12.26
N ASP A 58 4.25 23.00 -10.99
CA ASP A 58 3.25 23.09 -9.93
C ASP A 58 2.81 24.55 -9.76
N PRO A 59 1.51 24.84 -9.63
CA PRO A 59 1.03 26.25 -9.46
C PRO A 59 1.40 26.80 -8.08
N ILE A 60 1.42 28.13 -7.97
CA ILE A 60 1.76 28.79 -6.71
C ILE A 60 0.51 29.42 -6.07
N ALA A 61 0.42 29.30 -4.74
CA ALA A 61 -0.71 29.84 -3.99
C ALA A 61 -0.19 30.68 -2.81
N PRO A 62 -0.99 31.61 -2.27
CA PRO A 62 -0.54 32.46 -1.13
C PRO A 62 -0.05 31.63 0.05
N GLU A 63 1.11 32.02 0.60
CA GLU A 63 1.71 31.32 1.72
C GLU A 63 2.71 32.24 2.44
N PRO A 64 2.35 32.87 3.56
CA PRO A 64 3.29 33.80 4.29
C PRO A 64 4.60 33.13 4.68
N GLU A 65 5.70 33.87 4.49
CA GLU A 65 7.04 33.39 4.82
C GLU A 65 7.36 32.08 4.08
N LEU A 66 6.84 31.96 2.85
CA LEU A 66 7.08 30.77 2.01
C LEU A 66 6.61 29.47 2.69
N PRO A 67 6.17 28.45 1.93
CA PRO A 67 5.71 27.15 2.51
C PRO A 67 6.83 26.43 3.28
N PRO A 68 6.50 25.57 4.26
CA PRO A 68 7.55 24.82 5.03
C PRO A 68 8.45 24.00 4.10
N LEU A 69 9.68 23.77 4.52
CA LEU A 69 10.63 23.02 3.70
C LEU A 69 10.12 21.61 3.45
N GLU A 70 9.61 20.96 4.51
CA GLU A 70 9.10 19.59 4.40
C GLU A 70 7.98 19.50 3.37
N THR A 71 7.57 18.26 3.07
CA THR A 71 6.51 18.01 2.10
C THR A 71 5.44 17.12 2.72
N VAL A 72 4.32 16.96 2.03
CA VAL A 72 3.21 16.14 2.51
C VAL A 72 3.13 14.83 1.75
N GLY A 73 2.70 13.77 2.44
CA GLY A 73 2.57 12.45 1.84
C GLY A 73 1.15 12.22 1.35
N ASP A 74 0.90 11.01 0.83
CA ASP A 74 -0.41 10.65 0.33
C ASP A 74 -0.53 9.14 0.20
N ILE A 75 -1.76 8.66 0.03
CA ILE A 75 -2.00 7.23 -0.11
C ILE A 75 -1.61 6.76 -1.51
N ASP A 76 -1.81 7.63 -2.51
CA ASP A 76 -1.46 7.31 -3.88
C ASP A 76 -1.31 8.57 -4.73
N VAL A 77 -0.46 8.46 -5.75
CA VAL A 77 -0.21 9.59 -6.67
C VAL A 77 0.37 10.77 -5.88
N TYR A 78 1.70 10.90 -5.93
CA TYR A 78 2.39 11.99 -5.24
C TYR A 78 2.11 13.32 -5.95
N SER A 79 1.75 14.33 -5.17
CA SER A 79 1.46 15.66 -5.72
C SER A 79 2.71 16.27 -6.37
N PRO A 80 2.58 17.14 -7.36
CA PRO A 80 3.76 17.75 -8.06
C PRO A 80 4.75 18.39 -7.06
N PRO A 81 6.06 18.25 -7.25
CA PRO A 81 7.07 18.84 -6.32
C PRO A 81 7.15 20.36 -6.43
N GLU A 82 7.57 21.01 -5.35
CA GLU A 82 7.69 22.47 -5.31
C GLU A 82 9.17 22.86 -5.16
N PRO A 83 9.84 23.33 -6.22
CA PRO A 83 11.29 23.73 -6.13
C PRO A 83 11.49 24.99 -5.29
N GLU A 84 12.61 25.03 -4.57
CA GLU A 84 12.93 26.16 -3.70
C GLU A 84 13.71 27.21 -4.50
N SER A 85 14.31 28.18 -3.79
CA SER A 85 15.08 29.25 -4.44
C SER A 85 16.54 28.84 -4.55
N GLU A 86 17.30 29.56 -5.37
CA GLU A 86 18.73 29.26 -5.56
C GLU A 86 19.61 30.53 -5.35
N PRO A 87 19.64 31.08 -4.14
CA PRO A 87 20.48 32.30 -3.84
C PRO A 87 21.96 32.07 -4.11
N ALA A 88 22.62 33.09 -4.65
CA ALA A 88 24.05 33.01 -4.95
C ALA A 88 24.87 32.81 -3.68
N TYR A 89 24.47 33.51 -2.62
CA TYR A 89 25.17 33.44 -1.33
C TYR A 89 25.18 32.01 -0.81
N THR A 90 24.01 31.37 -0.81
CA THR A 90 23.89 29.98 -0.34
C THR A 90 22.94 29.15 -1.23
N PRO A 91 23.45 28.35 -2.17
CA PRO A 91 22.58 27.51 -3.05
C PRO A 91 22.05 26.25 -2.31
N PRO A 92 20.86 25.75 -2.63
CA PRO A 92 20.29 24.53 -1.97
C PRO A 92 21.04 23.25 -2.41
N PRO A 93 21.01 22.18 -1.61
CA PRO A 93 21.71 20.90 -1.97
C PRO A 93 21.25 20.37 -3.33
N ALA A 94 22.20 19.83 -4.11
CA ALA A 94 21.90 19.29 -5.43
C ALA A 94 22.07 17.77 -5.44
N ALA A 95 21.12 17.09 -6.08
CA ALA A 95 21.17 15.63 -6.16
C ALA A 95 20.17 15.13 -7.24
N PRO A 96 20.39 13.95 -7.83
CA PRO A 96 19.46 13.40 -8.87
C PRO A 96 18.03 13.25 -8.33
N VAL A 97 17.04 13.54 -9.19
CA VAL A 97 15.64 13.44 -8.78
C VAL A 97 15.33 12.01 -8.31
N PHE A 98 14.78 11.91 -7.09
CA PHE A 98 14.44 10.61 -6.52
C PHE A 98 13.09 10.70 -5.79
N ASP A 99 12.12 9.92 -6.26
CA ASP A 99 10.79 9.89 -5.64
C ASP A 99 10.64 8.65 -4.77
N ARG A 100 11.16 7.52 -5.26
CA ARG A 100 11.10 6.23 -4.54
C ARG A 100 11.63 5.13 -5.45
N ASP A 101 10.85 4.79 -6.49
CA ASP A 101 11.24 3.75 -7.44
C ASP A 101 11.53 2.44 -6.71
N GLU A 102 10.72 2.14 -5.68
CA GLU A 102 10.90 0.90 -4.90
C GLU A 102 9.68 -0.02 -5.08
N VAL A 103 8.58 0.27 -4.38
CA VAL A 103 7.37 -0.55 -4.47
C VAL A 103 6.12 0.32 -4.48
N ALA A 104 5.02 -0.26 -4.97
CA ALA A 104 3.74 0.46 -5.02
C ALA A 104 2.96 0.19 -3.74
N GLU A 105 2.40 1.26 -3.15
CA GLU A 105 1.63 1.13 -1.91
C GLU A 105 2.37 0.26 -0.88
N GLN A 106 3.15 0.91 -0.02
CA GLN A 106 3.91 0.19 1.00
C GLN A 106 3.05 0.01 2.26
N LEU A 107 2.53 1.13 2.77
CA LEU A 107 1.67 1.12 3.97
C LEU A 107 2.49 0.84 5.25
N VAL A 108 3.51 1.67 5.49
CA VAL A 108 4.35 1.52 6.67
C VAL A 108 4.93 2.88 7.11
N GLY A 109 5.05 3.07 8.42
CA GLY A 109 5.58 4.32 8.96
C GLY A 109 6.17 4.11 10.35
N VAL A 110 7.06 5.02 10.74
CA VAL A 110 7.70 4.95 12.06
C VAL A 110 7.80 6.34 12.70
N SER A 111 7.75 6.38 14.02
CA SER A 111 7.82 7.64 14.76
C SER A 111 8.47 7.43 16.12
N ALA A 112 9.34 8.38 16.50
CA ALA A 112 10.03 8.32 17.79
C ALA A 112 10.18 9.71 18.38
N ALA A 113 10.71 10.63 17.56
CA ALA A 113 10.91 12.02 17.99
C ALA A 113 11.74 12.09 19.28
N SER A 114 12.57 11.07 19.52
CA SER A 114 13.43 11.03 20.70
C SER A 114 14.49 12.15 20.64
N ALA A 115 14.99 12.40 19.43
CA ALA A 115 15.99 13.43 19.22
C ALA A 115 15.90 13.96 17.79
N ALA A 116 16.30 15.22 17.62
CA ALA A 116 16.26 15.84 16.30
C ALA A 116 17.56 16.58 16.01
N ALA A 117 18.11 17.26 17.03
CA ALA A 117 19.37 18.00 16.88
C ALA A 117 19.32 18.90 15.63
N SER A 118 18.69 20.06 15.78
CA SER A 118 18.58 21.02 14.69
C SER A 118 19.17 22.35 15.13
N ALA A 119 20.14 22.83 14.38
CA ALA A 119 20.81 24.07 14.72
C ALA A 119 19.83 25.25 14.67
N PHE A 120 18.93 25.23 13.68
CA PHE A 120 17.95 26.32 13.54
C PHE A 120 16.64 25.80 12.94
N GLY A 121 15.58 26.59 13.09
CA GLY A 121 14.27 26.22 12.57
C GLY A 121 13.82 24.88 13.12
N SER A 122 13.43 24.88 14.40
CA SER A 122 12.98 23.65 15.06
C SER A 122 12.05 23.97 16.23
N LEU A 123 11.06 23.10 16.44
CA LEU A 123 10.11 23.29 17.54
C LEU A 123 10.37 22.27 18.64
N SER A 124 10.67 22.77 19.84
CA SER A 124 10.95 21.90 20.98
C SER A 124 10.94 22.69 22.29
N SER A 125 11.34 23.96 22.22
CA SER A 125 11.38 24.82 23.39
C SER A 125 10.29 25.90 23.35
N ALA A 126 9.78 26.19 22.14
CA ALA A 126 8.74 27.21 21.98
C ALA A 126 7.49 26.82 22.77
N LEU A 127 7.12 25.55 22.68
CA LEU A 127 5.94 25.04 23.37
C LEU A 127 6.34 23.97 24.37
N LEU A 128 5.62 23.88 25.49
CA LEU A 128 5.91 22.88 26.51
C LEU A 128 5.04 21.64 26.31
N MET A 129 5.45 20.79 25.35
CA MET A 129 4.73 19.57 25.04
C MET A 129 5.71 18.40 24.80
N PRO A 130 6.19 17.73 25.84
CA PRO A 130 7.16 16.59 25.70
C PRO A 130 6.60 15.48 24.81
N LYS A 131 7.46 14.94 23.95
CA LYS A 131 7.09 13.86 23.03
C LYS A 131 5.84 14.23 22.23
N ASP A 132 5.44 13.33 21.33
CA ASP A 132 4.26 13.55 20.48
C ASP A 132 3.08 12.67 20.92
N GLY A 133 3.16 12.10 22.14
CA GLY A 133 2.09 11.25 22.66
C GLY A 133 2.04 9.94 21.89
N LEU A 134 3.10 9.12 22.04
CA LEU A 134 3.19 7.83 21.37
C LEU A 134 2.17 6.85 21.92
N GLU A 135 1.63 6.00 21.05
CA GLU A 135 0.64 5.00 21.44
C GLU A 135 1.33 3.65 21.65
N HIS A 136 1.06 3.03 22.80
CA HIS A 136 1.65 1.73 23.12
C HIS A 136 1.19 0.67 22.13
N HIS A 137 -0.09 0.72 21.75
CA HIS A 137 -0.65 -0.23 20.80
C HIS A 137 -0.43 -1.67 21.29
N HIS A 138 -1.09 -2.01 22.40
CA HIS A 138 -0.98 -3.35 22.98
C HIS A 138 -1.64 -4.38 22.05
N HIS A 139 -1.06 -5.59 22.04
CA HIS A 139 -1.59 -6.67 21.20
C HIS A 139 -3.03 -6.99 21.60
N HIS A 140 -3.26 -7.10 22.90
CA HIS A 140 -4.60 -7.41 23.42
C HIS A 140 -5.57 -6.28 23.07
N HIS A 141 -6.77 -6.66 22.64
CA HIS A 141 -7.79 -5.68 22.28
C HIS A 141 -8.59 -5.24 23.51
N MET A 1 -5.09 -7.80 2.11
CA MET A 1 -6.41 -8.08 2.74
C MET A 1 -6.74 -9.57 2.58
N SER A 2 -7.83 -10.00 3.22
CA SER A 2 -8.25 -11.40 3.15
C SER A 2 -9.72 -11.52 2.74
N ASP A 3 -10.05 -12.64 2.11
CA ASP A 3 -11.42 -12.91 1.66
C ASP A 3 -12.17 -13.80 2.66
N GLN A 4 -11.68 -13.82 3.91
CA GLN A 4 -12.29 -14.62 4.98
C GLN A 4 -12.63 -13.74 6.19
N SER A 5 -11.86 -12.66 6.36
CA SER A 5 -12.05 -11.73 7.47
C SER A 5 -13.18 -10.75 7.17
N GLN A 6 -13.94 -10.38 8.20
CA GLN A 6 -15.04 -9.44 8.06
C GLN A 6 -14.58 -8.00 8.33
N GLU A 7 -13.32 -7.72 7.97
CA GLU A 7 -12.74 -6.40 8.18
C GLU A 7 -12.09 -5.88 6.86
N PRO A 8 -12.88 -5.47 5.87
CA PRO A 8 -12.34 -4.96 4.56
C PRO A 8 -11.99 -3.47 4.62
N THR A 9 -11.60 -3.00 5.81
CA THR A 9 -11.25 -1.59 6.01
C THR A 9 -10.02 -1.20 5.20
N MET A 10 -9.76 0.10 5.15
CA MET A 10 -8.66 0.67 4.38
C MET A 10 -7.31 0.10 4.80
N GLU A 11 -7.12 -0.13 6.11
CA GLU A 11 -5.85 -0.66 6.62
C GLU A 11 -5.40 -1.86 5.77
N GLU A 12 -6.22 -2.91 5.78
CA GLU A 12 -5.90 -4.12 5.03
C GLU A 12 -5.74 -3.82 3.54
N ILE A 13 -6.59 -2.95 3.00
CA ILE A 13 -6.56 -2.62 1.57
C ILE A 13 -5.17 -2.04 1.18
N LEU A 14 -4.65 -1.09 1.98
CA LEU A 14 -3.34 -0.51 1.70
C LEU A 14 -2.28 -1.60 1.78
N ALA A 15 -2.46 -2.50 2.74
CA ALA A 15 -1.55 -3.63 2.94
C ALA A 15 -1.57 -4.56 1.73
N SER A 16 -2.76 -4.76 1.16
CA SER A 16 -2.93 -5.66 0.01
C SER A 16 -2.11 -5.24 -1.20
N ILE A 17 -2.20 -3.95 -1.59
CA ILE A 17 -1.44 -3.40 -2.75
C ILE A 17 -1.96 -1.99 -3.08
N ARG A 18 -2.18 -1.17 -2.05
CA ARG A 18 -2.65 0.21 -2.24
C ARG A 18 -3.81 0.27 -3.27
N ARG A 19 -4.54 -0.84 -3.41
CA ARG A 19 -5.65 -0.90 -4.37
C ARG A 19 -6.96 -1.26 -3.66
N ILE A 20 -7.98 -0.43 -3.89
CA ILE A 20 -9.29 -0.65 -3.30
C ILE A 20 -9.82 -2.05 -3.64
N ILE A 21 -10.86 -2.49 -2.92
CA ILE A 21 -11.46 -3.81 -3.15
C ILE A 21 -11.76 -3.99 -4.64
N SER A 22 -11.72 -5.25 -5.10
CA SER A 22 -11.99 -5.56 -6.50
C SER A 22 -12.45 -7.01 -6.64
N GLU A 23 -13.06 -7.32 -7.79
CA GLU A 23 -13.57 -8.68 -8.04
C GLU A 23 -14.57 -9.09 -6.96
N ASP A 24 -15.81 -8.60 -7.11
CA ASP A 24 -16.87 -8.91 -6.15
C ASP A 24 -17.08 -10.41 -6.07
N ASP A 25 -17.12 -11.07 -7.23
CA ASP A 25 -17.31 -12.51 -7.28
C ASP A 25 -15.96 -13.21 -7.06
N ALA A 26 -15.34 -12.91 -5.92
CA ALA A 26 -14.05 -13.50 -5.56
C ALA A 26 -14.20 -15.00 -5.26
N PRO A 27 -13.18 -15.83 -5.52
CA PRO A 27 -13.25 -17.31 -5.25
C PRO A 27 -13.52 -17.62 -3.79
N ALA A 28 -14.28 -18.68 -3.54
CA ALA A 28 -14.63 -19.09 -2.18
C ALA A 28 -14.55 -20.61 -2.05
N GLU A 29 -14.14 -21.07 -0.87
CA GLU A 29 -14.04 -22.50 -0.61
C GLU A 29 -14.25 -22.78 0.90
N PRO A 30 -15.39 -22.36 1.46
CA PRO A 30 -15.68 -22.56 2.90
C PRO A 30 -15.94 -24.03 3.24
N ALA A 31 -15.63 -24.42 4.48
CA ALA A 31 -15.82 -25.79 4.92
C ALA A 31 -16.03 -25.85 6.43
N ALA A 32 -16.63 -26.94 6.90
CA ALA A 32 -16.89 -27.12 8.32
C ALA A 32 -16.82 -28.60 8.68
N GLU A 33 -16.41 -28.89 9.92
CA GLU A 33 -16.29 -30.27 10.40
C GLU A 33 -16.98 -30.45 11.74
N ALA A 34 -17.47 -31.66 11.99
CA ALA A 34 -18.15 -31.99 13.25
C ALA A 34 -17.21 -31.81 14.44
N ALA A 35 -15.95 -32.20 14.25
CA ALA A 35 -14.94 -32.08 15.31
C ALA A 35 -15.38 -32.90 16.55
N PRO A 36 -15.45 -34.24 16.43
CA PRO A 36 -15.87 -35.12 17.57
C PRO A 36 -14.80 -35.20 18.67
N PRO A 37 -15.15 -35.65 19.88
CA PRO A 37 -14.17 -35.75 21.01
C PRO A 37 -12.94 -36.61 20.64
N PRO A 38 -11.74 -36.31 21.17
CA PRO A 38 -10.51 -37.09 20.84
C PRO A 38 -10.54 -38.51 21.44
N PRO A 39 -9.77 -39.46 20.89
CA PRO A 39 -9.74 -40.87 21.40
C PRO A 39 -9.04 -40.96 22.77
N PRO A 40 -9.24 -42.05 23.53
CA PRO A 40 -8.61 -42.21 24.87
C PRO A 40 -7.10 -42.39 24.78
N GLU A 41 -6.40 -42.03 25.85
CA GLU A 41 -4.94 -42.12 25.90
C GLU A 41 -4.49 -42.92 27.14
N PRO A 42 -3.30 -43.52 27.13
CA PRO A 42 -2.79 -44.32 28.29
C PRO A 42 -2.47 -43.43 29.50
N GLU A 43 -2.40 -44.06 30.68
CA GLU A 43 -2.12 -43.34 31.92
C GLU A 43 -0.81 -43.84 32.57
N PRO A 44 0.35 -43.55 31.96
CA PRO A 44 1.68 -43.99 32.51
C PRO A 44 2.00 -43.33 33.85
N GLU A 45 1.30 -42.23 34.17
CA GLU A 45 1.51 -41.52 35.42
C GLU A 45 0.18 -41.33 36.17
N PRO A 46 -0.36 -42.40 36.80
CA PRO A 46 -1.66 -42.32 37.55
C PRO A 46 -1.56 -41.45 38.81
N VAL A 47 -0.34 -41.15 39.25
CA VAL A 47 -0.12 -40.34 40.45
C VAL A 47 0.79 -39.15 40.14
N SER A 48 0.74 -38.15 41.02
CA SER A 48 1.54 -36.93 40.84
C SER A 48 1.96 -36.38 42.19
N PHE A 49 2.90 -35.43 42.17
CA PHE A 49 3.40 -34.79 43.38
C PHE A 49 4.07 -33.49 43.00
N ASP A 50 3.78 -32.44 43.75
CA ASP A 50 4.35 -31.14 43.46
C ASP A 50 5.19 -30.63 44.64
N ASP A 51 6.32 -29.99 44.32
CA ASP A 51 7.22 -29.47 45.35
C ASP A 51 7.05 -27.96 45.49
N GLU A 52 6.94 -27.51 46.74
CA GLU A 52 6.79 -26.09 47.03
C GLU A 52 6.87 -25.86 48.55
N VAL A 53 8.08 -26.01 49.09
CA VAL A 53 8.32 -25.84 50.52
C VAL A 53 8.35 -24.35 50.89
N LEU A 54 8.87 -23.53 49.97
CA LEU A 54 8.95 -22.09 50.21
C LEU A 54 8.48 -21.31 48.98
N GLU A 55 7.69 -20.26 49.23
CA GLU A 55 7.17 -19.42 48.14
C GLU A 55 8.29 -18.68 47.38
N LEU A 56 9.45 -18.52 48.02
CA LEU A 56 10.60 -17.85 47.39
C LEU A 56 10.20 -16.47 46.83
N THR A 57 9.31 -15.77 47.54
CA THR A 57 8.86 -14.44 47.12
C THR A 57 9.96 -13.41 47.37
N ASP A 58 9.91 -12.31 46.60
CA ASP A 58 10.89 -11.24 46.73
C ASP A 58 10.39 -10.16 47.69
N PRO A 59 11.27 -9.43 48.38
CA PRO A 59 10.84 -8.34 49.33
C PRO A 59 10.24 -7.14 48.60
N ILE A 60 10.53 -7.02 47.29
CA ILE A 60 10.03 -5.92 46.48
C ILE A 60 9.02 -6.46 45.46
N ALA A 61 7.88 -5.76 45.35
CA ALA A 61 6.83 -6.16 44.42
C ALA A 61 6.54 -5.02 43.41
N PRO A 62 7.24 -4.95 42.28
CA PRO A 62 7.02 -3.88 41.26
C PRO A 62 5.59 -3.89 40.72
N GLU A 63 5.08 -2.71 40.39
CA GLU A 63 3.71 -2.59 39.87
C GLU A 63 3.61 -3.24 38.47
N PRO A 64 2.47 -3.80 38.09
CA PRO A 64 2.30 -4.45 36.75
C PRO A 64 2.22 -3.43 35.62
N GLU A 65 2.53 -3.90 34.41
CA GLU A 65 2.48 -3.03 33.22
C GLU A 65 1.62 -3.68 32.14
N LEU A 66 0.88 -2.86 31.41
CA LEU A 66 0.02 -3.37 30.34
C LEU A 66 -0.54 -2.22 29.48
N PRO A 67 -1.14 -1.18 30.06
CA PRO A 67 -1.72 -0.05 29.25
C PRO A 67 -0.67 0.58 28.31
N PRO A 68 -0.98 0.83 27.03
CA PRO A 68 -0.01 1.43 26.08
C PRO A 68 0.00 2.96 26.12
N LEU A 69 0.65 3.58 25.14
CA LEU A 69 0.72 5.03 25.03
C LEU A 69 -0.66 5.61 24.72
N GLU A 70 -1.41 4.90 23.85
CA GLU A 70 -2.74 5.33 23.43
C GLU A 70 -2.66 6.66 22.67
N THR A 71 -2.48 6.55 21.36
CA THR A 71 -2.39 7.73 20.49
C THR A 71 -3.55 7.73 19.49
N VAL A 72 -4.23 8.87 19.38
CA VAL A 72 -5.37 9.00 18.47
C VAL A 72 -4.90 8.95 17.02
N GLY A 73 -5.87 8.85 16.11
CA GLY A 73 -5.58 8.80 14.68
C GLY A 73 -5.96 7.43 14.11
N ASP A 74 -6.60 7.44 12.94
CA ASP A 74 -7.03 6.20 12.28
C ASP A 74 -6.70 6.27 10.78
N ILE A 75 -7.38 5.43 9.97
CA ILE A 75 -7.16 5.42 8.53
C ILE A 75 -8.48 5.69 7.79
N ASP A 76 -9.56 5.10 8.32
CA ASP A 76 -10.89 5.27 7.72
C ASP A 76 -11.52 6.57 8.21
N VAL A 77 -11.72 7.51 7.28
CA VAL A 77 -12.31 8.81 7.61
C VAL A 77 -13.75 8.60 8.08
N TYR A 78 -14.08 9.20 9.22
CA TYR A 78 -15.42 9.07 9.80
C TYR A 78 -15.87 10.39 10.40
N SER A 79 -17.19 10.54 10.58
CA SER A 79 -17.75 11.76 11.14
C SER A 79 -18.58 11.45 12.40
N PRO A 80 -17.93 11.13 13.53
CA PRO A 80 -18.64 10.81 14.81
C PRO A 80 -19.23 12.06 15.46
N PRO A 81 -20.33 11.96 16.21
CA PRO A 81 -20.95 13.15 16.88
C PRO A 81 -20.03 13.76 17.94
N GLU A 82 -19.23 12.89 18.57
CA GLU A 82 -18.29 13.34 19.62
C GLU A 82 -17.18 12.29 19.83
N PRO A 83 -15.97 12.69 20.22
CA PRO A 83 -14.83 11.72 20.44
C PRO A 83 -14.98 10.92 21.74
N GLU A 84 -15.50 11.58 22.78
CA GLU A 84 -15.68 10.93 24.09
C GLU A 84 -14.40 10.21 24.54
N SER A 85 -13.25 10.75 24.12
CA SER A 85 -11.96 10.16 24.49
C SER A 85 -11.12 11.13 25.32
N GLU A 86 -10.87 10.77 26.57
CA GLU A 86 -10.07 11.59 27.47
C GLU A 86 -9.13 10.71 28.29
N PRO A 87 -7.94 11.19 28.68
CA PRO A 87 -6.99 10.36 29.49
C PRO A 87 -7.58 9.97 30.84
N ALA A 88 -7.84 8.67 31.02
CA ALA A 88 -8.41 8.15 32.27
C ALA A 88 -8.68 6.66 32.15
N TYR A 89 -9.19 6.25 30.98
CA TYR A 89 -9.52 4.86 30.71
C TYR A 89 -8.86 4.40 29.41
N THR A 90 -8.58 3.10 29.33
CA THR A 90 -7.95 2.53 28.14
C THR A 90 -8.79 1.33 27.63
N PRO A 91 -8.99 1.17 26.32
CA PRO A 91 -9.80 0.02 25.79
C PRO A 91 -9.08 -1.34 25.97
N PRO A 92 -9.76 -2.41 26.39
CA PRO A 92 -9.10 -3.74 26.59
C PRO A 92 -8.38 -4.29 25.33
N PRO A 93 -8.97 -4.19 24.12
CA PRO A 93 -8.30 -4.70 22.88
C PRO A 93 -6.93 -4.05 22.66
N ALA A 94 -5.99 -4.85 22.17
CA ALA A 94 -4.63 -4.37 21.90
C ALA A 94 -4.65 -3.27 20.85
N ALA A 95 -5.50 -3.45 19.83
CA ALA A 95 -5.63 -2.46 18.77
C ALA A 95 -4.24 -2.13 18.15
N PRO A 96 -3.53 -3.13 17.63
CA PRO A 96 -2.18 -2.92 17.01
C PRO A 96 -2.29 -2.40 15.56
N VAL A 97 -3.02 -1.30 15.39
CA VAL A 97 -3.21 -0.70 14.06
C VAL A 97 -2.42 0.60 13.97
N PHE A 98 -2.55 1.43 15.01
CA PHE A 98 -1.86 2.72 15.06
C PHE A 98 -0.52 2.56 15.76
N ASP A 99 0.55 2.98 15.07
CA ASP A 99 1.91 2.87 15.62
C ASP A 99 2.33 4.22 16.23
N ARG A 100 3.63 4.34 16.57
CA ARG A 100 4.14 5.57 17.15
C ARG A 100 3.90 6.71 16.17
N ASP A 101 4.23 6.47 14.91
CA ASP A 101 4.04 7.45 13.84
C ASP A 101 2.63 8.01 13.85
N GLU A 102 2.51 9.32 13.61
CA GLU A 102 1.20 9.98 13.57
C GLU A 102 0.97 10.61 12.19
N VAL A 103 1.41 9.89 11.15
CA VAL A 103 1.26 10.34 9.75
C VAL A 103 1.86 9.29 8.81
N ALA A 104 1.37 8.04 8.94
CA ALA A 104 1.86 6.94 8.12
C ALA A 104 1.01 5.69 8.29
N GLU A 105 1.14 4.77 7.33
CA GLU A 105 0.42 3.50 7.36
C GLU A 105 1.38 2.37 7.01
N GLN A 106 1.32 1.28 7.77
CA GLN A 106 2.18 0.12 7.52
C GLN A 106 1.54 -0.77 6.46
N LEU A 107 2.16 -0.79 5.28
CA LEU A 107 1.64 -1.60 4.17
C LEU A 107 2.75 -1.95 3.18
N VAL A 108 4.00 -2.01 3.67
CA VAL A 108 5.15 -2.33 2.82
C VAL A 108 6.04 -3.38 3.48
N GLY A 109 6.86 -4.06 2.67
CA GLY A 109 7.77 -5.07 3.17
C GLY A 109 8.85 -5.38 2.15
N VAL A 110 9.90 -6.09 2.59
CA VAL A 110 11.02 -6.44 1.69
C VAL A 110 10.57 -7.37 0.56
N SER A 111 9.49 -8.13 0.80
CA SER A 111 8.97 -9.06 -0.22
C SER A 111 7.45 -9.06 -0.20
N ALA A 112 6.86 -9.05 -1.40
CA ALA A 112 5.40 -9.05 -1.53
C ALA A 112 4.99 -9.69 -2.87
N ALA A 113 3.77 -10.19 -2.92
CA ALA A 113 3.25 -10.83 -4.14
C ALA A 113 1.73 -10.67 -4.21
N SER A 114 1.21 -10.64 -5.44
CA SER A 114 -0.24 -10.50 -5.64
C SER A 114 -0.96 -11.70 -5.04
N ALA A 115 -0.65 -12.89 -5.56
CA ALA A 115 -1.26 -14.12 -5.09
C ALA A 115 -0.38 -15.30 -5.45
N ALA A 116 -0.43 -16.35 -4.65
CA ALA A 116 0.36 -17.55 -4.91
C ALA A 116 -0.24 -18.80 -4.23
N ALA A 117 -1.50 -18.69 -3.78
CA ALA A 117 -2.16 -19.81 -3.12
C ALA A 117 -3.67 -19.57 -3.05
N SER A 118 -4.41 -20.64 -2.76
CA SER A 118 -5.87 -20.54 -2.64
C SER A 118 -6.27 -20.93 -1.22
N ALA A 119 -5.80 -22.11 -0.80
CA ALA A 119 -6.09 -22.60 0.55
C ALA A 119 -4.85 -23.20 1.18
N PHE A 120 -4.31 -24.26 0.57
CA PHE A 120 -3.10 -24.93 1.06
C PHE A 120 -3.31 -25.43 2.49
N GLY A 121 -2.46 -26.38 2.89
CA GLY A 121 -2.55 -26.96 4.23
C GLY A 121 -3.62 -28.05 4.28
N SER A 122 -3.62 -28.91 3.26
CA SER A 122 -4.58 -30.01 3.18
C SER A 122 -4.10 -31.06 2.17
N LEU A 123 -4.19 -30.73 0.87
CA LEU A 123 -3.75 -31.63 -0.19
C LEU A 123 -3.91 -30.97 -1.55
N SER A 124 -5.16 -30.65 -1.91
CA SER A 124 -5.48 -30.01 -3.18
C SER A 124 -6.96 -29.67 -3.23
N SER A 125 -7.78 -30.71 -3.13
CA SER A 125 -9.24 -30.56 -3.14
C SER A 125 -9.85 -31.30 -1.93
N ALA A 126 -9.16 -31.20 -0.80
CA ALA A 126 -9.61 -31.82 0.44
C ALA A 126 -10.84 -31.11 0.99
N LEU A 127 -10.81 -29.77 0.92
CA LEU A 127 -11.89 -28.95 1.44
C LEU A 127 -13.20 -29.18 0.69
N LEU A 128 -14.27 -29.29 1.46
CA LEU A 128 -15.61 -29.52 0.90
C LEU A 128 -16.53 -28.37 1.27
N MET A 129 -17.58 -28.16 0.46
CA MET A 129 -18.53 -27.07 0.70
C MET A 129 -19.97 -27.64 0.79
N PRO A 130 -20.35 -28.24 1.92
CA PRO A 130 -21.74 -28.81 2.11
C PRO A 130 -22.82 -27.73 2.22
N LYS A 131 -22.39 -26.49 2.52
CA LYS A 131 -23.31 -25.36 2.67
C LYS A 131 -24.25 -25.63 3.85
N ASP A 132 -24.08 -24.83 4.91
CA ASP A 132 -24.90 -24.97 6.11
C ASP A 132 -25.16 -23.61 6.74
N GLY A 133 -26.40 -23.14 6.65
CA GLY A 133 -26.78 -21.85 7.21
C GLY A 133 -28.11 -21.96 7.94
N LEU A 134 -28.21 -21.27 9.07
CA LEU A 134 -29.43 -21.30 9.88
C LEU A 134 -29.70 -19.93 10.50
N GLU A 135 -30.98 -19.60 10.63
CA GLU A 135 -31.39 -18.31 11.22
C GLU A 135 -30.70 -17.15 10.49
N HIS A 136 -31.39 -16.58 9.51
CA HIS A 136 -30.84 -15.46 8.74
C HIS A 136 -30.61 -14.25 9.63
N HIS A 137 -31.56 -14.00 10.54
CA HIS A 137 -31.47 -12.86 11.46
C HIS A 137 -31.84 -13.29 12.88
N HIS A 138 -31.23 -12.63 13.86
CA HIS A 138 -31.50 -12.93 15.27
C HIS A 138 -31.18 -11.73 16.15
N HIS A 139 -31.71 -11.75 17.38
CA HIS A 139 -31.49 -10.65 18.33
C HIS A 139 -31.64 -11.15 19.76
N HIS A 140 -30.82 -10.60 20.66
CA HIS A 140 -30.85 -10.98 22.07
C HIS A 140 -30.85 -9.75 22.95
N HIS A 141 -31.55 -9.82 24.08
CA HIS A 141 -31.64 -8.71 25.02
C HIS A 141 -30.32 -8.54 25.77
N MET A 1 -7.54 -10.88 3.97
CA MET A 1 -8.09 -9.53 3.63
C MET A 1 -8.78 -9.58 2.27
N SER A 2 -8.16 -10.30 1.32
CA SER A 2 -8.71 -10.42 -0.03
C SER A 2 -8.81 -11.88 -0.46
N ASP A 3 -7.80 -12.67 -0.06
CA ASP A 3 -7.77 -14.09 -0.42
C ASP A 3 -8.98 -14.84 0.15
N GLN A 4 -9.29 -14.59 1.43
CA GLN A 4 -10.43 -15.23 2.08
C GLN A 4 -11.51 -14.22 2.42
N SER A 5 -11.14 -13.18 3.16
CA SER A 5 -12.08 -12.14 3.55
C SER A 5 -12.58 -11.37 2.34
N GLN A 6 -13.88 -11.10 2.30
CA GLN A 6 -14.48 -10.36 1.19
C GLN A 6 -14.77 -8.89 1.54
N GLU A 7 -14.36 -8.46 2.74
CA GLU A 7 -14.57 -7.07 3.17
C GLU A 7 -13.24 -6.46 3.68
N PRO A 8 -12.27 -6.19 2.80
CA PRO A 8 -10.97 -5.60 3.23
C PRO A 8 -11.12 -4.13 3.62
N THR A 9 -10.73 -3.80 4.85
CA THR A 9 -10.80 -2.43 5.35
C THR A 9 -9.65 -1.62 4.77
N MET A 10 -9.78 -0.30 4.82
CA MET A 10 -8.77 0.60 4.24
C MET A 10 -7.34 0.21 4.66
N GLU A 11 -7.14 -0.14 5.93
CA GLU A 11 -5.80 -0.55 6.39
C GLU A 11 -5.39 -1.81 5.62
N GLU A 12 -6.31 -2.76 5.57
CA GLU A 12 -6.09 -4.04 4.91
C GLU A 12 -5.83 -3.86 3.40
N ILE A 13 -6.56 -2.93 2.79
CA ILE A 13 -6.43 -2.67 1.35
C ILE A 13 -5.01 -2.18 1.00
N LEU A 14 -4.51 -1.20 1.77
CA LEU A 14 -3.17 -0.67 1.51
C LEU A 14 -2.12 -1.78 1.61
N ALA A 15 -2.26 -2.63 2.63
CA ALA A 15 -1.34 -3.76 2.82
C ALA A 15 -1.52 -4.78 1.69
N SER A 16 -2.78 -5.00 1.32
CA SER A 16 -3.13 -5.99 0.30
C SER A 16 -2.29 -5.82 -0.96
N ILE A 17 -2.17 -4.60 -1.49
CA ILE A 17 -1.37 -4.38 -2.70
C ILE A 17 0.08 -4.04 -2.32
N ARG A 18 0.26 -2.97 -1.54
CA ARG A 18 1.59 -2.56 -1.12
C ARG A 18 2.10 -3.42 0.03
N ARG A 19 3.41 -3.69 0.04
CA ARG A 19 4.01 -4.51 1.09
C ARG A 19 3.28 -5.84 1.26
N ILE A 20 3.04 -6.51 0.12
CA ILE A 20 2.32 -7.80 0.13
C ILE A 20 2.92 -8.75 1.17
N ILE A 21 2.08 -9.62 1.73
CA ILE A 21 2.51 -10.58 2.75
C ILE A 21 2.27 -12.00 2.25
N SER A 22 3.32 -12.83 2.33
CA SER A 22 3.24 -14.22 1.90
C SER A 22 4.17 -15.09 2.75
N GLU A 23 3.69 -16.28 3.12
CA GLU A 23 4.48 -17.20 3.94
C GLU A 23 4.59 -18.56 3.25
N ASP A 24 5.80 -19.13 3.26
CA ASP A 24 6.05 -20.43 2.64
C ASP A 24 7.32 -21.05 3.20
N ASP A 25 7.38 -22.39 3.19
CA ASP A 25 8.55 -23.09 3.70
C ASP A 25 9.53 -23.46 2.58
N ALA A 26 9.33 -22.91 1.38
CA ALA A 26 10.20 -23.20 0.24
C ALA A 26 11.60 -22.59 0.48
N PRO A 27 12.65 -23.12 -0.14
CA PRO A 27 14.04 -22.60 0.04
C PRO A 27 14.13 -21.10 -0.19
N ALA A 28 13.36 -20.61 -1.17
CA ALA A 28 13.35 -19.19 -1.50
C ALA A 28 11.98 -18.57 -1.23
N GLU A 29 11.98 -17.37 -0.65
CA GLU A 29 10.74 -16.65 -0.35
C GLU A 29 10.50 -15.55 -1.38
N PRO A 30 11.51 -14.72 -1.73
CA PRO A 30 11.30 -13.63 -2.74
C PRO A 30 10.87 -14.19 -4.09
N ALA A 31 10.16 -13.36 -4.86
CA ALA A 31 9.68 -13.75 -6.19
C ALA A 31 9.75 -12.56 -7.13
N ALA A 32 10.19 -12.80 -8.37
CA ALA A 32 10.30 -11.72 -9.35
C ALA A 32 10.32 -12.28 -10.78
N GLU A 33 10.06 -11.40 -11.74
CA GLU A 33 10.05 -11.77 -13.15
C GLU A 33 10.93 -10.80 -13.94
N ALA A 34 11.34 -11.20 -15.15
CA ALA A 34 12.18 -10.35 -15.98
C ALA A 34 11.82 -10.51 -17.45
N ALA A 35 11.99 -9.43 -18.21
CA ALA A 35 11.68 -9.44 -19.64
C ALA A 35 12.43 -8.30 -20.36
N PRO A 36 12.56 -8.35 -21.69
CA PRO A 36 13.29 -7.28 -22.46
C PRO A 36 12.68 -5.89 -22.19
N PRO A 37 13.49 -4.82 -22.15
CA PRO A 37 12.96 -3.44 -21.87
C PRO A 37 11.84 -3.04 -22.85
N PRO A 38 10.77 -2.37 -22.39
CA PRO A 38 9.65 -1.96 -23.30
C PRO A 38 10.04 -0.78 -24.20
N PRO A 39 9.39 -0.59 -25.35
CA PRO A 39 9.70 0.54 -26.28
C PRO A 39 9.24 1.89 -25.71
N PRO A 40 9.81 3.02 -26.14
CA PRO A 40 9.41 4.37 -25.62
C PRO A 40 7.98 4.75 -25.99
N GLU A 41 7.48 4.17 -27.09
CA GLU A 41 6.11 4.46 -27.56
C GLU A 41 5.38 3.16 -27.96
N PRO A 42 4.97 2.34 -26.98
CA PRO A 42 4.25 1.05 -27.29
C PRO A 42 2.82 1.29 -27.78
N GLU A 43 2.41 0.49 -28.77
CA GLU A 43 1.06 0.59 -29.33
C GLU A 43 0.41 -0.79 -29.43
N PRO A 44 0.04 -1.42 -28.31
CA PRO A 44 -0.60 -2.78 -28.34
C PRO A 44 -2.01 -2.75 -28.91
N GLU A 45 -2.33 -3.75 -29.74
CA GLU A 45 -3.65 -3.84 -30.36
C GLU A 45 -4.02 -5.32 -30.63
N PRO A 46 -4.15 -6.16 -29.59
CA PRO A 46 -4.51 -7.60 -29.78
C PRO A 46 -5.89 -7.78 -30.40
N VAL A 47 -6.80 -6.85 -30.10
CA VAL A 47 -8.17 -6.90 -30.64
C VAL A 47 -8.96 -5.66 -30.21
N SER A 48 -8.92 -5.34 -28.91
CA SER A 48 -9.64 -4.18 -28.37
C SER A 48 -9.18 -3.83 -26.96
N PHE A 49 -8.70 -4.83 -26.21
CA PHE A 49 -8.23 -4.62 -24.84
C PHE A 49 -6.83 -5.20 -24.69
N ASP A 50 -5.98 -4.47 -23.99
CA ASP A 50 -4.60 -4.90 -23.77
C ASP A 50 -4.47 -5.65 -22.45
N ASP A 51 -3.24 -6.03 -22.11
CA ASP A 51 -2.97 -6.75 -20.86
C ASP A 51 -1.47 -6.74 -20.55
N GLU A 52 -0.99 -5.61 -20.02
CA GLU A 52 0.41 -5.47 -19.67
C GLU A 52 0.56 -4.19 -18.87
N VAL A 53 1.26 -4.25 -17.75
CA VAL A 53 1.45 -3.07 -16.92
C VAL A 53 2.94 -2.86 -16.63
N LEU A 54 3.32 -1.61 -16.38
CA LEU A 54 4.71 -1.27 -16.09
C LEU A 54 4.84 0.17 -15.60
N GLU A 55 6.02 0.51 -15.08
CA GLU A 55 6.27 1.86 -14.60
C GLU A 55 7.61 2.37 -15.12
N LEU A 56 7.64 3.64 -15.54
CA LEU A 56 8.86 4.24 -16.08
C LEU A 56 9.25 5.48 -15.27
N THR A 57 10.42 5.43 -14.65
CA THR A 57 10.91 6.56 -13.84
C THR A 57 12.34 6.91 -14.23
N ASP A 58 12.74 8.15 -13.95
CA ASP A 58 14.08 8.63 -14.25
C ASP A 58 15.02 8.40 -13.05
N PRO A 59 16.11 7.63 -13.18
CA PRO A 59 17.05 7.40 -12.03
C PRO A 59 17.63 8.70 -11.49
N ILE A 60 17.76 8.78 -10.17
CA ILE A 60 18.31 9.96 -9.52
C ILE A 60 19.07 9.59 -8.24
N ALA A 61 20.23 10.21 -8.04
CA ALA A 61 21.04 9.94 -6.86
C ALA A 61 20.38 10.52 -5.60
N PRO A 62 20.56 9.91 -4.41
CA PRO A 62 19.93 10.44 -3.16
C PRO A 62 20.34 11.87 -2.86
N GLU A 63 19.39 12.67 -2.38
CA GLU A 63 19.65 14.08 -2.06
C GLU A 63 18.65 14.59 -1.00
N PRO A 64 18.98 15.64 -0.25
CA PRO A 64 18.07 16.20 0.79
C PRO A 64 17.03 17.16 0.20
N GLU A 65 16.29 16.67 -0.80
CA GLU A 65 15.28 17.47 -1.48
C GLU A 65 14.23 17.98 -0.48
N LEU A 66 13.83 17.11 0.44
CA LEU A 66 12.82 17.48 1.44
C LEU A 66 13.41 17.46 2.86
N PRO A 67 12.85 18.19 3.82
CA PRO A 67 13.38 18.24 5.22
C PRO A 67 13.12 16.93 6.00
N PRO A 68 13.89 16.64 7.04
CA PRO A 68 13.70 15.39 7.85
C PRO A 68 12.42 15.46 8.69
N LEU A 69 11.97 14.28 9.14
CA LEU A 69 10.74 14.18 9.95
C LEU A 69 9.54 14.66 9.15
N GLU A 70 8.36 14.15 9.51
CA GLU A 70 7.12 14.54 8.83
C GLU A 70 7.26 14.37 7.32
N THR A 71 7.08 13.14 6.84
CA THR A 71 7.20 12.84 5.41
C THR A 71 6.00 12.01 4.93
N VAL A 72 5.79 12.02 3.61
CA VAL A 72 4.69 11.28 3.02
C VAL A 72 5.06 9.80 2.94
N GLY A 73 4.16 8.95 3.46
CA GLY A 73 4.39 7.51 3.46
C GLY A 73 4.23 6.95 4.87
N ASP A 74 3.20 7.41 5.57
CA ASP A 74 2.92 6.96 6.93
C ASP A 74 1.41 6.87 7.17
N ILE A 75 0.88 5.64 7.20
CA ILE A 75 -0.54 5.43 7.41
C ILE A 75 -0.90 5.98 8.79
N ASP A 76 -0.10 5.62 9.79
CA ASP A 76 -0.32 6.09 11.15
C ASP A 76 0.91 5.81 12.02
N VAL A 77 1.98 6.58 11.78
CA VAL A 77 3.22 6.43 12.52
C VAL A 77 4.02 7.74 12.49
N TYR A 78 4.57 8.12 13.64
CA TYR A 78 5.35 9.36 13.75
C TYR A 78 6.58 9.11 14.62
N SER A 79 7.62 9.93 14.43
CA SER A 79 8.87 9.79 15.17
C SER A 79 9.60 8.49 14.78
N PRO A 80 10.43 8.50 13.75
CA PRO A 80 11.17 7.27 13.29
C PRO A 80 12.26 6.84 14.28
N PRO A 81 12.78 5.60 14.18
CA PRO A 81 13.83 5.09 15.11
C PRO A 81 15.16 5.85 14.96
N GLU A 82 16.17 5.39 15.70
CA GLU A 82 17.49 6.02 15.68
C GLU A 82 18.10 5.96 14.26
N PRO A 83 18.96 6.90 13.89
CA PRO A 83 19.59 6.94 12.53
C PRO A 83 20.60 5.80 12.31
N GLU A 84 21.22 5.81 11.13
CA GLU A 84 22.22 4.79 10.77
C GLU A 84 21.71 3.37 11.07
N SER A 85 20.39 3.18 10.91
CA SER A 85 19.77 1.87 11.15
C SER A 85 18.39 1.86 10.50
N GLU A 86 17.83 0.66 10.29
CA GLU A 86 16.50 0.53 9.69
C GLU A 86 15.68 -0.55 10.44
N PRO A 87 15.48 -0.40 11.75
CA PRO A 87 14.70 -1.39 12.55
C PRO A 87 13.21 -1.36 12.23
N ALA A 88 12.54 -2.50 12.46
CA ALA A 88 11.10 -2.63 12.20
C ALA A 88 10.80 -2.55 10.69
N TYR A 89 10.93 -1.34 10.11
CA TYR A 89 10.67 -1.15 8.68
C TYR A 89 11.63 -0.12 8.10
N THR A 90 12.28 -0.49 7.00
CA THR A 90 13.23 0.40 6.33
C THR A 90 12.44 1.46 5.52
N PRO A 91 12.74 2.76 5.64
CA PRO A 91 12.00 3.82 4.87
C PRO A 91 12.05 3.56 3.35
N PRO A 92 10.96 3.78 2.61
CA PRO A 92 10.94 3.54 1.12
C PRO A 92 11.72 4.62 0.36
N PRO A 93 12.24 4.31 -0.84
CA PRO A 93 13.01 5.32 -1.66
C PRO A 93 12.20 6.59 -1.91
N ALA A 94 10.87 6.42 -2.00
CA ALA A 94 9.95 7.55 -2.25
C ALA A 94 10.10 8.06 -3.68
N ALA A 95 8.99 8.01 -4.41
CA ALA A 95 8.95 8.46 -5.79
C ALA A 95 7.57 9.09 -6.10
N PRO A 96 7.39 10.40 -5.93
CA PRO A 96 6.07 11.06 -6.20
C PRO A 96 5.53 10.71 -7.58
N VAL A 97 6.42 10.71 -8.58
CA VAL A 97 6.05 10.40 -9.97
C VAL A 97 4.71 11.02 -10.35
N PHE A 98 4.76 12.24 -10.91
CA PHE A 98 3.54 12.95 -11.31
C PHE A 98 3.21 12.65 -12.77
N ASP A 99 2.22 11.77 -12.99
CA ASP A 99 1.80 11.40 -14.33
C ASP A 99 0.31 11.73 -14.53
N ARG A 100 -0.11 12.86 -13.95
CA ARG A 100 -1.51 13.31 -14.02
C ARG A 100 -2.46 12.37 -13.27
N ASP A 101 -1.93 11.69 -12.25
CA ASP A 101 -2.72 10.77 -11.43
C ASP A 101 -2.65 11.23 -9.96
N GLU A 102 -3.75 11.05 -9.23
CA GLU A 102 -3.78 11.45 -7.83
C GLU A 102 -4.87 10.68 -7.06
N VAL A 103 -4.70 10.57 -5.75
CA VAL A 103 -5.66 9.86 -4.87
C VAL A 103 -6.15 8.54 -5.50
N ALA A 104 -5.23 7.58 -5.58
CA ALA A 104 -5.55 6.25 -6.12
C ALA A 104 -5.40 5.21 -5.01
N GLU A 105 -6.48 5.02 -4.25
CA GLU A 105 -6.46 4.07 -3.12
C GLU A 105 -5.33 4.41 -2.15
N GLN A 106 -4.86 5.67 -2.18
CA GLN A 106 -3.78 6.11 -1.31
C GLN A 106 -4.32 6.33 0.10
N LEU A 107 -3.69 5.68 1.08
CA LEU A 107 -4.11 5.80 2.47
C LEU A 107 -2.93 6.24 3.34
N VAL A 108 -2.94 7.53 3.70
CA VAL A 108 -1.88 8.10 4.54
C VAL A 108 -2.48 9.02 5.60
N GLY A 109 -1.70 9.25 6.67
CA GLY A 109 -2.14 10.13 7.76
C GLY A 109 -1.04 11.12 8.12
N VAL A 110 -1.43 12.35 8.46
CA VAL A 110 -0.48 13.39 8.82
C VAL A 110 0.30 12.96 10.07
N SER A 111 -0.43 12.45 11.06
CA SER A 111 0.18 11.98 12.31
C SER A 111 1.19 13.01 12.86
N ALA A 112 0.67 14.17 13.27
CA ALA A 112 1.51 15.23 13.82
C ALA A 112 2.19 14.74 15.09
N ALA A 113 1.41 14.06 15.94
CA ALA A 113 1.91 13.51 17.21
C ALA A 113 2.83 14.51 17.93
N SER A 114 2.25 15.66 18.31
CA SER A 114 3.01 16.70 19.00
C SER A 114 2.44 16.97 20.39
N ALA A 115 3.29 16.81 21.41
CA ALA A 115 2.88 17.03 22.79
C ALA A 115 4.06 17.56 23.60
N ALA A 116 5.12 16.74 23.66
CA ALA A 116 6.32 17.09 24.41
C ALA A 116 7.42 16.06 24.17
N ALA A 117 7.87 15.95 22.91
CA ALA A 117 8.91 15.00 22.54
C ALA A 117 10.17 15.72 22.05
N SER A 118 11.26 15.56 22.79
CA SER A 118 12.53 16.16 22.44
C SER A 118 13.63 15.42 23.17
N ALA A 119 14.86 15.54 22.69
CA ALA A 119 15.98 14.86 23.32
C ALA A 119 17.29 15.63 23.12
N PHE A 120 18.15 15.58 24.14
CA PHE A 120 19.46 16.24 24.08
C PHE A 120 20.56 15.22 24.31
N GLY A 121 20.35 14.34 25.28
CA GLY A 121 21.33 13.31 25.61
C GLY A 121 20.74 12.32 26.61
N SER A 122 21.51 11.29 26.96
CA SER A 122 21.05 10.27 27.89
C SER A 122 22.15 9.90 28.89
N LEU A 123 21.74 9.56 30.11
CA LEU A 123 22.68 9.18 31.17
C LEU A 123 23.46 7.94 30.77
N SER A 124 22.78 7.00 30.12
CA SER A 124 23.40 5.77 29.65
C SER A 124 22.53 5.17 28.58
N SER A 125 23.12 4.32 27.73
CA SER A 125 22.37 3.69 26.65
C SER A 125 22.79 2.25 26.49
N ALA A 126 21.86 1.41 26.02
CA ALA A 126 22.14 -0.01 25.80
C ALA A 126 21.91 -0.37 24.34
N LEU A 127 22.29 -1.59 23.98
CA LEU A 127 22.09 -2.08 22.62
C LEU A 127 21.46 -3.46 22.65
N LEU A 128 20.68 -3.79 21.62
CA LEU A 128 20.02 -5.09 21.54
C LEU A 128 21.01 -6.17 21.18
N MET A 129 20.80 -7.37 21.73
CA MET A 129 21.69 -8.51 21.46
C MET A 129 21.68 -8.84 19.95
N PRO A 130 22.84 -9.02 19.30
CA PRO A 130 22.89 -9.34 17.83
C PRO A 130 22.41 -10.76 17.53
N LYS A 131 21.87 -10.93 16.31
CA LYS A 131 21.36 -12.23 15.88
C LYS A 131 22.51 -13.26 15.84
N ASP A 132 22.26 -14.44 16.40
CA ASP A 132 23.26 -15.50 16.42
C ASP A 132 23.21 -16.32 15.14
N GLY A 133 24.39 -16.60 14.59
CA GLY A 133 24.50 -17.38 13.35
C GLY A 133 24.50 -18.88 13.63
N LEU A 134 25.06 -19.64 12.68
CA LEU A 134 25.14 -21.09 12.82
C LEU A 134 23.75 -21.70 13.02
N GLU A 135 23.68 -23.02 13.11
CA GLU A 135 22.41 -23.72 13.30
C GLU A 135 21.90 -23.53 14.73
N HIS A 136 20.59 -23.41 14.87
CA HIS A 136 19.96 -23.21 16.19
C HIS A 136 20.07 -24.49 17.05
N HIS A 137 20.32 -25.64 16.41
CA HIS A 137 20.43 -26.90 17.13
C HIS A 137 21.65 -26.87 18.06
N HIS A 138 21.45 -27.39 19.28
CA HIS A 138 22.53 -27.42 20.28
C HIS A 138 23.09 -26.01 20.50
N HIS A 139 22.19 -25.03 20.55
CA HIS A 139 22.58 -23.63 20.77
C HIS A 139 22.24 -23.20 22.18
N HIS A 140 23.27 -23.00 23.00
CA HIS A 140 23.08 -22.57 24.39
C HIS A 140 23.30 -21.06 24.53
N HIS A 141 24.45 -20.60 24.06
CA HIS A 141 24.79 -19.18 24.13
C HIS A 141 24.54 -18.49 22.78
#